data_8FXI
#
_entry.id   8FXI
#
loop_
_entity.id
_entity.type
_entity.pdbx_description
1 polymer 'RimK domain-containing protein ATP-grasp'
2 polymer 4x(beta-Asp-Arg)
3 non-polymer 1-[(4-aminopyrimidin-5-yl)amino]-2,5-anhydro-1-deoxy-6-O-[(S)-hydroxy{[(R)-hydroxy(phosphonomethyl)phosphoryl]oxy}phosphoryl]-D-allitol
4 non-polymer 'MAGNESIUM ION'
5 non-polymer 'PHOSPHOMETHYLPHOSPHONIC ACID ADENYLATE ESTER'
#
loop_
_entity_poly.entity_id
_entity_poly.type
_entity_poly.pdbx_seq_one_letter_code
_entity_poly.pdbx_strand_id
1 'polypeptide(L)'
;MLTKQAVEPVRINARTTDVFDIFNVKQYVGANPYLNQAALVFDFAFTESYQPLPIENYLAVVGDRYPRLKEIEYQSYAEL
FASTVAEVNKLEMDLHLKGWNVKPIEEINRIAIESLHHRTTKEVVYCVWDWFEFITQGEEFDLSKQIAILQQLFRNSVYG
GPTVYALLRTANEKHIPAFYLWDEGLMQYGYGKQQVRGIATTFDVDSHIDSDFTTQKDDCKKFLQELGFPVPQGDVVFSL
AEAKEVAAEIGYPVAVKPVAGHKGIGVTADVQDEIELEAAYDRAVAGIPLEEKICIIVENSIAGHDYRLLCVNGRFVAAT
ERKPAYVVGDGYSTIAELIEKENFSPNRSDTPTSPMGKIRTDEAMHLYLEEQGLDLDSVIDRDRTIYLRKVANLSSGGFS
IDATNRVHPDNIILAQDIAQHFRLTCLGIDIITNDIGRSWKETSFGIIEINAAPGVYMHLKPAIGEPVDVTARILETFFE
TEKNARIPIITFNRVSIRQLQKLSDRILMSHPDWTIGAVCREGILINRSEKILNRHYNTNVLNLLRNPKLDLLIAEYDED
ALEAEGMFYHGSNLVVLEDPSEIEMILTRDVFSDSTVIIKQGREITIKRKGLLEQYELEAEELIEQVYLKEIGTISENLY
FQ
;
A,B,C,D,E,F
2 'polypeptide(L)' (7ID)(7ID)(7ID)(7ID) G,H
#
# COMPACT_ATOMS: atom_id res chain seq x y z
N VAL A 10 58.05 53.38 1.01
CA VAL A 10 59.05 52.49 0.47
C VAL A 10 59.72 51.68 1.56
N ARG A 11 60.65 50.88 1.27
CA ARG A 11 61.39 50.18 2.29
C ARG A 11 61.98 51.47 2.82
N ILE A 12 61.88 51.77 4.05
CA ILE A 12 62.39 53.01 4.64
C ILE A 12 63.90 52.83 4.52
N ASN A 13 64.38 51.65 4.93
CA ASN A 13 65.81 51.40 4.90
C ASN A 13 66.55 51.20 3.60
N ALA A 14 65.91 50.89 2.51
CA ALA A 14 66.53 50.63 1.22
C ALA A 14 67.28 51.93 0.97
N ARG A 15 68.54 51.80 0.55
CA ARG A 15 69.34 52.98 0.26
C ARG A 15 70.62 52.49 -0.39
N THR A 16 71.31 53.35 -0.97
CA THR A 16 72.54 52.95 -1.68
C THR A 16 72.36 51.79 -2.65
N THR A 17 72.60 50.56 -2.19
CA THR A 17 72.57 49.44 -3.12
C THR A 17 71.84 48.18 -2.66
N ASP A 18 71.34 47.41 -3.61
CA ASP A 18 70.70 46.14 -3.29
C ASP A 18 70.61 45.39 -4.59
N VAL A 19 71.18 44.42 -4.64
CA VAL A 19 71.20 43.68 -5.90
C VAL A 19 69.83 43.43 -6.51
N PHE A 20 68.98 42.92 -5.74
CA PHE A 20 67.67 42.55 -6.31
C PHE A 20 66.59 43.62 -6.32
N ASP A 21 65.48 43.34 -7.01
CA ASP A 21 64.36 44.27 -7.05
C ASP A 21 63.05 43.52 -7.27
N ILE A 22 61.98 44.04 -6.67
CA ILE A 22 60.65 43.44 -6.73
C ILE A 22 59.65 44.54 -7.01
N PHE A 23 58.68 44.27 -7.89
CA PHE A 23 57.69 45.28 -8.23
C PHE A 23 56.39 44.62 -8.67
N ASN A 24 55.39 45.47 -8.94
CA ASN A 24 54.11 45.06 -9.51
C ASN A 24 53.37 44.03 -8.67
N VAL A 25 52.92 44.42 -7.47
CA VAL A 25 52.16 43.55 -6.59
C VAL A 25 50.70 43.56 -7.01
N LYS A 26 50.06 42.39 -7.01
CA LYS A 26 48.66 42.25 -7.37
C LYS A 26 48.03 41.21 -6.47
N GLN A 27 46.72 41.33 -6.24
CA GLN A 27 45.96 40.41 -5.41
C GLN A 27 44.93 39.69 -6.26
N TYR A 28 44.88 38.36 -6.14
CA TYR A 28 43.94 37.55 -6.89
C TYR A 28 43.07 36.76 -5.91
N VAL A 29 41.77 36.86 -6.09
CA VAL A 29 40.81 36.12 -5.28
C VAL A 29 40.36 34.90 -6.07
N GLY A 30 40.38 33.74 -5.42
CA GLY A 30 39.96 32.54 -6.10
C GLY A 30 40.95 32.11 -7.17
N ALA A 31 40.48 31.20 -8.02
CA ALA A 31 41.35 30.62 -9.04
C ALA A 31 41.81 31.68 -10.03
N ASN A 32 43.09 31.63 -10.36
CA ASN A 32 43.75 32.62 -11.19
C ASN A 32 44.64 31.90 -12.19
N PRO A 33 45.15 32.59 -13.21
CA PRO A 33 46.00 31.90 -14.20
C PRO A 33 47.23 31.24 -13.60
N TYR A 34 47.74 31.73 -12.48
CA TYR A 34 48.99 31.20 -11.96
C TYR A 34 48.76 30.11 -10.92
N LEU A 35 47.81 30.33 -10.01
CA LEU A 35 47.63 29.44 -8.87
C LEU A 35 46.17 29.06 -8.74
N ASN A 36 45.92 27.94 -8.07
CA ASN A 36 44.57 27.42 -7.91
C ASN A 36 43.77 28.21 -6.89
N GLN A 37 44.41 28.71 -5.84
CA GLN A 37 43.73 29.45 -4.79
C GLN A 37 44.01 30.95 -4.92
N ALA A 38 43.49 31.71 -3.96
CA ALA A 38 43.79 33.13 -3.90
C ALA A 38 45.27 33.34 -3.61
N ALA A 39 45.83 34.42 -4.16
CA ALA A 39 47.26 34.58 -4.14
C ALA A 39 47.66 36.05 -4.23
N LEU A 40 48.94 36.29 -3.94
CA LEU A 40 49.60 37.56 -4.14
C LEU A 40 50.71 37.37 -5.16
N VAL A 41 50.82 38.30 -6.12
CA VAL A 41 51.68 38.15 -7.28
C VAL A 41 52.63 39.33 -7.35
N PHE A 42 53.88 39.07 -7.72
CA PHE A 42 54.90 40.11 -7.86
C PHE A 42 55.90 39.68 -8.93
N ASP A 43 56.79 40.60 -9.29
CA ASP A 43 57.80 40.38 -10.31
C ASP A 43 59.19 40.65 -9.75
N PHE A 44 60.11 39.74 -10.00
CA PHE A 44 61.45 39.73 -9.43
C PHE A 44 62.49 39.96 -10.53
N ALA A 45 63.54 40.70 -10.20
CA ALA A 45 64.57 41.02 -11.19
C ALA A 45 65.86 41.41 -10.48
N PHE A 46 66.93 41.51 -11.28
CA PHE A 46 68.24 41.95 -10.81
C PHE A 46 68.45 43.40 -11.21
N THR A 47 69.14 44.16 -10.36
CA THR A 47 69.56 45.50 -10.75
C THR A 47 70.77 45.46 -11.69
N GLU A 48 71.60 44.42 -11.57
CA GLU A 48 72.78 44.12 -12.37
C GLU A 48 73.93 45.10 -12.10
N SER A 49 73.77 46.07 -11.20
CA SER A 49 74.87 46.97 -10.89
C SER A 49 75.97 46.24 -10.13
N TYR A 50 75.58 45.32 -9.24
CA TYR A 50 76.54 44.57 -8.43
C TYR A 50 76.23 43.08 -8.57
N GLN A 51 77.25 42.27 -8.30
CA GLN A 51 77.12 40.82 -8.42
C GLN A 51 76.72 40.23 -7.09
N PRO A 52 75.58 39.54 -6.99
CA PRO A 52 75.18 38.92 -5.72
C PRO A 52 76.11 37.78 -5.35
N LEU A 53 76.10 37.42 -4.07
CA LEU A 53 76.92 36.33 -3.58
C LEU A 53 76.47 35.00 -4.17
N PRO A 54 77.34 34.00 -4.21
CA PRO A 54 76.94 32.68 -4.70
C PRO A 54 75.89 32.05 -3.78
N ILE A 55 75.11 31.14 -4.34
CA ILE A 55 73.99 30.53 -3.62
C ILE A 55 74.48 29.74 -2.41
N GLU A 56 75.78 29.39 -2.38
CA GLU A 56 76.30 28.60 -1.28
C GLU A 56 76.13 29.32 0.05
N ASN A 57 76.42 30.62 0.09
CA ASN A 57 76.26 31.39 1.31
C ASN A 57 74.79 31.55 1.71
N TYR A 58 73.92 31.80 0.75
CA TYR A 58 72.52 32.03 1.08
C TYR A 58 71.94 30.80 1.70
N LEU A 59 72.05 29.68 1.01
CA LEU A 59 71.46 28.45 1.51
C LEU A 59 71.74 28.20 2.97
N ALA A 60 72.98 27.93 3.35
CA ALA A 60 73.22 27.57 4.74
C ALA A 60 72.52 28.53 5.70
N VAL A 61 72.60 29.83 5.43
CA VAL A 61 71.99 30.81 6.32
C VAL A 61 70.48 30.62 6.36
N VAL A 62 69.85 30.36 5.23
CA VAL A 62 68.41 30.11 5.26
C VAL A 62 68.14 28.66 5.60
N GLY A 63 69.16 27.82 5.56
CA GLY A 63 68.97 26.40 5.84
C GLY A 63 69.00 26.09 7.31
N ASP A 64 69.31 27.10 8.13
CA ASP A 64 69.32 26.91 9.57
C ASP A 64 67.93 26.96 10.14
N ARG A 65 67.41 28.21 10.31
CA ARG A 65 66.14 28.42 10.97
C ARG A 65 65.14 27.35 10.59
N TYR A 66 65.22 26.74 9.44
CA TYR A 66 64.24 25.72 9.07
C TYR A 66 64.94 24.59 8.33
N PRO A 67 65.15 23.41 8.82
CA PRO A 67 65.81 22.30 8.13
C PRO A 67 65.01 21.75 6.96
N ARG A 68 63.73 22.07 6.86
CA ARG A 68 62.92 21.55 5.75
C ARG A 68 63.38 22.13 4.42
N LEU A 69 64.10 23.25 4.44
CA LEU A 69 64.53 23.88 3.21
C LEU A 69 65.56 23.04 2.45
N LYS A 70 66.42 22.30 3.16
CA LYS A 70 67.48 21.55 2.49
C LYS A 70 66.93 20.30 1.81
N GLU A 71 65.63 20.02 1.98
CA GLU A 71 65.06 18.79 1.43
C GLU A 71 65.12 18.78 -0.10
N ILE A 72 64.76 19.89 -0.74
CA ILE A 72 64.61 19.92 -2.20
C ILE A 72 65.58 20.92 -2.79
N GLU A 73 66.05 20.63 -4.01
CA GLU A 73 66.94 21.52 -4.72
C GLU A 73 66.21 22.81 -5.10
N TYR A 74 66.97 23.90 -5.21
CA TYR A 74 66.37 25.21 -5.45
C TYR A 74 66.72 25.81 -6.81
N GLN A 75 67.82 25.38 -7.41
CA GLN A 75 68.20 25.84 -8.76
C GLN A 75 68.37 27.35 -8.71
N SER A 76 67.61 28.14 -9.48
CA SER A 76 67.82 29.57 -9.56
C SER A 76 67.40 30.26 -8.26
N TYR A 77 67.68 31.57 -8.19
CA TYR A 77 67.42 32.34 -6.99
C TYR A 77 65.93 32.52 -6.74
N ALA A 78 65.13 32.59 -7.82
CA ALA A 78 63.71 32.85 -7.68
C ALA A 78 63.02 31.76 -6.87
N GLU A 79 63.34 30.49 -7.13
CA GLU A 79 62.73 29.40 -6.39
C GLU A 79 63.13 29.44 -4.93
N LEU A 80 64.40 29.76 -4.64
CA LEU A 80 64.83 29.89 -3.25
C LEU A 80 64.06 30.99 -2.53
N PHE A 81 63.90 32.15 -3.18
CA PHE A 81 63.17 33.23 -2.54
C PHE A 81 61.71 32.86 -2.32
N ALA A 82 61.09 32.21 -3.30
CA ALA A 82 59.69 31.80 -3.16
C ALA A 82 59.52 30.80 -2.02
N SER A 83 60.41 29.82 -1.93
CA SER A 83 60.31 28.83 -0.86
C SER A 83 60.53 29.49 0.50
N THR A 84 61.47 30.43 0.59
CA THR A 84 61.69 31.13 1.84
C THR A 84 60.44 31.90 2.27
N VAL A 85 59.82 32.62 1.33
CA VAL A 85 58.60 33.36 1.67
C VAL A 85 57.50 32.39 2.09
N ALA A 86 57.36 31.27 1.38
CA ALA A 86 56.32 30.31 1.72
C ALA A 86 56.51 29.75 3.11
N GLU A 87 57.75 29.43 3.47
CA GLU A 87 58.01 28.86 4.80
C GLU A 87 57.82 29.90 5.90
N VAL A 88 58.22 31.14 5.65
CA VAL A 88 58.05 32.16 6.68
C VAL A 88 56.59 32.55 6.83
N ASN A 89 55.78 32.34 5.78
CA ASN A 89 54.40 32.83 5.80
C ASN A 89 53.57 32.13 6.88
N LYS A 90 53.96 30.92 7.27
CA LYS A 90 53.18 30.16 8.25
C LYS A 90 53.24 30.81 9.64
N LEU A 91 54.16 31.75 9.83
CA LEU A 91 54.33 32.46 11.09
C LEU A 91 54.56 31.50 12.25
N GLU A 92 55.14 30.33 11.95
CA GLU A 92 55.45 29.32 12.97
C GLU A 92 54.23 28.93 13.77
N MET A 93 53.08 28.78 13.09
CA MET A 93 51.83 28.38 13.74
C MET A 93 51.14 27.25 12.98
N ASP A 94 51.81 26.64 11.99
CA ASP A 94 51.26 25.53 11.23
C ASP A 94 49.92 25.87 10.58
N LEU A 95 49.84 27.04 9.96
CA LEU A 95 48.68 27.38 9.16
C LEU A 95 48.62 26.48 7.93
N HIS A 96 47.41 26.33 7.38
CA HIS A 96 47.21 25.45 6.23
C HIS A 96 47.61 26.10 4.91
N LEU A 97 48.35 27.20 4.94
CA LEU A 97 48.75 27.91 3.73
C LEU A 97 50.08 27.34 3.22
N LYS A 98 50.04 26.64 2.08
CA LYS A 98 51.26 26.10 1.48
C LYS A 98 51.07 26.10 -0.03
N GLY A 99 51.60 27.13 -0.69
CA GLY A 99 51.52 27.21 -2.13
C GLY A 99 52.34 28.35 -2.71
N TRP A 100 53.07 28.07 -3.79
CA TRP A 100 53.88 29.07 -4.46
C TRP A 100 54.14 28.59 -5.88
N ASN A 101 54.41 29.56 -6.76
CA ASN A 101 54.68 29.23 -8.15
C ASN A 101 55.49 30.36 -8.78
N VAL A 102 56.33 29.99 -9.73
CA VAL A 102 57.21 30.92 -10.45
C VAL A 102 57.11 30.63 -11.93
N LYS A 103 57.02 31.69 -12.74
CA LYS A 103 57.03 31.55 -14.19
C LYS A 103 57.98 32.59 -14.80
N PRO A 104 58.91 32.17 -15.65
CA PRO A 104 59.81 33.12 -16.32
C PRO A 104 59.16 33.70 -17.56
N ILE A 105 58.93 35.02 -17.53
CA ILE A 105 58.36 35.73 -18.66
C ILE A 105 59.33 36.83 -19.06
N GLU A 106 59.79 36.77 -20.32
CA GLU A 106 60.82 37.69 -20.84
C GLU A 106 62.04 37.55 -19.95
N GLU A 107 62.68 38.65 -19.53
CA GLU A 107 63.79 38.56 -18.60
C GLU A 107 63.33 38.55 -17.15
N ILE A 108 62.03 38.70 -16.91
CA ILE A 108 61.53 38.81 -15.55
C ILE A 108 61.00 37.45 -15.08
N ASN A 109 60.82 37.33 -13.77
CA ASN A 109 60.22 36.16 -13.16
C ASN A 109 59.01 36.60 -12.35
N ARG A 110 57.83 36.06 -12.70
CA ARG A 110 56.61 36.38 -11.99
C ARG A 110 56.32 35.29 -10.96
N ILE A 111 56.19 35.69 -9.70
CA ILE A 111 56.04 34.75 -8.59
C ILE A 111 54.72 35.04 -7.89
N ALA A 112 53.96 33.97 -7.61
CA ALA A 112 52.71 34.07 -6.88
C ALA A 112 52.76 33.14 -5.67
N ILE A 113 52.28 33.64 -4.53
CA ILE A 113 52.24 32.85 -3.31
C ILE A 113 50.83 32.90 -2.73
N GLU A 114 50.42 31.78 -2.13
CA GLU A 114 49.07 31.67 -1.58
C GLU A 114 48.91 32.56 -0.37
N SER A 115 47.74 33.20 -0.25
CA SER A 115 47.46 34.16 0.81
C SER A 115 46.04 34.00 1.31
N LEU A 116 45.82 34.35 2.57
CA LEU A 116 44.48 34.53 3.13
C LEU A 116 44.22 35.97 3.53
N HIS A 117 45.15 36.59 4.24
CA HIS A 117 45.14 38.02 4.51
C HIS A 117 46.26 38.64 3.70
N HIS A 118 45.90 39.54 2.78
CA HIS A 118 46.88 40.03 1.81
C HIS A 118 47.95 40.91 2.45
N ARG A 119 47.55 41.76 3.40
CA ARG A 119 48.50 42.66 4.02
C ARG A 119 49.60 41.90 4.76
N THR A 120 49.22 40.82 5.44
CA THR A 120 50.20 40.01 6.16
C THR A 120 51.24 39.43 5.20
N THR A 121 50.79 38.90 4.06
CA THR A 121 51.73 38.35 3.09
C THR A 121 52.61 39.43 2.49
N LYS A 122 52.06 40.62 2.26
CA LYS A 122 52.89 41.72 1.76
C LYS A 122 53.99 42.07 2.74
N GLU A 123 53.65 42.16 4.04
CA GLU A 123 54.66 42.43 5.05
C GLU A 123 55.68 41.31 5.13
N VAL A 124 55.26 40.06 4.98
CA VAL A 124 56.18 38.93 4.98
C VAL A 124 57.17 39.07 3.84
N VAL A 125 56.67 39.43 2.65
CA VAL A 125 57.56 39.59 1.50
C VAL A 125 58.56 40.70 1.76
N TYR A 126 58.11 41.83 2.31
CA TYR A 126 59.03 42.93 2.60
C TYR A 126 60.11 42.51 3.60
N CYS A 127 59.71 41.79 4.65
CA CYS A 127 60.67 41.38 5.66
C CYS A 127 61.69 40.40 5.10
N VAL A 128 61.24 39.45 4.27
CA VAL A 128 62.17 38.49 3.69
C VAL A 128 63.13 39.19 2.74
N TRP A 129 62.64 40.18 1.98
CA TRP A 129 63.51 40.95 1.11
C TRP A 129 64.57 41.68 1.91
N ASP A 130 64.16 42.30 3.02
CA ASP A 130 65.13 43.00 3.86
C ASP A 130 66.14 42.05 4.48
N TRP A 131 65.71 40.84 4.86
CA TRP A 131 66.64 39.86 5.40
C TRP A 131 67.65 39.43 4.35
N PHE A 132 67.06 39.28 3.18
CA PHE A 132 67.96 38.86 2.11
C PHE A 132 68.98 39.96 1.92
N GLU A 133 68.72 41.14 1.82
CA GLU A 133 69.59 42.21 1.36
C GLU A 133 70.66 42.44 2.42
N PHE A 134 70.24 42.14 3.87
CA PHE A 134 71.32 42.23 4.85
C PHE A 134 72.28 41.06 4.78
N ILE A 135 72.34 39.91 3.94
CA ILE A 135 73.28 38.80 3.92
C ILE A 135 74.64 39.13 3.32
N THR A 136 74.75 40.41 2.92
CA THR A 136 76.03 40.82 2.36
C THR A 136 76.51 42.07 3.04
N GLN A 137 75.88 43.20 2.72
CA GLN A 137 76.24 44.45 3.37
C GLN A 137 75.68 44.46 4.77
N GLY A 138 76.53 44.67 5.77
CA GLY A 138 76.09 44.70 7.15
C GLY A 138 76.21 43.35 7.82
N GLU A 139 75.47 42.36 7.33
CA GLU A 139 75.53 41.00 7.88
C GLU A 139 74.97 40.89 9.28
N GLU A 140 73.67 41.18 9.45
CA GLU A 140 73.02 41.04 10.75
C GLU A 140 71.52 41.07 10.50
N PHE A 141 70.73 40.48 11.38
CA PHE A 141 69.28 40.69 11.42
C PHE A 141 68.56 40.11 12.62
N ASP A 142 67.41 40.68 12.96
CA ASP A 142 66.62 40.17 14.07
C ASP A 142 65.20 39.87 13.59
N LEU A 143 65.02 38.66 13.08
CA LEU A 143 63.71 38.24 12.59
C LEU A 143 62.71 38.08 13.73
N SER A 144 63.19 37.72 14.92
CA SER A 144 62.29 37.40 16.03
C SER A 144 61.50 38.63 16.47
N LYS A 145 62.10 39.82 16.35
CA LYS A 145 61.38 41.04 16.72
C LYS A 145 60.27 41.37 15.73
N GLN A 146 60.41 40.95 14.47
CA GLN A 146 59.42 41.27 13.45
C GLN A 146 58.31 40.22 13.40
N ILE A 147 58.66 38.96 13.68
CA ILE A 147 57.70 37.86 13.58
C ILE A 147 56.58 38.07 14.60
N ALA A 148 56.93 38.58 15.78
CA ALA A 148 55.93 38.86 16.81
C ALA A 148 54.94 39.92 16.34
N ILE A 149 55.45 40.97 15.71
CA ILE A 149 54.62 42.05 15.18
C ILE A 149 53.69 41.49 14.12
N LEU A 150 54.23 40.66 13.24
CA LEU A 150 53.43 40.07 12.17
C LEU A 150 52.32 39.18 12.73
N GLN A 151 52.65 38.39 13.75
CA GLN A 151 51.66 37.52 14.37
C GLN A 151 50.55 38.32 15.02
N GLN A 152 50.90 39.40 15.72
CA GLN A 152 49.87 40.23 16.33
C GLN A 152 48.99 40.89 15.27
N LEU A 153 49.61 41.36 14.18
CA LEU A 153 48.85 41.98 13.10
C LEU A 153 47.87 40.99 12.50
N PHE A 154 48.31 39.75 12.27
CA PHE A 154 47.40 38.73 11.77
C PHE A 154 46.28 38.44 12.75
N ARG A 155 46.59 38.33 14.03
CA ARG A 155 45.55 38.03 15.02
C ARG A 155 44.56 39.17 15.20
N ASN A 156 44.93 40.39 14.84
CA ASN A 156 44.03 41.53 14.99
C ASN A 156 43.16 41.75 13.77
N SER A 157 43.12 40.80 12.85
CA SER A 157 42.40 40.96 11.60
C SER A 157 40.99 40.36 11.68
N VAL A 158 40.26 40.50 10.57
CA VAL A 158 38.93 39.88 10.47
C VAL A 158 39.04 38.37 10.49
N TYR A 159 40.02 37.80 9.77
CA TYR A 159 40.22 36.37 9.76
C TYR A 159 40.94 35.86 10.99
N GLY A 160 41.44 36.76 11.83
CA GLY A 160 42.21 36.37 13.00
C GLY A 160 41.36 36.18 14.24
N GLY A 161 41.30 34.94 14.73
CA GLY A 161 40.55 34.60 15.91
C GLY A 161 40.61 33.12 16.15
N PRO A 162 40.69 32.72 17.43
CA PRO A 162 40.87 31.29 17.74
C PRO A 162 39.71 30.44 17.25
N THR A 163 38.49 30.80 17.66
CA THR A 163 37.31 30.10 17.19
C THR A 163 37.14 30.25 15.68
N VAL A 164 37.33 31.46 15.18
CA VAL A 164 37.13 31.73 13.76
C VAL A 164 38.11 30.90 12.93
N TYR A 165 39.39 30.92 13.32
CA TYR A 165 40.38 30.18 12.55
C TYR A 165 40.19 28.67 12.70
N ALA A 166 39.75 28.22 13.86
CA ALA A 166 39.48 26.80 14.03
C ALA A 166 38.38 26.35 13.08
N LEU A 167 37.31 27.14 12.98
CA LEU A 167 36.24 26.83 12.05
C LEU A 167 36.73 26.88 10.60
N LEU A 168 37.56 27.86 10.28
CA LEU A 168 38.13 27.94 8.93
C LEU A 168 38.94 26.69 8.58
N ARG A 169 39.78 26.25 9.53
CA ARG A 169 40.62 25.08 9.30
C ARG A 169 39.77 23.82 9.12
N THR A 170 38.75 23.67 9.97
CA THR A 170 37.87 22.51 9.84
C THR A 170 37.14 22.51 8.51
N ALA A 171 36.70 23.69 8.07
CA ALA A 171 36.03 23.78 6.77
C ALA A 171 36.97 23.42 5.64
N ASN A 172 38.22 23.91 5.70
CA ASN A 172 39.20 23.58 4.67
C ASN A 172 39.46 22.08 4.63
N GLU A 173 39.56 21.46 5.80
CA GLU A 173 39.74 20.02 5.87
C GLU A 173 38.55 19.26 5.29
N LYS A 174 37.32 19.73 5.54
CA LYS A 174 36.12 19.08 5.08
C LYS A 174 35.76 19.42 3.64
N HIS A 175 36.48 20.34 3.01
CA HIS A 175 36.19 20.81 1.66
C HIS A 175 34.79 21.42 1.58
N ILE A 176 34.62 22.52 2.31
CA ILE A 176 33.37 23.27 2.35
C ILE A 176 33.68 24.71 2.01
N PRO A 177 33.05 25.31 1.01
CA PRO A 177 33.33 26.70 0.66
C PRO A 177 32.93 27.64 1.78
N ALA A 178 33.66 28.74 1.91
CA ALA A 178 33.38 29.74 2.93
C ALA A 178 33.99 31.06 2.52
N PHE A 179 33.25 32.15 2.72
CA PHE A 179 33.76 33.46 2.36
C PHE A 179 33.14 34.53 3.24
N TYR A 180 33.82 35.66 3.32
CA TYR A 180 33.42 36.73 4.23
C TYR A 180 32.52 37.73 3.53
N LEU A 181 31.44 38.11 4.20
CA LEU A 181 30.49 39.09 3.69
C LEU A 181 30.72 40.41 4.42
N TRP A 182 31.18 41.40 3.68
CA TRP A 182 31.31 42.75 4.22
C TRP A 182 29.94 43.38 4.32
N ASP A 183 29.92 44.68 4.64
CA ASP A 183 28.66 45.41 4.86
C ASP A 183 27.92 44.82 6.05
N GLU A 184 27.42 43.59 5.89
CA GLU A 184 26.83 42.88 7.02
C GLU A 184 27.88 42.54 8.07
N GLY A 185 29.01 41.98 7.63
CA GLY A 185 30.03 41.57 8.54
C GLY A 185 29.81 40.17 9.08
N LEU A 186 29.70 39.19 8.19
CA LEU A 186 29.44 37.82 8.61
C LEU A 186 30.31 36.88 7.78
N MET A 187 30.12 35.58 7.97
CA MET A 187 30.83 34.56 7.22
C MET A 187 29.82 33.55 6.71
N GLN A 188 29.95 33.16 5.44
CA GLN A 188 29.00 32.26 4.82
C GLN A 188 29.69 30.95 4.46
N TYR A 189 28.99 29.84 4.67
CA TYR A 189 29.53 28.50 4.49
C TYR A 189 28.77 27.69 3.44
N GLY A 190 28.19 28.33 2.43
CA GLY A 190 27.49 27.53 1.43
C GLY A 190 27.05 28.35 0.24
N TYR A 191 26.48 27.65 -0.74
CA TYR A 191 26.02 28.25 -1.99
C TYR A 191 24.51 28.12 -2.11
N GLY A 192 23.84 29.25 -2.36
CA GLY A 192 22.44 29.21 -2.70
C GLY A 192 21.56 28.74 -1.55
N LYS A 193 20.68 27.78 -1.85
CA LYS A 193 19.68 27.36 -0.87
C LYS A 193 20.32 26.72 0.36
N GLN A 194 21.35 25.91 0.17
CA GLN A 194 22.04 25.27 1.29
C GLN A 194 23.13 26.22 1.78
N GLN A 195 22.77 27.13 2.66
CA GLN A 195 23.72 28.12 3.15
C GLN A 195 23.48 28.34 4.63
N VAL A 196 24.51 28.81 5.33
CA VAL A 196 24.40 29.17 6.73
C VAL A 196 25.36 30.32 7.00
N ARG A 197 24.90 31.32 7.73
CA ARG A 197 25.68 32.51 8.03
C ARG A 197 25.77 32.70 9.54
N GLY A 198 26.93 33.11 10.02
CA GLY A 198 27.08 33.37 11.44
C GLY A 198 28.43 33.98 11.75
N ILE A 199 28.55 34.48 12.98
CA ILE A 199 29.78 35.06 13.48
C ILE A 199 30.17 34.33 14.76
N ALA A 200 31.40 33.80 14.78
CA ALA A 200 31.92 33.01 15.89
C ALA A 200 30.98 31.83 16.11
N THR A 201 30.37 31.67 17.28
CA THR A 201 29.49 30.53 17.55
C THR A 201 28.02 30.85 17.37
N THR A 202 27.66 32.10 17.09
CA THR A 202 26.27 32.44 16.81
C THR A 202 25.95 32.16 15.35
N PHE A 203 24.72 31.71 15.10
CA PHE A 203 24.29 31.38 13.75
C PHE A 203 22.93 31.99 13.48
N ASP A 204 22.51 31.94 12.23
CA ASP A 204 21.27 32.59 11.82
C ASP A 204 20.02 31.76 12.12
N VAL A 205 20.17 30.53 12.61
CA VAL A 205 19.03 29.71 12.98
C VAL A 205 18.73 29.78 14.47
N ASP A 206 19.32 30.74 15.18
CA ASP A 206 19.11 30.87 16.61
C ASP A 206 18.01 31.89 16.88
N SER A 207 17.14 31.55 17.83
CA SER A 207 15.96 32.36 18.10
C SER A 207 16.33 33.68 18.76
N HIS A 208 15.54 34.71 18.44
CA HIS A 208 15.70 36.02 19.05
C HIS A 208 15.13 36.08 20.46
N ILE A 209 14.17 35.21 20.80
CA ILE A 209 13.51 35.28 22.10
C ILE A 209 14.32 34.54 23.15
N ASP A 210 14.85 33.37 22.81
CA ASP A 210 15.61 32.59 23.77
C ASP A 210 16.87 33.32 24.23
N SER A 211 17.55 33.99 23.30
CA SER A 211 18.77 34.70 23.66
C SER A 211 18.47 35.83 24.64
N ASP A 212 17.38 36.57 24.41
CA ASP A 212 17.01 37.62 25.34
C ASP A 212 16.59 37.05 26.69
N PHE A 213 15.90 35.90 26.69
CA PHE A 213 15.47 35.30 27.95
C PHE A 213 16.66 34.83 28.76
N THR A 214 17.70 34.33 28.10
CA THR A 214 18.81 33.73 28.82
C THR A 214 19.58 34.74 29.65
N THR A 215 19.38 36.04 29.41
CA THR A 215 20.09 37.09 30.12
C THR A 215 19.27 37.70 31.26
N GLN A 216 18.15 37.08 31.64
CA GLN A 216 17.32 37.64 32.71
C GLN A 216 17.75 37.20 34.10
N LYS A 217 18.60 36.17 34.21
CA LYS A 217 19.17 35.71 35.47
C LYS A 217 18.14 35.12 36.42
N ASP A 218 17.34 35.97 37.06
CA ASP A 218 16.42 35.50 38.09
C ASP A 218 15.26 34.72 37.48
N ASP A 219 14.74 35.18 36.34
CA ASP A 219 13.64 34.47 35.70
C ASP A 219 14.06 33.09 35.22
N CYS A 220 15.29 32.95 34.74
CA CYS A 220 15.80 31.62 34.42
C CYS A 220 15.85 30.75 35.66
N LYS A 221 16.21 31.34 36.79
CA LYS A 221 16.25 30.59 38.04
C LYS A 221 14.86 30.08 38.41
N LYS A 222 13.85 30.95 38.33
CA LYS A 222 12.48 30.53 38.62
C LYS A 222 12.01 29.46 37.65
N PHE A 223 12.30 29.64 36.37
CA PHE A 223 11.89 28.67 35.36
C PHE A 223 12.52 27.31 35.61
N LEU A 224 13.81 27.28 35.95
CA LEU A 224 14.48 26.01 36.22
C LEU A 224 13.98 25.39 37.52
N GLN A 225 13.65 26.22 38.50
CA GLN A 225 13.18 25.69 39.78
C GLN A 225 11.81 25.04 39.64
N GLU A 226 10.92 25.63 38.85
CA GLU A 226 9.58 25.08 38.74
C GLU A 226 9.53 23.73 38.03
N LEU A 227 10.63 23.30 37.41
CA LEU A 227 10.71 21.97 36.81
C LEU A 227 11.43 20.97 37.70
N GLY A 228 11.73 21.32 38.95
CA GLY A 228 12.43 20.42 39.85
C GLY A 228 13.89 20.23 39.50
N PHE A 229 14.69 21.29 39.66
CA PHE A 229 16.11 21.26 39.42
C PHE A 229 16.84 21.87 40.61
N PRO A 230 18.06 21.43 40.90
CA PRO A 230 18.76 21.96 42.07
C PRO A 230 19.31 23.34 41.82
N VAL A 231 18.69 24.35 42.44
CA VAL A 231 19.15 25.73 42.34
C VAL A 231 19.14 26.35 43.72
N PRO A 232 19.91 27.40 43.96
CA PRO A 232 19.85 28.09 45.25
C PRO A 232 18.47 28.65 45.53
N GLN A 233 18.15 28.74 46.82
CA GLN A 233 16.81 29.05 47.28
C GLN A 233 16.62 30.49 47.74
N GLY A 234 17.46 31.30 47.51
CA GLY A 234 17.34 32.67 47.95
C GLY A 234 16.33 33.46 47.12
N ASP A 235 16.07 34.66 47.69
CA ASP A 235 15.11 35.55 47.07
C ASP A 235 15.77 36.90 46.76
N VAL A 236 15.20 37.48 45.73
CA VAL A 236 15.79 38.76 45.37
C VAL A 236 14.87 39.92 45.73
N LEU A 240 16.90 46.86 51.92
CA LEU A 240 17.68 46.34 53.05
C LEU A 240 16.87 46.39 54.33
N ALA A 241 15.92 46.95 54.17
CA ALA A 241 14.99 47.13 55.28
C ALA A 241 14.53 45.76 55.64
N GLU A 242 14.86 45.27 56.82
CA GLU A 242 14.54 43.89 57.13
C GLU A 242 15.19 43.25 55.94
N ALA A 243 14.77 42.30 55.27
CA ALA A 243 15.34 41.97 53.97
C ALA A 243 16.74 41.39 54.07
N LYS A 244 17.18 41.10 55.28
CA LYS A 244 18.58 40.73 55.52
C LYS A 244 18.17 39.60 56.43
N GLU A 245 17.75 38.48 55.85
CA GLU A 245 17.46 37.28 56.62
C GLU A 245 16.47 37.88 57.61
N VAL A 246 15.30 38.84 57.20
CA VAL A 246 14.14 38.95 58.05
C VAL A 246 13.63 37.53 58.14
N ALA A 247 13.46 36.77 57.14
CA ALA A 247 12.64 35.58 57.11
C ALA A 247 13.32 35.21 55.82
N ALA A 248 14.60 35.36 55.70
CA ALA A 248 15.38 34.96 54.53
C ALA A 248 16.35 34.02 55.23
N GLU A 249 16.02 33.52 56.52
CA GLU A 249 16.94 32.72 57.31
C GLU A 249 17.11 31.23 57.21
N ILE A 250 17.86 30.83 56.26
CA ILE A 250 18.09 29.39 56.32
C ILE A 250 19.57 29.06 56.18
N TYR A 252 20.07 28.38 57.07
CA TYR A 252 21.50 28.11 57.13
C TYR A 252 22.30 29.42 56.95
N PRO A 253 22.02 30.47 57.74
CA PRO A 253 22.72 31.76 57.56
C PRO A 253 24.21 31.69 57.34
N VAL A 254 24.73 32.22 56.24
CA VAL A 254 26.15 31.99 56.00
C VAL A 254 27.03 33.23 55.99
N GLU A 278 26.25 42.68 60.68
CA GLU A 278 25.54 43.51 59.71
C GLU A 278 26.43 44.66 59.23
N ALA A 279 27.25 45.22 60.11
CA ALA A 279 28.17 46.28 59.74
C ALA A 279 29.19 45.78 58.71
N ALA A 280 29.73 44.58 58.95
CA ALA A 280 30.68 43.98 58.02
C ALA A 280 30.02 43.72 56.68
N TYR A 281 28.79 43.20 56.71
CA TYR A 281 28.04 42.95 55.48
C TYR A 281 27.83 44.23 54.70
N ASP A 282 27.42 45.30 55.40
CA ASP A 282 27.16 46.57 54.74
C ASP A 282 28.43 47.20 54.18
N ARG A 283 29.55 47.11 54.90
CA ARG A 283 30.80 47.67 54.37
C ARG A 283 31.30 46.85 53.19
N ALA A 284 31.07 45.53 53.21
CA ALA A 284 31.40 44.71 52.05
C ALA A 284 30.56 45.08 50.84
N VAL A 285 29.26 45.35 51.06
CA VAL A 285 28.40 45.79 49.96
C VAL A 285 28.86 47.14 49.42
N GLU A 292 25.35 43.61 40.22
CA GLU A 292 24.94 42.24 40.52
C GLU A 292 23.74 43.09 40.89
N LYS A 293 22.61 42.47 41.21
CA LYS A 293 21.41 43.25 41.47
C LYS A 293 20.68 42.75 42.71
N ILE A 294 21.25 43.01 43.89
CA ILE A 294 20.59 42.62 45.15
C ILE A 294 20.17 41.17 45.33
N CYS A 295 20.98 40.24 44.85
CA CYS A 295 20.56 38.85 44.76
C CYS A 295 21.01 38.55 46.17
N ILE A 296 20.28 38.48 47.14
CA ILE A 296 20.63 38.16 48.51
C ILE A 296 21.08 36.73 48.64
N ILE A 297 20.25 35.80 48.19
CA ILE A 297 20.58 34.35 48.08
C ILE A 297 20.90 32.86 48.29
N VAL A 298 21.92 32.57 49.10
CA VAL A 298 22.54 31.25 49.24
C VAL A 298 22.17 30.73 50.61
N GLU A 299 20.94 30.35 50.81
CA GLU A 299 20.45 29.39 51.79
C GLU A 299 20.77 27.92 51.86
N ASN A 300 20.61 27.24 50.74
CA ASN A 300 20.89 25.81 50.67
C ASN A 300 22.17 24.99 50.77
N SER A 301 23.22 25.42 50.07
CA SER A 301 24.47 24.65 50.07
C SER A 301 25.47 25.60 49.38
N ILE A 302 26.73 25.18 49.34
CA ILE A 302 27.79 25.89 48.65
C ILE A 302 28.82 24.77 48.53
N ALA A 303 29.84 24.99 47.72
CA ALA A 303 30.91 24.02 47.54
C ALA A 303 32.07 24.82 46.97
N GLY A 304 33.15 24.12 46.61
CA GLY A 304 34.33 24.81 46.10
C GLY A 304 34.45 24.75 44.59
N HIS A 305 34.45 23.55 44.03
CA HIS A 305 34.88 23.38 42.65
C HIS A 305 33.81 23.86 41.67
N ASP A 306 34.25 24.62 40.66
CA ASP A 306 33.40 25.15 39.61
C ASP A 306 33.68 24.42 38.31
N TYR A 307 32.62 24.01 37.62
CA TYR A 307 32.74 23.26 36.38
C TYR A 307 31.87 23.92 35.32
N ARG A 308 32.26 23.71 34.06
CA ARG A 308 31.49 24.19 32.93
C ARG A 308 31.21 23.04 31.98
N LEU A 309 29.94 22.91 31.58
CA LEU A 309 29.51 21.90 30.63
C LEU A 309 29.03 22.56 29.35
N LEU A 310 29.30 21.90 28.22
CA LEU A 310 29.02 22.43 26.90
C LEU A 310 28.12 21.45 26.16
N CYS A 311 27.01 21.95 25.62
CA CYS A 311 26.04 21.12 24.90
C CYS A 311 25.88 21.66 23.48
N VAL A 312 25.90 20.75 22.52
CA VAL A 312 25.74 21.09 21.11
C VAL A 312 24.63 20.24 20.51
N ASN A 313 23.61 20.90 19.98
CA ASN A 313 22.48 20.24 19.32
C ASN A 313 21.79 19.26 20.26
N GLY A 314 21.63 19.67 21.51
CA GLY A 314 20.97 18.84 22.50
C GLY A 314 21.69 17.55 22.83
N ARG A 315 23.02 17.61 22.85
CA ARG A 315 23.84 16.46 23.21
C ARG A 315 24.94 16.96 24.14
N PHE A 316 25.62 16.02 24.79
CA PHE A 316 26.71 16.33 25.70
C PHE A 316 28.04 16.08 25.02
N VAL A 317 28.88 17.12 24.97
CA VAL A 317 30.26 17.00 24.50
C VAL A 317 31.13 17.91 25.35
N ALA A 318 32.15 17.33 25.98
CA ALA A 318 33.21 18.05 26.67
C ALA A 318 32.76 18.73 27.97
N ALA A 319 33.64 18.76 28.96
CA ALA A 319 33.42 19.45 30.22
C ALA A 319 34.77 19.91 30.74
N THR A 320 34.76 20.94 31.58
CA THR A 320 36.02 21.57 31.97
C THR A 320 35.97 22.05 33.42
N GLU A 321 37.07 21.86 34.13
CA GLU A 321 37.24 22.33 35.49
C GLU A 321 38.19 23.53 35.51
N ARG A 322 37.79 24.59 36.18
CA ARG A 322 38.57 25.82 36.28
C ARG A 322 39.31 25.85 37.61
N LYS A 323 40.62 26.01 37.56
CA LYS A 323 41.46 26.00 38.74
C LYS A 323 42.24 27.30 38.84
N PRO A 324 42.17 28.00 39.98
CA PRO A 324 42.84 29.30 40.10
C PRO A 324 44.36 29.15 40.22
N ALA A 325 45.02 30.30 40.26
CA ALA A 325 46.47 30.35 40.36
C ALA A 325 46.94 30.04 41.78
N TYR A 326 48.03 29.29 41.88
CA TYR A 326 48.62 28.97 43.18
C TYR A 326 50.14 29.11 43.08
N VAL A 327 50.77 29.39 44.21
CA VAL A 327 52.23 29.56 44.23
C VAL A 327 53.00 28.86 45.33
N VAL A 328 53.91 27.96 44.95
CA VAL A 328 54.61 27.15 46.00
C VAL A 328 56.03 26.81 45.53
N GLY A 329 56.80 26.12 46.38
CA GLY A 329 58.19 25.75 46.05
C GLY A 329 58.92 26.25 47.27
N ASP A 330 60.10 25.68 47.55
CA ASP A 330 60.92 26.11 48.71
C ASP A 330 61.61 27.47 48.86
N GLY A 331 62.12 28.03 47.76
CA GLY A 331 62.73 29.35 47.84
C GLY A 331 61.71 30.14 48.62
N TYR A 332 62.16 30.92 49.63
CA TYR A 332 61.18 31.67 50.47
C TYR A 332 60.08 32.74 50.33
N SER A 333 60.25 33.82 49.59
CA SER A 333 59.30 34.92 49.65
C SER A 333 58.98 34.82 48.19
N THR A 334 57.80 34.28 47.89
CA THR A 334 57.37 34.18 46.47
C THR A 334 57.33 35.58 45.88
N ILE A 335 56.83 36.57 46.63
CA ILE A 335 56.69 37.95 46.07
C ILE A 335 56.38 37.78 44.58
N ALA A 336 57.12 38.49 43.70
CA ALA A 336 56.95 38.32 42.25
C ALA A 336 58.00 37.32 41.78
N GLU A 337 58.81 36.79 42.70
CA GLU A 337 59.76 35.77 42.33
C GLU A 337 59.68 34.34 41.87
N LEU A 338 58.97 33.48 42.57
CA LEU A 338 58.97 32.08 42.23
C LEU A 338 57.93 32.34 41.17
N ILE A 339 57.17 33.52 41.33
CA ILE A 339 56.21 33.69 40.27
C ILE A 339 56.92 34.21 39.04
N GLU A 340 58.05 35.06 39.10
CA GLU A 340 58.40 35.29 37.71
C GLU A 340 59.38 34.18 37.39
N LYS A 341 59.82 33.12 38.29
CA LYS A 341 60.47 31.91 37.83
C LYS A 341 59.47 30.93 37.28
N GLU A 342 58.29 30.90 37.88
CA GLU A 342 57.26 30.05 37.32
C GLU A 342 57.10 30.60 35.93
N ASN A 343 57.16 31.93 35.82
CA ASN A 343 57.02 32.57 34.54
C ASN A 343 58.10 32.18 33.54
N PHE A 344 59.15 31.54 34.02
CA PHE A 344 60.14 30.95 33.13
C PHE A 344 60.05 29.76 32.21
N SER A 345 59.57 28.43 32.60
CA SER A 345 59.76 27.38 31.56
C SER A 345 58.58 27.44 30.52
N PRO A 346 57.03 27.51 30.83
CA PRO A 346 56.16 27.57 29.65
C PRO A 346 55.20 28.74 29.66
N ASN A 347 55.20 29.55 30.71
CA ASN A 347 54.30 30.68 30.76
C ASN A 347 55.19 31.43 29.78
N ARG A 348 54.79 31.47 28.51
CA ARG A 348 55.57 32.16 27.49
C ARG A 348 54.29 32.81 27.02
N SER A 349 53.90 33.87 27.72
CA SER A 349 52.68 34.59 27.37
C SER A 349 52.82 35.06 25.95
N ASP A 350 54.01 35.49 25.58
CA ASP A 350 54.20 36.05 24.26
C ASP A 350 53.82 35.12 23.11
N THR A 351 54.21 33.86 23.20
CA THR A 351 53.93 32.92 22.13
C THR A 351 52.42 32.77 22.11
N PRO A 352 51.79 32.95 20.93
CA PRO A 352 50.34 32.77 20.98
C PRO A 352 50.02 31.31 21.24
N THR A 353 51.00 30.07 21.35
CA THR A 353 50.79 28.67 21.62
C THR A 353 51.52 28.28 22.90
N SER A 354 50.77 28.29 23.98
CA SER A 354 51.37 28.06 25.27
C SER A 354 50.29 27.55 26.17
N PRO A 355 50.68 26.83 27.21
CA PRO A 355 49.73 26.28 28.17
C PRO A 355 48.84 27.38 28.68
N MET A 356 49.64 28.29 29.51
CA MET A 356 48.87 29.41 30.01
C MET A 356 49.69 30.67 29.91
N GLY A 357 49.06 31.82 30.01
CA GLY A 357 49.75 33.10 29.94
C GLY A 357 50.69 33.34 31.11
N LYS A 358 50.59 34.52 31.70
CA LYS A 358 51.43 34.89 32.84
C LYS A 358 50.51 35.23 34.02
N ILE A 359 51.11 35.64 35.13
CA ILE A 359 50.39 35.96 36.35
C ILE A 359 50.50 37.44 36.61
N ARG A 360 49.37 38.15 36.55
CA ARG A 360 49.34 39.56 36.91
C ARG A 360 48.43 39.81 38.11
N THR A 361 48.62 40.92 38.81
CA THR A 361 47.84 41.11 40.05
C THR A 361 46.56 41.94 40.17
N ASP A 362 46.68 43.26 40.21
CA ASP A 362 45.49 44.08 40.45
C ASP A 362 44.86 43.40 41.65
N GLU A 363 45.54 43.13 42.63
CA GLU A 363 45.16 42.50 43.90
C GLU A 363 43.97 43.24 44.50
N ALA A 364 42.78 42.63 44.47
CA ALA A 364 41.58 43.33 44.89
C ALA A 364 41.27 42.16 45.81
N MET A 365 41.91 41.02 45.56
CA MET A 365 41.75 39.85 46.42
C MET A 365 42.88 39.91 47.42
N HIS A 366 43.54 41.06 47.52
CA HIS A 366 44.57 41.19 48.53
C HIS A 366 43.80 40.99 49.80
N LEU A 367 42.62 41.60 49.88
CA LEU A 367 41.78 41.42 51.04
C LEU A 367 41.60 39.95 51.26
N TYR A 368 41.27 39.22 50.21
CA TYR A 368 41.09 37.79 50.33
C TYR A 368 42.29 37.17 51.04
N LEU A 369 43.48 37.35 50.48
CA LEU A 369 44.67 36.79 51.10
C LEU A 369 44.82 37.35 52.50
N GLU A 370 44.47 38.61 52.67
CA GLU A 370 44.56 39.21 53.98
C GLU A 370 43.65 38.46 54.93
N GLU A 371 42.57 37.89 54.40
CA GLU A 371 41.73 37.07 55.25
C GLU A 371 42.52 35.89 55.71
N GLN A 372 43.31 35.32 54.81
CA GLN A 372 44.17 34.23 55.21
C GLN A 372 45.34 34.75 56.03
N GLY A 373 45.45 36.07 56.13
CA GLY A 373 46.62 36.66 56.76
C GLY A 373 48.09 36.94 56.53
N LEU A 374 48.54 36.87 55.28
CA LEU A 374 49.95 37.15 54.98
C LEU A 374 50.35 38.43 54.25
N ASP A 375 51.58 38.88 54.46
CA ASP A 375 52.07 40.08 53.80
C ASP A 375 52.17 39.78 52.33
N LEU A 376 52.23 40.83 51.51
CA LEU A 376 52.34 40.65 50.07
C LEU A 376 53.69 40.00 49.81
N ASP A 377 54.77 40.33 50.51
CA ASP A 377 56.22 40.26 50.65
C ASP A 377 56.50 39.27 51.76
N SER A 378 56.04 38.64 52.80
CA SER A 378 56.72 37.63 53.59
C SER A 378 56.88 36.15 53.23
N VAL A 379 57.78 35.43 53.90
CA VAL A 379 57.88 34.00 53.60
C VAL A 379 57.54 32.71 54.31
N ILE A 380 57.31 31.65 53.53
CA ILE A 380 57.02 30.34 54.10
C ILE A 380 57.58 29.12 53.38
N ASP A 381 57.70 27.98 54.04
CA ASP A 381 58.14 26.74 53.37
C ASP A 381 57.39 25.42 53.29
N ARG A 382 56.87 25.08 52.11
CA ARG A 382 56.18 23.79 51.89
C ARG A 382 54.88 23.72 52.68
N ASP A 383 54.47 24.84 53.26
CA ASP A 383 53.25 24.90 54.03
C ASP A 383 52.25 25.17 52.94
N ARG A 384 51.36 24.22 52.75
CA ARG A 384 50.35 24.36 51.73
C ARG A 384 50.46 24.67 50.25
N THR A 385 49.68 25.64 49.78
CA THR A 385 49.67 25.91 48.35
C THR A 385 49.09 27.15 48.97
N ILE A 386 48.85 28.18 48.16
CA ILE A 386 48.31 29.45 48.66
C ILE A 386 47.61 29.69 47.34
N TYR A 387 46.64 30.58 47.31
CA TYR A 387 46.01 30.88 46.04
C TYR A 387 45.85 32.36 45.83
N LEU A 388 46.48 32.88 44.80
CA LEU A 388 46.47 34.32 44.57
C LEU A 388 45.11 34.94 44.27
N ARG A 389 44.30 34.26 43.48
CA ARG A 389 42.99 34.78 43.08
C ARG A 389 41.93 33.77 43.44
N LYS A 390 40.88 34.22 44.15
CA LYS A 390 39.79 33.32 44.52
C LYS A 390 38.98 32.90 43.30
N VAL A 391 38.63 33.87 42.46
CA VAL A 391 37.87 33.60 41.23
C VAL A 391 38.86 33.20 40.14
N ALA A 392 38.67 32.02 39.58
CA ALA A 392 39.57 31.50 38.55
C ALA A 392 39.41 32.31 37.27
N ASN A 393 40.35 33.22 37.03
CA ASN A 393 40.30 34.03 35.83
C ASN A 393 41.35 33.52 34.89
N LEU A 394 40.93 32.90 33.80
CA LEU A 394 41.90 32.29 32.90
C LEU A 394 42.80 33.34 32.29
N SER A 395 42.43 34.61 32.44
CA SER A 395 43.31 35.66 31.96
C SER A 395 44.56 35.73 32.82
N SER A 396 44.39 35.97 34.11
CA SER A 396 45.55 36.10 34.99
C SER A 396 45.84 34.82 35.75
N GLY A 397 46.58 33.91 35.15
CA GLY A 397 46.98 32.71 35.85
C GLY A 397 46.11 31.49 36.11
N GLY A 398 44.81 31.56 35.83
CA GLY A 398 43.91 30.46 36.13
C GLY A 398 44.10 29.49 35.00
N PHE A 399 43.84 28.21 35.24
CA PHE A 399 44.02 27.20 34.21
C PHE A 399 42.87 26.21 34.05
N SER A 400 42.86 25.46 32.94
CA SER A 400 41.77 24.53 32.64
C SER A 400 42.16 23.06 32.62
N ILE A 401 41.30 22.23 33.20
CA ILE A 401 41.57 20.81 33.32
C ILE A 401 40.43 20.02 32.69
N ASP A 402 40.77 19.07 31.84
CA ASP A 402 39.77 18.22 31.21
C ASP A 402 39.08 17.34 32.24
N ALA A 403 37.76 17.22 32.12
CA ALA A 403 36.98 16.37 33.01
C ALA A 403 35.91 15.60 32.25
N THR A 404 36.16 15.29 30.97
CA THR A 404 35.10 14.76 30.12
C THR A 404 34.76 13.30 30.45
N ASN A 405 35.76 12.47 30.70
CA ASN A 405 35.54 11.03 30.81
C ASN A 405 35.36 10.56 32.25
N ARG A 406 35.11 11.48 33.18
CA ARG A 406 34.87 11.11 34.58
C ARG A 406 33.66 11.85 35.13
N VAL A 407 32.54 11.81 34.42
CA VAL A 407 31.28 12.39 34.87
C VAL A 407 30.24 11.29 34.97
N HIS A 408 29.44 11.35 36.03
CA HIS A 408 28.37 10.37 36.23
C HIS A 408 27.33 10.50 35.13
N PRO A 409 26.82 9.37 34.62
CA PRO A 409 25.79 9.46 33.56
C PRO A 409 24.55 10.22 33.98
N ASP A 410 24.25 10.26 35.27
CA ASP A 410 23.09 11.01 35.74
C ASP A 410 23.22 12.48 35.43
N ASN A 411 24.41 13.05 35.64
CA ASN A 411 24.63 14.45 35.31
C ASN A 411 24.53 14.70 33.81
N ILE A 412 24.98 13.74 33.00
CA ILE A 412 24.82 13.86 31.56
C ILE A 412 23.35 13.95 31.18
N ILE A 413 22.52 13.09 31.79
CA ILE A 413 21.09 13.11 31.51
C ILE A 413 20.49 14.44 31.95
N LEU A 414 20.89 14.94 33.12
CA LEU A 414 20.36 16.22 33.59
C LEU A 414 20.70 17.35 32.62
N ALA A 415 21.95 17.41 32.17
CA ALA A 415 22.36 18.46 31.25
C ALA A 415 21.60 18.36 29.93
N GLN A 416 21.46 17.14 29.40
CA GLN A 416 20.74 16.98 28.14
C GLN A 416 19.29 17.40 28.29
N ASP A 417 18.67 17.10 29.43
CA ASP A 417 17.29 17.53 29.66
C ASP A 417 17.16 19.04 29.72
N ILE A 418 18.12 19.71 30.37
CA ILE A 418 18.07 21.16 30.40
C ILE A 418 18.24 21.75 29.01
N ALA A 419 19.09 21.12 28.19
CA ALA A 419 19.41 21.69 26.88
C ALA A 419 18.20 21.75 25.96
N GLN A 420 17.39 20.70 25.93
CA GLN A 420 16.35 20.59 24.91
C GLN A 420 15.09 21.38 25.26
N HIS A 421 15.26 22.62 25.71
CA HIS A 421 14.14 23.51 25.95
C HIS A 421 14.30 24.85 25.27
N PHE A 422 15.41 25.08 24.56
CA PHE A 422 15.66 26.32 23.84
C PHE A 422 16.05 25.99 22.42
N ARG A 423 15.83 26.96 21.53
CA ARG A 423 16.11 26.79 20.10
C ARG A 423 17.51 27.24 19.72
N LEU A 424 18.47 27.18 20.64
CA LEU A 424 19.85 27.51 20.36
C LEU A 424 20.60 26.26 19.89
N THR A 425 21.83 26.46 19.42
CA THR A 425 22.66 25.35 18.97
C THR A 425 23.81 25.02 19.91
N CYS A 426 24.30 25.99 20.68
CA CYS A 426 25.37 25.76 21.65
C CYS A 426 24.96 26.37 22.97
N LEU A 427 25.04 25.60 24.04
CA LEU A 427 24.62 26.04 25.36
C LEU A 427 25.71 25.75 26.38
N GLY A 428 25.92 26.69 27.30
CA GLY A 428 26.92 26.48 28.34
C GLY A 428 26.34 26.58 29.74
N ILE A 429 26.65 25.62 30.59
CA ILE A 429 26.07 25.53 31.92
C ILE A 429 27.19 25.58 32.96
N ASP A 430 27.02 26.43 33.97
CA ASP A 430 27.99 26.55 35.06
C ASP A 430 27.45 25.89 36.31
N ILE A 431 28.26 25.01 36.93
CA ILE A 431 27.83 24.29 38.11
C ILE A 431 28.90 24.38 39.19
N ILE A 432 28.48 24.20 40.44
CA ILE A 432 29.37 24.16 41.59
C ILE A 432 29.13 22.83 42.29
N THR A 433 30.19 22.03 42.42
CA THR A 433 30.06 20.67 42.90
C THR A 433 31.16 20.34 43.91
N ASN A 434 30.80 19.51 44.88
CA ASN A 434 31.80 18.95 45.79
C ASN A 434 32.59 17.82 45.13
N ASP A 435 31.94 17.04 44.27
CA ASP A 435 32.61 15.97 43.54
C ASP A 435 31.79 15.62 42.31
N ILE A 436 32.41 15.71 41.13
CA ILE A 436 31.68 15.49 39.88
C ILE A 436 31.53 14.02 39.53
N GLY A 437 32.17 13.12 40.27
CA GLY A 437 32.15 11.72 39.90
C GLY A 437 30.96 10.91 40.33
N ARG A 438 30.06 11.48 41.14
CA ARG A 438 28.90 10.75 41.65
C ARG A 438 27.62 11.45 41.19
N SER A 439 26.48 10.89 41.60
CA SER A 439 25.19 11.46 41.23
C SER A 439 24.93 12.75 42.01
N TRP A 440 24.07 13.59 41.43
CA TRP A 440 23.74 14.88 42.03
C TRP A 440 22.71 14.78 43.14
N LYS A 441 22.02 13.64 43.25
CA LYS A 441 20.99 13.48 44.27
C LYS A 441 21.62 13.23 45.65
N GLU A 442 22.74 12.53 45.68
CA GLU A 442 23.41 12.16 46.92
C GLU A 442 24.56 13.09 47.28
N THR A 443 24.78 14.16 46.52
CA THR A 443 25.85 15.10 46.75
C THR A 443 25.33 16.52 46.65
N SER A 444 26.05 17.45 47.28
CA SER A 444 25.73 18.85 47.12
C SER A 444 25.93 19.29 45.68
N PHE A 445 24.96 20.05 45.15
CA PHE A 445 24.96 20.39 43.74
C PHE A 445 24.27 21.73 43.56
N GLY A 446 24.51 22.36 42.42
CA GLY A 446 23.91 23.64 42.13
C GLY A 446 24.06 24.11 40.71
N ILE A 447 23.13 24.95 40.25
CA ILE A 447 23.18 25.56 38.93
C ILE A 447 23.12 27.06 39.12
N ILE A 448 24.08 27.78 38.54
CA ILE A 448 24.26 29.20 38.79
C ILE A 448 24.02 30.04 37.54
N GLU A 449 24.50 29.57 36.38
CA GLU A 449 24.46 30.38 35.18
C GLU A 449 24.29 29.50 33.95
N ILE A 450 23.54 30.04 32.99
CA ILE A 450 23.37 29.45 31.67
C ILE A 450 23.67 30.50 30.62
N ASN A 451 24.50 30.15 29.64
CA ASN A 451 25.00 31.10 28.65
C ASN A 451 24.71 30.59 27.24
N ALA A 452 24.40 31.52 26.35
CA ALA A 452 23.92 31.20 25.01
C ALA A 452 25.00 31.23 23.95
N ALA A 453 26.07 32.02 24.13
CA ALA A 453 27.15 32.15 23.15
C ALA A 453 28.46 31.83 23.86
N PRO A 454 28.76 30.55 24.07
CA PRO A 454 29.94 30.19 24.86
C PRO A 454 31.20 30.18 24.00
N GLY A 455 32.33 30.57 24.61
CA GLY A 455 33.61 30.40 23.97
C GLY A 455 34.09 28.97 24.13
N VAL A 456 34.56 28.39 23.04
CA VAL A 456 34.92 26.98 23.05
C VAL A 456 36.43 26.81 22.88
N TYR A 457 37.20 27.81 23.30
CA TYR A 457 38.65 27.73 23.19
C TYR A 457 39.24 26.81 24.26
N MET A 458 38.62 26.77 25.44
CA MET A 458 39.13 25.95 26.54
C MET A 458 39.15 24.48 26.17
N HIS A 459 38.11 23.99 25.52
CA HIS A 459 38.01 22.60 25.17
C HIS A 459 38.93 22.19 24.03
N LEU A 460 39.54 23.15 23.34
CA LEU A 460 40.45 22.88 22.23
C LEU A 460 41.91 22.85 22.66
N LYS A 461 42.30 23.73 23.58
CA LYS A 461 43.68 23.87 24.02
C LYS A 461 43.73 23.81 25.54
N PRO A 462 43.55 22.63 26.12
CA PRO A 462 43.60 22.50 27.58
C PRO A 462 45.03 22.50 28.09
N ALA A 463 45.21 23.06 29.29
CA ALA A 463 46.53 23.07 29.91
C ALA A 463 46.99 21.66 30.25
N ILE A 464 46.12 20.88 30.90
CA ILE A 464 46.41 19.51 31.30
C ILE A 464 45.29 18.63 30.79
N GLY A 465 45.64 17.57 30.06
CA GLY A 465 44.67 16.63 29.55
C GLY A 465 44.84 16.44 28.07
N GLU A 466 43.79 15.92 27.44
CA GLU A 466 43.79 15.67 26.00
C GLU A 466 42.84 16.63 25.28
N PRO A 467 43.19 17.04 24.07
CA PRO A 467 42.29 17.92 23.32
C PRO A 467 41.02 17.19 22.90
N VAL A 468 39.93 17.96 22.80
CA VAL A 468 38.65 17.47 22.31
C VAL A 468 38.19 18.40 21.19
N ASP A 469 37.81 17.82 20.06
CA ASP A 469 37.38 18.61 18.91
C ASP A 469 35.89 18.94 19.01
N VAL A 470 35.59 20.23 19.05
CA VAL A 470 34.22 20.70 19.12
C VAL A 470 33.73 21.29 17.82
N THR A 471 34.61 21.79 16.96
CA THR A 471 34.18 22.39 15.70
C THR A 471 33.69 21.34 14.72
N ALA A 472 34.24 20.13 14.79
CA ALA A 472 33.77 19.06 13.92
C ALA A 472 32.31 18.75 14.18
N ARG A 473 31.89 18.69 15.45
CA ARG A 473 30.48 18.47 15.77
C ARG A 473 29.62 19.61 15.23
N ILE A 474 30.08 20.85 15.38
CA ILE A 474 29.32 22.02 14.95
C ILE A 474 29.08 21.96 13.45
N LEU A 475 30.13 21.64 12.69
CA LEU A 475 29.98 21.58 11.24
C LEU A 475 29.18 20.36 10.79
N GLU A 476 29.27 19.25 11.52
CA GLU A 476 28.49 18.07 11.16
C GLU A 476 27.02 18.25 11.51
N THR A 477 26.71 19.20 12.39
CA THR A 477 25.30 19.49 12.69
C THR A 477 24.55 19.93 11.43
N PHE A 478 25.14 20.81 10.64
CA PHE A 478 24.48 21.35 9.47
C PHE A 478 24.72 20.48 8.25
N PHE A 479 25.98 20.29 7.88
CA PHE A 479 26.30 19.50 6.69
C PHE A 479 26.68 18.08 7.10
N GLU A 480 26.43 17.14 6.18
CA GLU A 480 26.81 15.75 6.39
C GLU A 480 27.99 15.37 5.51
N THR A 481 27.91 15.57 4.21
CA THR A 481 29.05 15.40 3.32
C THR A 481 29.39 16.73 2.67
N GLU A 482 30.35 16.73 1.74
CA GLU A 482 30.60 17.90 0.92
C GLU A 482 29.66 17.99 -0.27
N LYS A 483 28.92 16.92 -0.57
CA LYS A 483 28.00 16.95 -1.70
C LYS A 483 26.86 17.93 -1.46
N ASN A 484 26.27 17.90 -0.26
CA ASN A 484 25.14 18.75 0.02
C ASN A 484 25.57 20.07 0.64
N ALA A 485 26.47 20.78 -0.04
CA ALA A 485 26.80 22.15 0.33
C ALA A 485 27.01 22.99 -0.92
N ARG A 486 26.75 22.40 -2.09
CA ARG A 486 27.03 23.03 -3.37
C ARG A 486 25.82 22.90 -4.29
N ILE A 487 25.82 23.71 -5.34
CA ILE A 487 24.75 23.70 -6.33
C ILE A 487 25.37 23.59 -7.71
N PRO A 488 24.62 23.08 -8.70
CA PRO A 488 25.15 22.99 -10.06
C PRO A 488 25.56 24.34 -10.62
N ILE A 489 26.73 24.37 -11.25
CA ILE A 489 27.31 25.57 -11.83
C ILE A 489 27.72 25.27 -13.27
N ILE A 490 27.40 26.19 -14.18
CA ILE A 490 27.77 26.08 -15.59
C ILE A 490 28.62 27.30 -15.95
N THR A 491 29.76 27.04 -16.59
CA THR A 491 30.70 28.08 -16.97
C THR A 491 30.79 28.15 -18.49
N PHE A 492 30.69 29.36 -19.03
CA PHE A 492 30.82 29.62 -20.46
C PHE A 492 32.07 30.45 -20.72
N ASN A 493 32.33 30.67 -21.99
CA ASN A 493 33.43 31.50 -22.44
C ASN A 493 32.96 32.79 -23.11
N ARG A 494 31.94 32.71 -23.95
CA ARG A 494 31.33 33.88 -24.58
C ARG A 494 29.92 33.52 -24.98
N VAL A 495 28.94 34.33 -24.57
CA VAL A 495 27.53 34.03 -24.80
C VAL A 495 26.74 35.32 -24.68
N SER A 496 25.53 35.32 -25.24
CA SER A 496 24.65 36.47 -25.24
C SER A 496 23.37 36.16 -24.48
N ILE A 497 22.51 37.18 -24.37
CA ILE A 497 21.31 37.07 -23.55
C ILE A 497 20.34 36.05 -24.13
N ARG A 498 20.12 36.09 -25.46
CA ARG A 498 19.10 35.24 -26.05
C ARG A 498 19.42 33.76 -25.87
N GLN A 499 20.69 33.39 -26.03
CA GLN A 499 21.08 32.01 -25.79
C GLN A 499 20.82 31.60 -24.34
N LEU A 500 21.08 32.52 -23.40
CA LEU A 500 20.83 32.23 -22.00
C LEU A 500 19.35 32.01 -21.75
N GLN A 501 18.49 32.84 -22.33
CA GLN A 501 17.06 32.68 -22.15
C GLN A 501 16.59 31.34 -22.73
N LYS A 502 17.10 30.98 -23.91
CA LYS A 502 16.74 29.70 -24.51
C LYS A 502 17.16 28.53 -23.62
N LEU A 503 18.38 28.59 -23.09
CA LEU A 503 18.87 27.50 -22.26
C LEU A 503 18.08 27.39 -20.96
N SER A 504 17.79 28.53 -20.32
CA SER A 504 17.04 28.51 -19.07
C SER A 504 15.63 27.99 -19.29
N ASP A 505 14.98 28.39 -20.39
CA ASP A 505 13.66 27.85 -20.69
C ASP A 505 13.71 26.35 -20.92
N ARG A 506 14.73 25.88 -21.65
CA ARG A 506 14.88 24.46 -21.89
C ARG A 506 15.01 23.69 -20.58
N ILE A 507 15.80 24.24 -19.64
CA ILE A 507 15.97 23.57 -18.35
C ILE A 507 14.66 23.59 -17.57
N LEU A 508 13.96 24.74 -17.56
CA LEU A 508 12.70 24.85 -16.84
C LEU A 508 11.61 23.94 -17.39
N MET A 509 11.71 23.52 -18.65
CA MET A 509 10.74 22.56 -19.16
C MET A 509 10.77 21.25 -18.39
N SER A 510 11.88 20.94 -17.71
CA SER A 510 12.01 19.71 -16.95
C SER A 510 11.62 19.91 -15.48
N HIS A 511 12.26 20.88 -14.81
CA HIS A 511 11.94 21.19 -13.41
C HIS A 511 11.21 22.52 -13.38
N PRO A 512 9.88 22.52 -13.24
CA PRO A 512 9.14 23.79 -13.35
C PRO A 512 9.27 24.68 -12.12
N ASP A 513 9.68 24.13 -10.98
CA ASP A 513 9.68 24.92 -9.74
C ASP A 513 11.05 25.44 -9.35
N TRP A 514 12.09 25.23 -10.16
CA TRP A 514 13.42 25.66 -9.79
C TRP A 514 13.58 27.17 -9.96
N THR A 515 14.66 27.69 -9.37
CA THR A 515 15.09 29.07 -9.57
C THR A 515 16.49 29.05 -10.15
N ILE A 516 16.68 29.72 -11.29
CA ILE A 516 17.90 29.65 -12.07
C ILE A 516 18.46 31.05 -12.23
N GLY A 517 19.74 31.23 -11.96
CA GLY A 517 20.40 32.53 -12.09
C GLY A 517 21.42 32.50 -13.20
N ALA A 518 21.45 33.57 -14.01
CA ALA A 518 22.36 33.66 -15.14
C ALA A 518 22.96 35.04 -15.21
N VAL A 519 24.27 35.12 -15.47
CA VAL A 519 24.95 36.40 -15.56
C VAL A 519 25.95 36.35 -16.70
N CYS A 520 26.05 37.45 -17.45
CA CYS A 520 27.00 37.58 -18.53
C CYS A 520 27.50 39.02 -18.56
N ARG A 521 28.10 39.42 -19.67
CA ARG A 521 28.79 40.70 -19.75
C ARG A 521 27.86 41.90 -19.96
N GLU A 522 26.60 41.68 -20.32
CA GLU A 522 25.68 42.79 -20.54
C GLU A 522 24.30 42.60 -19.94
N GLY A 523 24.08 41.59 -19.12
CA GLY A 523 22.79 41.42 -18.49
C GLY A 523 22.84 40.36 -17.41
N ILE A 524 21.80 40.38 -16.57
CA ILE A 524 21.65 39.43 -15.49
C ILE A 524 20.18 39.03 -15.40
N LEU A 525 19.92 37.72 -15.25
CA LEU A 525 18.57 37.20 -15.32
C LEU A 525 18.30 36.24 -14.16
N ILE A 526 17.08 36.30 -13.64
CA ILE A 526 16.49 35.25 -12.82
C ILE A 526 15.34 34.65 -13.62
N ASN A 527 15.48 33.38 -13.98
CA ASN A 527 14.55 32.70 -14.87
C ASN A 527 14.42 33.45 -16.20
N ARG A 528 13.39 34.29 -16.33
CA ARG A 528 13.17 35.02 -17.56
C ARG A 528 13.15 36.53 -17.38
N SER A 529 13.25 37.04 -16.16
CA SER A 529 13.13 38.46 -15.89
C SER A 529 14.51 39.12 -15.87
N GLU A 530 14.51 40.44 -16.03
CA GLU A 530 15.74 41.21 -16.10
C GLU A 530 15.91 42.08 -14.87
N LYS A 531 17.16 42.20 -14.42
CA LYS A 531 17.49 42.99 -13.24
C LYS A 531 18.58 44.01 -13.57
N ILE A 532 19.10 44.69 -12.57
CA ILE A 532 20.08 45.76 -12.76
C ILE A 532 21.48 45.17 -12.64
N LEU A 533 22.41 45.68 -13.45
CA LEU A 533 23.78 45.20 -13.50
C LEU A 533 24.70 46.18 -12.77
N ASN A 534 25.61 45.62 -11.97
CA ASN A 534 26.53 46.42 -11.18
C ASN A 534 27.81 46.69 -11.97
N ARG A 535 28.40 47.86 -11.73
CA ARG A 535 29.59 48.27 -12.48
C ARG A 535 30.77 47.34 -12.23
N HIS A 536 30.98 46.94 -10.97
CA HIS A 536 32.04 46.00 -10.64
C HIS A 536 31.58 44.60 -10.94
N TYR A 537 32.27 43.92 -11.87
CA TYR A 537 31.74 42.69 -12.43
C TYR A 537 31.64 41.58 -11.38
N ASN A 538 32.64 41.47 -10.50
CA ASN A 538 32.70 40.32 -9.61
C ASN A 538 31.64 40.35 -8.51
N THR A 539 31.06 41.50 -8.21
CA THR A 539 30.04 41.56 -7.16
C THR A 539 28.72 40.95 -7.60
N ASN A 540 28.48 40.84 -8.91
CA ASN A 540 27.24 40.22 -9.38
C ASN A 540 27.20 38.73 -9.01
N VAL A 541 28.33 38.05 -9.12
CA VAL A 541 28.37 36.64 -8.73
C VAL A 541 28.15 36.50 -7.23
N LEU A 542 28.69 37.44 -6.44
CA LEU A 542 28.45 37.42 -5.00
C LEU A 542 26.97 37.62 -4.69
N ASN A 543 26.33 38.57 -5.37
CA ASN A 543 24.91 38.81 -5.15
C ASN A 543 24.08 37.60 -5.53
N LEU A 544 24.45 36.91 -6.61
CA LEU A 544 23.74 35.69 -6.96
C LEU A 544 23.97 34.57 -5.98
N LEU A 545 25.16 34.47 -5.39
CA LEU A 545 25.41 33.41 -4.41
C LEU A 545 24.83 33.71 -3.04
N ARG A 546 24.49 34.96 -2.75
CA ARG A 546 23.85 35.28 -1.48
C ARG A 546 22.35 34.99 -1.51
N ASN A 547 21.78 34.73 -2.68
CA ASN A 547 20.34 34.54 -2.78
C ASN A 547 19.95 33.21 -2.12
N PRO A 548 19.04 33.23 -1.15
CA PRO A 548 18.70 32.00 -0.41
C PRO A 548 17.71 31.07 -1.10
N LYS A 549 17.49 31.22 -2.41
CA LYS A 549 16.58 30.34 -3.13
C LYS A 549 17.16 29.78 -4.42
N LEU A 550 18.43 30.01 -4.71
CA LEU A 550 19.03 29.66 -6.00
C LEU A 550 19.17 28.14 -6.08
N ASP A 551 18.94 27.59 -7.28
CA ASP A 551 19.13 26.16 -7.50
C ASP A 551 20.24 25.87 -8.48
N LEU A 552 20.48 26.78 -9.44
CA LEU A 552 21.49 26.55 -10.47
C LEU A 552 22.07 27.89 -10.91
N LEU A 553 23.37 27.89 -11.21
CA LEU A 553 24.09 29.10 -11.60
C LEU A 553 24.68 28.95 -12.99
N ILE A 554 24.61 30.02 -13.78
CA ILE A 554 25.22 30.07 -15.11
C ILE A 554 26.03 31.36 -15.20
N ALA A 555 27.33 31.22 -15.46
CA ALA A 555 28.23 32.35 -15.45
C ALA A 555 29.17 32.30 -16.65
N GLU A 556 29.69 33.47 -17.02
CA GLU A 556 30.59 33.61 -18.15
C GLU A 556 31.80 34.43 -17.74
N TYR A 557 33.00 33.92 -18.04
CA TYR A 557 34.26 34.61 -17.74
C TYR A 557 35.07 34.75 -19.02
N ASP A 558 35.45 35.97 -19.36
CA ASP A 558 36.28 36.25 -20.51
C ASP A 558 37.72 36.51 -20.05
N GLU A 559 38.58 36.90 -20.99
CA GLU A 559 39.99 37.05 -20.66
C GLU A 559 40.25 38.26 -19.77
N ASP A 560 39.62 39.39 -20.07
CA ASP A 560 39.88 40.61 -19.31
C ASP A 560 39.47 40.45 -17.85
N ALA A 561 38.26 39.93 -17.62
CA ALA A 561 37.81 39.70 -16.25
C ALA A 561 38.68 38.68 -15.54
N LEU A 562 39.04 37.60 -16.24
CA LEU A 562 39.84 36.55 -15.61
C LEU A 562 41.22 37.08 -15.21
N GLU A 563 41.79 37.97 -16.02
CA GLU A 563 43.09 38.53 -15.68
C GLU A 563 42.99 39.60 -14.61
N ALA A 564 41.89 40.36 -14.58
CA ALA A 564 41.76 41.41 -13.59
C ALA A 564 41.58 40.84 -12.18
N GLU A 565 40.53 40.05 -11.97
CA GLU A 565 40.33 39.33 -10.72
C GLU A 565 39.96 37.90 -11.08
N GLY A 566 40.57 36.94 -10.38
CA GLY A 566 40.53 35.57 -10.85
C GLY A 566 39.13 35.00 -10.95
N MET A 567 38.48 34.78 -9.82
CA MET A 567 37.19 34.11 -9.79
C MET A 567 36.55 34.38 -8.44
N PHE A 568 35.40 33.74 -8.23
CA PHE A 568 34.75 33.76 -6.93
C PHE A 568 34.35 32.38 -6.43
N TYR A 569 34.14 31.41 -7.32
CA TYR A 569 33.76 30.07 -6.95
C TYR A 569 34.85 29.08 -7.36
N HIS A 570 34.72 27.85 -6.87
CA HIS A 570 35.69 26.80 -7.10
C HIS A 570 34.99 25.58 -7.66
N GLY A 571 35.39 25.14 -8.85
CA GLY A 571 34.85 23.95 -9.46
C GLY A 571 33.75 24.26 -10.46
N SER A 572 33.41 23.24 -11.25
CA SER A 572 32.34 23.36 -12.25
C SER A 572 31.81 21.98 -12.57
N ASN A 573 30.64 21.95 -13.20
CA ASN A 573 29.99 20.70 -13.59
C ASN A 573 29.85 20.56 -15.10
N LEU A 574 30.12 21.63 -15.85
CA LEU A 574 30.00 21.58 -17.30
C LEU A 574 30.73 22.78 -17.90
N VAL A 575 31.71 22.54 -18.78
CA VAL A 575 32.50 23.62 -19.34
C VAL A 575 32.37 23.61 -20.86
N VAL A 576 32.19 24.81 -21.42
CA VAL A 576 32.03 25.00 -22.86
C VAL A 576 32.99 26.06 -23.37
N LEU A 577 33.82 25.71 -24.34
CA LEU A 577 34.75 26.65 -24.95
C LEU A 577 34.51 26.76 -26.44
N GLU A 578 34.46 28.00 -26.93
CA GLU A 578 34.33 28.29 -28.35
C GLU A 578 35.47 29.20 -28.76
N ASP A 579 36.35 28.69 -29.63
CA ASP A 579 37.57 29.38 -30.03
C ASP A 579 38.38 29.86 -28.83
N PRO A 580 38.80 28.96 -27.94
CA PRO A 580 39.50 29.40 -26.73
C PRO A 580 40.87 30.00 -27.05
N SER A 581 41.29 30.94 -26.22
CA SER A 581 42.64 31.46 -26.30
C SER A 581 43.56 30.67 -25.37
N GLU A 582 44.82 31.12 -25.30
CA GLU A 582 45.80 30.43 -24.46
C GLU A 582 45.40 30.50 -22.99
N ILE A 583 45.01 31.68 -22.51
CA ILE A 583 44.59 31.81 -21.11
C ILE A 583 43.27 31.08 -20.89
N GLU A 584 42.31 31.30 -21.79
CA GLU A 584 40.96 30.78 -21.58
C GLU A 584 40.88 29.30 -21.86
N MET A 585 41.82 28.55 -21.29
CA MET A 585 41.76 27.10 -21.20
C MET A 585 42.09 26.62 -19.80
N ILE A 586 42.63 27.50 -18.94
CA ILE A 586 42.90 27.17 -17.56
C ILE A 586 41.60 26.84 -16.84
N LEU A 587 40.47 27.12 -17.50
CA LEU A 587 39.16 26.82 -16.94
C LEU A 587 38.92 25.32 -16.92
N THR A 588 39.81 24.55 -17.56
CA THR A 588 39.72 23.10 -17.53
C THR A 588 40.49 22.46 -16.39
N ARG A 589 41.25 23.23 -15.61
CA ARG A 589 42.05 22.65 -14.54
C ARG A 589 41.20 22.29 -13.33
N ASP A 590 40.07 22.95 -13.14
CA ASP A 590 39.22 22.77 -11.96
C ASP A 590 37.94 22.05 -12.39
N VAL A 591 37.99 20.71 -12.35
CA VAL A 591 36.84 19.88 -12.67
C VAL A 591 36.82 18.71 -11.68
N PHE A 592 35.70 18.00 -11.67
CA PHE A 592 35.54 16.81 -10.85
C PHE A 592 35.66 15.57 -11.71
N SER A 593 35.57 14.40 -11.07
CA SER A 593 35.67 13.14 -11.80
C SER A 593 34.54 13.00 -12.81
N ASP A 594 33.32 13.37 -12.40
CA ASP A 594 32.15 13.30 -13.26
C ASP A 594 31.88 14.72 -13.79
N SER A 595 32.43 15.03 -14.95
CA SER A 595 32.30 16.36 -15.54
C SER A 595 32.29 16.22 -17.05
N THR A 596 31.83 17.28 -17.72
CA THR A 596 31.75 17.29 -19.17
C THR A 596 32.42 18.53 -19.72
N VAL A 597 33.33 18.34 -20.68
CA VAL A 597 34.05 19.45 -21.31
C VAL A 597 33.79 19.40 -22.81
N ILE A 598 33.38 20.53 -23.38
CA ILE A 598 33.15 20.65 -24.81
C ILE A 598 34.02 21.77 -25.34
N ILE A 599 34.76 21.50 -26.42
CA ILE A 599 35.63 22.49 -27.05
C ILE A 599 35.31 22.53 -28.53
N LYS A 600 35.20 23.73 -29.09
CA LYS A 600 35.05 23.89 -30.54
C LYS A 600 36.21 24.74 -31.05
N GLN A 601 37.08 24.12 -31.85
CA GLN A 601 38.20 24.80 -32.48
C GLN A 601 37.99 24.73 -33.99
N GLY A 602 37.66 25.87 -34.59
CA GLY A 602 37.32 25.87 -36.00
C GLY A 602 36.11 25.00 -36.25
N ARG A 603 36.21 24.16 -37.28
CA ARG A 603 35.14 23.20 -37.54
C ARG A 603 35.22 22.01 -36.61
N GLU A 604 36.38 21.78 -36.01
CA GLU A 604 36.58 20.62 -35.17
C GLU A 604 35.86 20.79 -33.83
N ILE A 605 35.25 19.71 -33.34
CA ILE A 605 34.59 19.69 -32.05
C ILE A 605 35.12 18.51 -31.25
N THR A 606 35.38 18.72 -29.97
CA THR A 606 35.89 17.70 -29.07
C THR A 606 35.02 17.65 -27.82
N ILE A 607 34.66 16.43 -27.41
CA ILE A 607 33.82 16.22 -26.24
C ILE A 607 34.53 15.25 -25.32
N LYS A 608 34.64 15.61 -24.05
CA LYS A 608 35.29 14.79 -23.03
C LYS A 608 34.28 14.53 -21.90
N ARG A 609 33.94 13.27 -21.72
CA ARG A 609 33.08 12.82 -20.62
C ARG A 609 33.83 11.78 -19.82
N LYS A 610 34.09 12.08 -18.55
CA LYS A 610 34.82 11.17 -17.66
C LYS A 610 36.16 10.76 -18.27
N GLY A 611 36.81 11.71 -18.92
CA GLY A 611 38.08 11.42 -19.58
C GLY A 611 37.96 10.51 -20.78
N LEU A 612 36.88 10.62 -21.54
CA LEU A 612 36.71 9.91 -22.80
C LEU A 612 36.54 10.92 -23.92
N LEU A 613 37.46 10.90 -24.89
CA LEU A 613 37.56 11.94 -25.90
C LEU A 613 36.93 11.46 -27.19
N GLU A 614 35.97 12.23 -27.70
CA GLU A 614 35.36 11.98 -29.00
C GLU A 614 35.42 13.27 -29.82
N GLN A 615 35.97 13.16 -31.03
CA GLN A 615 36.16 14.32 -31.89
C GLN A 615 35.41 14.14 -33.20
N TYR A 616 34.91 15.25 -33.72
CA TYR A 616 34.15 15.27 -34.97
C TYR A 616 34.44 16.58 -35.69
N GLU A 617 33.91 16.71 -36.90
CA GLU A 617 33.95 17.93 -37.66
C GLU A 617 32.54 18.38 -38.02
N LEU A 618 32.38 19.68 -38.20
CA LEU A 618 31.06 20.23 -38.52
C LEU A 618 30.59 19.71 -39.89
N GLU A 619 29.34 19.24 -39.92
CA GLU A 619 28.76 18.80 -41.19
C GLU A 619 28.65 19.95 -42.17
N ALA A 620 28.26 21.12 -41.69
CA ALA A 620 28.12 22.32 -42.52
C ALA A 620 28.24 23.52 -41.60
N GLU A 621 27.85 24.69 -42.11
CA GLU A 621 27.79 25.88 -41.26
C GLU A 621 26.68 25.74 -40.23
N GLU A 622 27.08 25.50 -38.98
CA GLU A 622 26.12 25.25 -37.91
C GLU A 622 26.58 25.97 -36.66
N LEU A 623 25.61 26.30 -35.80
CA LEU A 623 25.90 26.97 -34.55
C LEU A 623 26.25 25.95 -33.47
N ILE A 624 26.96 26.42 -32.44
CA ILE A 624 27.39 25.55 -31.36
C ILE A 624 26.26 25.22 -30.38
N GLU A 625 25.14 25.93 -30.45
CA GLU A 625 24.06 25.69 -29.51
C GLU A 625 23.49 24.29 -29.66
N GLN A 626 23.44 23.78 -30.89
CA GLN A 626 22.93 22.43 -31.12
C GLN A 626 23.81 21.39 -30.44
N VAL A 627 25.07 21.73 -30.19
CA VAL A 627 25.99 20.77 -29.57
C VAL A 627 25.60 20.52 -28.12
N TYR A 628 25.34 21.57 -27.36
CA TYR A 628 25.10 21.43 -25.92
C TYR A 628 23.63 21.42 -25.55
N LEU A 629 22.72 21.78 -26.47
CA LEU A 629 21.30 21.79 -26.11
C LEU A 629 20.80 20.38 -25.83
N LYS A 630 21.43 19.36 -26.42
CA LYS A 630 21.05 17.99 -26.19
C LYS A 630 21.89 17.30 -25.11
N GLU A 631 22.88 18.00 -24.56
CA GLU A 631 23.80 17.40 -23.60
C GLU A 631 23.46 17.79 -22.15
N ILE A 632 22.19 18.13 -21.90
CA ILE A 632 21.77 18.50 -20.55
C ILE A 632 21.56 17.23 -19.74
N GLY A 633 22.55 16.87 -18.94
CA GLY A 633 22.47 15.67 -18.12
C GLY A 633 22.71 15.94 -16.65
N THR A 634 22.27 17.08 -16.16
CA THR A 634 22.41 17.46 -14.76
C THR A 634 21.26 16.95 -13.90
N ILE A 635 20.40 16.10 -14.46
CA ILE A 635 19.29 15.55 -13.67
C ILE A 635 19.82 14.67 -12.56
N SER A 636 20.85 13.88 -12.84
CA SER A 636 21.46 12.94 -11.89
C SER A 636 20.42 11.98 -11.31
N VAL B 7 -14.49 37.74 51.84
CA VAL B 7 -15.59 38.49 51.26
C VAL B 7 -15.09 39.83 50.72
N GLU B 8 -16.00 40.66 50.23
CA GLU B 8 -15.62 41.98 49.73
C GLU B 8 -16.26 42.95 50.69
N PRO B 9 -15.48 43.44 51.65
CA PRO B 9 -16.03 44.41 52.61
C PRO B 9 -15.97 45.71 51.86
N VAL B 10 -15.59 45.64 50.59
CA VAL B 10 -15.50 46.82 49.78
C VAL B 10 -16.80 46.90 49.01
N ARG B 11 -17.91 46.49 49.62
CA ARG B 11 -19.23 46.88 49.15
C ARG B 11 -19.30 48.20 49.84
N ILE B 12 -18.58 49.18 49.32
CA ILE B 12 -18.44 50.48 49.96
C ILE B 12 -19.91 50.90 49.88
N ASN B 13 -20.54 50.68 48.73
CA ASN B 13 -21.93 51.06 48.53
C ASN B 13 -22.85 49.94 48.99
N ALA B 14 -23.21 49.94 50.27
CA ALA B 14 -24.07 48.93 50.83
C ALA B 14 -24.94 49.55 51.91
N ARG B 15 -26.04 48.87 52.23
CA ARG B 15 -26.95 49.35 53.26
C ARG B 15 -27.64 48.18 53.95
N THR B 16 -28.60 48.46 54.82
CA THR B 16 -29.28 47.43 55.60
C THR B 16 -30.25 46.61 54.76
N THR B 17 -30.90 47.35 53.90
CA THR B 17 -31.90 46.65 53.09
C THR B 17 -31.21 45.97 51.91
N ASP B 18 -30.95 44.62 52.10
CA ASP B 18 -30.28 43.81 51.07
C ASP B 18 -31.19 42.63 50.73
N VAL B 19 -31.87 42.72 49.59
CA VAL B 19 -32.79 41.66 49.19
C VAL B 19 -32.01 40.40 48.80
N PHE B 20 -30.93 40.57 48.03
CA PHE B 20 -30.15 39.45 47.51
C PHE B 20 -28.85 39.28 48.28
N ASP B 21 -28.13 38.20 47.97
CA ASP B 21 -26.87 37.90 48.63
C ASP B 21 -26.01 37.03 47.72
N ILE B 22 -24.71 37.31 47.71
CA ILE B 22 -23.74 36.60 46.88
C ILE B 22 -22.48 36.42 47.75
N PHE B 23 -22.13 35.18 48.07
CA PHE B 23 -21.07 34.94 49.04
C PHE B 23 -19.86 34.18 48.49
N ASN B 24 -20.06 33.06 47.81
CA ASN B 24 -18.94 32.20 47.41
C ASN B 24 -18.63 32.40 45.94
N VAL B 25 -17.34 32.58 45.61
CA VAL B 25 -16.88 32.80 44.25
C VAL B 25 -15.65 31.93 44.00
N LYS B 26 -15.56 31.36 42.80
CA LYS B 26 -14.43 30.50 42.45
C LYS B 26 -14.12 30.64 40.97
N GLN B 27 -12.88 30.33 40.60
CA GLN B 27 -12.38 30.47 39.24
C GLN B 27 -11.89 29.14 38.73
N TYR B 28 -12.32 28.74 37.52
CA TYR B 28 -11.92 27.50 36.90
C TYR B 28 -11.18 27.80 35.60
N VAL B 29 -10.03 27.15 35.42
CA VAL B 29 -9.14 27.46 34.29
C VAL B 29 -9.40 26.58 33.08
N GLY B 30 -10.37 25.69 33.13
CA GLY B 30 -10.67 24.82 32.01
C GLY B 30 -12.03 24.19 32.16
N ALA B 31 -12.22 23.05 31.51
CA ALA B 31 -13.49 22.34 31.58
C ALA B 31 -13.75 21.90 33.01
N ASN B 32 -14.98 22.09 33.47
CA ASN B 32 -15.34 21.91 34.86
C ASN B 32 -16.71 21.25 34.97
N PRO B 33 -17.17 20.89 36.17
CA PRO B 33 -18.51 20.27 36.30
C PRO B 33 -19.67 21.19 35.94
N TYR B 34 -19.43 22.44 35.52
CA TYR B 34 -20.51 23.36 35.24
C TYR B 34 -20.51 23.91 33.82
N LEU B 35 -19.36 23.91 33.14
CA LEU B 35 -19.27 24.41 31.77
C LEU B 35 -18.07 23.75 31.11
N ASN B 36 -18.04 23.84 29.78
CA ASN B 36 -16.93 23.29 29.00
C ASN B 36 -15.90 24.34 28.64
N GLN B 37 -15.86 25.46 29.36
CA GLN B 37 -14.87 26.51 29.13
C GLN B 37 -14.40 27.01 30.49
N ALA B 38 -13.29 27.74 30.48
CA ALA B 38 -12.84 28.41 31.70
C ALA B 38 -13.90 29.41 32.14
N ALA B 39 -14.14 29.48 33.44
CA ALA B 39 -15.33 30.21 33.88
C ALA B 39 -15.16 30.72 35.31
N LEU B 40 -16.13 31.53 35.71
CA LEU B 40 -16.26 32.05 37.07
C LEU B 40 -17.61 31.61 37.62
N VAL B 41 -17.60 31.04 38.82
CA VAL B 41 -18.77 30.41 39.42
C VAL B 41 -19.08 31.09 40.75
N PHE B 42 -20.35 31.37 41.00
CA PHE B 42 -20.75 31.94 42.27
C PHE B 42 -22.11 31.40 42.69
N ASP B 43 -22.49 31.70 43.93
CA ASP B 43 -23.71 31.20 44.55
C ASP B 43 -24.67 32.34 44.80
N PHE B 44 -25.91 32.18 44.37
CA PHE B 44 -26.96 33.15 44.67
C PHE B 44 -27.60 32.84 46.01
N ALA B 45 -28.25 33.88 46.57
CA ALA B 45 -29.14 33.54 47.67
C ALA B 45 -30.26 34.57 47.74
N PHE B 46 -31.24 34.22 48.60
CA PHE B 46 -32.48 34.97 48.69
C PHE B 46 -32.75 35.28 50.16
N THR B 47 -32.20 36.38 50.66
CA THR B 47 -32.47 36.80 52.02
C THR B 47 -33.92 37.28 52.14
N GLU B 48 -34.57 36.88 53.24
CA GLU B 48 -35.98 37.19 53.46
C GLU B 48 -36.08 38.25 54.56
N SER B 49 -36.02 39.52 54.17
CA SER B 49 -36.32 40.62 55.07
C SER B 49 -37.25 41.60 54.37
N TYR B 50 -37.23 41.58 53.04
CA TYR B 50 -38.10 42.44 52.23
C TYR B 50 -38.41 41.70 50.94
N GLN B 51 -39.67 41.73 50.52
CA GLN B 51 -40.06 41.04 49.30
C GLN B 51 -39.80 41.93 48.09
N PRO B 52 -39.05 41.46 47.10
CA PRO B 52 -38.79 42.27 45.90
C PRO B 52 -39.98 42.26 44.96
N LEU B 53 -39.83 43.03 43.88
CA LEU B 53 -40.86 43.10 42.87
C LEU B 53 -40.87 41.81 42.04
N PRO B 54 -41.98 41.52 41.36
CA PRO B 54 -41.99 40.40 40.42
C PRO B 54 -40.99 40.60 39.28
N ILE B 55 -40.81 39.53 38.50
CA ILE B 55 -39.81 39.53 37.43
C ILE B 55 -40.20 40.51 36.33
N GLU B 56 -41.50 40.66 36.06
CA GLU B 56 -41.94 41.51 34.96
C GLU B 56 -41.53 42.96 35.16
N ASN B 57 -41.43 43.42 36.41
CA ASN B 57 -40.99 44.78 36.67
C ASN B 57 -39.55 44.98 36.19
N TYR B 58 -38.66 44.03 36.52
CA TYR B 58 -37.27 44.17 36.11
C TYR B 58 -37.08 43.95 34.62
N LEU B 59 -37.89 43.07 34.01
CA LEU B 59 -37.70 42.73 32.60
C LEU B 59 -37.86 43.95 31.70
N ALA B 60 -38.92 44.73 31.92
CA ALA B 60 -39.14 45.92 31.12
C ALA B 60 -38.06 46.97 31.35
N VAL B 61 -37.62 47.15 32.60
CA VAL B 61 -36.61 48.16 32.90
C VAL B 61 -35.29 47.82 32.21
N VAL B 62 -34.89 46.55 32.29
CA VAL B 62 -33.59 46.16 31.76
C VAL B 62 -33.61 45.89 30.27
N GLY B 63 -34.79 45.67 29.68
CA GLY B 63 -34.85 45.44 28.24
C GLY B 63 -34.66 46.71 27.44
N ASP B 64 -34.69 47.87 28.09
CA ASP B 64 -34.52 49.13 27.39
C ASP B 64 -33.09 49.29 26.89
N ARG B 65 -32.10 49.04 27.75
CA ARG B 65 -30.71 49.21 27.35
C ARG B 65 -30.27 48.10 26.39
N TYR B 66 -30.63 46.86 26.69
CA TYR B 66 -30.23 45.72 25.87
C TYR B 66 -31.48 44.98 25.39
N PRO B 67 -32.00 45.32 24.20
CA PRO B 67 -33.22 44.66 23.72
C PRO B 67 -33.01 43.22 23.29
N ARG B 68 -31.77 42.74 23.23
CA ARG B 68 -31.51 41.41 22.72
C ARG B 68 -32.11 40.32 23.60
N LEU B 69 -32.14 40.52 24.92
CA LEU B 69 -32.59 39.50 25.85
C LEU B 69 -34.11 39.47 26.03
N LYS B 70 -34.83 40.37 25.36
CA LYS B 70 -36.28 40.43 25.51
C LYS B 70 -36.98 39.26 24.84
N GLU B 71 -36.36 38.64 23.85
CA GLU B 71 -37.02 37.58 23.09
C GLU B 71 -37.24 36.32 23.91
N ILE B 72 -36.32 35.99 24.81
CA ILE B 72 -36.42 34.76 25.59
C ILE B 72 -37.08 35.06 26.93
N GLU B 73 -38.13 34.31 27.24
CA GLU B 73 -38.85 34.43 28.49
C GLU B 73 -38.15 33.62 29.57
N TYR B 74 -38.29 34.05 30.82
CA TYR B 74 -37.59 33.45 31.94
C TYR B 74 -38.59 32.80 32.89
N GLN B 75 -38.05 32.02 33.82
CA GLN B 75 -38.87 31.33 34.81
C GLN B 75 -38.46 31.63 36.24
N SER B 76 -37.37 32.38 36.46
CA SER B 76 -36.92 32.71 37.79
C SER B 76 -36.00 33.91 37.72
N TYR B 77 -35.65 34.44 38.89
CA TYR B 77 -34.76 35.61 38.94
C TYR B 77 -33.35 35.25 38.50
N ALA B 78 -32.92 34.02 38.77
CA ALA B 78 -31.55 33.62 38.44
C ALA B 78 -31.31 33.69 36.94
N GLU B 79 -32.27 33.24 36.14
CA GLU B 79 -32.10 33.25 34.68
C GLU B 79 -31.90 34.68 34.18
N LEU B 80 -32.76 35.61 34.63
CA LEU B 80 -32.65 36.99 34.20
C LEU B 80 -31.33 37.60 34.64
N PHE B 81 -30.92 37.32 35.89
CA PHE B 81 -29.66 37.87 36.39
C PHE B 81 -28.48 37.37 35.56
N ALA B 82 -28.47 36.06 35.27
CA ALA B 82 -27.37 35.50 34.48
C ALA B 82 -27.34 36.08 33.07
N SER B 83 -28.50 36.20 32.43
CA SER B 83 -28.53 36.76 31.08
C SER B 83 -28.05 38.20 31.08
N THR B 84 -28.44 38.99 32.08
CA THR B 84 -27.99 40.37 32.16
C THR B 84 -26.49 40.45 32.32
N VAL B 85 -25.93 39.61 33.21
CA VAL B 85 -24.48 39.62 33.41
C VAL B 85 -23.76 39.23 32.14
N ALA B 86 -24.28 38.22 31.43
CA ALA B 86 -23.64 37.78 30.19
C ALA B 86 -23.67 38.88 29.14
N GLU B 87 -24.79 39.58 29.00
CA GLU B 87 -24.87 40.66 28.03
C GLU B 87 -23.94 41.81 28.38
N VAL B 88 -23.82 42.13 29.67
CA VAL B 88 -22.95 43.22 30.08
C VAL B 88 -21.48 42.86 29.88
N ASN B 89 -21.13 41.57 30.03
CA ASN B 89 -19.73 41.18 30.04
C ASN B 89 -19.01 41.51 28.72
N LYS B 90 -19.73 41.74 27.63
CA LYS B 90 -19.08 42.03 26.36
C LYS B 90 -18.45 43.42 26.31
N LEU B 91 -18.71 44.28 27.29
CA LEU B 91 -18.07 45.58 27.43
C LEU B 91 -18.33 46.50 26.24
N GLU B 92 -19.38 46.23 25.47
CA GLU B 92 -19.73 47.04 24.30
C GLU B 92 -18.59 47.09 23.28
N MET B 93 -17.80 46.02 23.23
CA MET B 93 -16.75 45.85 22.24
C MET B 93 -16.94 44.59 21.41
N ASP B 94 -18.04 43.87 21.63
CA ASP B 94 -18.38 42.67 20.88
C ASP B 94 -17.29 41.60 21.01
N LEU B 95 -17.01 41.22 22.25
CA LEU B 95 -16.10 40.11 22.47
C LEU B 95 -16.78 38.79 22.15
N HIS B 96 -15.99 37.73 22.03
CA HIS B 96 -16.49 36.42 21.63
C HIS B 96 -16.91 35.56 22.81
N LEU B 97 -17.16 36.17 23.96
CA LEU B 97 -17.51 35.43 25.17
C LEU B 97 -19.03 35.32 25.26
N LYS B 98 -19.55 34.13 24.99
CA LYS B 98 -20.98 33.87 25.08
C LYS B 98 -21.19 32.52 25.74
N GLY B 99 -21.98 32.50 26.81
CA GLY B 99 -22.26 31.26 27.50
C GLY B 99 -22.42 31.39 29.00
N TRP B 100 -23.51 30.84 29.53
CA TRP B 100 -23.80 30.91 30.94
C TRP B 100 -24.60 29.68 31.35
N ASN B 101 -24.55 29.35 32.64
CA ASN B 101 -25.29 28.19 33.12
C ASN B 101 -25.76 28.43 34.54
N VAL B 102 -26.89 27.82 34.87
CA VAL B 102 -27.50 27.91 36.19
C VAL B 102 -27.94 26.52 36.63
N LYS B 103 -27.63 26.15 37.87
CA LYS B 103 -28.02 24.85 38.40
C LYS B 103 -28.59 25.02 39.80
N PRO B 104 -29.80 24.55 40.06
CA PRO B 104 -30.35 24.61 41.42
C PRO B 104 -29.88 23.41 42.25
N ILE B 105 -29.14 23.70 43.31
CA ILE B 105 -28.64 22.68 44.22
C ILE B 105 -29.03 23.09 45.64
N GLU B 106 -29.54 22.13 46.41
CA GLU B 106 -30.02 22.38 47.77
C GLU B 106 -31.06 23.48 47.68
N GLU B 107 -30.89 24.61 48.36
CA GLU B 107 -31.78 25.75 48.23
C GLU B 107 -31.19 26.91 47.45
N ILE B 108 -29.85 27.00 47.41
CA ILE B 108 -29.20 28.13 46.74
C ILE B 108 -28.70 27.72 45.37
N ASN B 109 -28.99 28.54 44.37
CA ASN B 109 -28.58 28.27 43.00
C ASN B 109 -27.09 28.52 42.81
N ARG B 110 -26.54 27.92 41.75
CA ARG B 110 -25.16 28.16 41.33
C ARG B 110 -25.17 28.70 39.91
N ILE B 111 -24.35 29.72 39.67
CA ILE B 111 -24.26 30.39 38.37
C ILE B 111 -22.82 30.31 37.89
N ALA B 112 -22.65 29.97 36.61
CA ALA B 112 -21.35 29.94 35.96
C ALA B 112 -21.37 30.83 34.73
N ILE B 113 -20.35 31.67 34.60
CA ILE B 113 -20.23 32.64 33.52
C ILE B 113 -18.88 32.44 32.83
N GLU B 114 -18.89 32.37 31.51
CA GLU B 114 -17.66 32.20 30.75
C GLU B 114 -16.77 33.42 30.87
N SER B 115 -15.46 33.18 31.04
CA SER B 115 -14.55 34.26 31.36
C SER B 115 -13.23 34.06 30.63
N LEU B 116 -12.54 35.17 30.38
CA LEU B 116 -11.19 35.18 29.84
C LEU B 116 -10.20 35.84 30.80
N HIS B 117 -10.53 37.03 31.29
CA HIS B 117 -9.81 37.70 32.37
C HIS B 117 -10.75 37.74 33.56
N HIS B 118 -10.32 37.17 34.69
CA HIS B 118 -11.25 36.89 35.78
C HIS B 118 -11.65 38.17 36.52
N ARG B 119 -10.69 39.08 36.75
CA ARG B 119 -10.99 40.28 37.52
C ARG B 119 -12.07 41.11 36.85
N THR B 120 -12.02 41.22 35.52
CA THR B 120 -13.03 41.99 34.81
C THR B 120 -14.42 41.41 35.03
N THR B 121 -14.55 40.09 34.95
CA THR B 121 -15.86 39.46 35.14
C THR B 121 -16.35 39.65 36.57
N LYS B 122 -15.46 39.55 37.55
CA LYS B 122 -15.87 39.77 38.94
C LYS B 122 -16.40 41.20 39.12
N GLU B 123 -15.68 42.18 38.56
CA GLU B 123 -16.14 43.56 38.68
C GLU B 123 -17.47 43.77 37.97
N VAL B 124 -17.66 43.11 36.83
CA VAL B 124 -18.94 43.21 36.12
C VAL B 124 -20.06 42.68 37.01
N VAL B 125 -19.82 41.55 37.67
CA VAL B 125 -20.85 40.97 38.54
C VAL B 125 -21.20 41.93 39.67
N TYR B 126 -20.18 42.53 40.29
CA TYR B 126 -20.46 43.49 41.37
C TYR B 126 -21.27 44.68 40.86
N CYS B 127 -20.91 45.19 39.68
CA CYS B 127 -21.62 46.35 39.15
C CYS B 127 -23.08 46.02 38.85
N VAL B 128 -23.34 44.84 38.28
CA VAL B 128 -24.73 44.47 38.01
C VAL B 128 -25.50 44.25 39.31
N TRP B 129 -24.85 43.71 40.34
CA TRP B 129 -25.50 43.58 41.63
C TRP B 129 -25.93 44.94 42.17
N ASP B 130 -24.97 46.04 42.05
CA ASP B 130 -25.34 47.38 42.49
C ASP B 130 -26.49 47.94 41.67
N TRP B 131 -26.48 47.62 40.41
CA TRP B 131 -27.54 48.15 39.55
C TRP B 131 -28.90 47.57 39.94
N PHE B 132 -28.96 46.26 40.17
CA PHE B 132 -30.23 45.65 40.58
C PHE B 132 -30.68 46.18 41.93
N GLU B 133 -29.76 46.34 42.88
CA GLU B 133 -30.12 46.88 44.18
C GLU B 133 -30.67 48.29 44.06
N PHE B 134 -30.07 49.11 43.21
CA PHE B 134 -30.59 50.46 42.99
C PHE B 134 -31.95 50.43 42.31
N ILE B 135 -32.16 49.49 41.38
CA ILE B 135 -33.45 49.40 40.72
C ILE B 135 -34.54 49.01 41.71
N THR B 136 -34.20 48.20 42.70
CA THR B 136 -35.20 47.73 43.67
C THR B 136 -35.91 48.87 44.39
N GLN B 137 -35.20 49.94 44.73
CA GLN B 137 -35.78 51.11 45.36
C GLN B 137 -35.66 52.25 44.36
N GLY B 138 -36.79 52.77 43.89
CA GLY B 138 -36.82 53.69 42.77
C GLY B 138 -35.81 54.82 42.88
N GLU B 139 -34.83 54.80 41.99
CA GLU B 139 -33.70 55.72 42.04
C GLU B 139 -33.07 55.78 40.66
N GLU B 140 -31.87 56.34 40.56
CA GLU B 140 -31.14 56.40 39.30
C GLU B 140 -29.74 55.86 39.49
N PHE B 141 -29.22 55.18 38.46
CA PHE B 141 -27.89 54.60 38.48
C PHE B 141 -27.18 54.95 37.18
N ASP B 142 -25.88 55.21 37.28
CA ASP B 142 -25.07 55.59 36.13
C ASP B 142 -24.23 54.41 35.68
N LEU B 143 -24.25 54.13 34.38
CA LEU B 143 -23.55 52.98 33.83
C LEU B 143 -22.26 53.38 33.10
N SER B 144 -22.29 54.53 32.42
CA SER B 144 -21.22 54.90 31.50
C SER B 144 -19.87 55.03 32.20
N LYS B 145 -19.85 55.68 33.36
CA LYS B 145 -18.59 55.89 34.06
C LYS B 145 -17.99 54.56 34.51
N GLN B 146 -18.83 53.65 35.00
CA GLN B 146 -18.36 52.33 35.41
C GLN B 146 -17.84 51.54 34.21
N ILE B 147 -18.56 51.62 33.08
CA ILE B 147 -18.20 50.87 31.89
C ILE B 147 -16.86 51.35 31.36
N ALA B 148 -16.63 52.66 31.39
CA ALA B 148 -15.35 53.20 30.95
C ALA B 148 -14.20 52.66 31.78
N ILE B 149 -14.40 52.62 33.11
CA ILE B 149 -13.39 52.09 34.00
C ILE B 149 -13.13 50.62 33.71
N LEU B 150 -14.20 49.85 33.47
CA LEU B 150 -14.04 48.44 33.17
C LEU B 150 -13.25 48.23 31.89
N GLN B 151 -13.55 49.01 30.85
CA GLN B 151 -12.82 48.89 29.60
C GLN B 151 -11.35 49.23 29.79
N GLN B 152 -11.06 50.30 30.53
CA GLN B 152 -9.67 50.67 30.77
C GLN B 152 -8.96 49.59 31.56
N LEU B 153 -9.66 48.94 32.50
CA LEU B 153 -9.06 47.84 33.24
C LEU B 153 -8.76 46.65 32.35
N PHE B 154 -9.67 46.33 31.42
CA PHE B 154 -9.47 45.19 30.54
C PHE B 154 -8.33 45.43 29.56
N ARG B 155 -8.17 46.67 29.08
CA ARG B 155 -7.15 46.94 28.07
C ARG B 155 -5.74 46.78 28.62
N ASN B 156 -5.55 46.94 29.92
CA ASN B 156 -4.22 46.94 30.51
C ASN B 156 -3.76 45.54 30.95
N SER B 157 -4.49 44.49 30.60
CA SER B 157 -4.14 43.15 31.01
C SER B 157 -3.17 42.54 30.00
N VAL B 158 -2.93 41.23 30.12
CA VAL B 158 -2.11 40.51 29.15
C VAL B 158 -2.94 39.91 28.03
N TYR B 159 -4.26 40.09 28.06
CA TYR B 159 -5.13 39.61 27.00
C TYR B 159 -5.74 40.73 26.16
N GLY B 160 -5.57 41.99 26.56
CA GLY B 160 -6.31 43.09 25.99
C GLY B 160 -5.60 43.96 24.97
N GLY B 161 -4.37 43.62 24.58
CA GLY B 161 -3.67 44.39 23.58
C GLY B 161 -4.41 44.40 22.26
N PRO B 162 -4.33 45.50 21.53
CA PRO B 162 -5.09 45.60 20.27
C PRO B 162 -4.73 44.52 19.26
N THR B 163 -3.46 44.12 19.19
CA THR B 163 -3.05 43.08 18.27
C THR B 163 -3.13 41.69 18.87
N VAL B 164 -2.99 41.57 20.18
CA VAL B 164 -3.07 40.26 20.83
C VAL B 164 -4.48 39.70 20.73
N TYR B 165 -5.48 40.55 20.99
CA TYR B 165 -6.85 40.06 21.00
C TYR B 165 -7.32 39.63 19.61
N ALA B 166 -6.85 40.29 18.56
CA ALA B 166 -7.21 39.87 17.22
C ALA B 166 -6.70 38.47 16.91
N LEU B 167 -5.46 38.18 17.30
CA LEU B 167 -4.92 36.83 17.16
C LEU B 167 -5.70 35.82 17.99
N LEU B 168 -6.07 36.17 19.22
CA LEU B 168 -6.86 35.24 20.03
C LEU B 168 -8.22 34.95 19.40
N ARG B 169 -8.91 35.98 18.89
CA ARG B 169 -10.19 35.76 18.25
C ARG B 169 -10.06 34.89 17.02
N THR B 170 -9.06 35.16 16.18
CA THR B 170 -8.86 34.34 14.98
C THR B 170 -8.54 32.90 15.34
N ALA B 171 -7.72 32.68 16.37
CA ALA B 171 -7.42 31.32 16.79
C ALA B 171 -8.66 30.60 17.30
N ASN B 172 -9.49 31.31 18.07
CA ASN B 172 -10.72 30.70 18.57
C ASN B 172 -11.65 30.32 17.43
N GLU B 173 -11.66 31.12 16.36
CA GLU B 173 -12.52 30.81 15.23
C GLU B 173 -12.09 29.55 14.49
N LYS B 174 -10.80 29.24 14.48
CA LYS B 174 -10.26 28.10 13.74
C LYS B 174 -10.06 26.85 14.58
N HIS B 175 -10.45 26.88 15.86
CA HIS B 175 -10.29 25.75 16.78
C HIS B 175 -8.81 25.38 16.95
N ILE B 176 -8.04 26.33 17.45
CA ILE B 176 -6.63 26.15 17.74
C ILE B 176 -6.41 26.45 19.21
N PRO B 177 -5.75 25.57 19.97
CA PRO B 177 -5.49 25.86 21.38
C PRO B 177 -4.59 27.07 21.54
N ALA B 178 -4.66 27.70 22.72
CA ALA B 178 -3.82 28.84 23.01
C ALA B 178 -3.85 29.09 24.51
N PHE B 179 -2.67 29.28 25.12
CA PHE B 179 -2.65 29.58 26.54
C PHE B 179 -1.39 30.38 26.87
N TYR B 180 -1.47 31.13 27.97
CA TYR B 180 -0.43 32.05 28.38
C TYR B 180 0.55 31.38 29.33
N LEU B 181 1.83 31.69 29.14
CA LEU B 181 2.90 31.13 29.97
C LEU B 181 3.40 32.22 30.90
N TRP B 182 3.08 32.09 32.18
CA TRP B 182 3.62 33.02 33.16
C TRP B 182 5.12 32.77 33.33
N ASP B 183 5.78 33.70 34.00
CA ASP B 183 7.23 33.77 34.20
C ASP B 183 8.02 33.75 32.90
N GLU B 184 7.35 33.87 31.75
CA GLU B 184 8.02 34.11 30.48
C GLU B 184 7.38 35.21 29.65
N GLY B 185 6.12 35.54 29.89
CA GLY B 185 5.45 36.55 29.08
C GLY B 185 5.25 36.15 27.64
N LEU B 186 4.81 34.91 27.40
CA LEU B 186 4.60 34.41 26.05
C LEU B 186 3.24 33.76 25.95
N MET B 187 2.82 33.51 24.72
CA MET B 187 1.58 32.82 24.41
C MET B 187 1.91 31.63 23.53
N GLN B 188 1.31 30.48 23.81
CA GLN B 188 1.60 29.25 23.08
C GLN B 188 0.34 28.79 22.35
N TYR B 189 0.54 28.16 21.18
CA TYR B 189 -0.58 27.84 20.30
C TYR B 189 -0.73 26.34 20.08
N GLY B 190 0.36 25.62 19.91
CA GLY B 190 0.29 24.18 19.69
C GLY B 190 0.55 23.42 20.97
N TYR B 191 0.27 22.11 20.93
CA TYR B 191 0.37 21.33 22.16
C TYR B 191 1.78 20.82 22.42
N GLY B 192 2.23 19.84 21.65
CA GLY B 192 3.44 19.17 22.10
C GLY B 192 4.72 19.43 21.32
N LYS B 193 4.66 19.26 20.02
CA LYS B 193 5.77 19.58 19.14
C LYS B 193 5.32 20.36 17.92
N GLN B 194 4.02 20.61 17.79
CA GLN B 194 3.48 21.58 16.86
C GLN B 194 3.41 22.98 17.48
N GLN B 195 4.04 23.18 18.63
CA GLN B 195 3.90 24.43 19.36
C GLN B 195 4.55 25.58 18.63
N VAL B 196 3.98 26.77 18.80
CA VAL B 196 4.56 28.03 18.38
C VAL B 196 4.40 29.03 19.52
N ARG B 197 5.50 29.63 19.95
CA ARG B 197 5.49 30.62 21.02
C ARG B 197 5.84 31.98 20.45
N GLY B 198 5.19 33.02 20.95
CA GLY B 198 5.53 34.35 20.50
C GLY B 198 4.75 35.41 21.24
N ILE B 199 5.12 36.66 21.00
CA ILE B 199 4.43 37.81 21.59
C ILE B 199 4.17 38.85 20.51
N ALA B 200 2.92 39.31 20.42
CA ALA B 200 2.49 40.29 19.42
C ALA B 200 2.80 39.71 18.04
N THR B 201 3.72 40.29 17.26
CA THR B 201 4.03 39.80 15.93
C THR B 201 5.44 39.25 15.81
N THR B 202 6.10 38.94 16.92
CA THR B 202 7.40 38.29 16.92
C THR B 202 7.23 36.86 17.40
N PHE B 203 7.80 35.92 16.66
CA PHE B 203 7.65 34.51 16.96
C PHE B 203 9.03 33.87 17.15
N ASP B 204 9.02 32.62 17.63
CA ASP B 204 10.27 31.99 18.04
C ASP B 204 11.11 31.52 16.85
N VAL B 205 10.56 31.57 15.64
CA VAL B 205 11.34 31.16 14.48
C VAL B 205 12.12 32.33 13.89
N ASP B 206 11.81 33.55 14.32
CA ASP B 206 12.52 34.72 13.82
C ASP B 206 13.96 34.72 14.32
N SER B 207 14.87 35.19 13.46
CA SER B 207 16.29 35.11 13.74
C SER B 207 16.76 36.31 14.56
N HIS B 208 17.94 36.13 15.18
CA HIS B 208 18.57 37.11 16.06
C HIS B 208 19.45 38.07 15.27
N ILE B 209 20.26 37.51 14.36
CA ILE B 209 21.17 38.33 13.57
C ILE B 209 20.41 39.32 12.70
N ASP B 210 19.38 38.86 11.99
CA ASP B 210 18.66 39.73 11.07
C ASP B 210 17.87 40.80 11.81
N SER B 211 17.22 40.42 12.91
CA SER B 211 16.48 41.39 13.70
C SER B 211 17.41 42.44 14.27
N ASP B 212 18.61 42.04 14.68
CA ASP B 212 19.59 43.01 15.15
C ASP B 212 20.07 43.91 14.02
N PHE B 213 20.29 43.33 12.83
CA PHE B 213 20.84 44.09 11.71
C PHE B 213 19.84 45.10 11.18
N THR B 214 18.55 44.83 11.33
CA THR B 214 17.55 45.78 10.85
C THR B 214 17.68 47.13 11.53
N THR B 215 17.94 47.15 12.83
CA THR B 215 17.98 48.40 13.59
C THR B 215 19.22 49.23 13.29
N GLN B 216 20.20 48.70 12.58
CA GLN B 216 21.42 49.44 12.27
C GLN B 216 21.23 50.17 10.95
N LYS B 217 20.87 51.44 11.02
CA LYS B 217 20.78 52.25 9.81
C LYS B 217 22.18 52.55 9.29
N ASP B 218 22.23 53.07 8.06
CA ASP B 218 23.46 53.42 7.36
C ASP B 218 24.27 52.17 7.00
N ASP B 219 23.77 51.00 7.37
CA ASP B 219 24.31 49.73 6.91
C ASP B 219 23.32 48.94 6.07
N CYS B 220 22.02 49.08 6.37
CA CYS B 220 21.00 48.56 5.46
C CYS B 220 20.99 49.36 4.16
N LYS B 221 21.35 50.64 4.23
CA LYS B 221 21.35 51.48 3.04
C LYS B 221 22.36 50.98 2.02
N LYS B 222 23.58 50.71 2.45
CA LYS B 222 24.59 50.19 1.52
C LYS B 222 24.22 48.81 1.01
N PHE B 223 23.66 47.96 1.86
CA PHE B 223 23.24 46.63 1.45
C PHE B 223 22.17 46.71 0.37
N LEU B 224 21.19 47.58 0.54
CA LEU B 224 20.16 47.75 -0.48
C LEU B 224 20.67 48.49 -1.71
N GLN B 225 21.75 49.25 -1.58
CA GLN B 225 22.29 49.98 -2.72
C GLN B 225 23.14 49.09 -3.60
N GLU B 226 23.80 48.07 -3.04
CA GLU B 226 24.65 47.20 -3.85
C GLU B 226 23.84 46.48 -4.93
N LEU B 227 22.75 45.83 -4.55
CA LEU B 227 21.81 45.31 -5.53
C LEU B 227 20.79 46.41 -5.84
N GLY B 228 20.84 46.92 -7.07
CA GLY B 228 20.31 48.24 -7.34
C GLY B 228 18.86 48.48 -6.97
N PHE B 229 18.65 49.25 -5.91
CA PHE B 229 17.33 49.63 -5.44
C PHE B 229 17.34 51.14 -5.22
N PRO B 230 16.19 51.80 -5.37
CA PRO B 230 16.18 53.28 -5.25
C PRO B 230 16.24 53.72 -3.79
N VAL B 231 17.40 54.26 -3.40
CA VAL B 231 17.56 54.82 -2.06
C VAL B 231 18.17 56.19 -2.17
N PRO B 232 17.75 56.94 -1.15
CA PRO B 232 18.35 58.26 -1.17
C PRO B 232 19.84 58.27 -1.35
N GLN B 233 20.63 59.56 -1.65
CA GLN B 233 22.10 59.62 -1.75
C GLN B 233 22.87 60.56 -0.83
N GLY B 234 22.99 60.16 0.44
CA GLY B 234 23.61 61.07 1.41
C GLY B 234 24.55 60.30 2.36
N ASP B 235 25.25 61.12 3.20
CA ASP B 235 26.09 60.42 4.18
C ASP B 235 26.17 60.88 5.63
N VAL B 236 26.69 59.98 6.46
CA VAL B 236 26.65 60.16 7.89
C VAL B 236 27.45 61.36 8.29
N VAL B 237 27.25 61.97 9.42
CA VAL B 237 28.04 63.06 9.96
C VAL B 237 28.10 63.34 11.45
N PHE B 238 29.52 63.38 11.61
CA PHE B 238 30.08 63.45 12.94
C PHE B 238 30.88 64.74 13.06
N SER B 239 30.95 65.52 12.09
CA SER B 239 31.65 66.79 12.26
C SER B 239 30.65 67.72 12.90
N LEU B 240 29.33 67.52 12.69
CA LEU B 240 28.34 68.46 13.21
C LEU B 240 28.89 69.86 13.02
N ALA B 241 29.40 70.14 11.83
CA ALA B 241 30.00 71.44 11.55
C ALA B 241 29.60 71.92 10.18
N GLU B 242 30.11 71.25 9.16
CA GLU B 242 29.78 71.63 7.79
C GLU B 242 29.76 70.44 6.85
N ALA B 243 30.93 70.05 6.32
CA ALA B 243 30.96 68.97 5.35
C ALA B 243 29.81 69.27 4.42
N LYS B 244 29.63 70.55 4.09
CA LYS B 244 28.55 70.94 3.19
C LYS B 244 29.02 70.64 1.78
N GLU B 245 30.26 70.23 1.63
CA GLU B 245 30.73 69.78 0.33
C GLU B 245 29.83 68.71 -0.22
N VAL B 246 29.49 67.75 0.62
CA VAL B 246 28.65 66.64 0.18
C VAL B 246 27.27 67.15 -0.21
N ALA B 247 26.84 68.23 0.41
CA ALA B 247 25.52 68.73 0.12
C ALA B 247 25.59 69.11 -1.34
N ALA B 248 26.80 69.38 -1.81
CA ALA B 248 26.98 69.68 -3.21
C ALA B 248 27.61 68.53 -3.97
N GLU B 249 28.33 67.65 -3.28
CA GLU B 249 29.04 66.57 -3.95
C GLU B 249 27.85 65.94 -4.60
N ILE B 250 26.77 65.92 -3.85
CA ILE B 250 25.51 65.42 -4.34
C ILE B 250 24.59 66.49 -4.89
N GLY B 251 24.65 66.78 -6.17
CA GLY B 251 23.61 67.57 -6.81
C GLY B 251 23.62 68.82 -5.93
N TYR B 252 22.46 69.27 -5.49
CA TYR B 252 22.43 70.38 -4.55
C TYR B 252 21.64 70.04 -3.32
N PRO B 253 21.78 70.94 -2.30
CA PRO B 253 20.92 70.68 -1.16
C PRO B 253 19.61 71.35 -1.55
N VAL B 254 18.82 70.63 -2.37
CA VAL B 254 17.52 71.17 -2.72
C VAL B 254 16.82 71.27 -1.39
N ALA B 255 16.93 70.23 -0.59
CA ALA B 255 16.31 70.24 0.72
C ALA B 255 16.97 69.19 1.58
N VAL B 256 18.23 69.05 1.24
CA VAL B 256 18.95 68.04 2.02
C VAL B 256 18.49 68.08 3.48
N LYS B 257 17.67 66.92 4.23
CA LYS B 257 17.16 66.89 5.59
C LYS B 257 18.09 66.21 6.58
N PRO B 258 17.80 66.64 7.98
CA PRO B 258 18.65 65.92 8.91
C PRO B 258 17.91 65.25 10.07
N VAL B 259 18.94 64.24 10.59
CA VAL B 259 18.33 63.63 11.78
C VAL B 259 19.31 62.63 12.35
N ALA B 260 19.03 62.10 13.62
CA ALA B 260 19.95 61.09 14.10
C ALA B 260 19.20 59.98 14.81
N GLY B 261 19.94 59.03 15.38
CA GLY B 261 19.33 57.92 16.06
C GLY B 261 19.90 56.63 15.53
N LEU B 277 19.54 78.05 2.01
CA LEU B 277 20.73 77.44 1.36
C LEU B 277 21.71 77.01 2.43
N GLU B 278 23.02 77.22 2.20
CA GLU B 278 24.05 76.86 3.21
C GLU B 278 23.78 77.61 4.51
N ALA B 279 22.95 78.67 4.54
CA ALA B 279 22.23 79.14 5.75
C ALA B 279 21.20 78.80 6.83
N ALA B 280 20.10 78.16 6.44
CA ALA B 280 19.05 77.79 7.40
C ALA B 280 19.58 76.39 7.21
N TYR B 281 20.84 76.11 6.71
CA TYR B 281 21.46 74.81 6.57
C TYR B 281 21.92 74.59 7.98
N ASP B 282 21.39 73.50 8.76
CA ASP B 282 21.73 73.19 10.16
C ASP B 282 21.71 74.42 11.05
N ARG B 283 21.08 75.49 10.58
CA ARG B 283 20.90 76.63 11.46
C ARG B 283 19.50 76.35 11.93
N ALA B 284 18.79 75.45 11.25
CA ALA B 284 17.48 75.09 11.69
C ALA B 284 17.59 74.18 12.89
N VAL B 285 17.99 74.74 14.03
CA VAL B 285 18.19 73.94 15.28
C VAL B 285 19.41 73.02 15.13
N ALA B 286 20.04 73.02 13.95
CA ALA B 286 21.18 72.13 13.72
C ALA B 286 20.84 70.68 14.03
N GLY B 287 19.59 70.31 13.94
CA GLY B 287 19.11 69.06 14.50
C GLY B 287 19.31 68.87 15.98
N ILE B 288 19.67 69.93 16.70
CA ILE B 288 19.83 69.85 18.15
C ILE B 288 20.57 68.56 18.45
N PRO B 289 21.82 68.45 17.99
CA PRO B 289 22.59 67.21 18.16
C PRO B 289 22.35 66.72 19.56
N LEU B 290 21.73 65.56 19.71
CA LEU B 290 21.30 65.11 21.03
C LEU B 290 22.37 64.26 21.65
N GLU B 291 23.35 63.43 20.89
CA GLU B 291 24.27 62.54 21.58
C GLU B 291 25.30 62.42 20.46
N GLU B 292 26.28 61.70 20.65
CA GLU B 292 27.50 61.86 19.85
C GLU B 292 27.25 61.73 18.38
N LYS B 293 27.55 62.88 17.99
CA LYS B 293 27.47 62.85 16.49
C LYS B 293 26.78 62.39 15.15
N ILE B 294 25.43 62.27 15.05
CA ILE B 294 25.01 61.88 13.65
C ILE B 294 24.01 62.81 12.91
N CYS B 295 24.13 63.33 11.79
CA CYS B 295 23.07 63.82 10.84
C CYS B 295 22.34 63.65 9.45
N ILE B 296 22.86 64.27 8.38
CA ILE B 296 22.14 64.47 7.06
C ILE B 296 22.23 63.39 5.98
N ILE B 297 21.35 63.58 4.91
CA ILE B 297 21.34 62.64 3.74
C ILE B 297 20.59 63.53 2.72
N VAL B 298 20.34 63.07 1.49
CA VAL B 298 19.72 63.95 0.44
C VAL B 298 18.36 64.66 0.23
N GLU B 299 17.21 64.03 0.49
CA GLU B 299 15.94 64.70 0.21
C GLU B 299 15.57 64.94 -1.24
N ASN B 300 16.19 64.24 -2.21
CA ASN B 300 15.81 64.36 -3.61
C ASN B 300 14.46 63.68 -3.70
N SER B 301 14.27 62.66 -2.84
CA SER B 301 13.03 61.93 -2.85
C SER B 301 12.20 62.84 -1.97
N ILE B 302 11.74 63.92 -2.54
CA ILE B 302 10.93 64.85 -1.79
C ILE B 302 9.56 64.73 -2.39
N ALA B 303 9.30 63.62 -3.05
CA ALA B 303 8.01 63.40 -3.66
C ALA B 303 7.11 63.41 -2.45
N GLY B 304 5.84 63.76 -2.62
CA GLY B 304 4.99 63.84 -1.46
C GLY B 304 4.39 62.97 -0.38
N HIS B 305 3.87 61.81 -0.73
CA HIS B 305 3.37 60.92 0.30
C HIS B 305 4.06 59.86 1.13
N ASP B 306 3.37 59.32 2.13
CA ASP B 306 3.97 58.33 3.01
C ASP B 306 3.11 57.09 2.90
N TYR B 307 3.73 55.98 2.48
CA TYR B 307 3.05 54.71 2.30
C TYR B 307 3.74 53.63 3.11
N ARG B 308 2.94 52.69 3.60
CA ARG B 308 3.41 51.55 4.38
C ARG B 308 3.00 50.28 3.66
N LEU B 309 3.97 49.38 3.45
CA LEU B 309 3.72 48.09 2.83
C LEU B 309 4.04 46.98 3.82
N LEU B 310 3.23 45.92 3.81
CA LEU B 310 3.37 44.81 4.73
C LEU B 310 3.60 43.53 3.94
N CYS B 311 4.57 42.72 4.39
CA CYS B 311 4.85 41.43 3.78
C CYS B 311 4.80 40.35 4.85
N VAL B 312 4.07 39.27 4.57
CA VAL B 312 3.96 38.13 5.47
C VAL B 312 4.42 36.90 4.70
N ASN B 313 5.44 36.22 5.23
CA ASN B 313 5.99 35.01 4.61
C ASN B 313 6.52 35.30 3.21
N GLY B 314 6.99 36.51 2.97
CA GLY B 314 7.57 36.86 1.69
C GLY B 314 6.58 37.22 0.61
N ARG B 315 5.31 37.45 0.95
CA ARG B 315 4.27 37.76 -0.01
C ARG B 315 3.61 39.08 0.35
N PHE B 316 3.21 39.83 -0.68
CA PHE B 316 2.63 41.14 -0.49
C PHE B 316 1.22 41.04 0.06
N VAL B 317 0.95 41.75 1.15
CA VAL B 317 -0.37 41.75 1.80
C VAL B 317 -0.60 43.17 2.33
N ALA B 318 -1.60 43.86 1.77
CA ALA B 318 -2.07 45.15 2.28
C ALA B 318 -1.07 46.30 2.10
N ALA B 319 -1.60 47.51 1.95
CA ALA B 319 -0.81 48.74 1.86
C ALA B 319 -1.66 49.89 2.40
N THR B 320 -0.99 50.94 2.87
CA THR B 320 -1.74 52.00 3.56
C THR B 320 -1.05 53.35 3.39
N GLU B 321 -1.84 54.41 3.19
CA GLU B 321 -1.34 55.77 3.04
C GLU B 321 -1.62 56.57 4.30
N ARG B 322 -0.61 57.29 4.80
CA ARG B 322 -0.73 58.08 6.01
C ARG B 322 -1.05 59.53 5.67
N LYS B 323 -2.06 60.10 6.35
CA LYS B 323 -2.44 61.49 6.11
C LYS B 323 -2.62 62.21 7.45
N PRO B 324 -2.05 63.39 7.62
CA PRO B 324 -2.18 64.12 8.88
C PRO B 324 -3.48 64.89 8.95
N ALA B 325 -3.65 65.70 10.01
CA ALA B 325 -4.91 66.45 10.20
C ALA B 325 -5.08 67.76 9.39
N TYR B 326 -6.28 68.36 9.44
CA TYR B 326 -6.55 69.59 8.68
C TYR B 326 -7.70 70.44 9.24
N VAL B 327 -7.96 71.49 8.97
CA VAL B 327 -9.00 72.33 9.55
C VAL B 327 -9.59 73.24 8.47
N VAL B 328 -10.61 73.14 8.72
CA VAL B 328 -11.27 74.02 7.74
C VAL B 328 -12.31 74.86 8.47
N GLY B 329 -12.05 76.42 8.27
CA GLY B 329 -12.99 77.30 8.92
C GLY B 329 -12.95 78.69 8.29
N ASP B 330 -13.34 79.71 9.05
CA ASP B 330 -13.27 81.07 8.53
C ASP B 330 -13.16 82.16 9.60
N GLY B 331 -13.08 83.40 9.14
CA GLY B 331 -12.94 84.53 10.06
C GLY B 331 -13.73 84.43 11.33
N TYR B 332 -15.00 84.09 11.21
CA TYR B 332 -15.87 83.97 12.37
C TYR B 332 -15.27 83.11 13.47
N SER B 333 -14.26 82.31 13.14
CA SER B 333 -13.71 81.39 14.11
C SER B 333 -12.23 81.56 14.39
N THR B 334 -11.75 80.97 15.46
CA THR B 334 -10.34 81.02 15.81
C THR B 334 -9.76 79.61 15.85
N ILE B 335 -8.44 79.51 15.71
CA ILE B 335 -7.81 78.19 15.64
C ILE B 335 -8.26 77.32 16.80
N ALA B 336 -8.13 77.83 18.03
CA ALA B 336 -8.41 77.00 19.21
C ALA B 336 -9.89 76.66 19.30
N GLU B 337 -10.77 77.65 19.06
CA GLU B 337 -12.20 77.39 19.15
C GLU B 337 -12.64 76.38 18.08
N LEU B 338 -12.13 76.51 16.86
CA LEU B 338 -12.49 75.57 15.81
C LEU B 338 -11.97 74.17 16.13
N ILE B 339 -10.74 74.08 16.66
CA ILE B 339 -10.19 72.78 17.03
C ILE B 339 -11.05 72.13 18.11
N GLU B 340 -11.47 72.91 19.11
CA GLU B 340 -12.33 72.38 20.15
C GLU B 340 -13.69 71.96 19.61
N LYS B 341 -14.24 72.74 18.68
CA LYS B 341 -15.52 72.38 18.08
C LYS B 341 -15.43 71.08 17.29
N GLU B 342 -14.35 70.90 16.53
CA GLU B 342 -14.20 69.66 15.76
C GLU B 342 -13.87 68.49 16.67
N ASN B 343 -13.23 68.75 17.80
CA ASN B 343 -12.89 67.68 18.73
C ASN B 343 -14.13 67.06 19.35
N PHE B 344 -15.25 67.77 19.32
CA PHE B 344 -16.49 67.22 19.88
C PHE B 344 -17.32 66.50 18.82
N SER B 345 -16.78 66.36 17.61
CA SER B 345 -17.52 65.70 16.55
C SER B 345 -17.77 64.23 16.91
N PRO B 346 -18.94 63.68 16.59
CA PRO B 346 -19.25 62.31 17.01
C PRO B 346 -18.32 61.25 16.41
N ASN B 347 -17.88 61.45 15.17
CA ASN B 347 -17.01 60.44 14.55
C ASN B 347 -15.63 60.43 15.21
N ARG B 348 -15.20 61.57 15.74
CA ARG B 348 -13.90 61.68 16.39
C ARG B 348 -13.98 61.47 17.90
N SER B 349 -15.15 61.13 18.42
CA SER B 349 -15.29 60.89 19.85
C SER B 349 -14.42 59.71 20.28
N ASP B 350 -13.74 59.86 21.40
CA ASP B 350 -12.77 58.86 21.85
C ASP B 350 -13.31 57.63 22.56
N THR B 351 -13.32 56.48 21.86
CA THR B 351 -13.79 55.19 22.33
C THR B 351 -12.97 54.11 21.64
N PRO B 352 -12.89 52.89 22.18
CA PRO B 352 -12.18 51.82 21.46
C PRO B 352 -12.80 51.60 20.10
N THR B 353 -14.12 51.74 19.98
CA THR B 353 -14.78 51.55 18.70
C THR B 353 -14.37 52.53 17.61
N SER B 354 -14.24 53.81 17.96
CA SER B 354 -13.94 54.82 16.96
C SER B 354 -12.51 54.68 16.45
N PRO B 355 -12.27 54.79 15.15
CA PRO B 355 -10.89 54.65 14.65
C PRO B 355 -10.02 55.87 14.94
N MET B 356 -10.57 57.08 14.81
CA MET B 356 -9.81 58.30 15.03
C MET B 356 -9.72 58.57 16.53
N GLY B 357 -9.22 59.76 16.89
CA GLY B 357 -9.06 60.08 18.29
C GLY B 357 -9.02 61.57 18.51
N LYS B 358 -8.90 61.95 19.78
CA LYS B 358 -8.89 63.35 20.19
C LYS B 358 -7.72 64.09 19.57
N ILE B 359 -7.98 65.30 19.08
CA ILE B 359 -6.92 66.11 18.50
C ILE B 359 -6.13 66.78 19.62
N ARG B 360 -4.82 66.59 19.60
CA ARG B 360 -3.93 67.15 20.60
C ARG B 360 -2.92 68.06 19.92
N THR B 361 -2.23 68.86 20.73
CA THR B 361 -1.25 69.81 20.24
C THR B 361 0.08 69.57 20.96
N ASP B 362 1.15 70.01 20.31
CA ASP B 362 2.50 69.83 20.83
C ASP B 362 3.41 70.87 20.18
N GLU B 363 4.70 70.82 20.54
CA GLU B 363 5.67 71.77 20.02
C GLU B 363 5.82 71.70 18.51
N ALA B 364 5.61 70.53 17.90
CA ALA B 364 5.75 70.40 16.46
C ALA B 364 4.71 71.26 15.73
N MET B 365 3.50 71.33 16.28
CA MET B 365 2.47 72.19 15.69
C MET B 365 2.90 73.65 15.69
N HIS B 366 3.42 74.13 16.83
CA HIS B 366 3.91 75.50 16.91
C HIS B 366 5.10 75.70 15.97
N LEU B 367 5.98 74.70 15.89
CA LEU B 367 7.14 74.80 15.00
C LEU B 367 6.72 74.93 13.54
N TYR B 368 5.70 74.19 13.13
CA TYR B 368 5.24 74.26 11.76
C TYR B 368 4.38 75.48 11.47
N LEU B 369 3.72 76.05 12.49
CA LEU B 369 2.82 77.17 12.25
C LEU B 369 3.53 78.52 12.16
N GLU B 370 4.84 78.54 11.90
CA GLU B 370 5.54 79.82 11.80
C GLU B 370 5.55 80.35 10.38
N GLU B 371 5.30 79.48 9.39
CA GLU B 371 5.42 79.89 7.99
C GLU B 371 4.42 80.98 7.65
N GLN B 372 3.13 80.66 7.73
CA GLN B 372 2.07 81.62 7.39
C GLN B 372 1.00 81.78 8.47
N GLY B 373 0.70 80.72 9.23
CA GLY B 373 -0.32 80.83 10.25
C GLY B 373 0.17 81.50 11.52
N LEU B 374 -0.75 81.74 12.45
CA LEU B 374 -0.41 82.31 13.75
C LEU B 374 -0.96 81.42 14.85
N ASP B 375 -0.10 81.51 16.01
CA ASP B 375 -0.44 80.64 17.12
C ASP B 375 -1.76 81.08 17.74
N LEU B 376 -2.85 80.45 17.32
CA LEU B 376 -4.17 80.64 17.91
C LEU B 376 -4.67 82.07 17.75
N ASP B 377 -4.23 82.78 16.83
CA ASP B 377 -4.64 84.17 16.63
C ASP B 377 -4.98 84.46 15.18
N SER B 378 -4.54 83.61 14.26
CA SER B 378 -4.80 83.84 12.85
C SER B 378 -6.29 83.72 12.54
N VAL B 379 -6.25 84.55 11.44
CA VAL B 379 -7.64 84.50 10.98
C VAL B 379 -7.65 83.83 9.62
N ILE B 380 -8.34 82.70 9.52
CA ILE B 380 -8.42 81.94 8.28
C ILE B 380 -9.35 82.69 7.33
N ASP B 381 -8.80 83.17 6.22
CA ASP B 381 -9.55 83.99 5.27
C ASP B 381 -10.60 83.17 4.53
N ARG B 382 -10.73 82.07 3.95
CA ARG B 382 -11.67 81.34 3.11
C ARG B 382 -11.38 79.85 3.25
N ASP B 383 -11.87 78.96 2.40
CA ASP B 383 -11.75 77.51 2.47
C ASP B 383 -10.32 76.98 2.45
N ARG B 384 -9.33 77.83 2.17
CA ARG B 384 -7.94 77.40 2.23
C ARG B 384 -7.77 76.67 3.56
N THR B 385 -7.33 75.49 3.39
CA THR B 385 -7.03 74.32 4.21
C THR B 385 -5.65 74.34 4.82
N ILE B 386 -5.55 73.86 6.13
CA ILE B 386 -4.22 73.76 6.70
C ILE B 386 -3.94 72.33 7.08
N TYR B 387 -2.67 71.99 7.17
CA TYR B 387 -2.30 70.61 7.50
C TYR B 387 -1.75 70.56 8.89
N LEU B 388 -1.43 71.48 9.51
CA LEU B 388 -0.99 71.43 10.91
C LEU B 388 0.36 70.70 10.92
N ARG B 389 0.50 69.66 11.71
CA ARG B 389 1.76 68.94 11.74
C ARG B 389 2.15 68.47 10.34
N LYS B 390 3.45 68.34 10.08
CA LYS B 390 3.89 67.82 8.79
C LYS B 390 3.88 66.30 8.77
N VAL B 391 4.67 65.68 9.65
CA VAL B 391 4.72 64.22 9.75
C VAL B 391 3.50 63.77 10.54
N ALA B 392 2.68 62.91 9.94
CA ALA B 392 1.43 62.50 10.56
C ALA B 392 1.69 61.69 11.83
N ASN B 393 0.88 61.96 12.84
CA ASN B 393 0.91 61.20 14.09
C ASN B 393 -0.48 60.63 14.33
N LEU B 394 -0.59 59.30 14.25
CA LEU B 394 -1.87 58.63 14.35
C LEU B 394 -2.55 58.81 15.71
N SER B 395 -1.77 59.08 16.76
CA SER B 395 -2.39 59.35 18.06
C SER B 395 -2.99 60.75 18.11
N SER B 396 -2.32 61.72 17.49
CA SER B 396 -2.74 63.12 17.54
C SER B 396 -3.57 63.44 16.30
N GLY B 397 -4.76 62.85 16.23
CA GLY B 397 -5.74 63.21 15.22
C GLY B 397 -5.36 62.99 13.78
N GLY B 398 -4.33 62.17 13.53
CA GLY B 398 -3.98 61.77 12.18
C GLY B 398 -4.78 60.53 11.79
N PHE B 399 -4.70 60.19 10.50
CA PHE B 399 -5.47 59.04 10.06
C PHE B 399 -4.79 58.38 8.86
N SER B 400 -5.39 57.28 8.40
CA SER B 400 -4.82 56.44 7.37
C SER B 400 -5.92 55.99 6.42
N ILE B 401 -5.53 55.67 5.19
CA ILE B 401 -6.47 55.27 4.17
C ILE B 401 -5.94 54.06 3.41
N ASP B 402 -6.85 53.15 3.09
CA ASP B 402 -6.51 51.91 2.39
C ASP B 402 -6.09 52.20 0.96
N ALA B 403 -5.02 51.53 0.51
CA ALA B 403 -4.51 51.71 -0.84
C ALA B 403 -4.06 50.39 -1.46
N THR B 404 -4.70 49.28 -1.09
CA THR B 404 -4.20 47.98 -1.51
C THR B 404 -4.45 47.72 -2.99
N ASN B 405 -5.55 48.22 -3.54
CA ASN B 405 -5.95 47.88 -4.90
C ASN B 405 -5.38 48.82 -5.95
N ARG B 406 -4.54 49.78 -5.57
CA ARG B 406 -4.01 50.73 -6.54
C ARG B 406 -2.49 50.71 -6.57
N VAL B 407 -1.88 49.53 -6.60
CA VAL B 407 -0.43 49.38 -6.58
C VAL B 407 0.01 48.70 -7.87
N HIS B 408 1.02 49.27 -8.52
CA HIS B 408 1.52 48.73 -9.77
C HIS B 408 2.23 47.41 -9.52
N PRO B 409 2.21 46.48 -10.49
CA PRO B 409 2.92 45.21 -10.30
C PRO B 409 4.41 45.35 -10.06
N ASP B 410 5.06 46.35 -10.65
CA ASP B 410 6.50 46.50 -10.47
C ASP B 410 6.85 46.73 -9.00
N ASN B 411 6.08 47.56 -8.32
CA ASN B 411 6.33 47.82 -6.91
C ASN B 411 6.13 46.56 -6.07
N ILE B 412 5.14 45.74 -6.44
CA ILE B 412 4.92 44.49 -5.73
C ILE B 412 6.13 43.57 -5.88
N ILE B 413 6.65 43.47 -7.10
CA ILE B 413 7.81 42.61 -7.32
C ILE B 413 9.02 43.13 -6.57
N LEU B 414 9.17 44.45 -6.52
CA LEU B 414 10.26 45.05 -5.76
C LEU B 414 10.15 44.69 -4.27
N ALA B 415 8.95 44.78 -3.71
CA ALA B 415 8.75 44.45 -2.31
C ALA B 415 9.09 42.99 -2.03
N GLN B 416 8.64 42.09 -2.92
CA GLN B 416 8.97 40.68 -2.74
C GLN B 416 10.48 40.45 -2.77
N ASP B 417 11.17 41.12 -3.69
CA ASP B 417 12.61 40.96 -3.79
C ASP B 417 13.31 41.44 -2.53
N ILE B 418 12.88 42.57 -1.99
CA ILE B 418 13.47 43.05 -0.73
C ILE B 418 13.22 42.05 0.39
N ALA B 419 11.99 41.57 0.51
CA ALA B 419 11.60 40.77 1.66
C ALA B 419 12.14 39.35 1.63
N GLN B 420 12.57 38.84 0.48
CA GLN B 420 13.06 37.46 0.45
C GLN B 420 14.44 37.28 1.07
N HIS B 421 15.13 38.34 1.45
CA HIS B 421 16.51 38.25 1.90
C HIS B 421 16.66 38.10 3.42
N PHE B 422 15.57 38.11 4.19
CA PHE B 422 15.65 38.11 5.64
C PHE B 422 14.90 36.90 6.21
N ARG B 423 15.34 36.46 7.38
CA ARG B 423 14.71 35.34 8.08
C ARG B 423 13.74 35.87 9.14
N LEU B 424 12.68 36.49 8.64
CA LEU B 424 11.62 37.04 9.48
C LEU B 424 10.27 36.66 8.90
N THR B 425 9.25 36.69 9.75
CA THR B 425 7.91 36.32 9.30
C THR B 425 7.13 37.51 8.76
N CYS B 426 7.13 38.63 9.48
CA CYS B 426 6.44 39.83 9.07
C CYS B 426 7.46 40.96 8.88
N LEU B 427 7.33 41.70 7.77
CA LEU B 427 8.25 42.78 7.46
C LEU B 427 7.46 43.99 7.00
N GLY B 428 7.87 45.16 7.44
CA GLY B 428 7.21 46.41 7.08
C GLY B 428 8.17 47.36 6.37
N ILE B 429 7.68 48.01 5.32
CA ILE B 429 8.51 48.84 4.46
C ILE B 429 7.88 50.22 4.34
N ASP B 430 8.68 51.27 4.50
CA ASP B 430 8.23 52.65 4.43
C ASP B 430 8.70 53.29 3.13
N ILE B 431 7.74 53.83 2.37
CA ILE B 431 7.99 54.34 1.02
C ILE B 431 7.51 55.78 0.94
N ILE B 432 8.28 56.60 0.22
CA ILE B 432 7.86 57.95 -0.12
C ILE B 432 7.93 58.11 -1.63
N THR B 433 6.82 58.54 -2.23
CA THR B 433 6.71 58.57 -3.68
C THR B 433 5.64 59.57 -4.08
N ASN B 434 5.65 59.93 -5.36
CA ASN B 434 4.68 60.86 -5.91
C ASN B 434 3.37 60.19 -6.28
N ASP B 435 3.44 59.08 -7.02
CA ASP B 435 2.26 58.36 -7.48
C ASP B 435 2.48 56.87 -7.30
N ILE B 436 1.61 56.23 -6.53
CA ILE B 436 1.75 54.79 -6.27
C ILE B 436 1.27 53.94 -7.44
N GLY B 437 0.64 54.54 -8.43
CA GLY B 437 0.12 53.81 -9.58
C GLY B 437 1.06 53.64 -10.74
N ARG B 438 2.27 54.18 -10.69
CA ARG B 438 3.22 54.08 -11.79
C ARG B 438 4.53 53.46 -11.30
N SER B 439 5.28 52.91 -12.24
CA SER B 439 6.48 52.15 -11.89
C SER B 439 7.52 53.04 -11.23
N TRP B 440 8.31 52.43 -10.35
CA TRP B 440 9.39 53.14 -9.69
C TRP B 440 10.50 53.53 -10.65
N LYS B 441 10.51 52.98 -11.86
CA LYS B 441 11.50 53.34 -12.86
C LYS B 441 11.05 54.51 -13.72
N GLU B 442 9.92 55.15 -13.40
CA GLU B 442 9.42 56.28 -14.17
C GLU B 442 9.17 57.54 -13.35
N THR B 443 9.11 57.46 -12.03
CA THR B 443 8.79 58.61 -11.19
C THR B 443 9.79 58.72 -10.04
N SER B 444 9.48 59.59 -9.09
CA SER B 444 10.30 59.76 -7.89
C SER B 444 9.90 58.72 -6.86
N PHE B 445 10.86 57.93 -6.42
CA PHE B 445 10.61 56.81 -5.51
C PHE B 445 11.70 56.76 -4.46
N GLY B 446 11.32 56.43 -3.23
CA GLY B 446 12.32 56.33 -2.18
C GLY B 446 11.96 55.40 -1.05
N ILE B 447 12.92 54.56 -0.66
CA ILE B 447 12.78 53.63 0.46
C ILE B 447 13.42 54.29 1.68
N ILE B 448 12.66 54.40 2.77
CA ILE B 448 13.15 55.11 3.95
C ILE B 448 13.77 54.16 4.97
N GLU B 449 13.05 53.10 5.36
CA GLU B 449 13.55 52.19 6.37
C GLU B 449 12.75 50.89 6.31
N ILE B 450 13.27 49.88 7.00
CA ILE B 450 12.59 48.59 7.14
C ILE B 450 12.49 48.26 8.63
N ASN B 451 11.36 47.69 9.03
CA ASN B 451 11.06 47.42 10.43
C ASN B 451 10.82 45.93 10.64
N ALA B 452 11.17 45.43 11.82
CA ALA B 452 11.17 44.01 12.07
C ALA B 452 9.91 43.51 12.77
N ALA B 453 9.28 44.30 13.62
CA ALA B 453 8.08 43.90 14.35
C ALA B 453 7.00 44.94 14.14
N PRO B 454 6.38 44.97 12.98
CA PRO B 454 5.44 46.03 12.65
C PRO B 454 4.13 45.90 13.42
N GLY B 455 3.47 47.05 13.58
CA GLY B 455 2.12 47.07 14.12
C GLY B 455 1.13 46.95 12.98
N VAL B 456 0.16 46.06 13.13
CA VAL B 456 -0.76 45.72 12.05
C VAL B 456 -2.18 46.16 12.36
N TYR B 457 -2.37 47.03 13.35
CA TYR B 457 -3.72 47.45 13.69
C TYR B 457 -4.27 48.45 12.67
N MET B 458 -3.40 49.27 12.08
CA MET B 458 -3.85 50.25 11.10
C MET B 458 -4.41 49.59 9.85
N HIS B 459 -4.02 48.35 9.55
CA HIS B 459 -4.56 47.66 8.39
C HIS B 459 -5.88 46.96 8.68
N LEU B 460 -6.23 46.74 9.95
CA LEU B 460 -7.45 46.05 10.31
C LEU B 460 -8.65 46.96 10.45
N LYS B 461 -8.45 48.18 10.95
CA LYS B 461 -9.54 49.12 11.19
C LYS B 461 -9.15 50.47 10.59
N PRO B 462 -9.21 50.62 9.28
CA PRO B 462 -8.85 51.88 8.65
C PRO B 462 -9.93 52.94 8.81
N ALA B 463 -9.51 54.19 8.67
CA ALA B 463 -10.45 55.30 8.78
C ALA B 463 -11.46 55.27 7.63
N ILE B 464 -10.98 55.14 6.40
CA ILE B 464 -11.84 55.03 5.22
C ILE B 464 -11.27 53.96 4.31
N GLY B 465 -12.11 53.03 3.89
CA GLY B 465 -11.72 51.92 3.05
C GLY B 465 -12.25 50.60 3.57
N GLU B 466 -11.76 49.53 2.99
CA GLU B 466 -12.15 48.20 3.40
C GLU B 466 -11.10 47.57 4.30
N PRO B 467 -11.49 46.76 5.26
CA PRO B 467 -10.52 46.05 6.09
C PRO B 467 -9.90 44.86 5.36
N VAL B 468 -8.74 44.45 5.86
CA VAL B 468 -8.02 43.28 5.37
C VAL B 468 -7.68 42.39 6.55
N ASP B 469 -7.96 41.10 6.43
CA ASP B 469 -7.72 40.14 7.50
C ASP B 469 -6.30 39.62 7.37
N VAL B 470 -5.37 40.20 8.13
CA VAL B 470 -3.98 39.78 8.04
C VAL B 470 -3.65 38.70 9.07
N THR B 471 -4.37 38.67 10.19
CA THR B 471 -4.13 37.64 11.20
C THR B 471 -4.42 36.25 10.68
N ALA B 472 -5.39 36.13 9.77
CA ALA B 472 -5.65 34.84 9.14
C ALA B 472 -4.45 34.37 8.35
N ARG B 473 -3.80 35.28 7.61
CA ARG B 473 -2.60 34.93 6.87
C ARG B 473 -1.47 34.52 7.82
N ILE B 474 -1.31 35.30 8.91
CA ILE B 474 -0.25 34.98 9.86
C ILE B 474 -0.44 33.59 10.45
N LEU B 475 -1.67 33.24 10.81
CA LEU B 475 -1.92 31.93 11.40
C LEU B 475 -1.84 30.81 10.36
N GLU B 476 -2.31 31.04 9.14
CA GLU B 476 -2.20 30.03 8.09
C GLU B 476 -0.77 29.76 7.68
N THR B 477 0.15 30.68 7.98
CA THR B 477 1.56 30.38 7.74
C THR B 477 2.00 29.11 8.46
N PHE B 478 1.49 28.89 9.67
CA PHE B 478 1.96 27.79 10.49
C PHE B 478 1.06 26.56 10.46
N PHE B 479 -0.24 26.72 10.72
CA PHE B 479 -1.17 25.60 10.82
C PHE B 479 -2.10 25.62 9.62
N GLU B 480 -2.07 24.55 8.82
CA GLU B 480 -2.98 24.44 7.69
C GLU B 480 -4.40 24.11 8.17
N THR B 481 -4.52 23.17 9.09
CA THR B 481 -5.81 22.79 9.67
C THR B 481 -5.65 22.66 11.18
N GLU B 482 -6.73 22.28 11.86
CA GLU B 482 -6.65 22.09 13.30
C GLU B 482 -5.89 20.81 13.66
N LYS B 483 -5.98 19.78 12.82
CA LYS B 483 -5.26 18.54 13.09
C LYS B 483 -3.76 18.75 13.17
N ASN B 484 -3.25 19.82 12.57
CA ASN B 484 -1.84 20.14 12.61
C ASN B 484 -1.43 20.85 13.89
N ALA B 485 -2.29 20.85 14.91
CA ALA B 485 -1.93 21.56 16.13
C ALA B 485 -2.20 20.72 17.38
N ARG B 486 -2.32 19.40 17.26
CA ARG B 486 -2.71 18.56 18.38
C ARG B 486 -1.90 17.27 18.37
N ILE B 487 -1.86 16.62 19.52
CA ILE B 487 -1.23 15.30 19.68
C ILE B 487 -2.22 14.39 20.40
N PRO B 488 -2.06 13.07 20.26
CA PRO B 488 -2.97 12.16 20.95
C PRO B 488 -2.86 12.18 22.47
N ILE B 489 -4.01 12.07 23.12
CA ILE B 489 -4.16 12.20 24.56
C ILE B 489 -4.99 11.02 25.08
N ILE B 490 -4.57 10.45 26.21
CA ILE B 490 -5.29 9.40 26.90
C ILE B 490 -5.52 9.84 28.34
N THR B 491 -6.73 9.66 28.85
CA THR B 491 -7.09 10.11 30.18
C THR B 491 -7.75 8.99 30.97
N PHE B 492 -7.34 8.85 32.24
CA PHE B 492 -7.88 7.90 33.18
C PHE B 492 -8.59 8.64 34.31
N ASN B 493 -9.10 7.89 35.28
CA ASN B 493 -9.54 8.46 36.54
C ASN B 493 -8.97 7.76 37.75
N ARG B 494 -8.31 6.61 37.58
CA ARG B 494 -7.60 5.92 38.65
C ARG B 494 -6.64 4.95 38.02
N VAL B 495 -5.34 5.13 38.25
CA VAL B 495 -4.32 4.29 37.63
C VAL B 495 -3.09 4.27 38.53
N SER B 496 -2.23 3.29 38.32
CA SER B 496 -1.00 3.10 39.09
C SER B 496 0.21 3.14 38.18
N ILE B 497 1.37 3.34 38.79
CA ILE B 497 2.60 3.60 38.04
C ILE B 497 3.05 2.35 37.27
N ARG B 498 2.85 1.17 37.86
CA ARG B 498 3.24 -0.06 37.19
C ARG B 498 2.45 -0.25 35.89
N GLN B 499 1.16 0.03 35.94
CA GLN B 499 0.33 -0.04 34.73
C GLN B 499 0.81 0.96 33.69
N LEU B 500 1.19 2.16 34.13
CA LEU B 500 1.70 3.15 33.19
C LEU B 500 2.96 2.66 32.50
N GLN B 501 3.87 2.04 33.25
CA GLN B 501 5.09 1.52 32.65
C GLN B 501 4.77 0.40 31.65
N LYS B 502 3.84 -0.48 32.00
CA LYS B 502 3.45 -1.54 31.07
C LYS B 502 2.89 -0.96 29.78
N LEU B 503 2.01 0.04 29.89
CA LEU B 503 1.40 0.64 28.72
C LEU B 503 2.44 1.33 27.85
N SER B 504 3.34 2.10 28.46
CA SER B 504 4.37 2.79 27.69
C SER B 504 5.27 1.80 26.97
N ASP B 505 5.67 0.73 27.65
CA ASP B 505 6.50 -0.29 27.02
C ASP B 505 5.79 -0.98 25.87
N ARG B 506 4.49 -1.27 26.01
CA ARG B 506 3.77 -1.86 24.89
C ARG B 506 3.71 -0.92 23.70
N ILE B 507 3.48 0.37 23.95
CA ILE B 507 3.39 1.32 22.84
C ILE B 507 4.73 1.46 22.14
N LEU B 508 5.82 1.48 22.91
CA LEU B 508 7.15 1.69 22.33
C LEU B 508 7.58 0.58 21.38
N MET B 509 6.96 -0.60 21.45
CA MET B 509 7.37 -1.69 20.57
C MET B 509 7.02 -1.43 19.11
N SER B 510 6.00 -0.61 18.84
CA SER B 510 5.61 -0.31 17.47
C SER B 510 6.13 1.02 16.97
N HIS B 511 6.42 1.96 17.85
CA HIS B 511 6.98 3.27 17.50
C HIS B 511 8.21 3.49 18.35
N PRO B 512 9.33 2.85 18.02
CA PRO B 512 10.49 2.88 18.91
C PRO B 512 11.13 4.25 19.08
N ASP B 513 10.81 5.21 18.21
CA ASP B 513 11.48 6.51 18.21
C ASP B 513 10.58 7.64 18.71
N TRP B 514 9.56 7.31 19.50
CA TRP B 514 8.64 8.31 20.00
C TRP B 514 9.09 8.84 21.36
N THR B 515 8.33 9.77 21.90
CA THR B 515 8.55 10.31 23.25
C THR B 515 7.19 10.41 23.93
N ILE B 516 7.03 9.69 25.03
CA ILE B 516 5.75 9.52 25.70
C ILE B 516 5.81 10.15 27.09
N GLY B 517 4.77 10.87 27.47
CA GLY B 517 4.76 11.45 28.81
C GLY B 517 3.58 11.02 29.64
N ALA B 518 3.81 10.50 30.85
CA ALA B 518 2.73 9.97 31.69
C ALA B 518 2.78 10.62 33.07
N VAL B 519 1.61 10.98 33.60
CA VAL B 519 1.52 11.63 34.91
C VAL B 519 0.32 11.08 35.66
N CYS B 520 0.47 10.92 36.97
CA CYS B 520 -0.62 10.49 37.86
C CYS B 520 -0.37 11.10 39.23
N ARG B 521 -1.05 10.56 40.25
CA ARG B 521 -0.90 11.06 41.61
C ARG B 521 0.33 10.50 42.33
N GLU B 522 0.97 9.48 41.78
CA GLU B 522 2.13 8.86 42.42
C GLU B 522 3.45 9.29 41.84
N GLY B 523 3.51 9.59 40.54
CA GLY B 523 4.75 9.98 39.92
C GLY B 523 4.53 10.37 38.49
N ILE B 524 5.39 10.86 37.86
CA ILE B 524 5.60 11.30 36.49
C ILE B 524 6.89 10.70 35.97
N LEU B 525 6.56 10.16 34.58
CA LEU B 525 7.64 9.48 33.85
C LEU B 525 7.68 9.94 32.41
N ILE B 526 8.89 9.99 31.87
CA ILE B 526 9.15 10.36 30.49
C ILE B 526 10.04 9.27 29.90
N ASN B 527 9.41 8.27 29.28
CA ASN B 527 10.12 7.22 28.53
C ASN B 527 11.10 6.46 29.42
N ARG B 528 10.53 5.74 30.39
CA ARG B 528 11.29 4.87 31.29
C ARG B 528 12.28 5.65 32.15
N SER B 529 11.79 6.68 32.83
CA SER B 529 12.59 7.44 33.77
C SER B 529 11.66 8.11 34.76
N GLU B 530 12.21 8.49 35.92
CA GLU B 530 11.42 9.09 36.97
C GLU B 530 11.89 10.51 37.23
N LYS B 531 10.95 11.44 37.29
CA LYS B 531 11.24 12.85 37.54
C LYS B 531 10.62 13.27 38.87
N ILE B 532 10.83 14.53 39.22
CA ILE B 532 10.32 15.07 40.47
C ILE B 532 8.91 15.60 40.26
N LEU B 533 8.02 15.30 41.20
CA LEU B 533 6.62 15.68 41.11
C LEU B 533 6.40 16.98 41.86
N ASN B 534 5.75 17.94 41.20
CA ASN B 534 5.52 19.24 41.80
C ASN B 534 4.48 19.14 42.91
N ARG B 535 4.57 20.06 43.87
CA ARG B 535 3.64 20.06 44.99
C ARG B 535 2.23 20.42 44.54
N HIS B 536 2.10 21.28 43.53
CA HIS B 536 0.81 21.74 43.05
C HIS B 536 0.45 20.97 41.79
N TYR B 537 -0.63 20.20 41.86
CA TYR B 537 -1.12 19.50 40.67
C TYR B 537 -1.59 20.52 39.64
N ASN B 538 -1.87 20.03 38.44
CA ASN B 538 -2.28 20.83 37.29
C ASN B 538 -1.13 21.65 36.73
N THR B 539 0.06 21.59 37.34
CA THR B 539 1.25 22.22 36.80
C THR B 539 2.17 21.24 36.11
N ASN B 540 2.18 19.97 36.55
CA ASN B 540 2.94 18.94 35.85
C ASN B 540 2.42 18.73 34.43
N VAL B 541 1.11 18.78 34.25
CA VAL B 541 0.54 18.64 32.91
C VAL B 541 0.94 19.83 32.04
N LEU B 542 1.02 21.02 32.63
CA LEU B 542 1.51 22.18 31.88
C LEU B 542 2.98 21.99 31.48
N ASN B 543 3.79 21.46 32.38
CA ASN B 543 5.18 21.21 32.04
C ASN B 543 5.31 20.15 30.94
N LEU B 544 4.40 19.19 30.89
CA LEU B 544 4.47 18.19 29.83
C LEU B 544 3.99 18.71 28.48
N LEU B 545 3.10 19.69 28.45
CA LEU B 545 2.64 20.28 27.19
C LEU B 545 3.57 21.38 26.69
N ARG B 546 4.64 21.68 27.43
CA ARG B 546 5.65 22.63 26.99
C ARG B 546 6.89 21.97 26.42
N ASN B 547 7.12 20.70 26.73
CA ASN B 547 8.25 19.97 26.18
C ASN B 547 8.13 19.91 24.66
N PRO B 548 9.12 20.39 23.92
CA PRO B 548 8.97 20.50 22.46
C PRO B 548 9.25 19.22 21.70
N LYS B 549 9.23 18.06 22.37
CA LYS B 549 9.46 16.79 21.69
C LYS B 549 8.38 15.75 21.96
N LEU B 550 7.32 16.11 22.67
CA LEU B 550 6.32 15.13 23.07
C LEU B 550 5.50 14.64 21.89
N ASP B 551 5.16 13.34 21.91
CA ASP B 551 4.31 12.75 20.89
C ASP B 551 3.00 12.16 21.42
N LEU B 552 2.86 11.99 22.73
CA LEU B 552 1.69 11.32 23.29
C LEU B 552 1.60 11.65 24.77
N LEU B 553 0.39 11.96 25.23
CA LEU B 553 0.17 12.32 26.62
C LEU B 553 -0.75 11.33 27.31
N ILE B 554 -0.42 10.97 28.55
CA ILE B 554 -1.26 10.11 29.38
C ILE B 554 -1.44 10.78 30.74
N ALA B 555 -2.69 11.05 31.11
CA ALA B 555 -2.98 11.83 32.30
C ALA B 555 -4.13 11.19 33.08
N GLU B 556 -4.23 11.59 34.36
CA GLU B 556 -5.27 11.12 35.25
C GLU B 556 -5.93 12.31 35.93
N TYR B 557 -7.25 12.30 36.00
CA TYR B 557 -8.03 13.35 36.66
C TYR B 557 -9.09 12.70 37.52
N ASP B 558 -8.89 12.72 38.84
CA ASP B 558 -9.89 12.18 39.75
C ASP B 558 -10.85 13.29 40.17
N GLU B 559 -11.67 13.02 41.19
CA GLU B 559 -12.72 13.96 41.56
C GLU B 559 -12.14 15.21 42.23
N ASP B 560 -11.11 15.04 43.06
CA ASP B 560 -10.53 16.18 43.76
C ASP B 560 -9.94 17.18 42.77
N ALA B 561 -9.23 16.69 41.76
CA ALA B 561 -8.66 17.57 40.75
C ALA B 561 -9.75 18.31 39.99
N LEU B 562 -10.83 17.61 39.61
CA LEU B 562 -11.90 18.28 38.89
C LEU B 562 -12.62 19.31 39.75
N GLU B 563 -12.70 19.07 41.06
CA GLU B 563 -13.34 20.04 41.93
C GLU B 563 -12.43 21.18 42.34
N ALA B 564 -11.12 21.03 42.15
CA ALA B 564 -10.20 22.10 42.53
C ALA B 564 -10.14 23.20 41.48
N GLU B 565 -9.69 22.86 40.27
CA GLU B 565 -9.53 23.88 39.24
C GLU B 565 -10.15 23.48 37.91
N GLY B 566 -10.19 22.20 37.60
CA GLY B 566 -10.70 21.71 36.34
C GLY B 566 -9.58 21.21 35.44
N MET B 567 -9.98 20.75 34.26
CA MET B 567 -9.03 20.21 33.30
C MET B 567 -8.22 21.34 32.67
N PHE B 568 -7.11 20.98 32.04
CA PHE B 568 -6.22 21.94 31.41
C PHE B 568 -6.27 21.92 29.89
N TYR B 569 -6.46 20.76 29.28
CA TYR B 569 -6.60 20.65 27.84
C TYR B 569 -8.08 20.51 27.48
N HIS B 570 -8.36 20.23 26.22
CA HIS B 570 -9.73 20.15 25.73
C HIS B 570 -9.87 18.98 24.78
N GLY B 571 -10.64 17.97 25.17
CA GLY B 571 -10.90 16.82 24.32
C GLY B 571 -9.83 15.76 24.46
N SER B 572 -10.23 14.51 24.18
CA SER B 572 -9.32 13.39 24.29
C SER B 572 -9.75 12.28 23.34
N ASN B 573 -8.80 11.40 23.02
CA ASN B 573 -9.02 10.33 22.05
C ASN B 573 -9.37 8.99 22.68
N LEU B 574 -9.17 8.83 23.98
CA LEU B 574 -9.48 7.58 24.66
C LEU B 574 -9.79 7.90 26.11
N VAL B 575 -10.91 7.41 26.61
CA VAL B 575 -11.32 7.61 27.99
C VAL B 575 -11.55 6.25 28.63
N VAL B 576 -10.98 6.03 29.80
CA VAL B 576 -11.12 4.79 30.55
C VAL B 576 -11.62 5.13 31.95
N LEU B 577 -12.79 4.59 32.30
CA LEU B 577 -13.41 4.83 33.60
C LEU B 577 -13.61 3.51 34.32
N GLU B 578 -13.33 3.51 35.63
CA GLU B 578 -13.45 2.31 36.45
C GLU B 578 -14.18 2.67 37.74
N ASP B 579 -15.41 2.20 37.87
CA ASP B 579 -16.29 2.54 38.98
C ASP B 579 -16.38 4.05 39.21
N PRO B 580 -16.84 4.81 38.21
CA PRO B 580 -16.88 6.26 38.36
C PRO B 580 -17.98 6.70 39.30
N SER B 581 -17.79 7.90 39.84
CA SER B 581 -18.78 8.53 40.70
C SER B 581 -19.67 9.45 39.87
N GLU B 582 -20.49 10.25 40.55
CA GLU B 582 -21.41 11.14 39.83
C GLU B 582 -20.65 12.23 39.09
N ILE B 583 -19.64 12.84 39.72
CA ILE B 583 -18.94 13.95 39.11
C ILE B 583 -18.09 13.48 37.94
N GLU B 584 -17.39 12.36 38.10
CA GLU B 584 -16.41 11.95 37.11
C GLU B 584 -17.02 11.60 35.75
N MET B 585 -18.31 11.30 35.71
CA MET B 585 -18.97 11.02 34.43
C MET B 585 -18.85 12.18 33.45
N ILE B 586 -18.68 13.40 33.95
CA ILE B 586 -18.50 14.56 33.08
C ILE B 586 -17.28 14.42 32.18
N LEU B 587 -16.40 13.45 32.44
CA LEU B 587 -15.27 13.22 31.56
C LEU B 587 -15.68 12.66 30.20
N THR B 588 -16.91 12.20 30.04
CA THR B 588 -17.37 11.70 28.75
C THR B 588 -18.03 12.78 27.90
N ARG B 589 -18.09 14.02 28.41
CA ARG B 589 -18.84 15.07 27.72
C ARG B 589 -18.08 15.58 26.50
N ASP B 590 -16.77 15.76 26.62
CA ASP B 590 -15.96 16.40 25.58
C ASP B 590 -15.13 15.34 24.86
N VAL B 591 -15.68 14.79 23.79
CA VAL B 591 -15.00 13.83 22.94
C VAL B 591 -15.32 14.15 21.49
N PHE B 592 -14.52 13.60 20.58
CA PHE B 592 -14.75 13.78 19.16
C PHE B 592 -15.70 12.69 18.65
N SER B 593 -15.86 12.63 17.34
CA SER B 593 -16.76 11.66 16.72
C SER B 593 -16.11 10.32 16.47
N ASP B 594 -14.81 10.20 16.69
CA ASP B 594 -14.07 8.99 16.38
C ASP B 594 -13.39 8.38 17.60
N SER B 595 -13.63 8.92 18.78
CA SER B 595 -12.96 8.45 19.98
C SER B 595 -13.65 7.21 20.55
N THR B 596 -12.98 6.58 21.51
CA THR B 596 -13.44 5.36 22.14
C THR B 596 -13.66 5.59 23.62
N VAL B 597 -14.73 5.03 24.18
CA VAL B 597 -15.05 5.19 25.59
C VAL B 597 -15.28 3.82 26.21
N ILE B 598 -14.68 3.58 27.37
CA ILE B 598 -14.77 2.32 28.10
C ILE B 598 -15.26 2.60 29.51
N ILE B 599 -16.29 1.87 29.96
CA ILE B 599 -16.82 2.02 31.31
C ILE B 599 -16.96 0.64 31.94
N LYS B 600 -16.56 0.53 33.20
CA LYS B 600 -16.65 -0.72 33.95
C LYS B 600 -17.38 -0.48 35.25
N GLN B 601 -18.41 -1.29 35.51
CA GLN B 601 -19.19 -1.16 36.75
C GLN B 601 -19.44 -2.55 37.30
N GLY B 602 -18.87 -2.84 38.47
CA GLY B 602 -18.97 -4.17 39.02
C GLY B 602 -18.27 -5.18 38.14
N ARG B 603 -19.04 -6.01 37.46
CA ARG B 603 -18.52 -6.98 36.51
C ARG B 603 -18.98 -6.70 35.08
N GLU B 604 -19.60 -5.54 34.85
CA GLU B 604 -20.16 -5.21 33.55
C GLU B 604 -19.25 -4.25 32.80
N ILE B 605 -19.08 -4.51 31.50
CA ILE B 605 -18.23 -3.69 30.63
C ILE B 605 -19.10 -3.11 29.53
N THR B 606 -19.01 -1.79 29.34
CA THR B 606 -19.69 -1.07 28.26
C THR B 606 -18.65 -0.36 27.42
N ILE B 607 -18.72 -0.55 26.10
CA ILE B 607 -17.75 0.03 25.18
C ILE B 607 -18.49 0.79 24.08
N LYS B 608 -18.06 2.02 23.81
CA LYS B 608 -18.57 2.78 22.69
C LYS B 608 -17.42 3.09 21.75
N ARG B 609 -17.60 2.77 20.47
CA ARG B 609 -16.55 2.87 19.47
C ARG B 609 -17.16 3.29 18.14
N LYS B 610 -16.75 4.45 17.64
CA LYS B 610 -17.23 4.97 16.36
C LYS B 610 -18.75 5.05 16.31
N GLY B 611 -19.36 5.39 17.43
CA GLY B 611 -20.79 5.52 17.51
C GLY B 611 -21.56 4.23 17.70
N LEU B 612 -20.87 3.10 17.83
CA LEU B 612 -21.54 1.81 18.04
C LEU B 612 -21.28 1.33 19.47
N LEU B 613 -22.28 0.70 20.06
CA LEU B 613 -22.30 0.36 21.47
C LEU B 613 -22.26 -1.15 21.69
N GLU B 614 -21.53 -1.58 22.72
CA GLU B 614 -21.40 -2.99 23.06
C GLU B 614 -21.42 -3.13 24.57
N GLN B 615 -21.87 -4.29 25.05
CA GLN B 615 -22.02 -4.54 26.48
C GLN B 615 -21.86 -6.02 26.78
N TYR B 616 -21.02 -6.36 27.76
CA TYR B 616 -20.89 -7.77 28.17
C TYR B 616 -20.39 -7.84 29.61
N GLU B 617 -20.03 -9.05 30.04
CA GLU B 617 -19.65 -9.31 31.42
C GLU B 617 -18.30 -10.00 31.50
N LEU B 618 -17.52 -9.64 32.50
CA LEU B 618 -16.23 -10.28 32.76
C LEU B 618 -16.42 -11.51 33.63
N GLU B 619 -15.42 -12.38 33.60
CA GLU B 619 -15.38 -13.53 34.49
C GLU B 619 -14.68 -13.13 35.78
N ALA B 620 -14.53 -14.08 36.70
CA ALA B 620 -13.80 -13.79 37.93
C ALA B 620 -12.32 -13.63 37.60
N GLU B 621 -11.58 -13.11 38.59
CA GLU B 621 -10.13 -12.87 38.53
C GLU B 621 -9.66 -12.22 37.24
N GLU B 622 -10.50 -11.37 36.63
CA GLU B 622 -10.16 -10.65 35.41
C GLU B 622 -9.75 -9.22 35.74
N LEU B 623 -8.85 -8.68 34.92
CA LEU B 623 -8.35 -7.33 35.09
C LEU B 623 -8.75 -6.48 33.90
N ILE B 624 -8.89 -5.17 34.15
CA ILE B 624 -9.34 -4.26 33.11
C ILE B 624 -8.25 -4.00 32.08
N GLU B 625 -7.01 -4.39 32.37
CA GLU B 625 -5.91 -4.12 31.43
C GLU B 625 -6.12 -4.85 30.11
N GLN B 626 -6.62 -6.08 30.17
CA GLN B 626 -6.80 -6.86 28.96
C GLN B 626 -7.85 -6.25 28.04
N VAL B 627 -8.74 -5.43 28.60
CA VAL B 627 -9.78 -4.80 27.78
C VAL B 627 -9.17 -3.73 26.87
N TYR B 628 -8.32 -2.87 27.41
CA TYR B 628 -7.82 -1.75 26.62
C TYR B 628 -6.47 -2.01 25.96
N LEU B 629 -5.76 -3.07 26.33
CA LEU B 629 -4.50 -3.35 25.67
C LEU B 629 -4.67 -3.63 24.19
N LYS B 630 -5.70 -4.36 23.80
CA LYS B 630 -6.11 -4.43 22.41
C LYS B 630 -6.69 -3.19 21.73
N GLU B 631 -7.39 -2.35 22.50
CA GLU B 631 -7.93 -1.11 21.95
C GLU B 631 -6.85 -0.05 21.73
N ILE B 632 -5.68 -0.22 22.34
CA ILE B 632 -4.64 0.82 22.24
C ILE B 632 -4.17 1.01 20.82
N GLY B 633 -4.52 0.08 19.92
CA GLY B 633 -3.98 0.14 18.57
C GLY B 633 -4.55 1.26 17.71
N THR B 634 -5.68 1.84 18.12
CA THR B 634 -6.37 2.80 17.28
C THR B 634 -5.72 4.17 17.23
N ILE B 635 -4.92 4.55 18.23
CA ILE B 635 -4.35 5.90 18.26
C ILE B 635 -3.27 6.05 17.19
N SER B 636 -2.78 4.93 16.66
CA SER B 636 -1.73 4.98 15.64
C SER B 636 -2.22 5.61 14.34
N VAL C 7 -42.10 44.44 -21.00
CA VAL C 7 -42.92 45.18 -20.06
C VAL C 7 -43.97 44.28 -19.44
N GLU C 8 -44.17 44.30 -18.38
CA GLU C 8 -45.14 43.47 -17.69
C GLU C 8 -46.40 44.26 -17.39
N PRO C 9 -47.43 43.70 -16.60
CA PRO C 9 -48.52 44.60 -16.23
C PRO C 9 -48.01 45.75 -15.36
N VAL C 10 -49.04 46.36 -15.86
CA VAL C 10 -49.19 47.45 -14.91
C VAL C 10 -49.72 46.91 -13.59
N ARG C 11 -49.18 47.40 -12.49
CA ARG C 11 -49.65 47.01 -11.16
C ARG C 11 -51.11 47.41 -10.99
N ILE C 12 -51.85 46.59 -10.25
CA ILE C 12 -53.25 46.87 -10.01
C ILE C 12 -53.41 48.18 -9.23
N ASN C 13 -52.51 48.45 -8.30
CA ASN C 13 -52.56 49.64 -7.47
C ASN C 13 -51.64 50.75 -7.97
N ALA C 14 -51.16 50.66 -9.20
CA ALA C 14 -50.34 51.72 -9.77
C ALA C 14 -51.17 52.98 -9.99
N ARG C 15 -50.57 54.12 -9.66
CA ARG C 15 -51.25 55.41 -9.78
C ARG C 15 -50.44 56.33 -10.71
N THR C 16 -50.98 57.52 -10.94
CA THR C 16 -50.37 58.49 -11.83
C THR C 16 -49.54 59.53 -11.09
N THR C 17 -49.35 59.38 -9.78
CA THR C 17 -48.61 60.34 -8.98
C THR C 17 -47.35 59.72 -8.39
N ASP C 18 -46.80 58.72 -9.07
CA ASP C 18 -45.64 58.00 -8.55
C ASP C 18 -44.38 58.84 -8.69
N VAL C 19 -43.36 58.46 -7.94
CA VAL C 19 -42.09 59.18 -7.95
C VAL C 19 -40.93 58.34 -8.46
N PHE C 20 -40.93 57.02 -8.30
CA PHE C 20 -39.81 56.18 -8.71
C PHE C 20 -40.21 55.33 -9.90
N ASP C 21 -39.21 54.71 -10.53
CA ASP C 21 -39.44 53.83 -11.66
C ASP C 21 -38.46 52.67 -11.62
N ILE C 22 -38.97 51.47 -11.90
CA ILE C 22 -38.19 50.24 -11.85
C ILE C 22 -38.46 49.45 -13.13
N PHE C 23 -37.40 48.95 -13.77
CA PHE C 23 -37.60 48.18 -15.00
C PHE C 23 -36.41 47.25 -15.23
N ASN C 24 -36.48 46.50 -16.32
CA ASN C 24 -35.39 45.65 -16.80
C ASN C 24 -34.96 44.62 -15.74
N VAL C 25 -35.86 43.69 -15.47
CA VAL C 25 -35.60 42.62 -14.51
C VAL C 25 -34.94 41.44 -15.21
N LYS C 26 -33.88 40.91 -14.60
CA LYS C 26 -33.15 39.78 -15.16
C LYS C 26 -32.74 38.83 -14.04
N GLN C 27 -32.55 37.56 -14.41
CA GLN C 27 -32.23 36.50 -13.47
C GLN C 27 -30.91 35.85 -13.86
N TYR C 28 -30.02 35.68 -12.87
CA TYR C 28 -28.73 35.04 -13.09
C TYR C 28 -28.62 33.80 -12.21
N VAL C 29 -28.21 32.69 -12.81
CA VAL C 29 -28.16 31.40 -12.12
C VAL C 29 -26.81 31.11 -11.49
N GLY C 30 -25.86 32.03 -11.57
CA GLY C 30 -24.57 31.82 -10.99
C GLY C 30 -23.81 33.11 -10.87
N ALA C 31 -22.49 33.00 -10.78
CA ALA C 31 -21.64 34.18 -10.67
C ALA C 31 -21.78 35.06 -11.91
N ASN C 32 -21.91 36.36 -11.68
CA ASN C 32 -22.21 37.30 -12.74
C ASN C 32 -21.38 38.57 -12.53
N PRO C 33 -21.41 39.53 -13.46
CA PRO C 33 -20.59 40.75 -13.27
C PRO C 33 -20.94 41.56 -12.04
N TYR C 34 -22.11 41.37 -11.44
CA TYR C 34 -22.55 42.23 -10.34
C TYR C 34 -22.47 41.59 -8.97
N LEU C 35 -22.47 40.27 -8.88
CA LEU C 35 -22.44 39.59 -7.59
C LEU C 35 -21.89 38.19 -7.83
N ASN C 36 -21.44 37.54 -6.75
CA ASN C 36 -20.84 36.22 -6.84
C ASN C 36 -21.80 35.10 -6.46
N GLN C 37 -23.10 35.33 -6.59
CA GLN C 37 -24.11 34.32 -6.32
C GLN C 37 -25.21 34.44 -7.38
N ALA C 38 -26.15 33.51 -7.36
CA ALA C 38 -27.34 33.66 -8.19
C ALA C 38 -28.13 34.87 -7.71
N ALA C 39 -28.69 35.63 -8.65
CA ALA C 39 -29.19 36.94 -8.25
C ALA C 39 -30.32 37.39 -9.16
N LEU C 40 -31.01 38.43 -8.70
CA LEU C 40 -32.00 39.16 -9.48
C LEU C 40 -31.52 40.59 -9.62
N VAL C 41 -31.57 41.11 -10.85
CA VAL C 41 -31.00 42.42 -11.18
C VAL C 41 -32.07 43.28 -11.82
N PHE C 42 -32.09 44.57 -11.47
CA PHE C 42 -33.04 45.50 -12.08
C PHE C 42 -32.47 46.91 -12.09
N ASP C 43 -33.16 47.80 -12.83
CA ASP C 43 -32.76 49.19 -13.02
C ASP C 43 -33.72 50.12 -12.30
N PHE C 44 -33.14 51.09 -11.60
CA PHE C 44 -33.86 51.98 -10.68
C PHE C 44 -33.59 53.42 -11.09
N ALA C 45 -34.66 54.22 -11.18
CA ALA C 45 -34.51 55.61 -11.63
C ALA C 45 -35.65 56.46 -11.08
N PHE C 46 -35.56 57.76 -11.36
CA PHE C 46 -36.52 58.76 -10.90
C PHE C 46 -37.50 59.09 -12.01
N THR C 47 -38.66 59.62 -11.63
CA THR C 47 -39.54 60.25 -12.60
C THR C 47 -39.51 61.76 -12.42
N GLU C 48 -39.56 62.49 -13.54
CA GLU C 48 -39.35 63.93 -13.51
C GLU C 48 -40.59 64.71 -13.06
N SER C 49 -41.75 64.06 -12.96
CA SER C 49 -42.99 64.80 -12.74
C SER C 49 -43.01 65.47 -11.37
N TYR C 50 -42.61 64.76 -10.32
CA TYR C 50 -42.75 65.27 -8.95
C TYR C 50 -41.43 65.10 -8.21
N GLN C 51 -41.45 65.46 -6.93
CA GLN C 51 -40.27 65.41 -6.08
C GLN C 51 -40.55 64.60 -4.82
N PRO C 52 -39.60 63.79 -4.37
CA PRO C 52 -39.79 63.02 -3.15
C PRO C 52 -39.36 63.79 -1.91
N LEU C 53 -39.60 63.18 -0.76
CA LEU C 53 -39.22 63.75 0.53
C LEU C 53 -37.73 63.52 0.78
N PRO C 54 -37.14 64.23 1.74
CA PRO C 54 -35.76 63.91 2.15
C PRO C 54 -35.68 62.51 2.72
N ILE C 55 -34.49 61.91 2.56
CA ILE C 55 -34.31 60.48 2.87
C ILE C 55 -34.55 60.21 4.36
N GLU C 56 -34.37 61.24 5.18
CA GLU C 56 -34.42 61.07 6.63
C GLU C 56 -35.81 60.60 7.09
N ASN C 57 -36.85 61.14 6.46
CA ASN C 57 -38.22 60.74 6.80
C ASN C 57 -38.44 59.26 6.52
N TYR C 58 -37.99 58.82 5.34
CA TYR C 58 -38.12 57.41 4.98
C TYR C 58 -37.36 56.52 5.95
N LEU C 59 -36.14 56.93 6.30
CA LEU C 59 -35.33 56.16 7.23
C LEU C 59 -36.01 56.06 8.60
N ALA C 60 -36.56 57.18 9.07
CA ALA C 60 -37.24 57.19 10.36
C ALA C 60 -38.45 56.28 10.34
N VAL C 61 -39.23 56.30 9.26
CA VAL C 61 -40.42 55.46 9.18
C VAL C 61 -40.09 53.99 9.08
N VAL C 62 -39.13 53.61 8.23
CA VAL C 62 -38.84 52.21 7.97
C VAL C 62 -37.96 51.60 9.05
N GLY C 63 -37.24 52.42 9.81
CA GLY C 63 -36.36 51.90 10.84
C GLY C 63 -37.09 51.42 12.07
N ASP C 64 -38.36 51.82 12.22
CA ASP C 64 -39.14 51.38 13.37
C ASP C 64 -39.36 49.88 13.35
N ARG C 65 -39.56 49.31 12.16
CA ARG C 65 -39.83 47.88 12.04
C ARG C 65 -38.57 47.04 11.94
N TYR C 66 -37.43 47.63 11.61
CA TYR C 66 -36.17 46.90 11.47
C TYR C 66 -35.03 47.77 11.96
N PRO C 67 -34.64 47.63 13.24
CA PRO C 67 -33.57 48.46 13.80
C PRO C 67 -32.23 48.34 13.09
N ARG C 68 -31.99 47.16 12.50
CA ARG C 68 -30.73 46.95 11.79
C ARG C 68 -30.57 47.97 10.67
N LEU C 69 -31.67 48.35 10.03
CA LEU C 69 -31.62 49.40 9.03
C LEU C 69 -31.20 50.72 9.65
N LYS C 70 -31.74 51.02 10.84
CA LYS C 70 -31.37 52.25 11.54
C LYS C 70 -29.89 52.27 11.87
N GLU C 71 -29.30 51.09 12.07
CA GLU C 71 -27.90 51.01 12.49
C GLU C 71 -26.92 51.71 11.54
N ILE C 72 -26.98 51.39 10.25
CA ILE C 72 -25.98 51.86 9.30
C ILE C 72 -26.32 53.25 8.77
N GLU C 73 -25.39 53.86 8.04
CA GLU C 73 -25.59 55.16 7.41
C GLU C 73 -25.67 55.00 5.90
N TYR C 74 -26.61 55.71 5.27
CA TYR C 74 -26.92 55.56 3.86
C TYR C 74 -26.57 56.83 3.11
N GLN C 75 -26.25 56.70 1.83
CA GLN C 75 -25.83 57.84 1.03
C GLN C 75 -26.96 58.35 0.13
N SER C 76 -27.52 57.46 -0.69
CA SER C 76 -28.52 57.85 -1.67
C SER C 76 -29.77 57.00 -1.51
N TYR C 77 -30.77 57.25 -2.36
CA TYR C 77 -32.03 56.53 -2.27
C TYR C 77 -31.85 55.06 -2.61
N ALA C 78 -31.02 54.76 -3.60
CA ALA C 78 -30.88 53.39 -4.09
C ALA C 78 -30.37 52.46 -2.99
N GLU C 79 -29.39 52.91 -2.21
CA GLU C 79 -28.84 52.07 -1.15
C GLU C 79 -29.89 51.76 -0.09
N LEU C 80 -30.67 52.77 0.30
CA LEU C 80 -31.71 52.56 1.30
C LEU C 80 -32.76 51.58 0.77
N PHE C 81 -33.16 51.73 -0.49
CA PHE C 81 -34.13 50.83 -1.10
C PHE C 81 -33.60 49.40 -1.12
N ALA C 82 -32.33 49.23 -1.51
CA ALA C 82 -31.74 47.90 -1.58
C ALA C 82 -31.66 47.25 -0.21
N SER C 83 -31.26 48.02 0.81
CA SER C 83 -31.18 47.45 2.15
C SER C 83 -32.55 47.02 2.64
N THR C 84 -33.58 47.84 2.37
CA THR C 84 -34.92 47.47 2.79
C THR C 84 -35.38 46.19 2.10
N VAL C 85 -35.13 46.06 0.79
CA VAL C 85 -35.54 44.86 0.08
C VAL C 85 -34.81 43.64 0.62
N ALA C 86 -33.51 43.77 0.88
CA ALA C 86 -32.74 42.65 1.41
C ALA C 86 -33.26 42.23 2.77
N GLU C 87 -33.64 43.18 3.62
CA GLU C 87 -34.17 42.82 4.93
C GLU C 87 -35.52 42.14 4.82
N VAL C 88 -36.39 42.62 3.94
CA VAL C 88 -37.72 42.02 3.81
C VAL C 88 -37.63 40.64 3.15
N ASN C 89 -36.57 40.38 2.38
CA ASN C 89 -36.45 39.13 1.64
C ASN C 89 -36.38 37.90 2.55
N LYS C 90 -36.09 38.08 3.84
CA LYS C 90 -35.94 36.94 4.73
C LYS C 90 -37.29 36.36 5.17
N LEU C 91 -38.39 37.04 4.89
CA LEU C 91 -39.74 36.53 5.11
C LEU C 91 -40.03 36.22 6.57
N GLU C 92 -39.25 36.80 7.49
CA GLU C 92 -39.40 36.60 8.93
C GLU C 92 -39.20 35.14 9.34
N MET C 93 -38.60 34.32 8.48
CA MET C 93 -38.27 32.95 8.81
C MET C 93 -36.76 32.74 8.97
N ASP C 94 -35.98 33.82 8.92
CA ASP C 94 -34.53 33.78 9.12
C ASP C 94 -33.85 32.86 8.10
N LEU C 95 -34.02 33.21 6.82
CA LEU C 95 -33.32 32.51 5.76
C LEU C 95 -31.86 32.97 5.73
N HIS C 96 -31.05 32.26 4.96
CA HIS C 96 -29.61 32.51 4.91
C HIS C 96 -29.21 33.36 3.72
N LEU C 97 -30.13 34.16 3.18
CA LEU C 97 -29.86 35.00 2.02
C LEU C 97 -29.51 36.40 2.48
N LYS C 98 -28.24 36.78 2.33
CA LYS C 98 -27.81 38.13 2.65
C LYS C 98 -26.77 38.55 1.64
N GLY C 99 -26.89 39.77 1.12
CA GLY C 99 -25.97 40.26 0.13
C GLY C 99 -26.66 41.05 -0.96
N TRP C 100 -26.15 42.24 -1.24
CA TRP C 100 -26.74 43.13 -2.22
C TRP C 100 -25.66 44.04 -2.78
N ASN C 101 -25.93 44.61 -3.95
CA ASN C 101 -24.96 45.49 -4.57
C ASN C 101 -25.67 46.51 -5.45
N VAL C 102 -25.08 47.71 -5.52
CA VAL C 102 -25.62 48.80 -6.32
C VAL C 102 -24.49 49.42 -7.14
N LYS C 103 -24.75 49.61 -8.43
CA LYS C 103 -23.73 50.11 -9.36
C LYS C 103 -24.28 51.29 -10.15
N PRO C 104 -23.61 52.44 -10.12
CA PRO C 104 -24.08 53.60 -10.89
C PRO C 104 -23.65 53.56 -12.34
N ILE C 105 -24.62 53.57 -13.26
CA ILE C 105 -24.35 53.61 -14.69
C ILE C 105 -25.17 54.74 -15.30
N GLU C 106 -24.48 55.72 -15.88
CA GLU C 106 -25.12 56.89 -16.51
C GLU C 106 -26.02 57.54 -15.45
N GLU C 107 -27.32 57.68 -15.67
CA GLU C 107 -28.21 58.28 -14.69
C GLU C 107 -28.96 57.23 -13.87
N ILE C 108 -29.29 56.09 -14.47
CA ILE C 108 -30.00 55.03 -13.78
C ILE C 108 -29.03 54.30 -12.86
N ASN C 109 -29.56 53.44 -11.98
CA ASN C 109 -28.71 52.62 -11.12
C ASN C 109 -29.09 51.16 -11.30
N ARG C 110 -28.10 50.27 -11.21
CA ARG C 110 -28.37 48.85 -11.24
C ARG C 110 -28.32 48.27 -9.83
N ILE C 111 -29.33 47.49 -9.47
CA ILE C 111 -29.41 46.84 -8.17
C ILE C 111 -29.42 45.34 -8.38
N ALA C 112 -28.58 44.63 -7.62
CA ALA C 112 -28.49 43.18 -7.65
C ALA C 112 -28.71 42.63 -6.25
N ILE C 113 -29.59 41.63 -6.14
CA ILE C 113 -30.01 41.08 -4.86
C ILE C 113 -29.96 39.56 -4.92
N GLU C 114 -29.37 38.95 -3.90
CA GLU C 114 -29.19 37.50 -3.88
C GLU C 114 -30.53 36.79 -3.74
N SER C 115 -30.67 35.67 -4.47
CA SER C 115 -31.96 35.01 -4.58
C SER C 115 -31.78 33.50 -4.61
N LEU C 116 -32.84 32.80 -4.24
CA LEU C 116 -32.94 31.35 -4.37
C LEU C 116 -34.12 30.94 -5.23
N HIS C 117 -35.30 31.49 -4.96
CA HIS C 117 -36.48 31.34 -5.81
C HIS C 117 -36.79 32.71 -6.38
N HIS C 118 -36.64 32.85 -7.69
CA HIS C 118 -36.65 34.18 -8.30
C HIS C 118 -38.01 34.86 -8.21
N ARG C 119 -39.08 34.08 -8.33
CA ARG C 119 -40.42 34.66 -8.33
C ARG C 119 -40.73 35.34 -7.00
N THR C 120 -40.33 34.70 -5.90
CA THR C 120 -40.56 35.29 -4.58
C THR C 120 -39.83 36.63 -4.46
N THR C 121 -38.60 36.71 -4.95
CA THR C 121 -37.86 37.96 -4.87
C THR C 121 -38.52 39.05 -5.71
N LYS C 122 -39.04 38.70 -6.89
CA LYS C 122 -39.74 39.69 -7.69
C LYS C 122 -40.97 40.22 -6.95
N GLU C 123 -41.73 39.33 -6.32
CA GLU C 123 -42.90 39.77 -5.56
C GLU C 123 -42.48 40.67 -4.40
N VAL C 124 -41.39 40.35 -3.74
CA VAL C 124 -40.90 41.19 -2.64
C VAL C 124 -40.56 42.58 -3.15
N VAL C 125 -39.89 42.66 -4.30
CA VAL C 125 -39.52 43.96 -4.86
C VAL C 125 -40.77 44.79 -5.14
N TYR C 126 -41.78 44.18 -5.74
CA TYR C 126 -43.01 44.93 -6.03
C TYR C 126 -43.69 45.41 -4.75
N CYS C 127 -43.73 44.55 -3.73
CA CYS C 127 -44.36 44.94 -2.48
C CYS C 127 -43.65 46.13 -1.83
N VAL C 128 -42.31 46.09 -1.81
CA VAL C 128 -41.59 47.21 -1.20
C VAL C 128 -41.75 48.48 -2.03
N TRP C 129 -41.82 48.36 -3.35
CA TRP C 129 -42.11 49.54 -4.17
C TRP C 129 -43.43 50.17 -3.78
N ASP C 130 -44.46 49.34 -3.60
CA ASP C 130 -45.77 49.86 -3.21
C ASP C 130 -45.69 50.52 -1.83
N TRP C 131 -44.94 49.92 -0.91
CA TRP C 131 -44.80 50.49 0.43
C TRP C 131 -44.17 51.87 0.37
N PHE C 132 -43.10 52.03 -0.41
CA PHE C 132 -42.46 53.33 -0.52
C PHE C 132 -43.39 54.36 -1.14
N GLU C 133 -44.15 53.95 -2.17
CA GLU C 133 -45.09 54.89 -2.79
C GLU C 133 -46.14 55.35 -1.79
N PHE C 134 -46.65 54.44 -0.97
CA PHE C 134 -47.60 54.84 0.07
C PHE C 134 -46.95 55.78 1.09
N ILE C 135 -45.71 55.51 1.47
CA ILE C 135 -45.05 56.34 2.48
C ILE C 135 -44.84 57.75 1.96
N THR C 136 -44.58 57.89 0.66
CA THR C 136 -44.31 59.22 0.09
C THR C 136 -45.46 60.18 0.38
N GLN C 137 -46.69 59.77 0.09
CA GLN C 137 -47.85 60.54 0.50
C GLN C 137 -48.15 60.27 1.98
N GLY C 138 -49.11 61.01 2.52
CA GLY C 138 -49.48 60.79 3.89
C GLY C 138 -50.50 59.68 4.03
N GLU C 139 -50.02 58.47 4.30
CA GLU C 139 -50.86 57.29 4.36
C GLU C 139 -50.09 56.17 5.03
N GLU C 140 -50.81 55.09 5.37
CA GLU C 140 -50.21 53.88 5.90
C GLU C 140 -51.03 52.69 5.42
N PHE C 141 -50.33 51.60 5.07
CA PHE C 141 -50.99 50.39 4.58
C PHE C 141 -50.42 49.18 5.30
N ASP C 142 -51.24 48.14 5.41
CA ASP C 142 -50.89 46.94 6.16
C ASP C 142 -50.16 45.97 5.23
N LEU C 143 -48.98 45.52 5.67
CA LEU C 143 -48.17 44.61 4.88
C LEU C 143 -48.09 43.21 5.47
N SER C 144 -48.72 42.97 6.62
CA SER C 144 -48.66 41.64 7.23
C SER C 144 -49.34 40.60 6.36
N LYS C 145 -50.49 40.94 5.76
CA LYS C 145 -51.15 39.99 4.87
C LYS C 145 -50.28 39.68 3.66
N GLN C 146 -49.55 40.70 3.17
CA GLN C 146 -48.61 40.46 2.08
C GLN C 146 -47.51 39.51 2.49
N ILE C 147 -47.01 39.64 3.73
CA ILE C 147 -45.99 38.71 4.23
C ILE C 147 -46.55 37.30 4.27
N ALA C 148 -47.79 37.14 4.73
CA ALA C 148 -48.39 35.81 4.76
C ALA C 148 -48.51 35.21 3.37
N ILE C 149 -48.94 36.02 2.39
CA ILE C 149 -49.04 35.54 1.02
C ILE C 149 -47.68 35.12 0.50
N LEU C 150 -46.64 35.92 0.80
CA LEU C 150 -45.30 35.59 0.32
C LEU C 150 -44.79 34.30 0.95
N GLN C 151 -45.04 34.10 2.25
CA GLN C 151 -44.59 32.88 2.90
C GLN C 151 -45.29 31.66 2.30
N GLN C 152 -46.59 31.76 2.05
CA GLN C 152 -47.30 30.65 1.42
C GLN C 152 -46.76 30.39 0.02
N LEU C 153 -46.43 31.44 -0.73
CA LEU C 153 -45.86 31.25 -2.05
C LEU C 153 -44.52 30.53 -1.99
N PHE C 154 -43.67 30.89 -1.02
CA PHE C 154 -42.36 30.26 -0.91
C PHE C 154 -42.47 28.80 -0.48
N ARG C 155 -43.40 28.49 0.42
CA ARG C 155 -43.47 27.12 0.95
C ARG C 155 -43.88 26.11 -0.10
N ASN C 156 -44.67 26.52 -1.10
CA ASN C 156 -45.14 25.61 -2.14
C ASN C 156 -44.26 25.72 -3.37
N SER C 157 -43.03 25.24 -3.23
CA SER C 157 -42.06 25.25 -4.33
C SER C 157 -41.13 24.06 -4.15
N VAL C 158 -40.10 23.99 -4.99
CA VAL C 158 -39.14 22.89 -4.92
C VAL C 158 -37.99 23.17 -3.98
N TYR C 159 -37.94 24.36 -3.38
CA TYR C 159 -36.93 24.69 -2.39
C TYR C 159 -37.50 24.87 -1.00
N GLY C 160 -38.82 24.85 -0.84
CA GLY C 160 -39.46 25.29 0.38
C GLY C 160 -39.94 24.23 1.34
N GLY C 161 -39.78 22.95 1.03
CA GLY C 161 -40.20 21.90 1.92
C GLY C 161 -39.48 21.97 3.25
N PRO C 162 -40.13 21.55 4.33
CA PRO C 162 -39.51 21.69 5.66
C PRO C 162 -38.19 20.95 5.80
N THR C 163 -38.04 19.80 5.15
CA THR C 163 -36.81 19.02 5.22
C THR C 163 -35.81 19.42 4.13
N VAL C 164 -36.32 19.76 2.94
CA VAL C 164 -35.47 20.16 1.84
C VAL C 164 -34.65 21.39 2.22
N TYR C 165 -35.31 22.37 2.83
CA TYR C 165 -34.60 23.60 3.17
C TYR C 165 -33.57 23.37 4.26
N ALA C 166 -33.87 22.50 5.21
CA ALA C 166 -32.90 22.19 6.26
C ALA C 166 -31.65 21.56 5.67
N LEU C 167 -31.83 20.62 4.74
CA LEU C 167 -30.66 20.04 4.07
C LEU C 167 -29.89 21.09 3.29
N LEU C 168 -30.59 21.99 2.60
CA LEU C 168 -29.90 23.04 1.83
C LEU C 168 -29.09 23.96 2.73
N ARG C 169 -29.67 24.36 3.86
CA ARG C 169 -28.94 25.24 4.78
C ARG C 169 -27.70 24.55 5.34
N THR C 170 -27.84 23.29 5.74
CA THR C 170 -26.67 22.57 6.26
C THR C 170 -25.60 22.42 5.20
N ALA C 171 -25.99 22.16 3.95
CA ALA C 171 -25.01 22.07 2.88
C ALA C 171 -24.32 23.40 2.66
N ASN C 172 -25.06 24.50 2.77
CA ASN C 172 -24.44 25.81 2.59
C ASN C 172 -23.41 26.10 3.68
N GLU C 173 -23.69 25.67 4.92
CA GLU C 173 -22.74 25.95 6.00
C GLU C 173 -21.41 25.25 5.80
N LYS C 174 -21.39 24.12 5.08
CA LYS C 174 -20.18 23.31 4.93
C LYS C 174 -19.50 23.47 3.58
N HIS C 175 -19.97 24.38 2.73
CA HIS C 175 -19.40 24.63 1.41
C HIS C 175 -19.48 23.38 0.53
N ILE C 176 -20.71 22.92 0.31
CA ILE C 176 -20.96 21.80 -0.59
C ILE C 176 -21.88 22.28 -1.70
N PRO C 177 -21.50 22.13 -2.97
CA PRO C 177 -22.36 22.57 -4.06
C PRO C 177 -23.64 21.74 -4.13
N ALA C 178 -24.70 22.36 -4.65
CA ALA C 178 -25.99 21.69 -4.73
C ALA C 178 -26.85 22.42 -5.75
N PHE C 179 -27.55 21.66 -6.59
CA PHE C 179 -28.41 22.29 -7.59
C PHE C 179 -29.50 21.33 -8.04
N TYR C 180 -30.56 21.90 -8.60
CA TYR C 180 -31.78 21.17 -8.93
C TYR C 180 -31.76 20.73 -10.39
N LEU C 181 -32.29 19.53 -10.66
CA LEU C 181 -32.33 18.96 -12.00
C LEU C 181 -33.77 19.04 -12.52
N TRP C 182 -34.03 19.94 -13.46
CA TRP C 182 -35.38 20.15 -13.96
C TRP C 182 -35.78 19.17 -15.04
N ASP C 183 -35.48 17.89 -14.85
CA ASP C 183 -35.99 16.85 -15.74
C ASP C 183 -36.46 15.61 -15.00
N GLU C 184 -36.01 15.38 -13.78
CA GLU C 184 -36.41 14.23 -13.00
C GLU C 184 -36.80 14.59 -11.58
N GLY C 185 -36.81 15.87 -11.22
CA GLY C 185 -37.24 16.30 -9.91
C GLY C 185 -36.32 15.86 -8.79
N LEU C 186 -35.01 16.04 -8.97
CA LEU C 186 -34.04 15.66 -7.97
C LEU C 186 -33.11 16.82 -7.67
N MET C 187 -32.36 16.66 -6.59
CA MET C 187 -31.33 17.60 -6.17
C MET C 187 -29.99 16.88 -6.16
N GLN C 188 -28.94 17.56 -6.62
CA GLN C 188 -27.61 16.96 -6.70
C GLN C 188 -26.67 17.71 -5.78
N TYR C 189 -25.74 16.96 -5.16
CA TYR C 189 -24.93 17.51 -4.08
C TYR C 189 -23.43 17.50 -4.41
N GLY C 190 -23.03 16.93 -5.53
CA GLY C 190 -21.62 16.89 -5.87
C GLY C 190 -21.28 17.18 -7.31
N TYR C 191 -20.00 17.19 -7.66
CA TYR C 191 -19.59 17.35 -9.04
C TYR C 191 -19.09 16.04 -9.62
N GLY C 192 -19.71 15.61 -10.71
CA GLY C 192 -19.17 14.51 -11.50
C GLY C 192 -19.08 13.20 -10.74
N LYS C 193 -17.86 12.74 -10.54
CA LYS C 193 -17.61 11.42 -9.99
C LYS C 193 -17.99 11.33 -8.51
N GLN C 194 -18.17 12.47 -7.85
CA GLN C 194 -18.46 12.48 -6.43
C GLN C 194 -19.92 12.75 -6.12
N GLN C 195 -20.80 12.60 -7.10
CA GLN C 195 -22.17 13.08 -6.97
C GLN C 195 -23.01 12.20 -6.07
N VAL C 196 -24.03 12.81 -5.46
CA VAL C 196 -25.10 12.11 -4.76
C VAL C 196 -26.42 12.79 -5.13
N ARG C 197 -27.42 12.00 -5.51
CA ARG C 197 -28.71 12.52 -5.92
C ARG C 197 -29.81 11.99 -5.00
N GLY C 198 -30.80 12.83 -4.71
CA GLY C 198 -31.89 12.38 -3.87
C GLY C 198 -33.00 13.41 -3.78
N ILE C 199 -34.11 12.98 -3.21
CA ILE C 199 -35.27 13.83 -2.95
C ILE C 199 -35.68 13.68 -1.50
N ALA C 200 -35.84 14.80 -0.79
CA ALA C 200 -36.16 14.81 0.63
C ALA C 200 -35.14 13.97 1.40
N THR C 201 -35.56 12.82 1.91
CA THR C 201 -34.66 11.95 2.67
C THR C 201 -34.42 10.61 1.99
N THR C 202 -34.89 10.43 0.76
CA THR C 202 -34.52 9.27 -0.05
C THR C 202 -33.32 9.60 -0.92
N PHE C 203 -32.39 8.65 -1.03
CA PHE C 203 -31.18 8.85 -1.81
C PHE C 203 -31.02 7.72 -2.82
N ASP C 204 -30.06 7.89 -3.72
CA ASP C 204 -29.91 6.96 -4.85
C ASP C 204 -29.14 5.70 -4.50
N VAL C 205 -28.66 5.56 -3.26
CA VAL C 205 -27.98 4.34 -2.85
C VAL C 205 -28.90 3.36 -2.16
N ASP C 206 -30.16 3.71 -1.95
CA ASP C 206 -31.12 2.83 -1.30
C ASP C 206 -31.63 1.78 -2.29
N SER C 207 -32.11 0.67 -1.75
CA SER C 207 -32.49 -0.49 -2.54
C SER C 207 -33.95 -0.47 -2.93
N HIS C 208 -34.24 -1.03 -4.10
CA HIS C 208 -35.60 -1.19 -4.58
C HIS C 208 -36.34 -2.30 -3.86
N ILE C 209 -35.61 -3.30 -3.36
CA ILE C 209 -36.22 -4.46 -2.73
C ILE C 209 -36.62 -4.17 -1.28
N ASP C 210 -35.73 -3.51 -0.54
CA ASP C 210 -35.96 -3.30 0.89
C ASP C 210 -37.15 -2.37 1.15
N SER C 211 -37.30 -1.33 0.33
CA SER C 211 -38.43 -0.43 0.52
C SER C 211 -39.75 -1.16 0.31
N ASP C 212 -39.83 -1.95 -0.75
CA ASP C 212 -41.03 -2.74 -1.00
C ASP C 212 -41.28 -3.71 0.14
N PHE C 213 -40.22 -4.31 0.69
CA PHE C 213 -40.42 -5.21 1.80
C PHE C 213 -40.99 -4.50 3.01
N THR C 214 -40.50 -3.28 3.30
CA THR C 214 -41.01 -2.56 4.45
C THR C 214 -42.47 -2.16 4.26
N THR C 215 -42.88 -1.90 3.02
CA THR C 215 -44.29 -1.52 2.82
C THR C 215 -45.25 -2.67 3.07
N GLN C 216 -44.78 -3.92 3.09
CA GLN C 216 -45.66 -5.08 3.26
C GLN C 216 -45.66 -5.49 4.73
N LYS C 217 -46.66 -5.01 5.43
CA LYS C 217 -46.85 -5.38 6.85
C LYS C 217 -47.38 -6.81 6.90
N ASP C 218 -47.23 -7.48 8.01
CA ASP C 218 -47.60 -8.87 8.29
C ASP C 218 -46.59 -9.83 7.68
N ASP C 219 -45.65 -9.36 6.86
CA ASP C 219 -44.57 -10.18 6.37
C ASP C 219 -43.23 -9.82 6.99
N CYS C 220 -42.99 -8.55 7.30
CA CYS C 220 -41.84 -8.20 8.12
C CYS C 220 -42.08 -8.51 9.59
N LYS C 221 -43.35 -8.67 9.96
CA LYS C 221 -43.68 -9.08 11.32
C LYS C 221 -43.12 -10.47 11.61
N LYS C 222 -43.35 -11.42 10.70
CA LYS C 222 -42.82 -12.77 10.88
C LYS C 222 -41.30 -12.78 10.77
N PHE C 223 -40.74 -11.95 9.88
CA PHE C 223 -39.29 -11.86 9.76
C PHE C 223 -38.66 -11.39 11.06
N LEU C 224 -39.26 -10.40 11.71
CA LEU C 224 -38.74 -9.96 13.00
C LEU C 224 -38.98 -10.99 14.08
N GLN C 225 -40.11 -11.69 14.03
CA GLN C 225 -40.41 -12.68 15.07
C GLN C 225 -39.44 -13.84 15.05
N GLU C 226 -38.95 -14.24 13.89
CA GLU C 226 -38.03 -15.36 13.80
C GLU C 226 -36.62 -15.04 14.26
N LEU C 227 -36.40 -13.92 14.98
CA LEU C 227 -35.07 -13.58 15.47
C LEU C 227 -35.08 -13.13 16.93
N GLY C 228 -36.18 -13.28 17.65
CA GLY C 228 -36.32 -12.67 18.95
C GLY C 228 -37.27 -11.49 18.87
N PHE C 229 -36.79 -10.30 19.21
CA PHE C 229 -37.45 -9.06 18.81
C PHE C 229 -38.93 -9.01 19.18
N PRO C 230 -39.27 -8.70 20.42
CA PRO C 230 -40.66 -8.79 20.87
C PRO C 230 -41.67 -8.08 19.98
N VAL C 231 -42.63 -8.81 19.45
CA VAL C 231 -43.61 -8.22 18.57
C VAL C 231 -44.99 -8.64 19.01
N PRO C 232 -45.99 -7.81 18.74
CA PRO C 232 -47.36 -8.19 19.07
C PRO C 232 -47.64 -9.56 18.52
N GLN C 233 -48.36 -10.40 19.26
CA GLN C 233 -48.57 -11.77 18.81
C GLN C 233 -49.95 -12.03 18.28
N GLY C 234 -50.09 -12.48 17.05
CA GLY C 234 -51.42 -12.62 16.47
C GLY C 234 -51.52 -13.13 15.05
N ASP C 235 -52.59 -12.92 14.28
CA ASP C 235 -52.73 -13.53 12.95
C ASP C 235 -53.69 -12.81 11.99
N VAL C 236 -53.77 -13.23 10.76
CA VAL C 236 -54.58 -12.49 9.81
C VAL C 236 -55.75 -13.27 9.22
N VAL C 237 -56.91 -12.60 9.22
CA VAL C 237 -58.15 -13.25 8.84
C VAL C 237 -59.15 -12.52 7.96
N PHE C 238 -59.77 -13.19 7.03
CA PHE C 238 -60.98 -12.80 6.31
C PHE C 238 -62.41 -12.60 6.80
N SER C 239 -62.93 -13.55 7.57
CA SER C 239 -64.29 -13.44 8.10
C SER C 239 -64.48 -13.45 9.61
N LEU C 240 -65.63 -13.02 10.08
CA LEU C 240 -65.89 -12.96 11.53
C LEU C 240 -65.59 -14.28 12.22
N ALA C 241 -65.78 -15.38 11.52
CA ALA C 241 -65.52 -16.69 12.11
C ALA C 241 -64.18 -16.73 12.81
N GLU C 242 -63.10 -16.64 12.03
CA GLU C 242 -61.76 -16.72 12.62
C GLU C 242 -61.52 -15.58 13.58
N ALA C 243 -62.06 -14.40 13.27
CA ALA C 243 -61.90 -13.28 14.16
C ALA C 243 -62.10 -13.72 15.60
N LYS C 244 -62.91 -14.76 15.79
CA LYS C 244 -63.19 -15.23 17.15
C LYS C 244 -62.26 -16.31 17.65
N GLU C 245 -62.06 -17.35 16.87
CA GLU C 245 -61.23 -18.45 17.32
C GLU C 245 -59.82 -17.96 17.55
N VAL C 246 -59.44 -16.91 16.84
CA VAL C 246 -58.13 -16.33 17.07
C VAL C 246 -58.00 -15.84 18.49
N ALA C 247 -59.02 -15.12 18.94
CA ALA C 247 -59.00 -14.62 20.30
C ALA C 247 -59.23 -15.76 21.25
N ALA C 248 -59.93 -16.79 20.78
CA ALA C 248 -60.21 -17.93 21.62
C ALA C 248 -58.82 -18.49 21.90
N GLU C 249 -58.01 -18.59 20.86
CA GLU C 249 -56.66 -19.11 21.02
C GLU C 249 -55.55 -18.36 21.74
N ILE C 250 -55.55 -17.04 21.58
CA ILE C 250 -54.54 -16.23 22.23
C ILE C 250 -55.23 -16.28 23.57
N GLY C 251 -54.45 -16.45 24.62
CA GLY C 251 -55.03 -16.59 25.94
C GLY C 251 -55.09 -15.20 26.52
N TYR C 252 -55.77 -14.31 25.82
CA TYR C 252 -55.93 -12.94 26.29
C TYR C 252 -57.08 -12.13 25.72
N PRO C 253 -57.66 -11.82 26.71
CA PRO C 253 -58.81 -11.08 26.22
C PRO C 253 -58.51 -9.72 25.65
N VAL C 254 -57.88 -8.86 26.16
CA VAL C 254 -57.56 -7.58 25.50
C VAL C 254 -57.15 -7.77 24.02
N ALA C 255 -57.57 -7.28 22.96
CA ALA C 255 -57.28 -7.50 21.51
C ALA C 255 -57.62 -6.37 20.53
N VAL C 256 -57.14 -6.24 19.41
CA VAL C 256 -57.40 -5.15 18.43
C VAL C 256 -57.58 -5.43 16.94
N LYS C 257 -58.31 -4.45 16.28
CA LYS C 257 -58.71 -4.75 14.91
C LYS C 257 -58.27 -3.59 14.05
N PRO C 258 -56.80 -3.38 13.51
CA PRO C 258 -56.69 -2.51 12.35
C PRO C 258 -57.05 -3.27 11.12
N VAL C 259 -57.28 -2.33 10.26
CA VAL C 259 -57.39 -2.73 8.88
C VAL C 259 -56.00 -2.74 8.33
N ALA C 260 -55.85 -3.40 7.17
CA ALA C 260 -54.57 -3.37 6.49
C ALA C 260 -54.72 -2.14 5.59
N GLY C 261 -54.97 -1.01 6.16
CA GLY C 261 -55.59 0.15 5.56
C GLY C 261 -55.02 1.42 6.14
N HIS C 262 -55.30 2.56 5.53
CA HIS C 262 -54.70 3.82 5.97
C HIS C 262 -55.56 4.66 6.91
N LYS C 263 -56.63 4.08 7.44
CA LYS C 263 -57.54 4.86 8.27
C LYS C 263 -58.19 4.06 9.40
N GLY C 264 -58.41 2.78 9.19
CA GLY C 264 -59.10 1.98 10.19
C GLY C 264 -58.29 1.57 11.40
N ILE C 265 -58.78 1.86 12.63
CA ILE C 265 -58.09 1.44 13.84
C ILE C 265 -59.10 1.35 14.96
N GLY C 266 -58.91 0.64 15.97
CA GLY C 266 -59.73 0.61 17.16
C GLY C 266 -59.06 -0.32 18.15
N VAL C 267 -59.55 -0.24 19.40
CA VAL C 267 -58.95 -1.08 20.42
C VAL C 267 -60.26 -1.65 20.95
N THR C 268 -60.40 -2.98 20.91
CA THR C 268 -61.63 -3.62 21.39
C THR C 268 -61.84 -3.61 22.91
N ALA C 269 -62.59 -4.58 23.44
CA ALA C 269 -62.95 -4.57 24.87
C ALA C 269 -61.87 -4.95 25.87
N ASP C 270 -62.16 -4.78 27.15
CA ASP C 270 -61.19 -5.15 28.17
C ASP C 270 -61.18 -6.66 28.33
N VAL C 271 -62.17 -7.21 29.01
CA VAL C 271 -62.15 -8.66 29.26
C VAL C 271 -63.31 -9.43 28.54
N GLN C 272 -63.02 -10.34 27.60
CA GLN C 272 -63.93 -11.44 27.11
C GLN C 272 -65.28 -11.45 26.31
N ASP C 273 -65.86 -10.34 25.85
CA ASP C 273 -67.09 -10.40 25.04
C ASP C 273 -66.83 -9.80 23.66
N GLU C 274 -67.14 -10.77 22.82
CA GLU C 274 -67.05 -10.56 21.38
C GLU C 274 -68.08 -9.53 21.03
N ILE C 275 -68.97 -9.27 21.95
CA ILE C 275 -70.01 -8.30 21.72
C ILE C 275 -69.38 -7.02 21.27
N GLU C 276 -68.48 -6.63 21.98
CA GLU C 276 -67.90 -5.39 21.54
C GLU C 276 -67.00 -5.77 20.39
N LEU C 277 -66.37 -6.94 20.19
CA LEU C 277 -65.70 -7.35 18.96
C LEU C 277 -66.58 -7.18 17.75
N GLU C 278 -67.85 -7.52 17.88
CA GLU C 278 -68.75 -7.47 16.74
C GLU C 278 -68.87 -6.05 16.29
N ALA C 279 -69.56 -5.25 17.07
CA ALA C 279 -69.59 -3.82 16.76
C ALA C 279 -68.21 -3.32 16.34
N ALA C 280 -67.17 -3.78 17.02
CA ALA C 280 -65.80 -3.39 16.67
C ALA C 280 -65.45 -3.87 15.27
N TYR C 281 -65.84 -5.10 14.93
CA TYR C 281 -65.60 -5.61 13.59
C TYR C 281 -66.32 -4.71 12.59
N ASP C 282 -67.57 -4.38 12.86
CA ASP C 282 -68.44 -3.74 11.89
C ASP C 282 -67.93 -2.30 11.74
N ARG C 283 -67.98 -1.80 10.51
CA ARG C 283 -67.71 -0.40 10.18
C ARG C 283 -66.22 -0.07 10.30
N ALA C 284 -65.48 -1.03 10.79
CA ALA C 284 -64.05 -0.89 10.83
C ALA C 284 -63.73 -1.66 9.59
N VAL C 285 -64.29 -2.71 9.34
CA VAL C 285 -64.16 -3.53 8.15
C VAL C 285 -64.80 -2.81 7.00
N ALA C 286 -66.02 -2.34 7.35
CA ALA C 286 -66.37 -1.41 6.29
C ALA C 286 -65.78 -0.05 6.05
N GLY C 287 -64.90 0.38 6.95
CA GLY C 287 -64.11 1.56 6.64
C GLY C 287 -63.21 1.18 5.48
N ILE C 288 -62.93 -0.02 5.22
CA ILE C 288 -62.38 -0.52 3.97
C ILE C 288 -63.10 -0.26 2.65
N PRO C 289 -62.36 0.28 1.67
CA PRO C 289 -62.79 0.37 0.27
C PRO C 289 -61.64 -0.16 -0.57
N LEU C 290 -61.33 -1.45 -0.44
CA LEU C 290 -60.10 -1.97 -1.02
C LEU C 290 -60.26 -3.29 -1.76
N GLU C 291 -59.29 -4.18 -1.63
CA GLU C 291 -59.33 -5.42 -2.41
C GLU C 291 -60.09 -6.55 -1.73
N GLU C 292 -59.39 -7.56 -1.27
CA GLU C 292 -60.04 -8.71 -0.64
C GLU C 292 -60.55 -8.37 0.74
N LYS C 293 -60.56 -7.09 1.08
CA LYS C 293 -61.05 -6.65 2.37
C LYS C 293 -60.57 -7.61 3.45
N ILE C 294 -59.30 -7.50 3.72
CA ILE C 294 -58.63 -8.49 4.55
C ILE C 294 -57.97 -7.83 5.74
N CYS C 295 -57.93 -8.35 6.85
CA CYS C 295 -57.28 -7.58 7.90
C CYS C 295 -56.94 -8.38 9.15
N ILE C 296 -56.18 -7.76 10.06
CA ILE C 296 -55.61 -8.53 11.20
C ILE C 296 -56.23 -8.19 12.56
N ILE C 297 -56.22 -9.15 13.48
CA ILE C 297 -56.68 -8.91 14.87
C ILE C 297 -55.46 -9.27 15.72
N VAL C 298 -54.94 -8.39 16.56
CA VAL C 298 -53.74 -8.84 17.32
C VAL C 298 -53.41 -7.98 18.53
N GLU C 299 -53.17 -8.64 19.68
CA GLU C 299 -52.58 -7.88 20.82
C GLU C 299 -52.32 -8.84 21.96
N ASN C 300 -51.33 -8.55 22.76
CA ASN C 300 -50.98 -9.40 23.89
C ASN C 300 -50.92 -8.60 25.19
N SER C 301 -50.00 -7.65 25.32
CA SER C 301 -49.87 -6.96 26.60
C SER C 301 -49.56 -5.47 26.45
N ILE C 302 -49.19 -5.00 25.27
CA ILE C 302 -48.80 -3.60 25.11
C ILE C 302 -49.83 -2.54 25.48
N ALA C 303 -49.54 -1.76 26.52
CA ALA C 303 -50.49 -0.76 27.00
C ALA C 303 -49.95 0.66 27.12
N GLY C 304 -48.63 0.86 27.12
CA GLY C 304 -48.08 2.17 27.40
C GLY C 304 -47.98 3.14 26.23
N HIS C 305 -47.36 4.28 26.51
CA HIS C 305 -47.08 5.30 25.51
C HIS C 305 -46.18 5.04 24.32
N ASP C 306 -46.55 5.57 23.15
CA ASP C 306 -45.75 5.36 21.95
C ASP C 306 -44.56 6.27 21.69
N TYR C 307 -43.52 5.70 21.08
CA TYR C 307 -42.27 6.39 20.81
C TYR C 307 -41.80 6.10 19.39
N ARG C 308 -40.99 7.02 18.87
CA ARG C 308 -40.38 6.91 17.54
C ARG C 308 -38.87 7.01 17.67
N LEU C 309 -38.15 6.07 17.07
CA LEU C 309 -36.69 6.04 17.11
C LEU C 309 -36.14 6.20 15.70
N LEU C 310 -35.03 6.92 15.58
CA LEU C 310 -34.40 7.23 14.30
C LEU C 310 -32.99 6.67 14.25
N CYS C 311 -32.68 5.95 13.18
CA CYS C 311 -31.35 5.38 12.97
C CYS C 311 -30.80 5.86 11.65
N VAL C 312 -29.57 6.37 11.67
CA VAL C 312 -28.87 6.84 10.47
C VAL C 312 -27.58 6.06 10.35
N ASN C 313 -27.36 5.47 9.17
CA ASN C 313 -26.16 4.70 8.89
C ASN C 313 -25.95 3.58 9.90
N GLY C 314 -27.04 3.02 10.41
CA GLY C 314 -26.96 1.96 11.38
C GLY C 314 -26.65 2.39 12.79
N ARG C 315 -26.76 3.68 13.10
CA ARG C 315 -26.47 4.20 14.43
C ARG C 315 -27.67 4.96 14.97
N PHE C 316 -27.93 4.78 16.26
CA PHE C 316 -29.05 5.45 16.92
C PHE C 316 -28.78 6.94 17.05
N VAL C 317 -29.74 7.77 16.66
CA VAL C 317 -29.49 9.21 16.65
C VAL C 317 -30.42 9.97 17.59
N ALA C 318 -31.73 9.79 17.43
CA ALA C 318 -32.68 10.60 18.19
C ALA C 318 -33.90 9.76 18.57
N ALA C 319 -34.63 10.25 19.58
CA ALA C 319 -35.88 9.64 20.01
C ALA C 319 -36.82 10.74 20.49
N THR C 320 -38.12 10.47 20.42
CA THR C 320 -39.11 11.47 20.78
C THR C 320 -40.42 10.79 21.15
N GLU C 321 -41.21 11.46 21.98
CA GLU C 321 -42.47 10.94 22.49
C GLU C 321 -43.62 11.80 21.99
N ARG C 322 -44.72 11.15 21.59
CA ARG C 322 -45.85 11.85 20.98
C ARG C 322 -47.06 11.85 21.91
N LYS C 323 -47.64 13.04 22.15
CA LYS C 323 -48.76 13.20 23.05
C LYS C 323 -49.88 13.99 22.39
N PRO C 324 -51.13 13.65 22.68
CA PRO C 324 -52.27 14.35 22.08
C PRO C 324 -52.70 15.56 22.91
N ALA C 325 -53.73 16.24 22.44
CA ALA C 325 -54.21 17.44 23.10
C ALA C 325 -55.01 17.12 24.35
N TYR C 326 -55.12 18.11 25.23
CA TYR C 326 -55.87 17.94 26.47
C TYR C 326 -56.14 19.29 27.15
N VAL C 327 -57.13 19.37 28.05
CA VAL C 327 -57.47 20.63 28.76
C VAL C 327 -57.54 20.46 30.29
N VAL C 328 -57.44 21.38 31.05
CA VAL C 328 -57.40 21.52 32.50
C VAL C 328 -58.77 21.51 33.15
N GLY C 329 -58.95 22.07 34.34
CA GLY C 329 -60.23 21.96 35.01
C GLY C 329 -60.79 23.15 35.75
N ASP C 330 -62.16 22.85 36.34
CA ASP C 330 -62.77 23.92 37.11
C ASP C 330 -63.37 24.97 36.21
N GLY C 331 -63.23 24.76 34.90
CA GLY C 331 -63.75 25.72 33.94
C GLY C 331 -65.23 26.00 33.92
N TYR C 332 -66.09 25.13 34.04
CA TYR C 332 -67.51 25.26 34.34
C TYR C 332 -68.07 25.58 32.97
N SER C 333 -67.17 25.58 31.84
CA SER C 333 -67.62 25.92 30.50
C SER C 333 -68.09 24.80 29.61
N THR C 334 -68.47 25.14 28.39
CA THR C 334 -69.00 24.13 27.48
C THR C 334 -68.02 23.48 26.50
N ILE C 335 -66.85 23.10 27.00
CA ILE C 335 -65.84 22.36 26.25
C ILE C 335 -65.25 23.16 25.11
N ALA C 336 -66.11 23.65 24.20
CA ALA C 336 -65.68 24.38 23.03
C ALA C 336 -65.08 25.71 23.47
N GLU C 337 -65.57 26.24 24.59
CA GLU C 337 -65.02 27.46 25.16
C GLU C 337 -63.55 27.29 25.50
N LEU C 338 -63.20 26.15 26.12
CA LEU C 338 -61.80 25.87 26.45
C LEU C 338 -60.94 25.78 25.20
N ILE C 339 -61.46 25.12 24.17
CA ILE C 339 -60.75 24.96 22.90
C ILE C 339 -60.46 26.32 22.30
N GLU C 340 -61.48 27.18 22.24
CA GLU C 340 -61.32 28.51 21.69
C GLU C 340 -60.35 29.35 22.50
N LYS C 341 -60.43 29.25 23.83
CA LYS C 341 -59.54 30.00 24.70
C LYS C 341 -58.09 29.59 24.50
N GLU C 342 -57.85 28.28 24.33
CA GLU C 342 -56.49 27.81 24.13
C GLU C 342 -55.98 28.16 22.74
N ASN C 343 -56.87 28.13 21.73
CA ASN C 343 -56.45 28.56 20.40
C ASN C 343 -56.10 30.04 20.39
N PHE C 344 -56.84 30.85 21.14
CA PHE C 344 -56.52 32.27 21.24
C PHE C 344 -55.25 32.50 22.06
N SER C 345 -54.88 31.54 22.89
CA SER C 345 -53.70 31.62 23.74
C SER C 345 -52.43 31.59 22.88
N PRO C 346 -51.31 32.12 23.36
CA PRO C 346 -50.06 32.05 22.59
C PRO C 346 -49.53 30.64 22.45
N ASN C 347 -48.34 30.50 21.83
CA ASN C 347 -47.68 29.22 21.62
C ASN C 347 -48.48 28.34 20.66
N ARG C 348 -49.53 28.89 20.05
CA ARG C 348 -50.33 28.15 19.09
C ARG C 348 -50.69 28.95 17.85
N SER C 349 -49.84 29.89 17.43
CA SER C 349 -50.08 30.66 16.21
C SER C 349 -49.91 29.77 14.99
N ASP C 350 -50.31 30.27 13.81
CA ASP C 350 -50.28 29.50 12.58
C ASP C 350 -49.17 29.95 11.65
N THR C 351 -48.13 30.58 12.20
CA THR C 351 -46.97 30.95 11.41
C THR C 351 -46.20 29.69 11.01
N PRO C 352 -45.45 29.74 9.91
CA PRO C 352 -44.68 28.56 9.49
C PRO C 352 -43.62 28.12 10.49
N THR C 353 -43.29 28.94 11.48
CA THR C 353 -42.28 28.60 12.48
C THR C 353 -42.93 28.74 13.86
N SER C 354 -43.61 27.69 14.30
CA SER C 354 -44.27 27.65 15.60
C SER C 354 -44.08 26.26 16.18
N PRO C 355 -44.09 26.13 17.51
CA PRO C 355 -43.94 24.80 18.11
C PRO C 355 -45.09 23.87 17.76
N MET C 356 -46.32 24.31 18.05
CA MET C 356 -47.52 23.53 17.77
C MET C 356 -48.60 24.44 17.24
N GLY C 357 -49.54 23.85 16.50
CA GLY C 357 -50.62 24.57 15.85
C GLY C 357 -51.83 24.73 16.74
N LYS C 358 -52.94 25.13 16.13
CA LYS C 358 -54.21 25.33 16.82
C LYS C 358 -55.01 24.04 16.83
N ILE C 359 -55.72 23.81 17.94
CA ILE C 359 -56.50 22.59 18.11
C ILE C 359 -57.69 22.61 17.18
N ARG C 360 -57.67 21.77 16.15
CA ARG C 360 -58.80 21.64 15.25
C ARG C 360 -59.78 20.62 15.77
N THR C 361 -60.84 20.33 15.02
CA THR C 361 -61.80 19.31 15.39
C THR C 361 -62.31 18.63 14.14
N ASP C 362 -62.53 17.32 14.23
CA ASP C 362 -62.98 16.54 13.09
C ASP C 362 -63.87 15.41 13.56
N GLU C 363 -64.83 15.02 12.72
CA GLU C 363 -65.74 13.94 13.08
C GLU C 363 -64.99 12.63 13.24
N ALA C 364 -63.93 12.42 12.47
CA ALA C 364 -63.05 11.30 12.70
C ALA C 364 -62.35 11.46 14.05
N MET C 365 -62.37 10.39 14.84
CA MET C 365 -61.85 10.31 16.21
C MET C 365 -62.69 11.15 17.17
N HIS C 366 -63.76 11.80 16.70
CA HIS C 366 -64.66 12.51 17.59
C HIS C 366 -65.44 11.56 18.50
N LEU C 367 -65.46 10.27 18.15
CA LEU C 367 -66.20 9.30 18.94
C LEU C 367 -65.59 9.11 20.33
N TYR C 368 -64.35 9.53 20.52
CA TYR C 368 -63.70 9.35 21.82
C TYR C 368 -64.44 10.08 22.93
N LEU C 369 -64.96 11.26 22.64
CA LEU C 369 -65.73 12.00 23.63
C LEU C 369 -67.00 11.25 24.01
N GLU C 370 -67.67 10.63 23.04
CA GLU C 370 -68.89 9.89 23.31
C GLU C 370 -68.64 8.66 24.18
N GLU C 371 -67.45 8.08 24.12
CA GLU C 371 -67.14 6.88 24.87
C GLU C 371 -66.59 7.27 26.24
N GLN C 372 -67.32 6.91 27.30
CA GLN C 372 -66.91 7.11 28.69
C GLN C 372 -66.63 8.60 28.87
N GLY C 373 -67.47 9.37 28.29
CA GLY C 373 -67.18 10.72 28.54
C GLY C 373 -68.45 11.31 28.14
N LEU C 374 -68.45 12.56 28.17
CA LEU C 374 -69.54 13.38 27.66
C LEU C 374 -69.40 14.36 26.50
N ASP C 375 -70.57 14.47 25.55
CA ASP C 375 -70.47 15.37 24.40
C ASP C 375 -70.42 16.88 24.60
N LEU C 376 -71.31 17.41 25.43
CA LEU C 376 -71.44 18.84 25.64
C LEU C 376 -71.30 20.20 26.31
N ASP C 377 -71.58 20.25 27.67
CA ASP C 377 -71.35 21.34 28.61
C ASP C 377 -70.99 20.43 29.78
N SER C 378 -69.95 20.48 30.51
CA SER C 378 -69.84 19.71 31.71
C SER C 378 -69.10 20.80 32.39
N VAL C 379 -69.53 21.01 33.57
CA VAL C 379 -68.90 21.96 34.48
C VAL C 379 -67.66 21.10 34.61
N ILE C 380 -66.56 21.55 34.15
CA ILE C 380 -65.41 20.69 34.24
C ILE C 380 -65.25 20.44 35.71
N ASP C 381 -65.05 19.25 36.15
CA ASP C 381 -64.75 18.99 37.55
C ASP C 381 -63.44 19.66 37.94
N ARG C 382 -63.46 20.36 39.08
CA ARG C 382 -62.32 21.15 39.51
C ARG C 382 -61.03 20.35 39.51
N ASP C 383 -59.97 20.96 38.97
CA ASP C 383 -58.64 20.36 38.92
C ASP C 383 -58.44 19.03 38.18
N ARG C 384 -59.15 18.85 37.08
CA ARG C 384 -59.08 17.63 36.28
C ARG C 384 -58.45 17.86 34.91
N THR C 385 -58.05 16.77 34.25
CA THR C 385 -57.51 16.83 32.91
C THR C 385 -58.26 15.87 32.01
N ILE C 386 -58.55 16.32 30.79
CA ILE C 386 -59.31 15.51 29.83
C ILE C 386 -58.54 15.47 28.51
N TYR C 387 -58.26 14.28 28.01
CA TYR C 387 -57.57 14.09 26.75
C TYR C 387 -58.60 13.99 25.63
N LEU C 388 -58.46 14.85 24.62
CA LEU C 388 -59.47 14.94 23.58
C LEU C 388 -59.48 13.72 22.68
N ARG C 389 -58.30 13.21 22.30
CA ARG C 389 -58.19 12.09 21.39
C ARG C 389 -57.26 11.05 21.97
N LYS C 390 -57.15 9.91 21.29
CA LYS C 390 -56.30 8.82 21.75
C LYS C 390 -54.97 8.77 21.02
N VAL C 391 -55.01 8.68 19.69
CA VAL C 391 -53.80 8.63 18.87
C VAL C 391 -53.51 10.03 18.36
N ALA C 392 -52.32 10.54 18.71
CA ALA C 392 -52.00 11.93 18.45
C ALA C 392 -51.87 12.21 16.96
N ASN C 393 -52.33 13.39 16.55
CA ASN C 393 -52.10 13.93 15.21
C ASN C 393 -51.35 15.23 15.36
N LEU C 394 -50.07 15.22 14.98
CA LEU C 394 -49.25 16.42 15.11
C LEU C 394 -49.75 17.54 14.20
N SER C 395 -50.53 17.19 13.18
CA SER C 395 -51.11 18.19 12.30
C SER C 395 -52.10 19.08 13.03
N SER C 396 -52.94 18.49 13.88
CA SER C 396 -54.01 19.20 14.57
C SER C 396 -53.93 18.92 16.06
N GLY C 397 -53.28 19.81 16.80
CA GLY C 397 -53.27 19.75 18.25
C GLY C 397 -52.61 18.53 18.87
N GLY C 398 -51.43 18.19 18.40
CA GLY C 398 -50.62 17.17 19.05
C GLY C 398 -49.17 17.62 19.08
N PHE C 399 -48.45 17.16 20.09
CA PHE C 399 -47.08 17.68 20.19
C PHE C 399 -46.14 16.55 20.61
N SER C 400 -44.85 16.89 20.65
CA SER C 400 -43.78 15.93 20.84
C SER C 400 -42.82 16.43 21.90
N ILE C 401 -42.16 15.49 22.57
CA ILE C 401 -41.23 15.78 23.66
C ILE C 401 -39.92 15.04 23.39
N ASP C 402 -38.81 15.74 23.58
CA ASP C 402 -37.51 15.12 23.41
C ASP C 402 -37.26 14.09 24.50
N ALA C 403 -36.72 12.93 24.12
CA ALA C 403 -36.46 11.86 25.07
C ALA C 403 -35.16 11.12 24.75
N THR C 404 -34.18 11.81 24.19
CA THR C 404 -32.99 11.14 23.70
C THR C 404 -32.07 10.69 24.82
N ASN C 405 -32.01 11.44 25.92
CA ASN C 405 -31.02 11.21 26.95
C ASN C 405 -31.48 10.26 28.04
N ARG C 406 -32.67 9.68 27.93
CA ARG C 406 -33.17 8.74 28.92
C ARG C 406 -33.62 7.43 28.27
N VAL C 407 -32.75 6.84 27.46
CA VAL C 407 -33.00 5.56 26.81
C VAL C 407 -31.99 4.55 27.32
N HIS C 408 -32.47 3.38 27.73
CA HIS C 408 -31.61 2.34 28.28
C HIS C 408 -30.70 1.77 27.20
N PRO C 409 -29.48 1.36 27.56
CA PRO C 409 -28.56 0.80 26.55
C PRO C 409 -29.10 -0.43 25.84
N ASP C 410 -29.88 -1.27 26.52
CA ASP C 410 -30.40 -2.47 25.87
C ASP C 410 -31.26 -2.13 24.67
N ASN C 411 -32.11 -1.10 24.81
CA ASN C 411 -32.96 -0.70 23.70
C ASN C 411 -32.15 -0.13 22.55
N ILE C 412 -31.05 0.57 22.85
CA ILE C 412 -30.17 1.08 21.80
C ILE C 412 -29.57 -0.07 21.02
N ILE C 413 -29.11 -1.11 21.73
CA ILE C 413 -28.53 -2.26 21.04
C ILE C 413 -29.58 -2.98 20.22
N LEU C 414 -30.80 -3.07 20.72
CA LEU C 414 -31.88 -3.68 19.96
C LEU C 414 -32.15 -2.91 18.65
N ALA C 415 -32.17 -1.59 18.73
CA ALA C 415 -32.39 -0.77 17.54
C ALA C 415 -31.28 -0.96 16.53
N GLN C 416 -30.03 -1.00 16.98
CA GLN C 416 -28.92 -1.25 16.06
C GLN C 416 -29.05 -2.60 15.38
N ASP C 417 -29.42 -3.63 16.15
CA ASP C 417 -29.58 -4.97 15.58
C ASP C 417 -30.65 -4.99 14.51
N ILE C 418 -31.77 -4.32 14.76
CA ILE C 418 -32.82 -4.27 13.74
C ILE C 418 -32.32 -3.53 12.50
N ALA C 419 -31.67 -2.39 12.70
CA ALA C 419 -31.32 -1.53 11.57
C ALA C 419 -30.22 -2.10 10.69
N GLN C 420 -29.38 -2.99 11.21
CA GLN C 420 -28.26 -3.43 10.36
C GLN C 420 -28.67 -4.39 9.25
N HIS C 421 -29.93 -4.81 9.16
CA HIS C 421 -30.32 -5.83 8.19
C HIS C 421 -30.84 -5.26 6.86
N PHE C 422 -30.90 -3.95 6.70
CA PHE C 422 -31.46 -3.34 5.51
C PHE C 422 -30.45 -2.42 4.85
N ARG C 423 -30.57 -2.25 3.53
CA ARG C 423 -29.73 -1.33 2.78
C ARG C 423 -30.46 -0.01 2.57
N LEU C 424 -30.69 0.69 3.67
CA LEU C 424 -31.32 2.00 3.67
C LEU C 424 -30.48 2.93 4.52
N THR C 425 -30.51 4.22 4.19
CA THR C 425 -29.69 5.18 4.92
C THR C 425 -30.35 5.61 6.23
N CYS C 426 -31.65 5.91 6.19
CA CYS C 426 -32.39 6.34 7.36
C CYS C 426 -33.53 5.37 7.62
N LEU C 427 -33.75 5.03 8.89
CA LEU C 427 -34.79 4.09 9.25
C LEU C 427 -35.53 4.59 10.49
N GLY C 428 -36.85 4.43 10.50
CA GLY C 428 -37.66 4.85 11.64
C GLY C 428 -38.41 3.67 12.22
N ILE C 429 -38.45 3.60 13.55
CA ILE C 429 -39.05 2.48 14.27
C ILE C 429 -40.09 3.01 15.24
N ASP C 430 -41.28 2.39 15.26
CA ASP C 430 -42.34 2.79 16.17
C ASP C 430 -42.53 1.72 17.25
N ILE C 431 -42.51 2.14 18.52
CA ILE C 431 -42.62 1.20 19.63
C ILE C 431 -43.66 1.70 20.63
N ILE C 432 -44.11 0.78 21.47
CA ILE C 432 -45.04 1.07 22.56
C ILE C 432 -44.49 0.46 23.84
N THR C 433 -44.43 1.26 24.91
CA THR C 433 -43.94 0.78 26.20
C THR C 433 -44.46 1.69 27.29
N ASN C 434 -44.33 1.23 28.53
CA ASN C 434 -44.77 2.03 29.67
C ASN C 434 -43.63 2.82 30.32
N ASP C 435 -42.40 2.34 30.20
CA ASP C 435 -41.24 3.06 30.74
C ASP C 435 -40.03 2.77 29.87
N ILE C 436 -39.53 3.79 29.17
CA ILE C 436 -38.39 3.58 28.28
C ILE C 436 -37.06 3.63 29.00
N GLY C 437 -37.05 3.88 30.30
CA GLY C 437 -35.83 3.84 31.06
C GLY C 437 -35.44 2.48 31.60
N ARG C 438 -36.22 1.44 31.29
CA ARG C 438 -35.95 0.09 31.78
C ARG C 438 -35.88 -0.86 30.60
N SER C 439 -35.15 -1.96 30.80
CA SER C 439 -34.86 -2.89 29.71
C SER C 439 -36.12 -3.57 29.22
N TRP C 440 -36.12 -3.94 27.93
CA TRP C 440 -37.27 -4.57 27.31
C TRP C 440 -37.49 -5.99 27.76
N LYS C 441 -36.55 -6.58 28.50
CA LYS C 441 -36.66 -7.95 28.97
C LYS C 441 -37.45 -8.07 30.26
N GLU C 442 -37.92 -6.95 30.81
CA GLU C 442 -38.66 -6.99 32.07
C GLU C 442 -39.86 -6.07 32.09
N THR C 443 -40.30 -5.53 30.96
CA THR C 443 -41.48 -4.67 30.91
C THR C 443 -42.40 -5.11 29.78
N SER C 444 -43.43 -4.31 29.50
CA SER C 444 -44.32 -4.57 28.37
C SER C 444 -43.81 -3.76 27.17
N PHE C 445 -43.21 -4.44 26.21
CA PHE C 445 -42.54 -3.82 25.09
C PHE C 445 -43.09 -4.41 23.80
N GLY C 446 -43.12 -3.61 22.75
CA GLY C 446 -43.64 -4.08 21.48
C GLY C 446 -43.14 -3.23 20.33
N ILE C 447 -43.00 -3.86 19.17
CA ILE C 447 -42.59 -3.19 17.94
C ILE C 447 -43.79 -3.19 16.99
N ILE C 448 -44.18 -2.02 16.53
CA ILE C 448 -45.39 -1.85 15.76
C ILE C 448 -45.12 -1.73 14.26
N GLU C 449 -44.15 -0.90 13.87
CA GLU C 449 -43.97 -0.61 12.45
C GLU C 449 -42.56 -0.12 12.18
N ILE C 450 -42.13 -0.31 10.93
CA ILE C 450 -40.84 0.14 10.43
C ILE C 450 -41.08 0.99 9.18
N ASN C 451 -40.45 2.16 9.12
CA ASN C 451 -40.65 3.12 8.04
C ASN C 451 -39.33 3.44 7.35
N ALA C 452 -39.39 3.56 6.02
CA ALA C 452 -38.21 3.62 5.18
C ALA C 452 -37.75 5.04 4.87
N ALA C 453 -38.66 5.99 4.67
CA ALA C 453 -38.31 7.37 4.36
C ALA C 453 -38.98 8.27 5.39
N PRO C 454 -38.44 8.35 6.59
CA PRO C 454 -39.13 9.06 7.67
C PRO C 454 -38.98 10.57 7.55
N GLY C 455 -39.88 11.27 8.23
CA GLY C 455 -39.79 12.71 8.35
C GLY C 455 -39.00 13.07 9.58
N VAL C 456 -38.07 14.02 9.44
CA VAL C 456 -37.14 14.35 10.50
C VAL C 456 -37.39 15.74 11.06
N TYR C 457 -38.55 16.34 10.78
CA TYR C 457 -38.80 17.68 11.28
C TYR C 457 -39.14 17.68 12.76
N MET C 458 -39.81 16.63 13.23
CA MET C 458 -40.18 16.55 14.63
C MET C 458 -38.98 16.45 15.56
N HIS C 459 -37.83 16.03 15.04
CA HIS C 459 -36.61 15.98 15.83
C HIS C 459 -35.83 17.28 15.82
N LEU C 460 -36.18 18.22 14.93
CA LEU C 460 -35.48 19.49 14.84
C LEU C 460 -36.17 20.62 15.60
N LYS C 461 -37.49 20.59 15.70
CA LYS C 461 -38.26 21.63 16.38
C LYS C 461 -39.21 21.00 17.38
N PRO C 462 -38.69 20.54 18.52
CA PRO C 462 -39.55 19.95 19.54
C PRO C 462 -40.37 21.01 20.25
N ALA C 463 -41.58 20.62 20.65
CA ALA C 463 -42.38 21.51 21.48
C ALA C 463 -41.76 21.70 22.86
N ILE C 464 -41.25 20.62 23.45
CA ILE C 464 -40.57 20.66 24.74
C ILE C 464 -39.27 19.90 24.61
N GLY C 465 -38.17 20.52 25.03
CA GLY C 465 -36.88 19.86 25.03
C GLY C 465 -35.87 20.65 24.23
N GLU C 466 -34.82 19.96 23.79
CA GLU C 466 -33.75 20.58 23.04
C GLU C 466 -33.57 19.91 21.68
N PRO C 467 -33.21 20.67 20.65
CA PRO C 467 -33.10 20.10 19.31
C PRO C 467 -31.85 19.23 19.14
N VAL C 468 -31.90 18.40 18.10
CA VAL C 468 -30.78 17.56 17.69
C VAL C 468 -30.52 17.82 16.22
N ASP C 469 -29.24 17.98 15.86
CA ASP C 469 -28.87 18.28 14.48
C ASP C 469 -28.70 16.98 13.70
N VAL C 470 -29.78 16.53 13.07
CA VAL C 470 -29.75 15.26 12.36
C VAL C 470 -29.27 15.42 10.92
N THR C 471 -29.44 16.61 10.33
CA THR C 471 -29.04 16.80 8.94
C THR C 471 -27.52 16.80 8.79
N ALA C 472 -26.80 17.32 9.78
CA ALA C 472 -25.34 17.20 9.75
C ALA C 472 -24.91 15.75 9.81
N ARG C 473 -25.61 14.95 10.63
CA ARG C 473 -25.33 13.53 10.71
C ARG C 473 -25.60 12.84 9.37
N ILE C 474 -26.66 13.25 8.69
CA ILE C 474 -26.97 12.66 7.38
C ILE C 474 -25.89 13.00 6.36
N LEU C 475 -25.47 14.27 6.31
CA LEU C 475 -24.53 14.67 5.28
C LEU C 475 -23.11 14.19 5.56
N GLU C 476 -22.73 13.99 6.82
CA GLU C 476 -21.40 13.48 7.12
C GLU C 476 -21.23 12.02 6.72
N THR C 477 -22.32 11.32 6.37
CA THR C 477 -22.20 9.95 5.89
C THR C 477 -21.45 9.90 4.57
N PHE C 478 -21.71 10.87 3.69
CA PHE C 478 -21.16 10.83 2.33
C PHE C 478 -19.88 11.63 2.19
N PHE C 479 -19.85 12.87 2.69
CA PHE C 479 -18.70 13.76 2.52
C PHE C 479 -18.07 14.01 3.88
N GLU C 480 -16.78 13.74 3.99
CA GLU C 480 -16.07 14.01 5.24
C GLU C 480 -15.57 15.44 5.30
N THR C 481 -15.17 15.99 4.16
CA THR C 481 -14.72 17.38 4.07
C THR C 481 -15.20 17.97 2.76
N GLU C 482 -14.89 19.25 2.55
CA GLU C 482 -15.28 19.94 1.33
C GLU C 482 -14.61 19.31 0.10
N LYS C 483 -13.32 19.00 0.22
CA LYS C 483 -12.55 18.55 -0.93
C LYS C 483 -13.00 17.17 -1.41
N ASN C 484 -13.84 16.51 -0.63
CA ASN C 484 -14.41 15.23 -1.04
C ASN C 484 -15.59 15.39 -1.98
N ALA C 485 -15.97 16.63 -2.33
CA ALA C 485 -17.15 16.83 -3.15
C ALA C 485 -16.85 17.61 -4.43
N ARG C 486 -15.58 17.69 -4.84
CA ARG C 486 -15.20 18.56 -5.95
C ARG C 486 -14.23 17.85 -6.88
N ILE C 487 -14.10 18.38 -8.08
CA ILE C 487 -13.13 17.91 -9.07
C ILE C 487 -12.40 19.11 -9.63
N PRO C 488 -11.24 18.89 -10.28
CA PRO C 488 -10.51 20.02 -10.86
C PRO C 488 -11.19 20.62 -12.10
N ILE C 489 -11.07 21.94 -12.23
CA ILE C 489 -11.73 22.73 -13.27
C ILE C 489 -10.72 23.73 -13.84
N ILE C 490 -10.73 23.89 -15.17
CA ILE C 490 -9.86 24.81 -15.88
C ILE C 490 -10.72 25.78 -16.69
N THR C 491 -10.38 27.06 -16.65
CA THR C 491 -11.19 28.09 -17.30
C THR C 491 -10.38 28.88 -18.33
N PHE C 492 -10.95 28.99 -19.53
CA PHE C 492 -10.44 29.83 -20.61
C PHE C 492 -11.42 30.96 -20.88
N ASN C 493 -11.04 31.87 -21.77
CA ASN C 493 -11.95 32.84 -22.32
C ASN C 493 -12.00 32.83 -23.84
N ARG C 494 -11.09 32.11 -24.50
CA ARG C 494 -11.12 31.92 -25.94
C ARG C 494 -10.20 30.75 -26.28
N VAL C 495 -10.73 29.76 -26.99
CA VAL C 495 -9.97 28.55 -27.32
C VAL C 495 -10.69 27.84 -28.45
N SER C 496 -9.98 26.97 -29.16
CA SER C 496 -10.51 26.21 -30.28
C SER C 496 -10.39 24.71 -30.05
N ILE C 497 -11.06 23.93 -30.90
CA ILE C 497 -11.06 22.48 -30.74
C ILE C 497 -9.70 21.86 -31.03
N ARG C 498 -8.86 22.52 -31.80
CA ARG C 498 -7.52 21.99 -32.07
C ARG C 498 -6.66 22.00 -30.82
N GLN C 499 -6.77 23.04 -30.00
CA GLN C 499 -5.96 23.14 -28.80
C GLN C 499 -6.46 22.24 -27.68
N LEU C 500 -7.78 22.04 -27.59
CA LEU C 500 -8.33 21.21 -26.54
C LEU C 500 -7.87 19.76 -26.67
N GLN C 501 -7.81 19.25 -27.89
CA GLN C 501 -7.37 17.87 -28.09
C GLN C 501 -5.92 17.70 -27.67
N LYS C 502 -5.07 18.67 -28.02
CA LYS C 502 -3.66 18.59 -27.62
C LYS C 502 -3.51 18.66 -26.11
N LEU C 503 -4.27 19.54 -25.45
CA LEU C 503 -4.18 19.65 -23.99
C LEU C 503 -4.63 18.37 -23.31
N SER C 504 -5.76 17.80 -23.73
CA SER C 504 -6.24 16.57 -23.12
C SER C 504 -5.28 15.41 -23.38
N ASP C 505 -4.72 15.35 -24.59
CA ASP C 505 -3.75 14.31 -24.91
C ASP C 505 -2.52 14.43 -24.04
N ARG C 506 -2.07 15.66 -23.76
CA ARG C 506 -0.96 15.85 -22.84
C ARG C 506 -1.30 15.37 -21.44
N ILE C 507 -2.51 15.65 -20.98
CA ILE C 507 -2.89 15.24 -19.63
C ILE C 507 -2.99 13.73 -19.52
N LEU C 508 -3.47 13.06 -20.57
CA LEU C 508 -3.69 11.62 -20.49
C LEU C 508 -2.41 10.80 -20.44
N MET C 509 -1.25 11.42 -20.68
CA MET C 509 -0.01 10.65 -20.69
C MET C 509 0.39 10.21 -19.29
N SER C 510 -0.02 10.95 -18.26
CA SER C 510 0.34 10.61 -16.89
C SER C 510 -0.80 9.96 -16.12
N HIS C 511 -2.04 10.13 -16.54
CA HIS C 511 -3.21 9.50 -15.92
C HIS C 511 -3.96 8.76 -17.02
N PRO C 512 -3.49 7.59 -17.44
CA PRO C 512 -4.09 6.93 -18.61
C PRO C 512 -5.53 6.52 -18.43
N ASP C 513 -6.03 6.42 -17.21
CA ASP C 513 -7.35 5.86 -16.95
C ASP C 513 -8.40 6.92 -16.61
N TRP C 514 -8.08 8.20 -16.75
CA TRP C 514 -9.05 9.24 -16.46
C TRP C 514 -9.99 9.44 -17.64
N THR C 515 -11.17 10.12 -17.35
CA THR C 515 -12.14 10.60 -18.32
C THR C 515 -12.27 12.11 -18.14
N ILE C 516 -11.99 12.91 -19.24
CA ILE C 516 -11.87 14.36 -19.17
C ILE C 516 -12.92 14.97 -20.11
N GLY C 517 -13.60 16.07 -19.63
CA GLY C 517 -14.58 16.66 -20.51
C GLY C 517 -14.31 18.11 -20.86
N ALA C 518 -14.40 18.47 -22.14
CA ALA C 518 -14.06 19.81 -22.60
C ALA C 518 -15.18 20.39 -23.43
N VAL C 519 -15.49 21.67 -23.24
CA VAL C 519 -16.57 22.31 -24.00
C VAL C 519 -16.15 23.73 -24.39
N CYS C 520 -16.52 24.14 -25.60
CA CYS C 520 -16.31 25.49 -26.10
C CYS C 520 -17.41 25.81 -27.10
N ARG C 521 -17.25 26.92 -27.82
CA ARG C 521 -18.27 27.38 -28.76
C ARG C 521 -18.34 26.56 -30.05
N GLU C 522 -17.30 25.81 -30.36
CA GLU C 522 -17.24 25.06 -31.63
C GLU C 522 -17.62 23.60 -31.49
N GLY C 523 -17.53 23.03 -30.29
CA GLY C 523 -17.85 21.62 -30.13
C GLY C 523 -17.67 21.20 -28.69
N ILE C 524 -17.89 19.90 -28.47
CA ILE C 524 -17.80 19.31 -27.14
C ILE C 524 -17.09 17.96 -27.27
N LEU C 525 -16.16 17.70 -26.35
CA LEU C 525 -15.31 16.51 -26.42
C LEU C 525 -15.32 15.76 -25.10
N ILE C 526 -15.32 14.43 -25.21
CA ILE C 526 -14.97 13.54 -24.11
C ILE C 526 -13.73 12.76 -24.54
N ASN C 527 -12.62 12.98 -23.84
CA ASN C 527 -11.31 12.48 -24.25
C ASN C 527 -10.97 12.97 -25.65
N ARG C 528 -11.02 12.09 -26.64
CA ARG C 528 -10.66 12.44 -28.01
C ARG C 528 -11.85 12.42 -28.97
N SER C 529 -13.04 12.09 -28.49
CA SER C 529 -14.19 11.86 -29.35
C SER C 529 -15.10 13.07 -29.38
N GLU C 530 -16.00 13.08 -30.36
CA GLU C 530 -16.89 14.21 -30.62
C GLU C 530 -18.32 13.86 -30.26
N LYS C 531 -19.06 14.84 -29.74
CA LYS C 531 -20.45 14.65 -29.37
C LYS C 531 -21.33 15.72 -30.03
N ILE C 532 -22.59 15.81 -29.62
CA ILE C 532 -23.54 16.75 -30.18
C ILE C 532 -23.63 17.98 -29.28
N LEU C 533 -23.74 19.15 -29.90
CA LEU C 533 -23.75 20.42 -29.19
C LEU C 533 -25.16 20.98 -29.13
N ASN C 534 -25.57 21.46 -27.96
CA ASN C 534 -26.92 21.94 -27.73
C ASN C 534 -27.04 23.42 -28.12
N ARG C 535 -28.28 23.84 -28.37
CA ARG C 535 -28.52 25.22 -28.76
C ARG C 535 -28.36 26.18 -27.58
N HIS C 536 -28.85 25.81 -26.41
CA HIS C 536 -28.71 26.62 -25.21
C HIS C 536 -27.37 26.29 -24.57
N TYR C 537 -26.51 27.30 -24.45
CA TYR C 537 -25.10 27.03 -24.15
C TYR C 537 -24.91 26.48 -22.75
N ASN C 538 -25.71 26.92 -21.79
CA ASN C 538 -25.44 26.55 -20.41
C ASN C 538 -25.87 25.13 -20.06
N THR C 539 -26.60 24.44 -20.93
CA THR C 539 -26.98 23.06 -20.61
C THR C 539 -25.87 22.07 -20.88
N ASN C 540 -24.91 22.40 -21.73
CA ASN C 540 -23.79 21.50 -21.98
C ASN C 540 -22.94 21.32 -20.72
N VAL C 541 -22.72 22.40 -19.98
CA VAL C 541 -21.95 22.30 -18.74
C VAL C 541 -22.67 21.43 -17.73
N LEU C 542 -24.00 21.58 -17.64
CA LEU C 542 -24.78 20.75 -16.73
C LEU C 542 -24.71 19.29 -17.14
N ASN C 543 -24.81 19.01 -18.45
CA ASN C 543 -24.69 17.63 -18.91
C ASN C 543 -23.34 17.04 -18.55
N LEU C 544 -22.28 17.84 -18.64
CA LEU C 544 -20.96 17.33 -18.28
C LEU C 544 -20.85 17.09 -16.78
N LEU C 545 -21.37 17.99 -15.95
CA LEU C 545 -21.29 17.81 -14.51
C LEU C 545 -22.20 16.71 -13.98
N ARG C 546 -23.20 16.29 -14.75
CA ARG C 546 -24.07 15.18 -14.36
C ARG C 546 -23.46 13.81 -14.65
N ASN C 547 -22.43 13.74 -15.48
CA ASN C 547 -21.81 12.48 -15.88
C ASN C 547 -21.19 11.78 -14.66
N PRO C 548 -21.52 10.51 -14.42
CA PRO C 548 -21.05 9.85 -13.20
C PRO C 548 -19.62 9.34 -13.26
N LYS C 549 -18.85 9.76 -14.26
CA LYS C 549 -17.49 9.26 -14.41
C LYS C 549 -16.45 10.35 -14.62
N LEU C 550 -16.82 11.62 -14.61
CA LEU C 550 -15.89 12.68 -14.96
C LEU C 550 -14.82 12.87 -13.89
N ASP C 551 -13.61 13.20 -14.35
CA ASP C 551 -12.49 13.49 -13.46
C ASP C 551 -11.93 14.89 -13.58
N LEU C 552 -12.23 15.61 -14.66
CA LEU C 552 -11.65 16.93 -14.90
C LEU C 552 -12.53 17.66 -15.90
N LEU C 553 -12.73 18.97 -15.67
CA LEU C 553 -13.56 19.78 -16.56
C LEU C 553 -12.76 20.93 -17.15
N ILE C 554 -12.95 21.18 -18.45
CA ILE C 554 -12.34 22.31 -19.14
C ILE C 554 -13.43 23.11 -19.83
N ALA C 555 -13.55 24.39 -19.51
CA ALA C 555 -14.66 25.18 -20.02
C ALA C 555 -14.20 26.57 -20.46
N GLU C 556 -14.96 27.14 -21.38
CA GLU C 556 -14.73 28.48 -21.90
C GLU C 556 -15.95 29.34 -21.64
N TYR C 557 -15.72 30.56 -21.15
CA TYR C 557 -16.79 31.52 -20.88
C TYR C 557 -16.35 32.87 -21.44
N ASP C 558 -16.92 33.26 -22.57
CA ASP C 558 -16.59 34.54 -23.18
C ASP C 558 -17.54 35.61 -22.63
N GLU C 559 -17.53 36.80 -23.25
CA GLU C 559 -18.27 37.93 -22.70
C GLU C 559 -19.78 37.74 -22.85
N ASP C 560 -20.22 37.27 -24.01
CA ASP C 560 -21.66 37.12 -24.24
C ASP C 560 -22.26 36.07 -23.31
N ALA C 561 -21.52 34.98 -23.08
CA ALA C 561 -22.01 33.95 -22.16
C ALA C 561 -22.15 34.51 -20.75
N LEU C 562 -21.18 35.30 -20.30
CA LEU C 562 -21.25 35.88 -18.96
C LEU C 562 -22.40 36.87 -18.85
N GLU C 563 -22.62 37.67 -19.89
CA GLU C 563 -23.71 38.63 -19.87
C GLU C 563 -25.08 37.99 -20.06
N ALA C 564 -25.15 36.76 -20.55
CA ALA C 564 -26.45 36.13 -20.77
C ALA C 564 -27.04 35.60 -19.47
N GLU C 565 -26.37 34.65 -18.82
CA GLU C 565 -26.87 34.07 -17.59
C GLU C 565 -25.83 33.90 -16.49
N GLY C 566 -24.54 33.98 -16.77
CA GLY C 566 -23.53 33.78 -15.76
C GLY C 566 -23.02 32.36 -15.69
N MET C 567 -22.02 32.15 -14.85
CA MET C 567 -21.39 30.84 -14.74
C MET C 567 -22.33 29.85 -14.06
N PHE C 568 -21.94 28.58 -14.07
CA PHE C 568 -22.75 27.52 -13.49
C PHE C 568 -22.11 26.86 -12.28
N TYR C 569 -20.79 26.78 -12.24
CA TYR C 569 -20.07 26.28 -11.08
C TYR C 569 -19.51 27.44 -10.28
N HIS C 570 -18.69 27.12 -9.28
CA HIS C 570 -18.13 28.12 -8.39
C HIS C 570 -16.65 27.84 -8.15
N GLY C 571 -15.80 28.76 -8.56
CA GLY C 571 -14.38 28.65 -8.32
C GLY C 571 -13.69 27.73 -9.31
N SER C 572 -12.39 27.97 -9.50
CA SER C 572 -11.60 27.20 -10.45
C SER C 572 -10.15 27.13 -9.98
N ASN C 573 -9.42 26.17 -10.53
CA ASN C 573 -8.05 25.91 -10.11
C ASN C 573 -7.00 26.51 -11.05
N LEU C 574 -7.38 26.87 -12.27
CA LEU C 574 -6.43 27.45 -13.22
C LEU C 574 -7.20 28.34 -14.18
N VAL C 575 -6.75 29.59 -14.33
CA VAL C 575 -7.42 30.58 -15.18
C VAL C 575 -6.43 31.10 -16.22
N VAL C 576 -6.85 31.08 -17.49
CA VAL C 576 -6.03 31.58 -18.59
C VAL C 576 -6.78 32.69 -19.29
N LEU C 577 -6.13 33.86 -19.44
CA LEU C 577 -6.75 35.02 -20.10
C LEU C 577 -5.82 35.57 -21.17
N GLU C 578 -6.36 35.78 -22.36
CA GLU C 578 -5.61 36.30 -23.50
C GLU C 578 -6.34 37.52 -24.06
N ASP C 579 -5.75 38.70 -23.89
CA ASP C 579 -6.34 39.96 -24.31
C ASP C 579 -7.77 40.13 -23.82
N PRO C 580 -8.00 40.14 -22.52
CA PRO C 580 -9.37 40.18 -22.00
C PRO C 580 -9.97 41.56 -22.09
N SER C 581 -11.28 41.61 -21.91
CA SER C 581 -12.05 42.85 -21.92
C SER C 581 -12.21 43.37 -20.50
N GLU C 582 -13.03 44.41 -20.36
CA GLU C 582 -13.34 44.92 -19.03
C GLU C 582 -14.18 43.93 -18.24
N ILE C 583 -15.18 43.33 -18.90
CA ILE C 583 -16.09 42.44 -18.19
C ILE C 583 -15.40 41.13 -17.81
N GLU C 584 -14.61 40.56 -18.71
CA GLU C 584 -14.07 39.23 -18.49
C GLU C 584 -13.11 39.16 -17.32
N MET C 585 -12.57 40.29 -16.86
CA MET C 585 -11.62 40.27 -15.77
C MET C 585 -12.19 39.69 -14.50
N ILE C 586 -13.51 39.75 -14.32
CA ILE C 586 -14.15 39.16 -13.15
C ILE C 586 -13.92 37.67 -13.05
N LEU C 587 -13.38 37.03 -14.10
CA LEU C 587 -13.06 35.62 -13.98
C LEU C 587 -11.94 35.37 -12.98
N THR C 588 -11.21 36.41 -12.56
CA THR C 588 -10.16 36.25 -11.57
C THR C 588 -10.64 36.50 -10.14
N ARG C 589 -11.93 36.81 -9.95
CA ARG C 589 -12.40 37.19 -8.62
C ARG C 589 -12.54 35.98 -7.69
N ASP C 590 -13.08 34.88 -8.18
CA ASP C 590 -13.39 33.72 -7.33
C ASP C 590 -12.38 32.61 -7.63
N VAL C 591 -11.32 32.59 -6.83
CA VAL C 591 -10.29 31.54 -6.90
C VAL C 591 -9.92 31.16 -5.48
N PHE C 592 -9.19 30.07 -5.35
CA PHE C 592 -8.74 29.60 -4.05
C PHE C 592 -7.37 30.23 -3.73
N SER C 593 -6.75 29.79 -2.65
CA SER C 593 -5.51 30.40 -2.20
C SER C 593 -4.27 29.79 -2.85
N ASP C 594 -4.41 28.71 -3.62
CA ASP C 594 -3.26 28.10 -4.28
C ASP C 594 -3.54 27.82 -5.75
N SER C 595 -4.38 28.65 -6.36
CA SER C 595 -4.66 28.53 -7.78
C SER C 595 -3.64 29.35 -8.59
N THR C 596 -3.72 29.22 -9.91
CA THR C 596 -2.77 29.84 -10.82
C THR C 596 -3.52 30.70 -11.83
N VAL C 597 -3.02 31.92 -12.05
CA VAL C 597 -3.64 32.87 -12.98
C VAL C 597 -2.59 33.31 -13.99
N ILE C 598 -2.95 33.24 -15.28
CA ILE C 598 -2.08 33.64 -16.37
C ILE C 598 -2.80 34.70 -17.19
N ILE C 599 -2.12 35.82 -17.45
CA ILE C 599 -2.69 36.91 -18.24
C ILE C 599 -1.70 37.31 -19.32
N LYS C 600 -2.19 37.46 -20.55
CA LYS C 600 -1.37 37.89 -21.67
C LYS C 600 -1.95 39.16 -22.29
N GLN C 601 -1.11 40.18 -22.44
CA GLN C 601 -1.54 41.43 -23.07
C GLN C 601 -0.44 41.90 -24.01
N GLY C 602 -0.72 41.91 -25.30
CA GLY C 602 0.29 42.22 -26.28
C GLY C 602 1.40 41.20 -26.27
N ARG C 603 2.61 41.63 -25.91
CA ARG C 603 3.74 40.74 -25.73
C ARG C 603 4.06 40.50 -24.26
N GLU C 604 3.23 40.98 -23.35
CA GLU C 604 3.51 40.92 -21.92
C GLU C 604 2.79 39.72 -21.29
N ILE C 605 3.52 38.98 -20.46
CA ILE C 605 3.01 37.83 -19.76
C ILE C 605 3.10 38.08 -18.26
N THR C 606 1.98 37.91 -17.55
CA THR C 606 1.92 38.07 -16.10
C THR C 606 1.40 36.78 -15.49
N ILE C 607 2.11 36.27 -14.50
CA ILE C 607 1.77 34.99 -13.87
C ILE C 607 1.67 35.20 -12.36
N LYS C 608 0.60 34.70 -11.76
CA LYS C 608 0.47 34.66 -10.30
C LYS C 608 0.31 33.21 -9.88
N ARG C 609 1.16 32.77 -8.96
CA ARG C 609 1.25 31.37 -8.56
C ARG C 609 1.54 31.29 -7.07
N LYS C 610 0.62 30.70 -6.31
CA LYS C 610 0.74 30.54 -4.86
C LYS C 610 1.06 31.86 -4.17
N GLY C 611 0.44 32.93 -4.66
CA GLY C 611 0.62 34.24 -4.07
C GLY C 611 1.83 35.00 -4.54
N LEU C 612 2.66 34.44 -5.41
CA LEU C 612 3.86 35.10 -5.89
C LEU C 612 3.66 35.56 -7.32
N LEU C 613 4.13 36.77 -7.62
CA LEU C 613 3.94 37.41 -8.92
C LEU C 613 5.19 37.30 -9.77
N GLU C 614 4.99 37.29 -11.09
CA GLU C 614 6.11 37.26 -12.03
C GLU C 614 5.64 37.89 -13.34
N GLN C 615 6.57 38.52 -14.05
CA GLN C 615 6.23 39.28 -15.24
C GLN C 615 7.38 39.30 -16.22
N TYR C 616 7.10 39.02 -17.48
CA TYR C 616 8.16 39.10 -18.50
C TYR C 616 7.52 39.29 -19.88
N GLU C 617 8.33 39.12 -20.93
CA GLU C 617 7.94 39.47 -22.29
C GLU C 617 8.34 38.36 -23.26
N LEU C 618 7.50 38.15 -24.27
CA LEU C 618 7.71 37.08 -25.25
C LEU C 618 8.67 37.53 -26.35
N GLU C 619 8.82 36.70 -27.37
CA GLU C 619 9.85 36.87 -28.40
C GLU C 619 9.22 37.11 -29.76
N ALA C 620 8.03 37.71 -29.78
CA ALA C 620 7.38 38.19 -30.99
C ALA C 620 7.07 37.10 -31.99
N GLU C 621 7.34 35.84 -31.66
CA GLU C 621 7.01 34.73 -32.54
C GLU C 621 6.44 33.52 -31.80
N GLU C 622 6.40 33.55 -30.47
CA GLU C 622 5.92 32.41 -29.70
C GLU C 622 4.41 32.45 -29.54
N LEU C 623 3.87 31.33 -29.07
CA LEU C 623 2.44 31.19 -28.87
C LEU C 623 2.14 30.95 -27.40
N ILE C 624 0.91 31.27 -26.99
CA ILE C 624 0.50 31.13 -25.60
C ILE C 624 0.52 29.68 -25.15
N GLU C 625 0.38 28.73 -26.08
CA GLU C 625 0.38 27.32 -25.72
C GLU C 625 1.67 26.90 -25.03
N GLN C 626 2.78 27.57 -25.31
CA GLN C 626 4.04 27.21 -24.69
C GLN C 626 4.14 27.65 -23.24
N VAL C 627 3.20 28.45 -22.75
CA VAL C 627 3.27 28.97 -21.40
C VAL C 627 2.51 28.09 -20.42
N TYR C 628 1.29 27.68 -20.77
CA TYR C 628 0.48 26.92 -19.82
C TYR C 628 0.68 25.42 -19.93
N LEU C 629 1.43 24.93 -20.93
CA LEU C 629 1.63 23.50 -21.02
C LEU C 629 2.50 22.97 -19.89
N LYS C 630 3.32 23.84 -19.30
CA LYS C 630 4.16 23.40 -18.19
C LYS C 630 3.55 23.75 -16.84
N GLU C 631 2.35 24.35 -16.81
CA GLU C 631 1.70 24.64 -15.54
C GLU C 631 0.69 23.59 -15.13
N ILE C 632 0.53 22.52 -15.91
CA ILE C 632 -0.51 21.55 -15.61
C ILE C 632 -0.07 20.56 -14.55
N GLY C 633 1.11 20.75 -13.96
CA GLY C 633 1.53 19.87 -12.88
C GLY C 633 0.78 20.10 -11.59
N THR C 634 0.15 21.27 -11.43
CA THR C 634 -0.49 21.61 -10.16
C THR C 634 -1.82 20.88 -9.98
N ILE C 635 -2.54 20.61 -11.07
CA ILE C 635 -3.84 19.94 -10.94
C ILE C 635 -3.66 18.52 -10.43
N SER C 636 -2.52 17.91 -10.72
CA SER C 636 -2.24 16.55 -10.29
C SER C 636 -2.18 16.44 -8.77
N VAL D 7 -48.20 -42.54 7.44
CA VAL D 7 -48.74 -43.26 6.29
C VAL D 7 -49.53 -42.32 5.38
N GLU D 8 -49.41 -42.33 4.32
CA GLU D 8 -50.10 -41.46 3.38
C GLU D 8 -51.24 -42.21 2.72
N PRO D 9 -51.97 -41.61 1.67
CA PRO D 9 -52.93 -42.47 0.98
C PRO D 9 -52.25 -43.64 0.30
N VAL D 10 -53.39 -44.21 0.47
CA VAL D 10 -53.30 -45.30 -0.50
C VAL D 10 -53.41 -44.74 -1.91
N ARG D 11 -52.58 -45.27 -2.81
CA ARG D 11 -52.63 -44.86 -4.20
C ARG D 11 -53.99 -45.20 -4.80
N ILE D 12 -54.45 -44.35 -5.72
CA ILE D 12 -55.73 -44.58 -6.37
C ILE D 12 -55.70 -45.89 -7.17
N ASN D 13 -54.57 -46.20 -7.79
CA ASN D 13 -54.43 -47.39 -8.61
C ASN D 13 -53.74 -48.53 -7.87
N ALA D 14 -53.65 -48.45 -6.54
CA ALA D 14 -53.07 -49.55 -5.77
C ALA D 14 -53.97 -50.77 -5.81
N ARG D 15 -53.37 -51.94 -5.96
CA ARG D 15 -54.10 -53.20 -6.05
C ARG D 15 -53.63 -54.14 -4.93
N THR D 16 -54.27 -55.31 -4.88
CA THR D 16 -53.99 -56.30 -3.85
C THR D 16 -53.02 -57.38 -4.32
N THR D 17 -52.45 -57.24 -5.52
CA THR D 17 -51.54 -58.24 -6.07
C THR D 17 -50.14 -57.68 -6.25
N ASP D 18 -49.77 -56.69 -5.44
CA ASP D 18 -48.49 -56.03 -5.60
C ASP D 18 -47.35 -56.91 -5.09
N VAL D 19 -46.14 -56.58 -5.52
CA VAL D 19 -44.96 -57.35 -5.14
C VAL D 19 -43.96 -56.56 -4.29
N PHE D 20 -43.86 -55.24 -4.45
CA PHE D 20 -42.88 -54.44 -3.73
C PHE D 20 -43.58 -53.57 -2.69
N ASP D 21 -42.79 -52.99 -1.80
CA ASP D 21 -43.31 -52.09 -0.77
C ASP D 21 -42.31 -50.98 -0.51
N ILE D 22 -42.82 -49.76 -0.39
CA ILE D 22 -42.02 -48.55 -0.20
C ILE D 22 -42.62 -47.75 0.94
N PHE D 23 -41.78 -47.29 1.87
CA PHE D 23 -42.30 -46.51 2.99
C PHE D 23 -41.18 -45.63 3.57
N ASN D 24 -41.54 -44.86 4.60
CA ASN D 24 -40.61 -44.05 5.38
C ASN D 24 -39.85 -43.05 4.50
N VAL D 25 -40.59 -42.08 3.98
CA VAL D 25 -40.01 -41.03 3.15
C VAL D 25 -39.54 -39.89 4.02
N LYS D 26 -38.33 -39.39 3.75
CA LYS D 26 -37.75 -38.29 4.50
C LYS D 26 -36.99 -37.37 3.56
N GLN D 27 -36.86 -36.11 3.98
CA GLN D 27 -36.24 -35.06 3.18
C GLN D 27 -35.06 -34.47 3.94
N TYR D 28 -33.92 -34.34 3.27
CA TYR D 28 -32.72 -33.75 3.85
C TYR D 28 -32.31 -32.52 3.06
N VAL D 29 -32.05 -31.43 3.77
CA VAL D 29 -31.75 -30.14 3.12
C VAL D 29 -30.26 -29.92 2.92
N GLY D 30 -29.42 -30.88 3.27
CA GLY D 30 -28.00 -30.72 3.09
C GLY D 30 -27.29 -32.04 3.19
N ALA D 31 -26.01 -31.98 3.50
CA ALA D 31 -25.21 -33.20 3.63
C ALA D 31 -25.74 -34.06 4.76
N ASN D 32 -25.85 -35.35 4.50
CA ASN D 32 -26.49 -36.29 5.43
C ASN D 32 -25.69 -37.58 5.45
N PRO D 33 -26.02 -38.54 6.32
CA PRO D 33 -25.24 -39.79 6.39
C PRO D 33 -25.24 -40.59 5.09
N TYR D 34 -26.17 -40.36 4.18
CA TYR D 34 -26.31 -41.20 3.00
C TYR D 34 -25.80 -40.58 1.71
N LEU D 35 -25.73 -39.26 1.63
CA LEU D 35 -25.29 -38.59 0.42
C LEU D 35 -24.76 -37.21 0.82
N ASN D 36 -24.00 -36.59 -0.08
CA ASN D 36 -23.40 -35.29 0.20
C ASN D 36 -24.16 -34.14 -0.45
N GLN D 37 -25.45 -34.31 -0.71
CA GLN D 37 -26.30 -33.26 -1.26
C GLN D 37 -27.65 -33.33 -0.56
N ALA D 38 -28.52 -32.36 -0.85
CA ALA D 38 -29.90 -32.47 -0.41
C ALA D 38 -30.56 -33.64 -1.11
N ALA D 39 -31.40 -34.37 -0.39
CA ALA D 39 -31.82 -35.66 -0.92
C ALA D 39 -33.19 -36.06 -0.38
N LEU D 40 -33.76 -37.07 -1.03
CA LEU D 40 -34.96 -37.75 -0.59
C LEU D 40 -34.60 -39.21 -0.30
N VAL D 41 -35.03 -39.71 0.84
CA VAL D 41 -34.64 -41.04 1.32
C VAL D 41 -35.88 -41.86 1.61
N PHE D 42 -35.85 -43.15 1.26
CA PHE D 42 -36.96 -44.03 1.56
C PHE D 42 -36.48 -45.47 1.73
N ASP D 43 -37.39 -46.32 2.22
CA ASP D 43 -37.13 -47.72 2.52
C ASP D 43 -37.87 -48.61 1.54
N PHE D 44 -37.16 -49.61 1.02
CA PHE D 44 -37.61 -50.47 -0.06
C PHE D 44 -37.53 -51.93 0.40
N ALA D 45 -38.60 -52.68 0.17
CA ALA D 45 -38.66 -54.07 0.63
C ALA D 45 -39.62 -54.88 -0.23
N PHE D 46 -39.67 -56.18 0.05
CA PHE D 46 -40.49 -57.15 -0.68
C PHE D 46 -41.77 -57.42 0.09
N THR D 47 -42.78 -57.91 -0.61
CA THR D 47 -43.94 -58.50 0.06
C THR D 47 -43.92 -60.01 -0.12
N GLU D 48 -44.33 -60.73 0.93
CA GLU D 48 -44.18 -62.17 0.95
C GLU D 48 -45.26 -62.91 0.15
N SER D 49 -46.32 -62.21 -0.27
CA SER D 49 -47.46 -62.91 -0.86
C SER D 49 -47.11 -63.58 -2.18
N TYR D 50 -46.40 -62.89 -3.06
CA TYR D 50 -46.14 -63.41 -4.40
C TYR D 50 -44.66 -63.29 -4.73
N GLN D 51 -44.32 -63.66 -5.96
CA GLN D 51 -42.93 -63.66 -6.42
C GLN D 51 -42.81 -62.85 -7.71
N PRO D 52 -41.73 -62.08 -7.85
CA PRO D 52 -41.53 -61.31 -9.08
C PRO D 52 -40.78 -62.11 -10.13
N LEU D 53 -40.64 -61.50 -11.30
CA LEU D 53 -39.92 -62.08 -12.42
C LEU D 53 -38.42 -61.91 -12.22
N PRO D 54 -37.60 -62.65 -12.99
CA PRO D 54 -36.16 -62.40 -12.97
C PRO D 54 -35.84 -61.00 -13.47
N ILE D 55 -34.73 -60.44 -12.97
CA ILE D 55 -34.42 -59.04 -13.20
C ILE D 55 -34.19 -58.77 -14.69
N GLU D 56 -33.81 -59.80 -15.43
CA GLU D 56 -33.44 -59.64 -16.83
C GLU D 56 -34.61 -59.13 -17.67
N ASN D 57 -35.81 -59.61 -17.39
CA ASN D 57 -37.00 -59.16 -18.11
C ASN D 57 -37.23 -57.67 -17.89
N TYR D 58 -37.14 -57.23 -16.63
CA TYR D 58 -37.30 -55.82 -16.31
C TYR D 58 -36.26 -54.97 -17.02
N LEU D 59 -35.00 -55.44 -17.00
CA LEU D 59 -33.92 -54.70 -17.64
C LEU D 59 -34.17 -54.59 -19.14
N ALA D 60 -34.60 -55.68 -19.76
CA ALA D 60 -34.88 -55.68 -21.19
C ALA D 60 -36.00 -54.71 -21.54
N VAL D 61 -37.07 -54.70 -20.73
CA VAL D 61 -38.18 -53.81 -21.00
C VAL D 61 -37.84 -52.34 -20.79
N VAL D 62 -37.16 -52.01 -19.70
CA VAL D 62 -36.90 -50.61 -19.35
C VAL D 62 -35.72 -50.05 -20.13
N GLY D 63 -34.84 -50.91 -20.64
CA GLY D 63 -33.68 -50.42 -21.37
C GLY D 63 -33.99 -49.93 -22.75
N ASP D 64 -35.18 -50.27 -23.27
CA ASP D 64 -35.57 -49.81 -24.59
C ASP D 64 -35.72 -48.29 -24.63
N ARG D 65 -36.24 -47.71 -23.55
CA ARG D 65 -36.47 -46.28 -23.50
C ARG D 65 -35.26 -45.48 -23.04
N TYR D 66 -34.29 -46.13 -22.39
CA TYR D 66 -33.10 -45.44 -21.89
C TYR D 66 -31.90 -46.37 -22.02
N PRO D 67 -31.15 -46.24 -23.13
CA PRO D 67 -30.00 -47.13 -23.36
C PRO D 67 -28.93 -47.04 -22.28
N ARG D 68 -28.82 -45.88 -21.64
CA ARG D 68 -27.82 -45.72 -20.59
C ARG D 68 -28.04 -46.73 -19.48
N LEU D 69 -29.29 -47.07 -19.19
CA LEU D 69 -29.58 -48.12 -18.22
C LEU D 69 -29.05 -49.46 -18.71
N LYS D 70 -29.22 -49.74 -20.00
CA LYS D 70 -28.72 -50.98 -20.58
C LYS D 70 -27.21 -51.07 -20.45
N GLU D 71 -26.54 -49.92 -20.46
CA GLU D 71 -25.07 -49.89 -20.45
C GLU D 71 -24.45 -50.62 -19.26
N ILE D 72 -24.87 -50.30 -18.04
CA ILE D 72 -24.21 -50.80 -16.83
C ILE D 72 -24.75 -52.16 -16.45
N GLU D 73 -24.10 -52.82 -15.48
CA GLU D 73 -24.53 -54.11 -14.95
C GLU D 73 -25.05 -53.93 -13.53
N TYR D 74 -26.16 -54.59 -13.21
CA TYR D 74 -26.86 -54.42 -11.95
C TYR D 74 -26.81 -55.71 -11.14
N GLN D 75 -26.87 -55.57 -9.81
CA GLN D 75 -26.75 -56.74 -8.94
C GLN D 75 -28.11 -57.19 -8.41
N SER D 76 -28.86 -56.28 -7.78
CA SER D 76 -30.12 -56.62 -7.14
C SER D 76 -31.21 -55.71 -7.66
N TYR D 77 -32.43 -55.93 -7.14
CA TYR D 77 -33.58 -55.15 -7.59
C TYR D 77 -33.45 -53.68 -7.20
N ALA D 78 -32.93 -53.41 -6.01
CA ALA D 78 -32.89 -52.05 -5.50
C ALA D 78 -32.03 -51.15 -6.39
N GLU D 79 -30.89 -51.65 -6.85
CA GLU D 79 -30.02 -50.83 -7.70
C GLU D 79 -30.70 -50.49 -9.01
N LEU D 80 -31.36 -51.47 -9.63
CA LEU D 80 -32.07 -51.22 -10.88
C LEU D 80 -33.18 -50.20 -10.68
N PHE D 81 -33.93 -50.32 -9.59
CA PHE D 81 -35.01 -49.37 -9.30
C PHE D 81 -34.44 -47.97 -9.11
N ALA D 82 -33.35 -47.85 -8.36
CA ALA D 82 -32.75 -46.55 -8.11
C ALA D 82 -32.24 -45.91 -9.39
N SER D 83 -31.58 -46.68 -10.25
CA SER D 83 -31.10 -46.13 -11.51
C SER D 83 -32.24 -45.66 -12.38
N THR D 84 -33.34 -46.43 -12.43
CA THR D 84 -34.48 -46.00 -13.22
C THR D 84 -35.07 -44.71 -12.68
N VAL D 85 -35.22 -44.59 -11.36
CA VAL D 85 -35.76 -43.36 -10.80
C VAL D 85 -34.86 -42.18 -11.09
N ALA D 86 -33.54 -42.37 -10.96
CA ALA D 86 -32.62 -41.28 -11.23
C ALA D 86 -32.68 -40.83 -12.68
N GLU D 87 -32.84 -41.79 -13.61
CA GLU D 87 -32.94 -41.41 -15.02
C GLU D 87 -34.24 -40.67 -15.30
N VAL D 88 -35.36 -41.11 -14.72
CA VAL D 88 -36.63 -40.44 -14.98
C VAL D 88 -36.68 -39.08 -14.31
N ASN D 89 -35.88 -38.86 -13.27
CA ASN D 89 -35.95 -37.60 -12.52
C ASN D 89 -35.55 -36.39 -13.36
N LYS D 90 -34.90 -36.59 -14.51
CA LYS D 90 -34.46 -35.45 -15.30
C LYS D 90 -35.58 -34.83 -16.12
N LEU D 91 -36.75 -35.46 -16.18
CA LEU D 91 -37.95 -34.90 -16.78
C LEU D 91 -37.78 -34.59 -18.27
N GLU D 92 -36.81 -35.20 -18.92
CA GLU D 92 -36.51 -34.99 -20.34
C GLU D 92 -36.14 -33.56 -20.67
N MET D 93 -35.78 -32.75 -19.66
CA MET D 93 -35.31 -31.39 -19.87
C MET D 93 -33.82 -31.26 -19.58
N ASP D 94 -33.14 -32.36 -19.31
CA ASP D 94 -31.69 -32.39 -19.07
C ASP D 94 -31.30 -31.49 -17.89
N LEU D 95 -31.86 -31.81 -16.73
CA LEU D 95 -31.46 -31.15 -15.50
C LEU D 95 -30.10 -31.66 -15.04
N HIS D 96 -29.52 -30.97 -14.07
CA HIS D 96 -28.18 -31.29 -13.60
C HIS D 96 -28.17 -32.15 -12.34
N LEU D 97 -29.24 -32.92 -12.11
CA LEU D 97 -29.36 -33.74 -10.91
C LEU D 97 -28.96 -35.17 -11.26
N LYS D 98 -27.80 -35.60 -10.75
CA LYS D 98 -27.34 -36.97 -10.94
C LYS D 98 -26.66 -37.43 -9.66
N GLY D 99 -26.99 -38.64 -9.22
CA GLY D 99 -26.42 -39.15 -8.00
C GLY D 99 -27.42 -39.91 -7.16
N TRP D 100 -27.07 -41.12 -6.76
CA TRP D 100 -27.97 -41.98 -5.99
C TRP D 100 -27.13 -42.94 -5.16
N ASN D 101 -27.76 -43.48 -4.12
CA ASN D 101 -27.05 -44.40 -3.24
C ASN D 101 -28.02 -45.38 -2.62
N VAL D 102 -27.54 -46.61 -2.39
CA VAL D 102 -28.33 -47.67 -1.79
C VAL D 102 -27.52 -48.33 -0.68
N LYS D 103 -28.15 -48.50 0.48
CA LYS D 103 -27.47 -49.03 1.66
C LYS D 103 -28.28 -50.19 2.25
N PRO D 104 -27.68 -51.36 2.42
CA PRO D 104 -28.40 -52.50 3.00
C PRO D 104 -28.41 -52.47 4.51
N ILE D 105 -29.60 -52.43 5.11
CA ILE D 105 -29.78 -52.48 6.55
C ILE D 105 -30.78 -53.57 6.89
N GLU D 106 -30.34 -54.57 7.64
CA GLU D 106 -31.18 -55.71 8.03
C GLU D 106 -31.74 -56.33 6.76
N GLU D 107 -33.06 -56.42 6.59
CA GLU D 107 -33.65 -56.98 5.39
C GLU D 107 -34.09 -55.91 4.39
N ILE D 108 -34.53 -54.75 4.88
CA ILE D 108 -34.96 -53.66 4.01
C ILE D 108 -33.74 -52.98 3.43
N ASN D 109 -33.94 -52.12 2.43
CA ASN D 109 -32.85 -51.34 1.86
C ASN D 109 -33.21 -49.86 1.94
N ARG D 110 -32.20 -49.01 2.14
CA ARG D 110 -32.41 -47.57 2.11
C ARG D 110 -31.92 -47.01 0.78
N ILE D 111 -32.75 -46.18 0.14
CA ILE D 111 -32.41 -45.55 -1.12
C ILE D 111 -32.41 -44.04 -0.91
N ALA D 112 -31.37 -43.37 -1.40
CA ALA D 112 -31.23 -41.93 -1.33
C ALA D 112 -31.01 -41.37 -2.73
N ILE D 113 -31.78 -40.34 -3.08
CA ILE D 113 -31.78 -39.78 -4.43
C ILE D 113 -31.68 -38.27 -4.34
N GLU D 114 -30.79 -37.68 -5.14
CA GLU D 114 -30.56 -36.25 -5.11
C GLU D 114 -31.77 -35.48 -5.61
N SER D 115 -32.07 -34.35 -4.96
CA SER D 115 -33.31 -33.64 -5.22
C SER D 115 -33.08 -32.14 -5.13
N LEU D 116 -33.96 -31.39 -5.79
CA LEU D 116 -34.03 -29.95 -5.70
C LEU D 116 -35.39 -29.48 -5.22
N HIS D 117 -36.46 -29.98 -5.81
CA HIS D 117 -37.84 -29.78 -5.36
C HIS D 117 -38.35 -31.13 -4.90
N HIS D 118 -38.61 -31.27 -3.60
CA HIS D 118 -38.83 -32.60 -3.04
C HIS D 118 -40.15 -33.22 -3.54
N ARG D 119 -41.17 -32.39 -3.72
CA ARG D 119 -42.48 -32.92 -4.13
C ARG D 119 -42.41 -33.59 -5.49
N THR D 120 -41.67 -32.98 -6.42
CA THR D 120 -41.53 -33.57 -7.74
C THR D 120 -40.86 -34.94 -7.67
N THR D 121 -39.82 -35.06 -6.83
CA THR D 121 -39.14 -36.34 -6.69
C THR D 121 -40.06 -37.40 -6.10
N LYS D 122 -40.89 -37.02 -5.12
CA LYS D 122 -41.84 -37.97 -4.57
C LYS D 122 -42.82 -38.46 -5.63
N GLU D 123 -43.33 -37.55 -6.46
CA GLU D 123 -44.24 -37.94 -7.53
C GLU D 123 -43.54 -38.88 -8.52
N VAL D 124 -42.28 -38.59 -8.83
CA VAL D 124 -41.52 -39.46 -9.74
C VAL D 124 -41.41 -40.85 -9.16
N VAL D 125 -41.12 -40.96 -7.87
CA VAL D 125 -40.98 -42.27 -7.24
C VAL D 125 -42.28 -43.05 -7.34
N TYR D 126 -43.41 -42.39 -7.06
CA TYR D 126 -44.69 -43.08 -7.14
C TYR D 126 -44.99 -43.54 -8.57
N CYS D 127 -44.69 -42.69 -9.56
CA CYS D 127 -44.95 -43.07 -10.94
C CYS D 127 -44.12 -44.28 -11.36
N VAL D 128 -42.84 -44.30 -10.98
CA VAL D 128 -42.01 -45.45 -11.36
C VAL D 128 -42.46 -46.72 -10.64
N TRP D 129 -42.91 -46.58 -9.38
CA TRP D 129 -43.47 -47.75 -8.69
C TRP D 129 -44.65 -48.32 -9.46
N ASP D 130 -45.55 -47.45 -9.92
CA ASP D 130 -46.69 -47.92 -10.69
C ASP D 130 -46.25 -48.59 -11.99
N TRP D 131 -45.23 -48.02 -12.64
CA TRP D 131 -44.73 -48.61 -13.88
C TRP D 131 -44.20 -50.02 -13.66
N PHE D 132 -43.42 -50.21 -12.60
CA PHE D 132 -42.89 -51.54 -12.30
C PHE D 132 -44.02 -52.52 -11.99
N GLU D 133 -45.01 -52.08 -11.23
CA GLU D 133 -46.13 -52.97 -10.92
C GLU D 133 -46.86 -53.40 -12.19
N PHE D 134 -47.07 -52.47 -13.12
CA PHE D 134 -47.69 -52.84 -14.39
C PHE D 134 -46.81 -53.81 -15.17
N ILE D 135 -45.50 -53.59 -15.19
CA ILE D 135 -44.61 -54.44 -15.95
C ILE D 135 -44.63 -55.87 -15.40
N THR D 136 -44.76 -56.01 -14.08
CA THR D 136 -44.73 -57.35 -13.48
C THR D 136 -45.78 -58.27 -14.09
N GLN D 137 -47.02 -57.80 -14.18
CA GLN D 137 -48.03 -58.52 -14.92
C GLN D 137 -47.88 -58.25 -16.41
N GLY D 138 -48.67 -58.96 -17.21
CA GLY D 138 -48.61 -58.72 -18.64
C GLY D 138 -49.50 -57.57 -19.06
N GLU D 139 -48.91 -56.39 -19.17
CA GLU D 139 -49.65 -55.17 -19.47
C GLU D 139 -48.66 -54.08 -19.87
N GLU D 140 -49.21 -52.99 -20.39
CA GLU D 140 -48.44 -51.81 -20.73
C GLU D 140 -49.30 -50.57 -20.51
N PHE D 141 -48.70 -49.52 -19.96
CA PHE D 141 -49.42 -48.28 -19.67
C PHE D 141 -48.61 -47.09 -20.18
N ASP D 142 -49.33 -46.02 -20.53
CA ASP D 142 -48.72 -44.85 -21.12
C ASP D 142 -48.25 -43.90 -20.03
N LEU D 143 -46.98 -43.50 -20.08
CA LEU D 143 -46.41 -42.62 -19.09
C LEU D 143 -46.09 -41.23 -19.62
N SER D 144 -46.35 -40.97 -20.90
CA SER D 144 -46.06 -39.65 -21.46
C SER D 144 -46.92 -38.56 -20.83
N LYS D 145 -48.20 -38.85 -20.59
CA LYS D 145 -49.06 -37.88 -19.92
C LYS D 145 -48.57 -37.61 -18.51
N GLN D 146 -48.06 -38.63 -17.84
CA GLN D 146 -47.47 -38.44 -16.51
C GLN D 146 -46.26 -37.52 -16.58
N ILE D 147 -45.43 -37.69 -17.62
CA ILE D 147 -44.28 -36.82 -17.79
C ILE D 147 -44.73 -35.38 -17.99
N ALA D 148 -45.79 -35.17 -18.79
CA ALA D 148 -46.30 -33.82 -18.99
C ALA D 148 -46.79 -33.21 -17.69
N ILE D 149 -47.52 -34.00 -16.88
CA ILE D 149 -48.00 -33.50 -15.60
C ILE D 149 -46.82 -33.12 -14.70
N LEU D 150 -45.79 -33.96 -14.68
CA LEU D 150 -44.63 -33.70 -13.84
C LEU D 150 -43.90 -32.43 -14.27
N GLN D 151 -43.75 -32.24 -15.59
CA GLN D 151 -43.09 -31.03 -16.07
C GLN D 151 -43.87 -29.79 -15.69
N GLN D 152 -45.20 -29.84 -15.84
CA GLN D 152 -46.01 -28.69 -15.43
C GLN D 152 -45.90 -28.43 -13.94
N LEU D 153 -45.84 -29.49 -13.14
CA LEU D 153 -45.68 -29.32 -11.70
C LEU D 153 -44.35 -28.66 -11.36
N PHE D 154 -43.27 -29.06 -12.05
CA PHE D 154 -41.97 -28.49 -11.76
C PHE D 154 -41.88 -27.03 -12.19
N ARG D 155 -42.49 -26.68 -13.32
CA ARG D 155 -42.35 -25.32 -13.84
C ARG D 155 -43.02 -24.29 -12.94
N ASN D 156 -44.07 -24.66 -12.24
CA ASN D 156 -44.79 -23.72 -11.37
C ASN D 156 -44.31 -23.86 -9.93
N SER D 157 -43.08 -23.43 -9.70
CA SER D 157 -42.48 -23.47 -8.38
C SER D 157 -41.48 -22.32 -8.26
N VAL D 158 -40.75 -22.29 -7.15
CA VAL D 158 -39.77 -21.23 -6.93
C VAL D 158 -38.40 -21.57 -7.49
N TYR D 159 -38.23 -22.75 -8.06
CA TYR D 159 -36.98 -23.14 -8.72
C TYR D 159 -37.12 -23.30 -10.22
N GLY D 160 -38.34 -23.23 -10.75
CA GLY D 160 -38.61 -23.64 -12.11
C GLY D 160 -38.74 -22.58 -13.16
N GLY D 161 -38.64 -21.30 -12.80
CA GLY D 161 -38.73 -20.24 -13.78
C GLY D 161 -37.64 -20.35 -14.83
N PRO D 162 -37.95 -19.91 -16.06
CA PRO D 162 -36.97 -20.09 -17.15
C PRO D 162 -35.64 -19.39 -16.89
N THR D 163 -35.63 -18.24 -16.21
CA THR D 163 -34.40 -17.53 -15.91
C THR D 163 -33.79 -17.96 -14.58
N VAL D 164 -34.64 -18.27 -13.61
CA VAL D 164 -34.16 -18.70 -12.29
C VAL D 164 -33.32 -19.96 -12.42
N TYR D 165 -33.80 -20.92 -13.20
CA TYR D 165 -33.08 -22.18 -13.33
C TYR D 165 -31.76 -22.00 -14.07
N ALA D 166 -31.75 -21.11 -15.07
CA ALA D 166 -30.49 -20.85 -15.78
C ALA D 166 -29.45 -20.27 -14.85
N LEU D 167 -29.85 -19.33 -14.00
CA LEU D 167 -28.91 -18.79 -13.02
C LEU D 167 -28.44 -19.86 -12.05
N LEU D 168 -29.36 -20.73 -11.61
CA LEU D 168 -28.97 -21.80 -10.68
C LEU D 168 -27.97 -22.76 -11.30
N ARG D 169 -28.19 -23.15 -12.55
CA ARG D 169 -27.26 -24.06 -13.22
C ARG D 169 -25.89 -23.42 -13.39
N THR D 170 -25.85 -22.15 -13.80
CA THR D 170 -24.57 -21.49 -13.96
C THR D 170 -23.84 -21.38 -12.63
N ALA D 171 -24.57 -21.09 -11.54
CA ALA D 171 -23.95 -21.04 -10.23
C ALA D 171 -23.40 -22.39 -9.82
N ASN D 172 -24.12 -23.47 -10.15
CA ASN D 172 -23.64 -24.81 -9.82
C ASN D 172 -22.36 -25.14 -10.56
N GLU D 173 -22.24 -24.71 -11.82
CA GLU D 173 -21.03 -25.03 -12.57
C GLU D 173 -19.78 -24.37 -11.98
N LYS D 174 -19.92 -23.26 -11.28
CA LYS D 174 -18.79 -22.50 -10.78
C LYS D 174 -18.53 -22.67 -9.29
N HIS D 175 -19.27 -23.56 -8.63
CA HIS D 175 -19.12 -23.81 -7.20
C HIS D 175 -19.40 -22.56 -6.37
N ILE D 176 -20.62 -22.06 -6.51
CA ILE D 176 -21.09 -20.92 -5.73
C ILE D 176 -22.31 -21.35 -4.93
N PRO D 177 -22.30 -21.21 -3.60
CA PRO D 177 -23.48 -21.61 -2.82
C PRO D 177 -24.68 -20.72 -3.13
N ALA D 178 -25.86 -21.30 -2.94
CA ALA D 178 -27.10 -20.58 -3.24
C ALA D 178 -28.25 -21.27 -2.52
N PHE D 179 -29.14 -20.47 -1.92
CA PHE D 179 -30.27 -21.06 -1.22
C PHE D 179 -31.40 -20.05 -1.12
N TYR D 180 -32.61 -20.57 -0.88
CA TYR D 180 -33.84 -19.79 -0.92
C TYR D 180 -34.24 -19.34 0.48
N LEU D 181 -34.77 -18.12 0.59
CA LEU D 181 -35.18 -17.55 1.86
C LEU D 181 -36.71 -17.56 1.93
N TRP D 182 -37.27 -18.45 2.76
CA TRP D 182 -38.72 -18.60 2.82
C TRP D 182 -39.37 -17.59 3.75
N ASP D 183 -38.98 -16.33 3.67
CA ASP D 183 -39.68 -15.26 4.38
C ASP D 183 -39.86 -14.01 3.55
N GLU D 184 -39.07 -13.80 2.51
CA GLU D 184 -39.18 -12.65 1.65
C GLU D 184 -39.14 -12.99 0.17
N GLY D 185 -39.11 -14.28 -0.17
CA GLY D 185 -39.14 -14.69 -1.56
C GLY D 185 -37.92 -14.30 -2.36
N LEU D 186 -36.73 -14.54 -1.81
CA LEU D 186 -35.50 -14.20 -2.47
C LEU D 186 -34.57 -15.40 -2.50
N MET D 187 -33.52 -15.27 -3.30
CA MET D 187 -32.45 -16.26 -3.41
C MET D 187 -31.14 -15.60 -3.02
N GLN D 188 -30.31 -16.32 -2.28
CA GLN D 188 -29.03 -15.77 -1.80
C GLN D 188 -27.89 -16.57 -2.41
N TYR D 189 -26.79 -15.86 -2.73
CA TYR D 189 -25.73 -16.45 -3.53
C TYR D 189 -24.39 -16.49 -2.77
N GLY D 190 -24.32 -15.93 -1.57
CA GLY D 190 -23.06 -15.96 -0.84
C GLY D 190 -23.18 -16.25 0.64
N TYR D 191 -22.05 -16.31 1.34
CA TYR D 191 -22.08 -16.48 2.79
C TYR D 191 -21.72 -15.18 3.50
N GLY D 192 -22.61 -14.72 4.36
CA GLY D 192 -22.29 -13.65 5.28
C GLY D 192 -21.92 -12.35 4.58
N LYS D 193 -20.68 -11.94 4.77
CA LYS D 193 -20.22 -10.63 4.31
C LYS D 193 -20.15 -10.53 2.79
N GLN D 194 -20.17 -11.67 2.10
CA GLN D 194 -20.02 -11.67 0.65
C GLN D 194 -21.34 -11.89 -0.08
N GLN D 195 -22.47 -11.70 0.61
CA GLN D 195 -23.76 -12.13 0.07
C GLN D 195 -24.26 -11.21 -1.03
N VAL D 196 -25.08 -11.78 -1.92
CA VAL D 196 -25.87 -11.04 -2.90
C VAL D 196 -27.26 -11.66 -2.93
N ARG D 197 -28.30 -10.83 -2.86
CA ARG D 197 -29.67 -11.29 -2.85
C ARG D 197 -30.43 -10.73 -4.04
N GLY D 198 -31.32 -11.53 -4.62
CA GLY D 198 -32.11 -11.03 -5.74
C GLY D 198 -33.18 -12.02 -6.16
N ILE D 199 -34.06 -11.55 -7.03
CA ILE D 199 -35.12 -12.35 -7.62
C ILE D 199 -35.08 -12.19 -9.13
N ALA D 200 -35.08 -13.30 -9.85
CA ALA D 200 -34.95 -13.30 -11.31
C ALA D 200 -33.73 -12.52 -11.74
N THR D 201 -33.92 -11.36 -12.35
CA THR D 201 -32.82 -10.53 -12.80
C THR D 201 -32.72 -9.20 -12.07
N THR D 202 -33.53 -8.99 -11.03
CA THR D 202 -33.37 -7.84 -10.15
C THR D 202 -32.48 -8.22 -8.96
N PHE D 203 -31.59 -7.31 -8.57
CA PHE D 203 -30.68 -7.55 -7.47
C PHE D 203 -30.77 -6.42 -6.45
N ASP D 204 -30.12 -6.62 -5.31
CA ASP D 204 -30.28 -5.70 -4.18
C ASP D 204 -29.38 -4.47 -4.28
N VAL D 205 -28.56 -4.36 -5.33
CA VAL D 205 -27.73 -3.17 -5.51
C VAL D 205 -28.37 -2.15 -6.44
N ASP D 206 -29.53 -2.46 -7.02
CA ASP D 206 -30.23 -1.54 -7.90
C ASP D 206 -30.94 -0.46 -7.10
N SER D 207 -31.21 0.66 -7.76
CA SER D 207 -31.75 1.84 -7.10
C SER D 207 -33.27 1.88 -7.16
N HIS D 208 -33.86 2.47 -6.13
CA HIS D 208 -35.30 2.68 -6.06
C HIS D 208 -35.75 3.81 -6.96
N ILE D 209 -34.86 4.77 -7.21
CA ILE D 209 -35.21 5.96 -7.99
C ILE D 209 -35.17 5.68 -9.49
N ASP D 210 -34.14 4.98 -9.95
CA ASP D 210 -33.95 4.77 -11.38
C ASP D 210 -35.03 3.89 -11.98
N SER D 211 -35.48 2.86 -11.26
CA SER D 211 -36.53 2.00 -11.77
C SER D 211 -37.83 2.79 -11.96
N ASP D 212 -38.19 3.59 -10.96
CA ASP D 212 -39.36 4.43 -11.07
C ASP D 212 -39.23 5.41 -12.23
N PHE D 213 -38.04 5.95 -12.44
CA PHE D 213 -37.85 6.86 -13.55
C PHE D 213 -38.08 6.16 -14.88
N THR D 214 -37.58 4.93 -15.02
CA THR D 214 -37.75 4.21 -16.28
C THR D 214 -39.22 3.87 -16.52
N THR D 215 -39.99 3.64 -15.46
CA THR D 215 -41.40 3.33 -15.68
C THR D 215 -42.20 4.52 -16.20
N GLN D 216 -41.70 5.74 -16.07
CA GLN D 216 -42.44 6.94 -16.49
C GLN D 216 -41.99 7.34 -17.89
N LYS D 217 -42.77 6.89 -18.86
CA LYS D 217 -42.52 7.26 -20.26
C LYS D 217 -42.94 8.71 -20.46
N ASP D 218 -42.45 9.36 -21.48
CA ASP D 218 -42.66 10.77 -21.84
C ASP D 218 -41.83 11.69 -20.95
N ASP D 219 -41.20 11.19 -19.90
CA ASP D 219 -40.27 11.97 -19.11
C ASP D 219 -38.83 11.55 -19.31
N CYS D 220 -38.57 10.27 -19.55
CA CYS D 220 -37.23 9.87 -19.99
C CYS D 220 -37.03 10.18 -21.45
N LYS D 221 -38.12 10.38 -22.20
CA LYS D 221 -38.01 10.81 -23.58
C LYS D 221 -37.34 12.17 -23.69
N LYS D 222 -37.78 13.12 -22.87
CA LYS D 222 -37.17 14.45 -22.87
C LYS D 222 -35.75 14.40 -22.34
N PHE D 223 -35.52 13.56 -21.33
CA PHE D 223 -34.18 13.41 -20.78
C PHE D 223 -33.21 12.90 -21.84
N LEU D 224 -33.63 11.93 -22.65
CA LEU D 224 -32.78 11.46 -23.73
C LEU D 224 -32.64 12.49 -24.83
N GLN D 225 -33.70 13.25 -25.11
CA GLN D 225 -33.65 14.24 -26.19
C GLN D 225 -32.67 15.36 -25.88
N GLU D 226 -32.54 15.74 -24.61
CA GLU D 226 -31.64 16.84 -24.25
C GLU D 226 -30.16 16.45 -24.29
N LEU D 227 -29.80 15.32 -24.91
CA LEU D 227 -28.40 14.93 -24.99
C LEU D 227 -27.98 14.46 -26.39
N GLY D 228 -28.83 14.65 -27.40
CA GLY D 228 -28.60 14.05 -28.69
C GLY D 228 -29.58 12.91 -28.91
N PHE D 229 -29.07 11.69 -29.09
CA PHE D 229 -29.86 10.47 -28.92
C PHE D 229 -31.17 10.50 -29.70
N PRO D 230 -31.15 10.18 -30.99
CA PRO D 230 -32.35 10.33 -31.83
C PRO D 230 -33.60 9.66 -31.28
N VAL D 231 -34.64 10.44 -31.04
CA VAL D 231 -35.87 9.89 -30.50
C VAL D 231 -37.03 10.36 -31.33
N PRO D 232 -38.10 9.58 -31.37
CA PRO D 232 -39.29 10.02 -32.08
C PRO D 232 -39.67 11.40 -31.62
N GLN D 233 -40.09 12.26 -32.53
CA GLN D 233 -40.37 13.65 -32.16
C GLN D 233 -41.84 13.97 -32.06
N GLY D 234 -42.32 14.43 -30.91
CA GLY D 234 -43.76 14.64 -30.76
C GLY D 234 -44.24 15.15 -29.43
N ASP D 235 -45.50 15.00 -29.01
CA ASP D 235 -46.01 15.60 -27.77
C ASP D 235 -47.23 14.95 -27.14
N VAL D 236 -47.64 15.37 -25.99
CA VAL D 236 -48.73 14.67 -25.32
C VAL D 236 -49.98 15.50 -25.10
N VAL D 237 -51.13 14.87 -25.44
CA VAL D 237 -52.40 15.58 -25.43
C VAL D 237 -53.64 14.89 -24.89
N PHE D 238 -54.48 15.59 -24.18
CA PHE D 238 -55.86 15.26 -23.85
C PHE D 238 -57.09 15.11 -24.74
N SER D 239 -57.32 16.08 -25.63
CA SER D 239 -58.47 16.02 -26.53
C SER D 239 -58.20 16.04 -28.03
N LEU D 240 -59.19 15.65 -28.83
CA LEU D 240 -59.00 15.59 -30.27
C LEU D 240 -58.46 16.89 -30.84
N ALA D 241 -58.80 18.01 -30.22
CA ALA D 241 -58.33 19.30 -30.70
C ALA D 241 -56.84 19.28 -30.97
N GLU D 242 -56.04 19.15 -29.92
CA GLU D 242 -54.59 19.17 -30.09
C GLU D 242 -54.12 18.02 -30.94
N ALA D 243 -54.77 16.87 -30.81
CA ALA D 243 -54.42 15.73 -31.62
C ALA D 243 -54.17 16.18 -33.05
N LYS D 244 -54.83 17.24 -33.47
CA LYS D 244 -54.69 17.71 -34.84
C LYS D 244 -53.61 18.75 -35.05
N GLU D 245 -53.60 19.78 -34.23
CA GLU D 245 -52.63 20.86 -34.41
C GLU D 245 -51.24 20.30 -34.22
N VAL D 246 -51.12 19.24 -33.44
CA VAL D 246 -49.82 18.61 -33.28
C VAL D 246 -49.31 18.10 -34.60
N ALA D 247 -50.18 17.43 -35.33
CA ALA D 247 -49.79 16.92 -36.63
C ALA D 247 -49.68 18.05 -37.60
N ALA D 248 -50.43 19.11 -37.35
CA ALA D 248 -50.41 20.27 -38.23
C ALA D 248 -48.98 20.76 -38.08
N GLU D 249 -48.51 20.84 -36.84
CA GLU D 249 -47.15 21.29 -36.60
C GLU D 249 -45.91 20.51 -36.97
N ILE D 250 -46.01 19.19 -36.82
CA ILE D 250 -44.89 18.33 -37.16
C ILE D 250 -45.16 18.40 -38.64
N GLY D 251 -44.09 18.54 -39.41
CA GLY D 251 -44.26 18.68 -40.84
C GLY D 251 -44.20 17.30 -41.43
N TYR D 252 -45.10 16.43 -40.95
CA TYR D 252 -45.16 15.08 -41.47
C TYR D 252 -46.46 14.32 -41.27
N PRO D 253 -46.73 14.02 -42.38
CA PRO D 253 -48.01 13.34 -42.26
C PRO D 253 -47.95 11.96 -41.63
N VAL D 254 -47.24 11.07 -41.94
CA VAL D 254 -47.17 9.79 -41.22
C VAL D 254 -47.20 9.98 -39.69
N ALA D 255 -47.94 9.51 -38.80
CA ALA D 255 -48.08 9.72 -37.33
C ALA D 255 -48.73 8.61 -36.50
N VAL D 256 -48.62 8.47 -35.29
CA VAL D 256 -49.20 7.40 -34.45
C VAL D 256 -49.79 7.70 -33.06
N LYS D 257 -50.72 6.74 -32.65
CA LYS D 257 -51.49 7.07 -31.46
C LYS D 257 -51.37 5.90 -30.52
N PRO D 258 -50.14 5.64 -29.56
CA PRO D 258 -50.41 4.76 -28.43
C PRO D 258 -51.09 5.55 -27.35
N VAL D 259 -51.59 4.62 -26.60
CA VAL D 259 -52.09 5.04 -25.33
C VAL D 259 -50.92 5.00 -24.38
N ALA D 260 -51.09 5.65 -23.23
CA ALA D 260 -50.08 5.58 -22.20
C ALA D 260 -50.53 4.36 -21.39
N GLY D 261 -50.65 3.23 -22.01
CA GLY D 261 -51.46 2.10 -21.63
C GLY D 261 -50.79 0.81 -22.03
N HIS D 262 -51.30 -0.32 -21.53
CA HIS D 262 -50.64 -1.60 -21.79
C HIS D 262 -51.23 -2.41 -22.95
N LYS D 263 -52.08 -1.79 -23.76
CA LYS D 263 -52.73 -2.54 -24.84
C LYS D 263 -52.99 -1.72 -26.10
N GLY D 264 -53.19 -0.42 -25.95
CA GLY D 264 -53.53 0.39 -27.11
C GLY D 264 -52.38 0.77 -28.02
N ILE D 265 -52.50 0.48 -29.34
CA ILE D 265 -51.48 0.87 -30.29
C ILE D 265 -52.12 0.99 -31.65
N GLY D 266 -51.60 1.70 -32.56
CA GLY D 266 -52.03 1.75 -33.94
C GLY D 266 -51.06 2.64 -34.68
N VAL D 267 -51.16 2.58 -36.03
CA VAL D 267 -50.26 3.38 -36.83
C VAL D 267 -51.33 4.00 -37.71
N THR D 268 -51.42 5.33 -37.70
CA THR D 268 -52.43 6.03 -38.52
C THR D 268 -52.19 6.02 -40.03
N ALA D 269 -52.70 7.01 -40.75
CA ALA D 269 -52.63 7.00 -42.23
C ALA D 269 -51.28 7.33 -42.85
N ASP D 270 -51.19 7.17 -44.17
CA ASP D 270 -49.96 7.49 -44.86
C ASP D 270 -49.83 8.99 -45.00
N VAL D 271 -50.56 9.59 -45.94
CA VAL D 271 -50.41 11.04 -46.16
C VAL D 271 -51.70 11.85 -45.80
N GLN D 272 -51.64 12.76 -44.81
CA GLN D 272 -52.62 13.89 -44.60
C GLN D 272 -54.15 13.98 -44.24
N ASP D 273 -54.88 12.89 -43.98
CA ASP D 273 -56.29 13.01 -43.56
C ASP D 273 -56.47 12.39 -42.18
N GLU D 274 -56.98 13.39 -41.46
CA GLU D 274 -57.31 13.18 -40.05
C GLU D 274 -58.45 12.20 -40.02
N ILE D 275 -59.04 11.96 -41.18
CA ILE D 275 -60.14 11.05 -41.26
C ILE D 275 -59.73 9.74 -40.66
N GLU D 276 -58.67 9.32 -41.07
CA GLU D 276 -58.30 8.05 -40.49
C GLU D 276 -57.76 8.41 -39.12
N LEU D 277 -57.17 9.54 -38.74
CA LEU D 277 -56.88 9.93 -37.37
C LEU D 277 -58.08 9.80 -36.47
N GLU D 278 -59.25 10.21 -36.96
CA GLU D 278 -60.44 10.20 -36.13
C GLU D 278 -60.73 8.78 -35.75
N ALA D 279 -61.20 8.00 -36.71
CA ALA D 279 -61.38 6.58 -36.43
C ALA D 279 -60.20 6.03 -35.62
N ALA D 280 -58.99 6.44 -35.97
CA ALA D 280 -57.82 5.99 -35.23
C ALA D 280 -57.86 6.47 -33.79
N TYR D 281 -58.29 7.72 -33.57
CA TYR D 281 -58.42 8.22 -32.21
C TYR D 281 -59.44 7.36 -31.48
N ASP D 282 -60.58 7.08 -32.10
CA ASP D 282 -61.71 6.48 -31.44
C ASP D 282 -61.33 5.02 -31.16
N ARG D 283 -61.77 4.53 -29.99
CA ARG D 283 -61.66 3.12 -29.61
C ARG D 283 -60.22 2.73 -29.29
N ALA D 284 -59.32 3.67 -29.53
CA ALA D 284 -57.95 3.45 -29.14
C ALA D 284 -57.98 4.22 -27.86
N VAL D 285 -58.54 5.30 -27.78
CA VAL D 285 -58.73 6.12 -26.60
C VAL D 285 -59.72 5.44 -25.70
N ALA D 286 -60.79 5.01 -26.40
CA ALA D 286 -61.47 4.10 -25.49
C ALA D 286 -61.04 2.71 -25.10
N GLY D 287 -59.95 2.24 -25.69
CA GLY D 287 -59.34 1.04 -25.18
C GLY D 287 -58.80 1.39 -23.80
N ILE D 288 -58.56 2.58 -23.47
CA ILE D 288 -58.39 3.06 -22.10
C ILE D 288 -59.46 2.84 -21.06
N PRO D 289 -59.08 2.28 -19.91
CA PRO D 289 -59.90 2.21 -18.70
C PRO D 289 -59.03 2.70 -17.55
N LEU D 290 -58.65 3.97 -17.58
CA LEU D 290 -57.61 4.45 -16.66
C LEU D 290 -57.94 5.78 -15.98
N GLU D 291 -56.93 6.63 -15.81
CA GLU D 291 -57.15 7.87 -15.09
C GLU D 291 -57.63 9.03 -15.95
N GLU D 292 -56.78 10.01 -16.17
CA GLU D 292 -57.17 11.18 -16.95
C GLU D 292 -57.27 10.85 -18.43
N LYS D 293 -57.22 9.56 -18.77
CA LYS D 293 -57.33 9.14 -20.15
C LYS D 293 -56.51 10.08 -21.04
N ILE D 294 -55.23 9.91 -20.91
CA ILE D 294 -54.31 10.87 -21.50
C ILE D 294 -53.35 10.17 -22.45
N CYS D 295 -52.97 10.68 -23.50
CA CYS D 295 -52.08 9.89 -24.33
C CYS D 295 -51.34 10.66 -25.41
N ILE D 296 -50.38 10.01 -26.06
CA ILE D 296 -49.47 10.75 -26.98
C ILE D 296 -49.69 10.42 -28.46
N ILE D 297 -49.35 11.37 -29.33
CA ILE D 297 -49.39 11.15 -30.81
C ILE D 297 -47.97 11.45 -31.24
N VAL D 298 -47.25 10.54 -31.91
CA VAL D 298 -45.87 10.94 -32.27
C VAL D 298 -45.24 10.06 -33.35
N GLU D 299 -44.65 10.69 -34.36
CA GLU D 299 -43.78 9.90 -35.28
C GLU D 299 -43.15 10.85 -36.29
N ASN D 300 -41.98 10.52 -36.77
CA ASN D 300 -41.28 11.35 -37.74
C ASN D 300 -40.87 10.54 -38.97
N SER D 301 -40.00 9.54 -38.83
CA SER D 301 -39.53 8.84 -40.02
C SER D 301 -39.34 7.35 -39.80
N ILE D 302 -39.35 6.86 -38.56
CA ILE D 302 -39.08 5.45 -38.30
C ILE D 302 -40.00 4.44 -38.97
N ALA D 303 -39.45 3.63 -39.87
CA ALA D 303 -40.26 2.68 -40.63
C ALA D 303 -39.77 1.24 -40.59
N GLY D 304 -38.51 0.98 -40.20
CA GLY D 304 -37.95 -0.35 -40.31
C GLY D 304 -38.25 -1.31 -39.18
N HIS D 305 -37.63 -2.50 -39.27
CA HIS D 305 -37.69 -3.52 -38.24
C HIS D 305 -37.17 -3.27 -36.83
N ASP D 306 -37.89 -3.78 -35.83
CA ASP D 306 -37.46 -3.61 -34.45
C ASP D 306 -36.44 -4.56 -33.85
N TYR D 307 -35.60 -4.02 -32.96
CA TYR D 307 -34.52 -4.78 -32.34
C TYR D 307 -34.47 -4.50 -30.84
N ARG D 308 -33.89 -5.44 -30.11
CA ARG D 308 -33.69 -5.34 -28.66
C ARG D 308 -32.22 -5.52 -28.34
N LEU D 309 -31.67 -4.59 -27.56
CA LEU D 309 -30.26 -4.63 -27.15
C LEU D 309 -30.16 -4.81 -25.65
N LEU D 310 -29.17 -5.58 -25.22
CA LEU D 310 -28.96 -5.89 -23.81
C LEU D 310 -27.59 -5.39 -23.35
N CYS D 311 -27.58 -4.69 -22.22
CA CYS D 311 -26.36 -4.17 -21.64
C CYS D 311 -26.23 -4.66 -20.20
N VAL D 312 -25.08 -5.22 -19.87
CA VAL D 312 -24.79 -5.71 -18.53
C VAL D 312 -23.55 -4.99 -18.01
N ASN D 313 -23.67 -4.40 -16.83
CA ASN D 313 -22.56 -3.67 -16.19
C ASN D 313 -22.03 -2.56 -17.09
N GLY D 314 -22.90 -1.97 -17.90
CA GLY D 314 -22.48 -0.92 -18.80
C GLY D 314 -21.79 -1.38 -20.07
N ARG D 315 -21.86 -2.66 -20.40
CA ARG D 315 -21.21 -3.20 -21.59
C ARG D 315 -22.23 -3.92 -22.46
N PHE D 316 -22.10 -3.73 -23.76
CA PHE D 316 -23.00 -4.34 -24.73
C PHE D 316 -22.76 -5.85 -24.79
N VAL D 317 -23.84 -6.64 -24.71
CA VAL D 317 -23.65 -8.09 -24.63
C VAL D 317 -24.29 -8.81 -25.81
N ALA D 318 -25.59 -8.58 -26.04
CA ALA D 318 -26.30 -9.35 -27.04
C ALA D 318 -27.32 -8.47 -27.76
N ALA D 319 -27.74 -8.93 -28.94
CA ALA D 319 -28.78 -8.27 -29.72
C ALA D 319 -29.58 -9.33 -30.46
N THR D 320 -30.84 -9.01 -30.77
CA THR D 320 -31.72 -9.98 -31.41
C THR D 320 -32.84 -9.25 -32.15
N GLU D 321 -33.37 -9.89 -33.18
CA GLU D 321 -34.41 -9.32 -34.04
C GLU D 321 -35.69 -10.12 -33.90
N ARG D 322 -36.83 -9.44 -33.84
CA ARG D 322 -38.12 -10.08 -33.59
C ARG D 322 -39.00 -10.03 -34.84
N LYS D 323 -39.52 -11.20 -35.23
CA LYS D 323 -40.34 -11.31 -36.43
C LYS D 323 -41.64 -12.06 -36.13
N PRO D 324 -42.74 -11.67 -36.77
CA PRO D 324 -44.03 -12.31 -36.54
C PRO D 324 -44.23 -13.52 -37.47
N ALA D 325 -45.39 -14.15 -37.33
CA ALA D 325 -45.71 -15.34 -38.10
C ALA D 325 -46.09 -14.99 -39.54
N TYR D 326 -45.98 -15.99 -40.42
CA TYR D 326 -46.32 -15.79 -41.82
C TYR D 326 -46.43 -17.13 -42.56
N VAL D 327 -47.12 -17.17 -43.70
CA VAL D 327 -47.29 -18.41 -44.49
C VAL D 327 -46.89 -18.25 -45.97
N VAL D 328 -46.63 -19.18 -46.67
CA VAL D 328 -46.16 -19.33 -48.06
C VAL D 328 -47.27 -19.27 -49.08
N GLY D 329 -47.11 -19.84 -50.27
CA GLY D 329 -48.14 -19.67 -51.29
C GLY D 329 -48.51 -20.84 -52.17
N ASP D 330 -49.64 -20.49 -53.12
CA ASP D 330 -50.04 -21.53 -54.06
C ASP D 330 -50.92 -22.55 -53.38
N GLY D 331 -51.16 -22.34 -52.09
CA GLY D 331 -51.97 -23.27 -51.32
C GLY D 331 -53.40 -23.49 -51.74
N TYR D 332 -54.16 -22.59 -52.10
CA TYR D 332 -55.43 -22.67 -52.81
C TYR D 332 -56.38 -22.95 -51.66
N SER D 333 -55.85 -22.99 -50.32
CA SER D 333 -56.68 -23.29 -49.17
C SER D 333 -57.35 -22.15 -48.45
N THR D 334 -58.09 -22.47 -47.40
CA THR D 334 -58.82 -21.43 -46.68
C THR D 334 -58.14 -20.82 -45.45
N ILE D 335 -56.85 -20.49 -45.58
CA ILE D 335 -56.09 -19.78 -44.56
C ILE D 335 -55.89 -20.61 -43.30
N ALA D 336 -56.99 -21.05 -42.69
CA ALA D 336 -56.96 -21.79 -41.45
C ALA D 336 -56.32 -23.15 -41.71
N GLU D 337 -56.48 -23.67 -42.92
CA GLU D 337 -55.83 -24.91 -43.32
C GLU D 337 -54.32 -24.80 -43.20
N LEU D 338 -53.75 -23.69 -43.68
CA LEU D 338 -52.32 -23.47 -43.59
C LEU D 338 -51.85 -23.40 -42.15
N ILE D 339 -52.62 -22.73 -41.31
CA ILE D 339 -52.31 -22.57 -39.89
C ILE D 339 -52.27 -23.94 -39.23
N GLU D 340 -53.30 -24.76 -39.49
CA GLU D 340 -53.36 -26.10 -38.91
C GLU D 340 -52.23 -26.97 -39.41
N LYS D 341 -51.92 -26.88 -40.71
CA LYS D 341 -50.84 -27.67 -41.28
C LYS D 341 -49.50 -27.31 -40.66
N GLU D 342 -49.27 -26.02 -40.42
CA GLU D 342 -48.00 -25.60 -39.82
C GLU D 342 -47.95 -25.96 -38.35
N ASN D 343 -49.07 -25.90 -37.65
CA ASN D 343 -49.10 -26.34 -36.26
C ASN D 343 -48.82 -27.83 -36.15
N PHE D 344 -49.34 -28.61 -37.10
CA PHE D 344 -49.07 -30.05 -37.10
C PHE D 344 -47.63 -30.33 -37.51
N SER D 345 -46.99 -29.39 -38.20
CA SER D 345 -45.61 -29.53 -38.66
C SER D 345 -44.66 -29.54 -37.47
N PRO D 346 -43.45 -30.13 -37.60
CA PRO D 346 -42.50 -30.10 -36.49
C PRO D 346 -41.97 -28.70 -36.19
N ASN D 347 -41.01 -28.62 -35.26
CA ASN D 347 -40.39 -27.37 -34.84
C ASN D 347 -41.40 -26.44 -34.16
N ARG D 348 -42.60 -26.95 -33.89
CA ARG D 348 -43.62 -26.16 -33.20
C ARG D 348 -44.35 -26.94 -32.12
N SER D 349 -43.71 -27.92 -31.49
CA SER D 349 -44.32 -28.66 -30.40
C SER D 349 -44.49 -27.78 -29.16
N ASP D 350 -45.24 -28.26 -28.17
CA ASP D 350 -45.54 -27.48 -26.98
C ASP D 350 -44.77 -27.97 -25.76
N THR D 351 -43.64 -28.64 -25.99
CA THR D 351 -42.78 -29.05 -24.89
C THR D 351 -42.11 -27.83 -24.28
N PRO D 352 -41.71 -27.91 -23.00
CA PRO D 352 -41.06 -26.76 -22.36
C PRO D 352 -39.74 -26.37 -23.00
N THR D 353 -39.16 -27.20 -23.87
CA THR D 353 -37.88 -26.90 -24.53
C THR D 353 -38.11 -27.03 -26.03
N SER D 354 -38.59 -25.95 -26.64
CA SER D 354 -38.84 -25.90 -28.07
C SER D 354 -38.42 -24.52 -28.57
N PRO D 355 -38.03 -24.40 -29.85
CA PRO D 355 -37.66 -23.08 -30.38
C PRO D 355 -38.83 -22.11 -30.36
N MET D 356 -39.93 -22.49 -31.01
CA MET D 356 -41.13 -21.66 -31.08
C MET D 356 -42.36 -22.53 -30.90
N GLY D 357 -43.44 -21.90 -30.47
CA GLY D 357 -44.69 -22.55 -30.17
C GLY D 357 -45.60 -22.67 -31.38
N LYS D 358 -46.86 -23.03 -31.11
CA LYS D 358 -47.87 -23.18 -32.16
C LYS D 358 -48.58 -21.86 -32.39
N ILE D 359 -48.92 -21.60 -33.66
CA ILE D 359 -49.57 -20.35 -34.05
C ILE D 359 -50.98 -20.32 -33.50
N ARG D 360 -51.23 -19.47 -32.51
CA ARG D 360 -52.57 -19.30 -31.96
C ARG D 360 -53.31 -18.23 -32.76
N THR D 361 -54.53 -17.90 -32.33
CA THR D 361 -55.30 -16.85 -32.98
C THR D 361 -56.12 -16.13 -31.93
N ASP D 362 -56.25 -14.82 -32.07
CA ASP D 362 -56.99 -14.02 -31.11
C ASP D 362 -57.64 -12.85 -31.81
N GLU D 363 -58.79 -12.41 -31.29
CA GLU D 363 -59.51 -11.30 -31.90
C GLU D 363 -58.70 -10.02 -31.82
N ALA D 364 -57.90 -9.86 -30.77
CA ALA D 364 -56.94 -8.76 -30.72
C ALA D 364 -55.90 -8.97 -31.81
N MET D 365 -55.63 -7.90 -32.56
CA MET D 365 -54.73 -7.85 -33.72
C MET D 365 -55.29 -8.66 -34.89
N HIS D 366 -56.48 -9.27 -34.76
CA HIS D 366 -57.10 -9.95 -35.88
C HIS D 366 -57.54 -8.98 -36.97
N LEU D 367 -57.60 -7.68 -36.64
CA LEU D 367 -58.04 -6.68 -37.60
C LEU D 367 -57.06 -6.52 -38.75
N TYR D 368 -55.82 -6.99 -38.57
CA TYR D 368 -54.81 -6.84 -39.62
C TYR D 368 -55.23 -7.55 -40.89
N LEU D 369 -55.86 -8.72 -40.77
CA LEU D 369 -56.33 -9.42 -41.97
C LEU D 369 -57.40 -8.63 -42.70
N GLU D 370 -58.29 -7.97 -41.96
CA GLU D 370 -59.35 -7.19 -42.57
C GLU D 370 -58.81 -5.98 -43.32
N GLU D 371 -57.66 -5.45 -42.91
CA GLU D 371 -57.10 -4.25 -43.53
C GLU D 371 -56.18 -4.67 -44.67
N GLN D 372 -56.55 -4.29 -45.89
CA GLN D 372 -55.77 -4.52 -47.10
C GLN D 372 -55.51 -6.02 -47.20
N GLY D 373 -56.51 -6.75 -46.91
CA GLY D 373 -56.22 -8.11 -47.08
C GLY D 373 -57.57 -8.66 -47.07
N LEU D 374 -57.61 -9.89 -47.10
CA LEU D 374 -58.83 -10.67 -46.94
C LEU D 374 -59.09 -11.65 -45.79
N ASP D 375 -60.49 -11.71 -45.24
CA ASP D 375 -60.77 -12.61 -44.11
C ASP D 375 -60.71 -14.11 -44.30
N LEU D 376 -61.35 -14.61 -45.36
CA LEU D 376 -61.48 -16.04 -45.61
C LEU D 376 -61.20 -17.40 -46.22
N ASP D 377 -61.06 -17.45 -47.61
CA ASP D 377 -60.61 -18.55 -48.43
C ASP D 377 -59.89 -17.66 -49.44
N SER D 378 -58.69 -17.77 -49.83
CA SER D 378 -58.20 -17.01 -50.94
C SER D 378 -57.34 -18.13 -51.38
N VAL D 379 -57.40 -18.33 -52.64
CA VAL D 379 -56.57 -19.31 -53.32
C VAL D 379 -55.33 -18.51 -53.08
N ILE D 380 -54.42 -18.99 -52.32
CA ILE D 380 -53.26 -18.18 -52.06
C ILE D 380 -52.67 -17.95 -53.42
N ASP D 381 -52.31 -16.77 -53.78
CA ASP D 381 -51.59 -16.53 -55.03
C ASP D 381 -50.25 -17.25 -55.02
N ARG D 382 -49.97 -17.96 -56.11
CA ARG D 382 -48.78 -18.80 -56.19
C ARG D 382 -47.52 -18.06 -55.82
N ASP D 383 -46.69 -18.70 -54.99
CA ASP D 383 -45.40 -18.16 -54.55
C ASP D 383 -45.38 -16.84 -53.78
N ARG D 384 -46.37 -16.62 -52.92
CA ARG D 384 -46.49 -15.40 -52.14
C ARG D 384 -46.30 -15.64 -50.63
N THR D 385 -46.08 -14.57 -49.89
CA THR D 385 -45.94 -14.65 -48.44
C THR D 385 -46.90 -13.65 -47.81
N ILE D 386 -47.55 -14.08 -46.73
CA ILE D 386 -48.52 -13.23 -46.02
C ILE D 386 -48.18 -13.22 -44.54
N TYR D 387 -48.00 -12.03 -43.98
CA TYR D 387 -47.70 -11.88 -42.55
C TYR D 387 -49.00 -11.73 -41.79
N LEU D 388 -49.21 -12.58 -40.79
CA LEU D 388 -50.49 -12.62 -40.10
C LEU D 388 -50.71 -11.39 -39.22
N ARG D 389 -49.67 -10.93 -38.52
CA ARG D 389 -49.79 -9.81 -37.60
C ARG D 389 -48.69 -8.81 -37.89
N LYS D 390 -48.74 -7.68 -37.19
CA LYS D 390 -47.75 -6.63 -37.39
C LYS D 390 -46.69 -6.63 -36.28
N VAL D 391 -47.11 -6.54 -35.03
CA VAL D 391 -46.19 -6.52 -33.89
C VAL D 391 -46.12 -7.94 -33.33
N ALA D 392 -44.91 -8.49 -33.31
CA ALA D 392 -44.73 -9.90 -32.97
C ALA D 392 -45.06 -10.17 -31.51
N ASN D 393 -45.67 -11.33 -31.27
CA ASN D 393 -45.86 -11.86 -29.93
C ASN D 393 -45.15 -13.20 -29.85
N LEU D 394 -44.04 -13.24 -29.11
CA LEU D 394 -43.27 -14.48 -29.01
C LEU D 394 -44.06 -15.56 -28.29
N SER D 395 -45.09 -15.16 -27.54
CA SER D 395 -45.94 -16.15 -26.88
C SER D 395 -46.71 -17.00 -27.87
N SER D 396 -47.24 -16.38 -28.93
CA SER D 396 -48.10 -17.05 -29.90
C SER D 396 -47.57 -16.78 -31.31
N GLY D 397 -46.76 -17.70 -31.82
CA GLY D 397 -46.33 -17.64 -33.21
C GLY D 397 -45.47 -16.46 -33.60
N GLY D 398 -44.46 -16.16 -32.79
CA GLY D 398 -43.45 -15.19 -33.17
C GLY D 398 -42.08 -15.70 -32.78
N PHE D 399 -41.07 -15.28 -33.53
CA PHE D 399 -39.75 -15.84 -33.23
C PHE D 399 -38.69 -14.77 -33.35
N SER D 400 -37.47 -15.16 -33.00
CA SER D 400 -36.34 -14.24 -32.87
C SER D 400 -35.13 -14.79 -33.61
N ILE D 401 -34.27 -13.88 -34.05
CA ILE D 401 -33.08 -14.21 -34.82
C ILE D 401 -31.88 -13.52 -34.17
N ASP D 402 -30.79 -14.27 -34.03
CA ASP D 402 -29.57 -13.70 -33.49
C ASP D 402 -28.97 -12.69 -34.44
N ALA D 403 -28.52 -11.55 -33.91
CA ALA D 403 -27.95 -10.50 -34.74
C ALA D 403 -26.77 -9.81 -34.05
N THR D 404 -26.03 -10.55 -33.23
CA THR D 404 -25.01 -9.91 -32.40
C THR D 404 -23.78 -9.52 -33.20
N ASN D 405 -23.43 -10.26 -34.24
CA ASN D 405 -22.17 -10.08 -34.94
C ASN D 405 -22.25 -9.12 -36.11
N ARG D 406 -23.39 -8.50 -36.34
CA ARG D 406 -23.54 -7.54 -37.43
C ARG D 406 -24.11 -6.22 -36.94
N VAL D 407 -23.49 -5.65 -35.90
CA VAL D 407 -23.87 -4.36 -35.35
C VAL D 407 -22.71 -3.40 -35.53
N HIS D 408 -23.00 -2.21 -36.06
CA HIS D 408 -21.98 -1.21 -36.33
C HIS D 408 -21.40 -0.66 -35.02
N PRO D 409 -20.12 -0.32 -35.00
CA PRO D 409 -19.51 0.21 -33.76
C PRO D 409 -20.17 1.48 -33.23
N ASP D 410 -20.70 2.34 -34.11
CA ASP D 410 -21.33 3.57 -33.64
C ASP D 410 -22.52 3.26 -32.74
N ASN D 411 -23.34 2.28 -33.13
CA ASN D 411 -24.49 1.92 -32.32
C ASN D 411 -24.07 1.32 -30.99
N ILE D 412 -22.97 0.57 -30.96
CA ILE D 412 -22.45 0.03 -29.71
C ILE D 412 -22.07 1.17 -28.77
N ILE D 413 -21.37 2.18 -29.30
CA ILE D 413 -20.97 3.30 -28.46
C ILE D 413 -22.19 4.07 -27.98
N LEU D 414 -23.20 4.21 -28.83
CA LEU D 414 -24.43 4.87 -28.41
C LEU D 414 -25.10 4.13 -27.25
N ALA D 415 -25.15 2.79 -27.34
CA ALA D 415 -25.76 2.01 -26.27
C ALA D 415 -24.98 2.16 -24.97
N GLN D 416 -23.65 2.14 -25.04
CA GLN D 416 -22.85 2.34 -23.83
C GLN D 416 -23.12 3.70 -23.21
N ASP D 417 -23.20 4.74 -24.04
CA ASP D 417 -23.46 6.08 -23.54
C ASP D 417 -24.81 6.16 -22.83
N ILE D 418 -25.84 5.53 -23.40
CA ILE D 418 -27.13 5.53 -22.73
C ILE D 418 -27.05 4.78 -21.41
N ALA D 419 -26.41 3.62 -21.41
CA ALA D 419 -26.45 2.75 -20.24
C ALA D 419 -25.64 3.28 -19.08
N GLN D 420 -24.64 4.14 -19.31
CA GLN D 420 -23.81 4.53 -18.19
C GLN D 420 -24.48 5.51 -17.23
N HIS D 421 -25.69 5.98 -17.50
CA HIS D 421 -26.32 7.02 -16.69
C HIS D 421 -27.22 6.49 -15.58
N PHE D 422 -27.37 5.17 -15.44
CA PHE D 422 -28.29 4.59 -14.47
C PHE D 422 -27.55 3.64 -13.55
N ARG D 423 -28.07 3.49 -12.34
CA ARG D 423 -27.53 2.54 -11.37
C ARG D 423 -28.34 1.25 -11.39
N LEU D 424 -28.27 0.55 -12.52
CA LEU D 424 -28.91 -0.74 -12.71
C LEU D 424 -27.90 -1.71 -13.29
N THR D 425 -28.09 -2.99 -12.99
CA THR D 425 -27.13 -3.99 -13.45
C THR D 425 -27.39 -4.40 -14.89
N CYS D 426 -28.64 -4.64 -15.24
CA CYS D 426 -29.03 -5.05 -16.58
C CYS D 426 -30.01 -4.04 -17.16
N LEU D 427 -29.82 -3.69 -18.43
CA LEU D 427 -30.69 -2.71 -19.08
C LEU D 427 -31.03 -3.19 -20.47
N GLY D 428 -32.28 -2.98 -20.88
CA GLY D 428 -32.75 -3.36 -22.21
C GLY D 428 -33.25 -2.16 -22.98
N ILE D 429 -32.90 -2.10 -24.26
CA ILE D 429 -33.20 -0.96 -25.12
C ILE D 429 -33.93 -1.44 -26.36
N ASP D 430 -35.03 -0.79 -26.71
CA ASP D 430 -35.80 -1.14 -27.90
C ASP D 430 -35.63 -0.08 -28.98
N ILE D 431 -35.24 -0.51 -30.19
CA ILE D 431 -34.99 0.43 -31.28
C ILE D 431 -35.71 -0.03 -32.54
N ILE D 432 -35.85 0.91 -33.48
CA ILE D 432 -36.43 0.65 -34.79
C ILE D 432 -35.50 1.23 -35.85
N THR D 433 -35.16 0.42 -36.86
CA THR D 433 -34.30 0.88 -37.94
C THR D 433 -34.52 -0.03 -39.15
N ASN D 434 -34.01 0.42 -40.30
CA ASN D 434 -34.12 -0.37 -41.51
C ASN D 434 -32.88 -1.20 -41.80
N ASP D 435 -31.71 -0.77 -41.33
CA ASP D 435 -30.48 -1.54 -41.51
C ASP D 435 -29.57 -1.29 -40.32
N ILE D 436 -29.33 -2.33 -39.51
CA ILE D 436 -28.51 -2.17 -38.32
C ILE D 436 -27.03 -2.27 -38.62
N GLY D 437 -26.64 -2.54 -39.86
CA GLY D 437 -25.24 -2.54 -40.23
C GLY D 437 -24.67 -1.21 -40.62
N ARG D 438 -25.45 -0.13 -40.55
CA ARG D 438 -25.01 1.19 -40.92
C ARG D 438 -25.24 2.16 -39.77
N SER D 439 -24.44 3.22 -39.74
CA SER D 439 -24.45 4.14 -38.62
C SER D 439 -25.77 4.87 -38.51
N TRP D 440 -26.13 5.25 -37.28
CA TRP D 440 -27.39 5.93 -37.02
C TRP D 440 -27.41 7.37 -37.51
N LYS D 441 -26.26 7.91 -37.92
CA LYS D 441 -26.18 9.27 -38.40
C LYS D 441 -26.54 9.42 -39.87
N GLU D 442 -26.88 8.32 -40.55
CA GLU D 442 -27.21 8.37 -41.96
C GLU D 442 -28.40 7.51 -42.34
N THR D 443 -29.17 6.99 -41.38
CA THR D 443 -30.34 6.19 -41.69
C THR D 443 -31.54 6.67 -40.89
N SER D 444 -32.64 5.92 -40.92
CA SER D 444 -33.80 6.21 -40.09
C SER D 444 -33.70 5.40 -38.81
N PHE D 445 -33.40 6.06 -37.71
CA PHE D 445 -33.10 5.42 -36.44
C PHE D 445 -33.98 6.04 -35.36
N GLY D 446 -34.36 5.24 -34.38
CA GLY D 446 -35.20 5.73 -33.31
C GLY D 446 -35.10 4.87 -32.08
N ILE D 447 -35.27 5.51 -30.92
CA ILE D 447 -35.28 4.83 -29.63
C ILE D 447 -36.69 4.88 -29.08
N ILE D 448 -37.25 3.73 -28.75
CA ILE D 448 -38.66 3.62 -28.37
C ILE D 448 -38.83 3.50 -26.86
N GLU D 449 -38.05 2.64 -26.21
CA GLU D 449 -38.31 2.35 -24.81
C GLU D 449 -37.07 1.79 -24.14
N ILE D 450 -37.02 1.97 -22.82
CA ILE D 450 -35.95 1.47 -21.95
C ILE D 450 -36.58 0.64 -20.84
N ASN D 451 -36.04 -0.55 -20.60
CA ASN D 451 -36.59 -1.49 -19.63
C ASN D 451 -35.55 -1.86 -18.59
N ALA D 452 -36.00 -1.97 -17.34
CA ALA D 452 -35.12 -2.08 -16.18
C ALA D 452 -34.83 -3.51 -15.75
N ALA D 453 -35.80 -4.42 -15.85
CA ALA D 453 -35.61 -5.82 -15.46
C ALA D 453 -35.99 -6.70 -16.64
N PRO D 454 -35.12 -6.80 -17.63
CA PRO D 454 -35.48 -7.49 -18.87
C PRO D 454 -35.43 -9.00 -18.73
N GLY D 455 -36.13 -9.68 -19.64
CA GLY D 455 -36.07 -11.12 -19.73
C GLY D 455 -34.97 -11.52 -20.69
N VAL D 456 -34.16 -12.50 -20.28
CA VAL D 456 -32.98 -12.86 -21.03
C VAL D 456 -33.10 -14.26 -21.65
N TYR D 457 -34.32 -14.80 -21.72
CA TYR D 457 -34.47 -16.14 -22.28
C TYR D 457 -34.36 -16.12 -23.80
N MET D 458 -34.83 -15.05 -24.44
CA MET D 458 -34.77 -14.96 -25.90
C MET D 458 -33.33 -14.93 -26.42
N HIS D 459 -32.37 -14.56 -25.58
CA HIS D 459 -30.97 -14.55 -25.98
C HIS D 459 -30.28 -15.89 -25.74
N LEU D 460 -30.91 -16.80 -25.01
CA LEU D 460 -30.33 -18.11 -24.72
C LEU D 460 -30.81 -19.20 -25.66
N LYS D 461 -32.04 -19.13 -26.14
CA LYS D 461 -32.61 -20.13 -27.02
C LYS D 461 -33.20 -19.46 -28.26
N PRO D 462 -32.36 -19.03 -29.19
CA PRO D 462 -32.86 -18.43 -30.41
C PRO D 462 -33.47 -19.45 -31.34
N ALA D 463 -34.49 -19.01 -32.08
CA ALA D 463 -35.05 -19.87 -33.12
C ALA D 463 -34.06 -20.09 -34.24
N ILE D 464 -33.36 -19.05 -34.66
CA ILE D 464 -32.33 -19.13 -35.69
C ILE D 464 -31.09 -18.41 -35.18
N GLY D 465 -29.94 -19.07 -35.26
CA GLY D 465 -28.69 -18.48 -34.88
C GLY D 465 -27.99 -19.30 -33.82
N GLU D 466 -27.09 -18.65 -33.08
CA GLU D 466 -26.30 -19.30 -32.05
C GLU D 466 -26.51 -18.64 -30.70
N PRO D 467 -26.50 -19.41 -29.62
CA PRO D 467 -26.77 -18.83 -28.30
C PRO D 467 -25.59 -18.03 -27.77
N VAL D 468 -25.90 -17.18 -26.78
CA VAL D 468 -24.92 -16.38 -26.06
C VAL D 468 -25.11 -16.65 -24.58
N ASP D 469 -24.01 -16.85 -23.86
CA ASP D 469 -24.07 -17.17 -22.42
C ASP D 469 -24.08 -15.87 -21.63
N VAL D 470 -25.28 -15.37 -21.34
CA VAL D 470 -25.40 -14.10 -20.64
C VAL D 470 -25.38 -14.27 -19.12
N THR D 471 -25.77 -15.44 -18.62
CA THR D 471 -25.79 -15.65 -17.18
C THR D 471 -24.39 -15.71 -16.58
N ALA D 472 -23.43 -16.26 -17.32
CA ALA D 472 -22.04 -16.21 -16.87
C ALA D 472 -21.56 -14.76 -16.80
N ARG D 473 -21.95 -13.95 -17.77
CA ARG D 473 -21.61 -12.54 -17.75
C ARG D 473 -22.22 -11.83 -16.55
N ILE D 474 -23.46 -12.19 -16.20
CA ILE D 474 -24.12 -11.58 -15.05
C ILE D 474 -23.40 -11.97 -13.77
N LEU D 475 -23.06 -13.24 -13.60
CA LEU D 475 -22.47 -13.69 -12.34
C LEU D 475 -21.02 -13.26 -12.19
N GLU D 476 -20.28 -13.09 -13.28
CA GLU D 476 -18.90 -12.62 -13.17
C GLU D 476 -18.80 -11.18 -12.73
N THR D 477 -19.90 -10.43 -12.71
CA THR D 477 -19.88 -9.07 -12.20
C THR D 477 -19.55 -9.04 -10.72
N PHE D 478 -20.09 -9.98 -9.97
CA PHE D 478 -19.98 -9.96 -8.51
C PHE D 478 -18.83 -10.82 -8.00
N PHE D 479 -18.70 -12.06 -8.48
CA PHE D 479 -17.69 -13.00 -7.98
C PHE D 479 -16.70 -13.28 -9.10
N GLU D 480 -15.41 -13.07 -8.83
CA GLU D 480 -14.39 -13.36 -9.82
C GLU D 480 -13.95 -14.82 -9.73
N THR D 481 -13.93 -15.38 -8.54
CA THR D 481 -13.58 -16.78 -8.31
C THR D 481 -14.45 -17.35 -7.20
N GLU D 482 -14.27 -18.64 -6.93
CA GLU D 482 -15.03 -19.30 -5.88
C GLU D 482 -14.71 -18.70 -4.51
N LYS D 483 -13.44 -18.44 -4.23
CA LYS D 483 -13.03 -18.01 -2.90
C LYS D 483 -13.54 -16.62 -2.57
N ASN D 484 -14.08 -15.93 -3.56
CA ASN D 484 -14.69 -14.62 -3.33
C ASN D 484 -16.10 -14.73 -2.77
N ALA D 485 -16.62 -15.94 -2.56
CA ALA D 485 -18.00 -16.10 -2.13
C ALA D 485 -18.11 -16.89 -0.82
N ARG D 486 -17.03 -17.01 -0.05
CA ARG D 486 -17.02 -17.89 1.11
C ARG D 486 -16.35 -17.21 2.28
N ILE D 487 -16.60 -17.74 3.48
CA ILE D 487 -15.94 -17.30 4.70
C ILE D 487 -15.46 -18.53 5.46
N PRO D 488 -14.53 -18.36 6.40
CA PRO D 488 -14.06 -19.51 7.17
C PRO D 488 -15.08 -20.07 8.15
N ILE D 489 -15.06 -21.39 8.30
CA ILE D 489 -16.03 -22.15 9.10
C ILE D 489 -15.29 -23.18 9.94
N ILE D 490 -15.69 -23.33 11.20
CA ILE D 490 -15.10 -24.30 12.13
C ILE D 490 -16.20 -25.21 12.65
N THR D 491 -15.91 -26.52 12.70
CA THR D 491 -16.92 -27.51 13.08
C THR D 491 -16.48 -28.32 14.29
N PHE D 492 -17.38 -28.39 15.27
CA PHE D 492 -17.25 -29.26 16.45
C PHE D 492 -18.31 -30.35 16.41
N ASN D 493 -18.24 -31.26 17.37
CA ASN D 493 -19.33 -32.20 17.62
C ASN D 493 -19.81 -32.17 19.06
N ARG D 494 -19.10 -31.49 19.96
CA ARG D 494 -19.54 -31.29 21.33
C ARG D 494 -18.72 -30.15 21.94
N VAL D 495 -19.40 -29.13 22.47
CA VAL D 495 -18.72 -27.96 23.01
C VAL D 495 -19.72 -27.21 23.89
N SER D 496 -19.20 -26.37 24.78
CA SER D 496 -20.02 -25.58 25.70
C SER D 496 -19.76 -24.09 25.52
N ILE D 497 -20.61 -23.28 26.14
CA ILE D 497 -20.52 -21.83 26.00
C ILE D 497 -19.28 -21.25 26.67
N ARG D 498 -18.73 -21.96 27.66
CA ARG D 498 -17.51 -21.47 28.31
C ARG D 498 -16.31 -21.52 27.37
N GLN D 499 -16.22 -22.56 26.54
CA GLN D 499 -15.09 -22.71 25.63
C GLN D 499 -15.22 -21.80 24.42
N LEU D 500 -16.43 -21.54 23.95
CA LEU D 500 -16.62 -20.68 22.79
C LEU D 500 -16.15 -19.26 23.06
N GLN D 501 -16.45 -18.74 24.24
CA GLN D 501 -16.02 -17.39 24.58
C GLN D 501 -14.50 -17.28 24.61
N LYS D 502 -13.83 -18.27 25.19
CA LYS D 502 -12.38 -18.27 25.21
C LYS D 502 -11.79 -18.35 23.81
N LEU D 503 -12.36 -19.20 22.95
CA LEU D 503 -11.85 -19.32 21.59
C LEU D 503 -12.02 -18.02 20.81
N SER D 504 -13.20 -17.41 20.89
CA SER D 504 -13.43 -16.17 20.17
C SER D 504 -12.55 -15.05 20.71
N ASP D 505 -12.37 -15.01 22.03
CA ASP D 505 -11.49 -14.00 22.63
C ASP D 505 -10.05 -14.18 22.15
N ARG D 506 -9.60 -15.42 22.02
CA ARG D 506 -8.27 -15.66 21.46
C ARG D 506 -8.17 -15.17 20.03
N ILE D 507 -9.20 -15.41 19.23
CA ILE D 507 -9.16 -14.99 17.82
C ILE D 507 -9.15 -13.47 17.71
N LEU D 508 -9.89 -12.79 18.57
CA LEU D 508 -10.03 -11.34 18.44
C LEU D 508 -8.75 -10.58 18.77
N MET D 509 -7.74 -11.24 19.33
CA MET D 509 -6.52 -10.51 19.71
C MET D 509 -5.71 -10.10 18.49
N SER D 510 -5.83 -10.84 17.39
CA SER D 510 -5.07 -10.52 16.19
C SER D 510 -5.90 -9.82 15.11
N HIS D 511 -7.22 -9.94 15.15
CA HIS D 511 -8.13 -9.26 14.23
C HIS D 511 -9.15 -8.49 15.06
N PRO D 512 -8.76 -7.34 15.60
CA PRO D 512 -9.65 -6.65 16.55
C PRO D 512 -10.97 -6.17 15.96
N ASP D 513 -11.08 -6.07 14.64
CA ASP D 513 -12.25 -5.46 14.02
C ASP D 513 -13.18 -6.47 13.37
N TRP D 514 -12.98 -7.76 13.59
CA TRP D 514 -13.86 -8.77 13.03
C TRP D 514 -15.12 -8.93 13.88
N THR D 515 -16.17 -9.55 13.25
CA THR D 515 -17.42 -9.98 13.88
C THR D 515 -17.54 -11.48 13.67
N ILE D 516 -17.63 -12.29 14.80
CA ILE D 516 -17.57 -13.75 14.76
C ILE D 516 -18.85 -14.31 15.34
N GLY D 517 -19.41 -15.37 14.68
CA GLY D 517 -20.64 -15.92 15.23
C GLY D 517 -20.55 -17.39 15.62
N ALA D 518 -21.01 -17.74 16.82
CA ALA D 518 -20.88 -19.08 17.35
C ALA D 518 -22.23 -19.61 17.81
N VAL D 519 -22.51 -20.88 17.54
CA VAL D 519 -23.78 -21.48 17.94
C VAL D 519 -23.57 -22.90 18.42
N CYS D 520 -24.29 -23.28 19.47
CA CYS D 520 -24.29 -24.64 19.99
C CYS D 520 -25.65 -24.91 20.64
N ARG D 521 -25.76 -26.03 21.37
CA ARG D 521 -27.03 -26.43 21.95
C ARG D 521 -27.43 -25.60 23.17
N GLU D 522 -26.49 -24.89 23.79
CA GLU D 522 -26.78 -24.15 25.01
C GLU D 522 -27.05 -22.67 24.78
N GLY D 523 -26.58 -22.11 23.67
CA GLY D 523 -26.78 -20.69 23.43
C GLY D 523 -26.16 -20.29 22.11
N ILE D 524 -26.27 -18.99 21.84
CA ILE D 524 -25.77 -18.40 20.60
C ILE D 524 -25.06 -17.09 20.94
N LEU D 525 -23.89 -16.86 20.33
CA LEU D 525 -23.06 -15.72 20.67
C LEU D 525 -22.65 -14.96 19.41
N ILE D 526 -22.63 -13.64 19.52
CA ILE D 526 -21.94 -12.76 18.57
C ILE D 526 -20.85 -12.03 19.35
N ASN D 527 -19.59 -12.32 19.00
CA ASN D 527 -18.45 -11.87 19.78
C ASN D 527 -18.54 -12.35 21.23
N ARG D 528 -18.86 -11.46 22.16
CA ARG D 528 -18.92 -11.82 23.57
C ARG D 528 -20.33 -11.76 24.13
N SER D 529 -21.32 -11.38 23.33
CA SER D 529 -22.66 -11.09 23.82
C SER D 529 -23.59 -12.27 23.57
N GLU D 530 -24.74 -12.24 24.24
CA GLU D 530 -25.71 -13.32 24.23
C GLU D 530 -26.96 -12.91 23.46
N LYS D 531 -27.54 -13.87 22.74
CA LYS D 531 -28.77 -13.63 21.98
C LYS D 531 -29.83 -14.65 22.35
N ILE D 532 -30.92 -14.69 21.59
CA ILE D 532 -32.04 -15.59 21.84
C ILE D 532 -31.91 -16.81 20.94
N LEU D 533 -32.23 -17.99 21.49
CA LEU D 533 -32.08 -19.25 20.79
C LEU D 533 -33.45 -19.74 20.33
N ASN D 534 -33.51 -20.22 19.09
CA ASN D 534 -34.75 -20.66 18.47
C ASN D 534 -35.04 -22.12 18.79
N ARG D 535 -36.31 -22.49 18.66
CA ARG D 535 -36.73 -23.86 18.96
C ARG D 535 -36.27 -24.83 17.88
N HIS D 536 -36.37 -24.44 16.61
CA HIS D 536 -35.92 -25.26 15.50
C HIS D 536 -34.43 -25.00 15.28
N TYR D 537 -33.62 -26.04 15.42
CA TYR D 537 -32.17 -25.83 15.55
C TYR D 537 -31.56 -25.29 14.27
N ASN D 538 -32.06 -25.71 13.11
CA ASN D 538 -31.38 -25.36 11.86
C ASN D 538 -31.63 -23.93 11.42
N THR D 539 -32.55 -23.19 12.04
CA THR D 539 -32.78 -21.81 11.63
C THR D 539 -31.74 -20.86 12.22
N ASN D 540 -31.10 -21.24 13.32
CA ASN D 540 -30.06 -20.37 13.89
C ASN D 540 -28.88 -20.23 12.94
N VAL D 541 -28.49 -21.33 12.29
CA VAL D 541 -27.39 -21.28 11.33
C VAL D 541 -27.75 -20.38 10.16
N LEU D 542 -28.99 -20.47 9.68
CA LEU D 542 -29.43 -19.61 8.59
C LEU D 542 -29.43 -18.15 9.01
N ASN D 543 -29.89 -17.86 10.23
CA ASN D 543 -29.87 -16.49 10.72
C ASN D 543 -28.44 -15.95 10.78
N LEU D 544 -27.48 -16.80 11.17
CA LEU D 544 -26.10 -16.36 11.21
C LEU D 544 -25.54 -16.12 9.81
N LEU D 545 -25.84 -17.00 8.86
CA LEU D 545 -25.33 -16.85 7.51
C LEU D 545 -26.00 -15.70 6.74
N ARG D 546 -27.17 -15.24 7.18
CA ARG D 546 -27.83 -14.09 6.56
C ARG D 546 -27.27 -12.75 7.04
N ASN D 547 -26.53 -12.73 8.13
CA ASN D 547 -26.00 -11.49 8.70
C ASN D 547 -25.03 -10.81 7.73
N PRO D 548 -25.22 -9.53 7.40
CA PRO D 548 -24.38 -8.90 6.37
C PRO D 548 -23.02 -8.45 6.86
N LYS D 549 -22.59 -8.89 8.03
CA LYS D 549 -21.32 -8.46 8.59
C LYS D 549 -20.43 -9.57 9.10
N LEU D 550 -20.83 -10.83 8.95
CA LEU D 550 -20.09 -11.93 9.56
C LEU D 550 -18.77 -12.16 8.86
N ASP D 551 -17.76 -12.55 9.64
CA ASP D 551 -16.44 -12.88 9.11
C ASP D 551 -16.00 -14.31 9.39
N LEU D 552 -16.63 -15.01 10.33
CA LEU D 552 -16.20 -16.35 10.72
C LEU D 552 -17.36 -17.04 11.41
N LEU D 553 -17.54 -18.33 11.14
CA LEU D 553 -18.62 -19.11 11.72
C LEU D 553 -18.09 -20.28 12.52
N ILE D 554 -18.67 -20.52 13.70
CA ILE D 554 -18.32 -21.67 14.53
C ILE D 554 -19.61 -22.41 14.88
N ALA D 555 -19.67 -23.69 14.52
CA ALA D 555 -20.91 -24.44 14.68
C ALA D 555 -20.66 -25.84 15.22
N GLU D 556 -21.69 -26.38 15.89
CA GLU D 556 -21.68 -27.72 16.43
C GLU D 556 -22.80 -28.53 15.81
N TYR D 557 -22.49 -29.77 15.42
CA TYR D 557 -23.46 -30.68 14.84
C TYR D 557 -23.27 -32.05 15.49
N ASP D 558 -24.16 -32.41 16.40
CA ASP D 558 -24.08 -33.69 17.06
C ASP D 558 -24.86 -34.73 16.26
N GLU D 559 -25.08 -35.90 16.84
CA GLU D 559 -25.67 -37.01 16.09
C GLU D 559 -27.15 -36.76 15.79
N ASP D 560 -27.91 -36.27 16.78
CA ASP D 560 -29.33 -36.06 16.58
C ASP D 560 -29.58 -34.99 15.52
N ALA D 561 -28.78 -33.93 15.52
CA ALA D 561 -28.92 -32.90 14.51
C ALA D 561 -28.67 -33.45 13.12
N LEU D 562 -27.64 -34.28 12.96
CA LEU D 562 -27.34 -34.86 11.66
C LEU D 562 -28.45 -35.80 11.21
N GLU D 563 -29.00 -36.59 12.13
CA GLU D 563 -30.08 -37.51 11.79
C GLU D 563 -31.40 -36.82 11.57
N ALA D 564 -31.57 -35.58 12.03
CA ALA D 564 -32.84 -34.89 11.86
C ALA D 564 -33.02 -34.34 10.45
N GLU D 565 -32.13 -33.43 10.04
CA GLU D 565 -32.23 -32.84 8.71
C GLU D 565 -30.91 -32.71 7.96
N GLY D 566 -29.75 -32.85 8.61
CA GLY D 566 -28.49 -32.69 7.94
C GLY D 566 -27.93 -31.29 8.04
N MET D 567 -26.71 -31.12 7.53
CA MET D 567 -26.02 -29.85 7.61
C MET D 567 -26.68 -28.83 6.69
N PHE D 568 -26.26 -27.57 6.83
CA PHE D 568 -26.82 -26.48 6.05
C PHE D 568 -25.83 -25.86 5.08
N TYR D 569 -24.55 -25.83 5.43
CA TYR D 569 -23.50 -25.36 4.53
C TYR D 569 -22.78 -26.55 3.93
N HIS D 570 -21.69 -26.27 3.21
CA HIS D 570 -20.93 -27.30 2.51
C HIS D 570 -19.44 -27.08 2.73
N GLY D 571 -18.79 -28.04 3.36
CA GLY D 571 -17.35 -27.98 3.55
C GLY D 571 -16.95 -27.09 4.71
N SER D 572 -15.78 -27.38 5.28
CA SER D 572 -15.26 -26.64 6.41
C SER D 572 -13.75 -26.63 6.40
N ASN D 573 -13.17 -25.70 7.13
CA ASN D 573 -11.72 -25.49 7.15
C ASN D 573 -11.02 -26.13 8.34
N LEU D 574 -11.76 -26.47 9.41
CA LEU D 574 -11.16 -27.09 10.58
C LEU D 574 -12.22 -27.94 11.27
N VAL D 575 -11.87 -29.21 11.53
CA VAL D 575 -12.80 -30.16 12.14
C VAL D 575 -12.19 -30.71 13.42
N VAL D 576 -12.95 -30.68 14.51
CA VAL D 576 -12.51 -31.19 15.80
C VAL D 576 -13.48 -32.28 16.26
N LEU D 577 -12.96 -33.47 16.57
CA LEU D 577 -13.79 -34.59 17.01
C LEU D 577 -13.23 -35.18 18.30
N GLU D 578 -14.12 -35.37 19.28
CA GLU D 578 -13.75 -35.91 20.59
C GLU D 578 -14.67 -37.08 20.90
N ASP D 579 -14.10 -38.28 20.91
CA ASP D 579 -14.84 -39.53 21.13
C ASP D 579 -16.08 -39.64 20.24
N PRO D 580 -15.90 -39.64 18.93
CA PRO D 580 -17.06 -39.62 18.02
C PRO D 580 -17.72 -40.99 17.93
N SER D 581 -18.92 -40.98 17.36
CA SER D 581 -19.70 -42.18 17.15
C SER D 581 -19.47 -42.70 15.74
N GLU D 582 -20.24 -43.71 15.35
CA GLU D 582 -20.17 -44.22 14.00
C GLU D 582 -20.71 -43.20 13.00
N ILE D 583 -21.83 -42.55 13.34
CA ILE D 583 -22.46 -41.63 12.39
C ILE D 583 -21.63 -40.36 12.24
N GLU D 584 -21.11 -39.81 13.35
CA GLU D 584 -20.48 -38.50 13.30
C GLU D 584 -19.21 -38.48 12.46
N MET D 585 -18.62 -39.64 12.18
CA MET D 585 -17.38 -39.67 11.41
C MET D 585 -17.54 -39.06 10.03
N ILE D 586 -18.75 -39.07 9.47
CA ILE D 586 -18.98 -38.47 8.16
C ILE D 586 -18.68 -36.99 8.15
N LEU D 587 -18.44 -36.37 9.31
CA LEU D 587 -18.04 -34.97 9.30
C LEU D 587 -16.67 -34.77 8.67
N THR D 588 -15.89 -35.84 8.49
CA THR D 588 -14.59 -35.73 7.85
C THR D 588 -14.64 -35.97 6.34
N ARG D 589 -15.82 -36.23 5.78
CA ARG D 589 -15.91 -36.60 4.37
C ARG D 589 -15.71 -35.40 3.45
N ASP D 590 -16.33 -34.26 3.76
CA ASP D 590 -16.33 -33.10 2.87
C ASP D 590 -15.41 -32.03 3.45
N VAL D 591 -14.15 -32.05 3.01
CA VAL D 591 -13.15 -31.05 3.37
C VAL D 591 -12.37 -30.69 2.13
N PHE D 592 -11.59 -29.63 2.23
CA PHE D 592 -10.74 -29.20 1.13
C PHE D 592 -9.38 -29.88 1.21
N SER D 593 -8.45 -29.48 0.36
CA SER D 593 -7.15 -30.14 0.30
C SER D 593 -6.13 -29.58 1.29
N ASP D 594 -6.46 -28.49 1.98
CA ASP D 594 -5.53 -27.92 2.95
C ASP D 594 -6.22 -27.63 4.28
N SER D 595 -7.24 -28.41 4.62
CA SER D 595 -7.91 -28.27 5.90
C SER D 595 -7.21 -29.12 6.96
N THR D 596 -7.66 -28.98 8.20
CA THR D 596 -7.05 -29.64 9.34
C THR D 596 -8.10 -30.46 10.09
N VAL D 597 -7.73 -31.70 10.43
CA VAL D 597 -8.63 -32.62 11.13
C VAL D 597 -7.96 -33.09 12.40
N ILE D 598 -8.68 -33.00 13.53
CA ILE D 598 -8.18 -33.43 14.83
C ILE D 598 -9.15 -34.45 15.40
N ILE D 599 -8.63 -35.61 15.83
CA ILE D 599 -9.44 -36.66 16.41
C ILE D 599 -8.83 -37.09 17.74
N LYS D 600 -9.67 -37.21 18.77
CA LYS D 600 -9.23 -37.68 20.09
C LYS D 600 -10.02 -38.92 20.49
N GLN D 601 -9.31 -39.97 20.88
CA GLN D 601 -9.94 -41.20 21.34
C GLN D 601 -9.20 -41.72 22.56
N GLY D 602 -9.84 -41.69 23.71
CA GLY D 602 -9.18 -42.04 24.95
C GLY D 602 -8.07 -41.06 25.26
N ARG D 603 -6.83 -41.55 25.27
CA ARG D 603 -5.65 -40.71 25.44
C ARG D 603 -4.91 -40.48 24.14
N GLU D 604 -5.46 -40.95 23.02
CA GLU D 604 -4.77 -40.89 21.74
C GLU D 604 -5.22 -39.69 20.93
N ILE D 605 -4.25 -38.97 20.35
CA ILE D 605 -4.49 -37.80 19.53
C ILE D 605 -3.96 -38.08 18.13
N THR D 606 -4.82 -37.87 17.12
CA THR D 606 -4.46 -38.02 15.73
C THR D 606 -4.73 -36.73 14.99
N ILE D 607 -3.74 -36.23 14.26
CA ILE D 607 -3.82 -34.95 13.56
C ILE D 607 -3.48 -35.16 12.09
N LYS D 608 -4.31 -34.63 11.20
CA LYS D 608 -4.00 -34.59 9.78
C LYS D 608 -3.98 -33.13 9.33
N ARG D 609 -2.87 -32.74 8.71
CA ARG D 609 -2.61 -31.35 8.36
C ARG D 609 -1.88 -31.29 7.02
N LYS D 610 -2.53 -30.66 6.03
CA LYS D 610 -1.98 -30.52 4.68
C LYS D 610 -1.53 -31.85 4.11
N GLY D 611 -2.31 -32.90 4.38
CA GLY D 611 -2.01 -34.21 3.86
C GLY D 611 -1.03 -35.02 4.65
N LEU D 612 -0.47 -34.49 5.74
CA LEU D 612 0.52 -35.20 6.54
C LEU D 612 -0.12 -35.63 7.86
N LEU D 613 0.19 -36.86 8.28
CA LEU D 613 -0.39 -37.49 9.45
C LEU D 613 0.55 -37.43 10.63
N GLU D 614 -0.02 -37.40 11.84
CA GLU D 614 0.77 -37.41 13.06
C GLU D 614 -0.09 -38.01 14.17
N GLN D 615 0.56 -38.68 15.12
CA GLN D 615 -0.15 -39.42 16.15
C GLN D 615 0.67 -39.47 17.42
N TYR D 616 0.05 -39.18 18.55
CA TYR D 616 0.75 -39.30 19.84
C TYR D 616 -0.27 -39.45 20.97
N GLU D 617 0.20 -39.31 22.21
CA GLU D 617 -0.59 -39.63 23.39
C GLU D 617 -0.45 -38.54 24.44
N LEU D 618 -1.54 -38.28 25.17
CA LEU D 618 -1.58 -37.23 26.17
C LEU D 618 -0.99 -37.70 27.50
N GLU D 619 -1.12 -36.86 28.53
CA GLU D 619 -0.45 -37.07 29.80
C GLU D 619 -1.46 -37.27 30.93
N ALA D 620 -2.62 -37.83 30.58
CA ALA D 620 -3.62 -38.28 31.56
C ALA D 620 -4.18 -37.16 32.42
N GLU D 621 -3.75 -35.93 32.19
CA GLU D 621 -4.29 -34.80 32.94
C GLU D 621 -4.56 -33.58 32.08
N GLU D 622 -4.22 -33.61 30.79
CA GLU D 622 -4.39 -32.46 29.93
C GLU D 622 -5.80 -32.43 29.33
N LEU D 623 -6.14 -31.30 28.73
CA LEU D 623 -7.44 -31.09 28.12
C LEU D 623 -7.27 -30.85 26.63
N ILE D 624 -8.35 -31.12 25.88
CA ILE D 624 -8.32 -30.98 24.44
C ILE D 624 -8.11 -29.53 24.01
N GLU D 625 -8.48 -28.57 24.87
CA GLU D 625 -8.32 -27.16 24.53
C GLU D 625 -6.87 -26.79 24.25
N GLN D 626 -5.91 -27.51 24.84
CA GLN D 626 -4.51 -27.21 24.62
C GLN D 626 -4.01 -27.67 23.26
N VAL D 627 -4.80 -28.42 22.52
CA VAL D 627 -4.35 -28.96 21.24
C VAL D 627 -4.75 -28.06 20.08
N TYR D 628 -6.00 -27.60 20.06
CA TYR D 628 -6.47 -26.80 18.93
C TYR D 628 -6.25 -25.31 19.09
N LEU D 629 -5.81 -24.85 20.27
CA LEU D 629 -5.58 -23.42 20.44
C LEU D 629 -4.40 -22.95 19.60
N LYS D 630 -3.47 -23.85 19.29
CA LYS D 630 -2.34 -23.46 18.47
C LYS D 630 -2.53 -23.79 16.99
N GLU D 631 -3.69 -24.34 16.61
CA GLU D 631 -3.96 -24.61 15.20
C GLU D 631 -4.76 -23.51 14.52
N ILE D 632 -5.09 -22.43 15.23
CA ILE D 632 -5.95 -21.41 14.65
C ILE D 632 -5.18 -20.46 13.75
N GLY D 633 -3.89 -20.69 13.55
CA GLY D 633 -3.14 -19.84 12.64
C GLY D 633 -3.48 -20.05 11.18
N THR D 634 -4.09 -21.19 10.84
CA THR D 634 -4.34 -21.51 9.44
C THR D 634 -5.53 -20.73 8.88
N ILE D 635 -6.53 -20.42 9.71
CA ILE D 635 -7.70 -19.71 9.22
C ILE D 635 -7.32 -18.29 8.78
N SER D 636 -6.29 -17.74 9.40
CA SER D 636 -5.85 -16.38 9.08
C SER D 636 -5.33 -16.29 7.65
N VAL E 7 -0.17 -37.42 -54.05
CA VAL E 7 -1.42 -38.13 -53.81
C VAL E 7 -1.15 -39.47 -53.16
N GLU E 8 -2.20 -40.27 -52.96
CA GLU E 8 -2.02 -41.59 -52.39
C GLU E 8 -2.41 -42.55 -53.50
N PRO E 9 -1.40 -43.07 -54.19
CA PRO E 9 -1.68 -44.02 -55.26
C PRO E 9 -1.90 -45.33 -54.55
N VAL E 10 -1.90 -45.26 -53.22
CA VAL E 10 -2.11 -46.45 -52.43
C VAL E 10 -3.58 -46.47 -52.08
N ARG E 11 -4.44 -46.01 -52.99
CA ARG E 11 -5.85 -46.34 -52.93
C ARG E 11 -5.78 -47.67 -53.61
N ILE E 12 -5.28 -48.66 -52.91
CA ILE E 12 -5.02 -49.97 -53.50
C ILE E 12 -6.46 -50.33 -53.85
N ASN E 13 -7.39 -50.08 -52.94
CA ASN E 13 -8.79 -50.41 -53.15
C ASN E 13 -9.49 -49.24 -53.85
N ALA E 14 -9.45 -49.25 -55.18
CA ALA E 14 -10.07 -48.19 -55.97
C ALA E 14 -10.61 -48.79 -57.27
N ARG E 15 -11.54 -48.07 -57.87
CA ARG E 15 -12.13 -48.51 -59.13
C ARG E 15 -12.53 -47.32 -59.99
N THR E 16 -13.21 -47.58 -61.11
CA THR E 16 -13.58 -46.52 -62.04
C THR E 16 -14.72 -45.65 -61.51
N THR E 17 -15.63 -46.35 -60.89
CA THR E 17 -16.79 -45.62 -60.40
C THR E 17 -16.45 -44.95 -59.08
N ASP E 18 -16.10 -43.62 -59.16
CA ASP E 18 -15.72 -42.84 -57.98
C ASP E 18 -16.64 -41.62 -57.91
N VAL E 19 -17.63 -41.67 -57.03
CA VAL E 19 -18.58 -40.56 -56.91
C VAL E 19 -17.89 -39.34 -56.29
N PHE E 20 -17.09 -39.55 -55.26
CA PHE E 20 -16.46 -38.45 -54.52
C PHE E 20 -14.98 -38.34 -54.88
N ASP E 21 -14.35 -37.30 -54.36
CA ASP E 21 -12.94 -37.05 -54.61
C ASP E 21 -12.34 -36.22 -53.48
N ILE E 22 -11.11 -36.54 -53.09
CA ILE E 22 -10.40 -35.86 -52.01
C ILE E 22 -8.95 -35.74 -52.46
N PHE E 23 -8.47 -34.52 -52.67
CA PHE E 23 -7.16 -34.34 -53.28
C PHE E 23 -6.13 -33.63 -52.40
N ASN E 24 -6.47 -32.50 -51.78
CA ASN E 24 -5.49 -31.68 -51.08
C ASN E 24 -5.63 -31.88 -49.58
N VAL E 25 -4.51 -32.11 -48.90
CA VAL E 25 -4.47 -32.34 -47.45
C VAL E 25 -3.34 -31.53 -46.86
N LYS E 26 -3.57 -30.95 -45.68
CA LYS E 26 -2.58 -30.14 -45.00
C LYS E 26 -2.72 -30.27 -43.49
N GLN E 27 -1.62 -30.02 -42.78
CA GLN E 27 -1.55 -30.17 -41.33
C GLN E 27 -1.18 -28.84 -40.69
N TYR E 28 -1.93 -28.44 -39.67
CA TYR E 28 -1.67 -27.21 -38.94
C TYR E 28 -1.37 -27.53 -37.48
N VAL E 29 -0.30 -26.93 -36.96
CA VAL E 29 0.21 -27.27 -35.64
C VAL E 29 -0.35 -26.36 -34.54
N GLY E 30 -1.23 -25.44 -34.88
CA GLY E 30 -1.81 -24.55 -33.89
C GLY E 30 -3.04 -23.87 -34.42
N ALA E 31 -3.37 -22.72 -33.84
CA ALA E 31 -4.52 -21.96 -34.29
C ALA E 31 -4.34 -21.51 -35.73
N ASN E 32 -5.39 -21.66 -36.52
CA ASN E 32 -5.31 -21.47 -37.97
C ASN E 32 -6.57 -20.76 -38.46
N PRO E 33 -6.64 -20.38 -39.74
CA PRO E 33 -7.84 -19.71 -40.25
C PRO E 33 -9.09 -20.58 -40.27
N TYR E 34 -9.04 -21.83 -39.80
CA TYR E 34 -10.20 -22.71 -39.84
C TYR E 34 -10.63 -23.25 -38.50
N LEU E 35 -9.75 -23.29 -37.51
CA LEU E 35 -10.07 -23.79 -36.18
C LEU E 35 -9.10 -23.18 -35.19
N ASN E 36 -9.45 -23.25 -33.91
CA ASN E 36 -8.61 -22.75 -32.84
C ASN E 36 -7.77 -23.83 -32.18
N GLN E 37 -7.56 -24.96 -32.87
CA GLN E 37 -6.74 -26.05 -32.38
C GLN E 37 -5.90 -26.57 -33.53
N ALA E 38 -4.87 -27.35 -33.20
CA ALA E 38 -4.12 -28.04 -34.24
C ALA E 38 -5.04 -29.01 -34.98
N ALA E 39 -4.89 -29.08 -36.30
CA ALA E 39 -5.92 -29.76 -37.07
C ALA E 39 -5.37 -30.28 -38.39
N LEU E 40 -6.22 -31.05 -39.07
CA LEU E 40 -5.96 -31.57 -40.41
C LEU E 40 -7.06 -31.07 -41.33
N VAL E 41 -6.67 -30.52 -42.47
CA VAL E 41 -7.61 -29.85 -43.38
C VAL E 41 -7.53 -30.52 -44.75
N PHE E 42 -8.68 -30.75 -45.36
CA PHE E 42 -8.71 -31.31 -46.70
C PHE E 42 -9.87 -30.72 -47.49
N ASP E 43 -9.87 -31.02 -48.79
CA ASP E 43 -10.84 -30.46 -49.74
C ASP E 43 -11.74 -31.57 -50.27
N PHE E 44 -13.04 -31.35 -50.22
CA PHE E 44 -13.99 -32.28 -50.82
C PHE E 44 -14.19 -31.94 -52.29
N ALA E 45 -14.69 -32.97 -53.03
CA ALA E 45 -15.21 -32.59 -54.33
C ALA E 45 -16.30 -33.58 -54.74
N PHE E 46 -16.96 -33.20 -55.85
CA PHE E 46 -18.15 -33.90 -56.30
C PHE E 46 -18.00 -34.20 -57.79
N THR E 47 -17.37 -35.33 -58.11
CA THR E 47 -17.25 -35.74 -59.49
C THR E 47 -18.61 -36.15 -60.04
N GLU E 48 -18.89 -35.75 -61.27
CA GLU E 48 -20.19 -36.01 -61.91
C GLU E 48 -20.01 -37.05 -62.98
N SER E 49 -20.11 -38.33 -62.60
CA SER E 49 -20.18 -39.41 -63.57
C SER E 49 -21.31 -40.36 -63.17
N TYR E 50 -21.69 -40.34 -61.89
CA TYR E 50 -22.79 -41.14 -61.38
C TYR E 50 -23.44 -40.38 -60.22
N GLN E 51 -24.75 -40.37 -60.21
CA GLN E 51 -25.46 -39.65 -59.14
C GLN E 51 -25.61 -40.54 -57.92
N PRO E 52 -25.17 -40.10 -56.74
CA PRO E 52 -25.30 -40.91 -55.54
C PRO E 52 -26.71 -40.85 -54.98
N LEU E 53 -26.92 -41.62 -53.92
CA LEU E 53 -28.21 -41.64 -53.25
C LEU E 53 -28.41 -40.35 -52.44
N PRO E 54 -29.65 -40.01 -52.12
CA PRO E 54 -29.89 -38.88 -51.21
C PRO E 54 -29.28 -39.11 -49.84
N ILE E 55 -29.30 -38.05 -49.03
CA ILE E 55 -28.65 -38.08 -47.72
C ILE E 55 -29.38 -39.04 -46.78
N GLU E 56 -30.71 -39.14 -46.91
CA GLU E 56 -31.50 -39.95 -46.00
C GLU E 56 -31.10 -41.43 -46.07
N ASN E 57 -30.65 -41.89 -47.25
CA ASN E 57 -30.21 -43.27 -47.37
C ASN E 57 -28.99 -43.54 -46.50
N TYR E 58 -28.02 -42.62 -46.53
CA TYR E 58 -26.80 -42.81 -45.74
C TYR E 58 -27.06 -42.59 -44.25
N LEU E 59 -27.98 -41.68 -43.90
CA LEU E 59 -28.18 -41.33 -42.50
C LEU E 59 -28.65 -42.55 -41.70
N ALA E 60 -29.63 -43.27 -42.22
CA ALA E 60 -30.13 -44.46 -41.53
C ALA E 60 -29.08 -45.55 -41.44
N VAL E 61 -28.29 -45.76 -42.51
CA VAL E 61 -27.28 -46.81 -42.50
C VAL E 61 -26.21 -46.52 -41.46
N VAL E 62 -25.75 -45.26 -41.41
CA VAL E 62 -24.64 -44.92 -40.52
C VAL E 62 -25.10 -44.64 -39.10
N GLY E 63 -26.39 -44.38 -38.87
CA GLY E 63 -26.86 -44.14 -37.52
C GLY E 63 -26.97 -45.41 -36.70
N ASP E 64 -26.85 -46.57 -37.35
CA ASP E 64 -26.94 -47.83 -36.63
C ASP E 64 -25.74 -48.05 -35.72
N ARG E 65 -24.53 -47.85 -36.27
CA ARG E 65 -23.32 -48.06 -35.47
C ARG E 65 -23.14 -46.97 -34.42
N TYR E 66 -23.34 -45.72 -34.81
CA TYR E 66 -23.16 -44.59 -33.90
C TYR E 66 -24.46 -43.81 -33.79
N PRO E 67 -25.32 -44.11 -32.82
CA PRO E 67 -26.60 -43.40 -32.72
C PRO E 67 -26.47 -41.96 -32.23
N ARG E 68 -25.28 -41.54 -31.80
CA ARG E 68 -25.11 -40.21 -31.23
C ARG E 68 -25.39 -39.11 -32.24
N LEU E 69 -25.04 -39.31 -33.51
CA LEU E 69 -25.17 -38.27 -34.52
C LEU E 69 -26.56 -38.19 -35.14
N LYS E 70 -27.48 -39.05 -34.73
CA LYS E 70 -28.82 -39.06 -35.29
C LYS E 70 -29.64 -37.85 -34.85
N GLU E 71 -29.31 -37.25 -33.71
CA GLU E 71 -30.12 -36.16 -33.18
C GLU E 71 -30.02 -34.90 -34.02
N ILE E 72 -28.88 -34.62 -34.61
CA ILE E 72 -28.70 -33.39 -35.37
C ILE E 72 -28.95 -33.66 -36.85
N GLU E 73 -29.83 -32.88 -37.44
CA GLU E 73 -30.16 -32.98 -38.86
C GLU E 73 -29.13 -32.20 -39.68
N TYR E 74 -28.92 -32.63 -40.91
CA TYR E 74 -27.90 -32.07 -41.78
C TYR E 74 -28.54 -31.38 -42.98
N GLN E 75 -27.72 -30.63 -43.70
CA GLN E 75 -28.19 -29.91 -44.88
C GLN E 75 -27.38 -30.23 -46.13
N SER E 76 -26.32 -31.03 -46.02
CA SER E 76 -25.50 -31.39 -47.18
C SER E 76 -24.69 -32.63 -46.84
N TYR E 77 -24.04 -33.18 -47.85
CA TYR E 77 -23.23 -34.38 -47.66
C TYR E 77 -22.00 -34.08 -46.82
N ALA E 78 -21.45 -32.87 -46.94
CA ALA E 78 -20.22 -32.53 -46.21
C ALA E 78 -20.43 -32.58 -44.72
N GLU E 79 -21.58 -32.10 -44.23
CA GLU E 79 -21.84 -32.11 -42.80
C GLU E 79 -21.86 -33.54 -42.25
N LEU E 80 -22.58 -34.44 -42.94
CA LEU E 80 -22.65 -35.82 -42.51
C LEU E 80 -21.28 -36.49 -42.54
N PHE E 81 -20.52 -36.23 -43.61
CA PHE E 81 -19.19 -36.83 -43.73
C PHE E 81 -18.29 -36.38 -42.59
N ALA E 82 -18.31 -35.07 -42.29
CA ALA E 82 -17.48 -34.55 -41.22
C ALA E 82 -17.88 -35.12 -39.86
N SER E 83 -19.18 -35.19 -39.60
CA SER E 83 -19.63 -35.74 -38.31
C SER E 83 -19.22 -37.19 -38.18
N THR E 84 -19.35 -37.98 -39.26
CA THR E 84 -18.95 -39.37 -39.21
C THR E 84 -17.46 -39.52 -38.94
N VAL E 85 -16.63 -38.71 -39.61
CA VAL E 85 -15.19 -38.78 -39.38
C VAL E 85 -14.86 -38.41 -37.94
N ALA E 86 -15.52 -37.37 -37.41
CA ALA E 86 -15.27 -36.95 -36.04
C ALA E 86 -15.64 -38.05 -35.04
N GLU E 87 -16.79 -38.70 -35.25
CA GLU E 87 -17.19 -39.77 -34.35
C GLU E 87 -16.24 -40.96 -34.42
N VAL E 88 -15.77 -41.29 -35.63
CA VAL E 88 -14.86 -42.42 -35.76
C VAL E 88 -13.50 -42.11 -35.15
N ASN E 89 -13.07 -40.85 -35.16
CA ASN E 89 -11.71 -40.52 -34.76
C ASN E 89 -11.41 -40.86 -33.31
N LYS E 90 -12.44 -41.06 -32.47
CA LYS E 90 -12.21 -41.37 -31.06
C LYS E 90 -11.68 -42.78 -30.84
N LEU E 91 -11.68 -43.63 -31.86
CA LEU E 91 -11.08 -44.96 -31.81
C LEU E 91 -11.70 -45.86 -30.75
N GLU E 92 -12.93 -45.56 -30.32
CA GLU E 92 -13.64 -46.34 -29.31
C GLU E 92 -12.85 -46.43 -28.01
N MET E 93 -12.08 -45.38 -27.72
CA MET E 93 -11.35 -45.26 -26.47
C MET E 93 -11.73 -43.99 -25.73
N ASP E 94 -12.69 -43.22 -26.25
CA ASP E 94 -13.18 -42.00 -25.62
C ASP E 94 -12.05 -40.98 -25.42
N LEU E 95 -11.40 -40.61 -26.52
CA LEU E 95 -10.42 -39.54 -26.46
C LEU E 95 -11.12 -38.19 -26.34
N HIS E 96 -10.35 -37.17 -25.99
CA HIS E 96 -10.90 -35.85 -25.74
C HIS E 96 -10.91 -34.97 -26.99
N LEU E 97 -10.84 -35.57 -28.17
CA LEU E 97 -10.79 -34.83 -29.43
C LEU E 97 -12.20 -34.66 -29.96
N LYS E 98 -12.73 -33.44 -29.84
CA LYS E 98 -14.06 -33.12 -30.34
C LYS E 98 -14.01 -31.78 -31.03
N GLY E 99 -14.45 -31.73 -32.29
CA GLY E 99 -14.47 -30.48 -33.01
C GLY E 99 -14.19 -30.62 -34.49
N TRP E 100 -15.04 -30.02 -35.32
CA TRP E 100 -14.92 -30.09 -36.76
C TRP E 100 -15.51 -28.83 -37.37
N ASN E 101 -15.07 -28.51 -38.59
CA ASN E 101 -15.58 -27.32 -39.25
C ASN E 101 -15.62 -27.55 -40.76
N VAL E 102 -16.59 -26.90 -41.41
CA VAL E 102 -16.78 -26.97 -42.84
C VAL E 102 -17.01 -25.56 -43.38
N LYS E 103 -16.35 -25.22 -44.47
CA LYS E 103 -16.50 -23.90 -45.09
C LYS E 103 -16.64 -24.06 -46.60
N PRO E 104 -17.71 -23.54 -47.20
CA PRO E 104 -17.83 -23.59 -48.66
C PRO E 104 -17.10 -22.42 -49.30
N ILE E 105 -16.09 -22.73 -50.10
CA ILE E 105 -15.30 -21.75 -50.82
C ILE E 105 -15.27 -22.14 -52.28
N GLU E 106 -15.49 -21.18 -53.17
CA GLU E 106 -15.55 -21.41 -54.62
C GLU E 106 -16.62 -22.47 -54.84
N GLU E 107 -16.30 -23.61 -55.45
CA GLU E 107 -17.25 -24.71 -55.60
C GLU E 107 -16.95 -25.88 -54.68
N ILE E 108 -15.70 -26.04 -54.25
CA ILE E 108 -15.32 -27.18 -53.43
C ILE E 108 -15.22 -26.78 -51.97
N ASN E 109 -15.83 -27.59 -51.10
CA ASN E 109 -15.83 -27.33 -49.67
C ASN E 109 -14.47 -27.64 -49.05
N ARG E 110 -14.24 -27.06 -47.88
CA ARG E 110 -13.06 -27.34 -47.07
C ARG E 110 -13.50 -27.88 -45.72
N ILE E 111 -12.82 -28.93 -45.25
CA ILE E 111 -13.14 -29.58 -43.99
C ILE E 111 -11.91 -29.57 -43.11
N ALA E 112 -12.11 -29.23 -41.84
CA ALA E 112 -11.06 -29.25 -40.82
C ALA E 112 -11.48 -30.13 -39.66
N ILE E 113 -10.57 -31.02 -39.25
CA ILE E 113 -10.82 -31.98 -38.17
C ILE E 113 -9.72 -31.83 -37.13
N GLU E 114 -10.12 -31.76 -35.86
CA GLU E 114 -9.16 -31.62 -34.77
C GLU E 114 -8.32 -32.88 -34.64
N SER E 115 -7.02 -32.70 -34.41
CA SER E 115 -6.09 -33.82 -34.46
C SER E 115 -5.03 -33.67 -33.38
N LEU E 116 -4.51 -34.81 -32.93
CA LEU E 116 -3.37 -34.87 -32.03
C LEU E 116 -2.18 -35.57 -32.66
N HIS E 117 -2.40 -36.76 -33.23
CA HIS E 117 -1.41 -37.46 -34.05
C HIS E 117 -1.97 -37.46 -35.47
N HIS E 118 -1.20 -36.92 -36.41
CA HIS E 118 -1.76 -36.61 -37.74
C HIS E 118 -1.96 -37.87 -38.57
N ARG E 119 -1.02 -38.83 -38.51
CA ARG E 119 -1.13 -40.02 -39.34
C ARG E 119 -2.39 -40.80 -39.03
N THR E 120 -2.75 -40.90 -37.75
CA THR E 120 -3.95 -41.62 -37.37
C THR E 120 -5.19 -40.99 -37.98
N THR E 121 -5.28 -39.67 -37.93
CA THR E 121 -6.44 -38.99 -38.50
C THR E 121 -6.51 -39.17 -40.00
N LYS E 122 -5.37 -39.11 -40.68
CA LYS E 122 -5.35 -39.32 -42.13
C LYS E 122 -5.86 -40.72 -42.47
N GLU E 123 -5.39 -41.73 -41.73
CA GLU E 123 -5.84 -43.09 -41.99
C GLU E 123 -7.33 -43.24 -41.70
N VAL E 124 -7.83 -42.57 -40.66
CA VAL E 124 -9.26 -42.61 -40.36
C VAL E 124 -10.05 -42.03 -41.53
N VAL E 125 -9.58 -40.92 -42.09
CA VAL E 125 -10.27 -40.31 -43.22
C VAL E 125 -10.32 -41.26 -44.40
N TYR E 126 -9.19 -41.90 -44.70
CA TYR E 126 -9.17 -42.85 -45.82
C TYR E 126 -10.14 -44.01 -45.58
N CYS E 127 -10.18 -44.53 -44.35
CA CYS E 127 -11.06 -45.66 -44.06
C CYS E 127 -12.52 -45.26 -44.20
N VAL E 128 -12.89 -44.07 -43.74
CA VAL E 128 -14.28 -43.65 -43.87
C VAL E 128 -14.63 -43.40 -45.34
N TRP E 129 -13.68 -42.90 -46.13
CA TRP E 129 -13.92 -42.74 -47.56
C TRP E 129 -14.22 -44.09 -48.20
N ASP E 130 -13.40 -45.22 -47.81
CA ASP E 130 -13.67 -46.55 -48.35
C ASP E 130 -15.04 -47.06 -47.92
N TRP E 131 -15.38 -46.73 -46.70
CA TRP E 131 -16.66 -47.21 -46.20
C TRP E 131 -17.82 -46.58 -46.96
N PHE E 132 -17.76 -45.27 -47.20
CA PHE E 132 -18.82 -44.61 -47.95
C PHE E 132 -18.88 -45.13 -49.38
N GLU E 133 -17.73 -45.33 -50.01
CA GLU E 133 -17.72 -45.85 -51.38
C GLU E 133 -18.34 -47.25 -51.44
N PHE E 134 -18.05 -48.09 -50.44
CA PHE E 134 -18.66 -49.42 -50.39
C PHE E 134 -20.16 -49.33 -50.14
N ILE E 135 -20.60 -48.38 -49.32
CA ILE E 135 -22.02 -48.23 -49.05
C ILE E 135 -22.75 -47.80 -50.32
N THR E 136 -22.10 -46.99 -51.16
CA THR E 136 -22.75 -46.49 -52.37
C THR E 136 -23.26 -47.61 -53.28
N GLN E 137 -22.53 -48.71 -53.41
CA GLN E 137 -22.95 -49.87 -54.19
C GLN E 137 -23.18 -51.00 -53.20
N GLY E 138 -24.42 -51.47 -53.08
CA GLY E 138 -24.81 -52.39 -52.04
C GLY E 138 -23.86 -53.55 -51.85
N GLU E 139 -23.18 -53.57 -50.70
CA GLU E 139 -22.13 -54.54 -50.44
C GLU E 139 -21.93 -54.61 -48.92
N GLU E 140 -20.84 -55.21 -48.49
CA GLU E 140 -20.52 -55.31 -47.07
C GLU E 140 -19.09 -54.82 -46.84
N PHE E 141 -18.89 -54.16 -45.70
CA PHE E 141 -17.58 -53.63 -45.32
C PHE E 141 -17.30 -54.01 -43.87
N ASP E 142 -16.03 -54.32 -43.58
CA ASP E 142 -15.61 -54.73 -42.25
C ASP E 142 -14.89 -53.59 -41.57
N LEU E 143 -15.29 -53.30 -40.33
CA LEU E 143 -14.73 -52.17 -39.59
C LEU E 143 -13.74 -52.62 -38.52
N SER E 144 -14.02 -53.76 -37.87
CA SER E 144 -13.27 -54.17 -36.68
C SER E 144 -11.78 -54.36 -36.96
N LYS E 145 -11.45 -55.02 -38.07
CA LYS E 145 -10.05 -55.27 -38.37
C LYS E 145 -9.28 -53.98 -38.63
N GLN E 146 -9.92 -53.04 -39.33
CA GLN E 146 -9.28 -51.74 -39.56
C GLN E 146 -9.11 -50.97 -38.26
N ILE E 147 -10.12 -51.01 -37.40
CA ILE E 147 -10.10 -50.27 -36.15
C ILE E 147 -9.00 -50.80 -35.25
N ALA E 148 -8.83 -52.11 -35.21
CA ALA E 148 -7.76 -52.70 -34.42
C ALA E 148 -6.39 -52.22 -34.88
N ILE E 149 -6.19 -52.18 -36.21
CA ILE E 149 -4.93 -51.70 -36.77
C ILE E 149 -4.72 -50.24 -36.40
N LEU E 150 -5.78 -49.44 -36.47
CA LEU E 150 -5.65 -48.02 -36.13
C LEU E 150 -5.28 -47.83 -34.67
N GLN E 151 -5.89 -48.60 -33.77
CA GLN E 151 -5.56 -48.50 -32.36
C GLN E 151 -4.12 -48.90 -32.11
N GLN E 152 -3.67 -49.98 -32.75
CA GLN E 152 -2.28 -50.41 -32.58
C GLN E 152 -1.32 -49.37 -33.11
N LEU E 153 -1.68 -48.70 -34.20
CA LEU E 153 -0.85 -47.62 -34.74
C LEU E 153 -0.79 -46.44 -33.78
N PHE E 154 -1.92 -46.09 -33.17
CA PHE E 154 -1.93 -44.95 -32.25
C PHE E 154 -1.14 -45.23 -30.99
N ARG E 155 -1.17 -46.47 -30.49
CA ARG E 155 -0.51 -46.78 -29.23
C ARG E 155 1.01 -46.67 -29.34
N ASN E 156 1.56 -46.85 -30.52
CA ASN E 156 3.01 -46.91 -30.70
C ASN E 156 3.63 -45.54 -30.97
N SER E 157 2.87 -44.46 -30.83
CA SER E 157 3.38 -43.13 -31.13
C SER E 157 4.04 -42.55 -29.88
N VAL E 158 4.35 -41.25 -29.91
CA VAL E 158 4.88 -40.57 -28.74
C VAL E 158 3.79 -39.92 -27.91
N TYR E 159 2.52 -40.04 -28.31
CA TYR E 159 1.39 -39.53 -27.55
C TYR E 159 0.52 -40.62 -26.95
N GLY E 160 0.75 -41.89 -27.29
CA GLY E 160 -0.17 -42.96 -26.97
C GLY E 160 0.18 -43.84 -25.79
N GLY E 161 1.25 -43.55 -25.05
CA GLY E 161 1.59 -44.34 -23.89
C GLY E 161 0.50 -44.31 -22.85
N PRO E 162 0.32 -45.42 -22.13
CA PRO E 162 -0.78 -45.47 -21.15
C PRO E 162 -0.69 -44.41 -20.08
N THR E 163 0.52 -44.06 -19.64
CA THR E 163 0.68 -43.03 -18.62
C THR E 163 0.84 -41.64 -19.22
N VAL E 164 1.37 -41.53 -20.43
CA VAL E 164 1.53 -40.22 -21.06
C VAL E 164 0.17 -39.61 -21.38
N TYR E 165 -0.73 -40.41 -21.93
CA TYR E 165 -2.02 -39.87 -22.34
C TYR E 165 -2.86 -39.41 -21.15
N ALA E 166 -2.74 -40.09 -20.00
CA ALA E 166 -3.47 -39.64 -18.83
C ALA E 166 -3.01 -38.26 -18.38
N LEU E 167 -1.70 -38.02 -18.38
CA LEU E 167 -1.18 -36.70 -18.07
C LEU E 167 -1.64 -35.66 -19.09
N LEU E 168 -1.64 -36.00 -20.39
CA LEU E 168 -2.12 -35.05 -21.38
C LEU E 168 -3.59 -34.71 -21.18
N ARG E 169 -4.44 -35.69 -20.90
CA ARG E 169 -5.84 -35.42 -20.66
C ARG E 169 -6.04 -34.54 -19.44
N THR E 170 -5.34 -34.85 -18.34
CA THR E 170 -5.47 -34.04 -17.14
C THR E 170 -5.00 -32.61 -17.38
N ALA E 171 -3.91 -32.43 -18.12
CA ALA E 171 -3.44 -31.08 -18.43
C ALA E 171 -4.45 -30.33 -19.28
N ASN E 172 -5.04 -31.00 -20.26
CA ASN E 172 -6.05 -30.35 -21.09
C ASN E 172 -7.25 -29.92 -20.26
N GLU E 173 -7.61 -30.71 -19.25
CA GLU E 173 -8.75 -30.36 -18.41
C GLU E 173 -8.51 -29.11 -17.59
N LYS E 174 -7.26 -28.85 -17.20
CA LYS E 174 -6.92 -27.73 -16.32
C LYS E 174 -6.43 -26.50 -17.06
N HIS E 175 -6.42 -26.52 -18.40
CA HIS E 175 -5.96 -25.40 -19.22
C HIS E 175 -4.48 -25.10 -18.94
N ILE E 176 -3.64 -26.09 -19.21
CA ILE E 176 -2.19 -25.96 -19.06
C ILE E 176 -1.56 -26.28 -20.42
N PRO E 177 -0.68 -25.44 -20.93
CA PRO E 177 -0.03 -25.73 -22.21
C PRO E 177 0.82 -26.99 -22.11
N ALA E 178 1.08 -27.61 -23.25
CA ALA E 178 1.92 -28.80 -23.30
C ALA E 178 2.33 -29.06 -24.74
N PHE E 179 3.62 -29.30 -24.97
CA PHE E 179 4.05 -29.61 -26.32
C PHE E 179 5.31 -30.46 -26.29
N TYR E 180 5.53 -31.21 -27.36
CA TYR E 180 6.60 -32.17 -27.45
C TYR E 180 7.85 -31.55 -28.07
N LEU E 181 9.01 -31.91 -27.52
CA LEU E 181 10.30 -31.40 -27.98
C LEU E 181 10.99 -32.52 -28.74
N TRP E 182 11.07 -32.38 -30.05
CA TRP E 182 11.84 -33.34 -30.84
C TRP E 182 13.33 -33.15 -30.56
N ASP E 183 14.11 -34.13 -31.01
CA ASP E 183 15.55 -34.25 -30.78
C ASP E 183 15.93 -34.25 -29.30
N GLU E 184 14.95 -34.33 -28.40
CA GLU E 184 15.21 -34.59 -26.99
C GLU E 184 14.32 -35.67 -26.40
N GLY E 185 13.16 -35.94 -26.99
CA GLY E 185 12.25 -36.92 -26.43
C GLY E 185 11.64 -36.50 -25.11
N LEU E 186 11.20 -35.25 -24.99
CA LEU E 186 10.63 -34.74 -23.76
C LEU E 186 9.32 -34.02 -24.07
N MET E 187 8.57 -33.76 -23.00
CA MET E 187 7.32 -33.01 -23.07
C MET E 187 7.44 -31.82 -22.12
N GLN E 188 6.98 -30.65 -22.57
CA GLN E 188 7.10 -29.43 -21.77
C GLN E 188 5.71 -28.92 -21.43
N TYR E 189 5.57 -28.29 -20.26
CA TYR E 189 4.26 -27.92 -19.76
C TYR E 189 4.12 -26.41 -19.58
N GLY E 190 5.14 -25.73 -19.09
CA GLY E 190 5.07 -24.29 -18.89
C GLY E 190 5.71 -23.55 -20.03
N TYR E 191 5.49 -22.23 -20.06
CA TYR E 191 5.98 -21.47 -21.21
C TYR E 191 7.43 -21.01 -21.04
N GLY E 192 7.67 -20.04 -20.16
CA GLY E 192 8.99 -19.44 -20.23
C GLY E 192 9.97 -19.73 -19.11
N LYS E 193 9.54 -19.56 -17.88
CA LYS E 193 10.32 -19.91 -16.72
C LYS E 193 9.51 -20.68 -15.69
N GLN E 194 8.22 -20.87 -15.95
CA GLN E 194 7.39 -21.82 -15.23
C GLN E 194 7.45 -23.20 -15.84
N GLN E 195 8.38 -23.44 -16.76
CA GLN E 195 8.40 -24.68 -17.51
C GLN E 195 8.77 -25.87 -16.63
N VAL E 196 8.22 -27.03 -16.97
CA VAL E 196 8.60 -28.32 -16.40
C VAL E 196 8.74 -29.30 -17.54
N ARG E 197 9.90 -29.95 -17.64
CA ARG E 197 10.15 -30.94 -18.67
C ARG E 197 10.27 -32.31 -18.03
N GLY E 198 9.76 -33.34 -18.71
CA GLY E 198 9.89 -34.68 -18.19
C GLY E 198 9.31 -35.70 -19.14
N ILE E 199 9.55 -36.97 -18.80
CA ILE E 199 9.03 -38.10 -19.57
C ILE E 199 8.41 -39.11 -18.63
N ALA E 200 7.17 -39.52 -18.90
CA ALA E 200 6.43 -40.48 -18.08
C ALA E 200 6.34 -39.90 -16.67
N THR E 201 6.96 -40.51 -15.66
CA THR E 201 6.88 -40.04 -14.29
C THR E 201 8.22 -39.53 -13.75
N THR E 202 9.18 -39.27 -14.63
CA THR E 202 10.46 -38.67 -14.24
C THR E 202 10.50 -37.24 -14.74
N PHE E 203 10.87 -36.31 -13.86
CA PHE E 203 10.87 -34.89 -14.17
C PHE E 203 12.27 -34.31 -13.95
N ASP E 204 12.45 -33.07 -14.40
CA ASP E 204 13.79 -32.50 -14.42
C ASP E 204 14.26 -32.06 -13.04
N VAL E 205 13.38 -32.07 -12.04
CA VAL E 205 13.81 -31.69 -10.70
C VAL E 205 14.32 -32.89 -9.92
N ASP E 206 14.10 -34.10 -10.42
CA ASP E 206 14.59 -35.29 -9.75
C ASP E 206 16.11 -35.36 -9.80
N SER E 207 16.71 -35.85 -8.71
CA SER E 207 18.15 -35.84 -8.56
C SER E 207 18.79 -37.05 -9.22
N HIS E 208 20.10 -36.93 -9.45
CA HIS E 208 20.91 -37.94 -10.13
C HIS E 208 21.50 -38.93 -9.12
N ILE E 209 22.01 -38.41 -8.01
CA ILE E 209 22.63 -39.25 -6.99
C ILE E 209 21.61 -40.21 -6.39
N ASP E 210 20.44 -39.69 -6.01
CA ASP E 210 19.44 -40.54 -5.35
C ASP E 210 18.87 -41.58 -6.30
N SER E 211 18.57 -41.17 -7.54
CA SER E 211 18.06 -42.12 -8.51
C SER E 211 19.07 -43.21 -8.79
N ASP E 212 20.36 -42.85 -8.84
CA ASP E 212 21.39 -43.88 -9.00
C ASP E 212 21.48 -44.78 -7.78
N PHE E 213 21.37 -44.22 -6.57
CA PHE E 213 21.52 -44.98 -5.35
C PHE E 213 20.38 -45.95 -5.14
N THR E 214 19.20 -45.63 -5.66
CA THR E 214 18.06 -46.52 -5.51
C THR E 214 18.33 -47.90 -6.12
N THR E 215 18.96 -47.92 -7.29
CA THR E 215 19.17 -49.17 -8.01
C THR E 215 20.23 -50.07 -7.37
N GLN E 216 20.99 -49.57 -6.40
CA GLN E 216 22.03 -50.35 -5.74
C GLN E 216 21.42 -51.07 -4.54
N LYS E 217 21.05 -52.32 -4.73
CA LYS E 217 20.57 -53.11 -3.60
C LYS E 217 21.74 -53.48 -2.69
N ASP E 218 21.41 -53.99 -1.51
CA ASP E 218 22.37 -54.38 -0.48
C ASP E 218 23.08 -53.18 0.10
N ASP E 219 22.76 -51.99 -0.38
CA ASP E 219 23.20 -50.73 0.22
C ASP E 219 22.03 -49.90 0.73
N CYS E 220 20.88 -49.98 0.07
CA CYS E 220 19.67 -49.42 0.65
C CYS E 220 19.24 -50.21 1.87
N LYS E 221 19.56 -51.50 1.91
CA LYS E 221 19.17 -52.33 3.04
C LYS E 221 19.85 -51.87 4.32
N LYS E 222 21.16 -51.64 4.27
CA LYS E 222 21.88 -51.18 5.45
C LYS E 222 21.41 -49.78 5.85
N PHE E 223 21.16 -48.91 4.86
CA PHE E 223 20.71 -47.56 5.16
C PHE E 223 19.36 -47.58 5.87
N LEU E 224 18.44 -48.42 5.42
CA LEU E 224 17.15 -48.55 6.07
C LEU E 224 17.25 -49.28 7.40
N GLN E 225 18.28 -50.10 7.58
CA GLN E 225 18.44 -50.84 8.82
C GLN E 225 19.03 -49.98 9.94
N GLU E 226 19.86 -48.99 9.60
CA GLU E 226 20.46 -48.16 10.63
C GLU E 226 19.42 -47.40 11.43
N LEU E 227 18.51 -46.71 10.73
CA LEU E 227 17.34 -46.14 11.40
C LEU E 227 16.23 -47.20 11.40
N GLY E 228 15.90 -47.70 12.58
CA GLY E 228 15.25 -49.00 12.68
C GLY E 228 13.97 -49.17 11.90
N PHE E 229 14.06 -49.94 10.82
CA PHE E 229 12.91 -50.28 9.98
C PHE E 229 12.92 -51.77 9.75
N PRO E 230 11.76 -52.40 9.56
CA PRO E 230 11.71 -53.86 9.43
C PRO E 230 12.19 -54.32 8.07
N VAL E 231 13.38 -54.91 8.02
CA VAL E 231 13.92 -55.49 6.78
C VAL E 231 14.41 -56.88 7.06
N PRO E 232 14.27 -57.61 5.95
CA PRO E 232 14.78 -58.97 6.14
C PRO E 232 16.16 -59.03 6.75
N GLN E 233 16.78 -60.34 7.27
CA GLN E 233 18.13 -60.47 7.79
C GLN E 233 19.11 -61.44 7.12
N GLY E 234 19.62 -61.07 5.95
CA GLY E 234 20.46 -62.01 5.20
C GLY E 234 21.66 -61.28 4.58
N ASP E 235 22.53 -62.13 3.97
CA ASP E 235 23.66 -61.48 3.28
C ASP E 235 24.15 -61.93 1.92
N VAL E 236 24.92 -61.06 1.29
CA VAL E 236 25.30 -61.25 -0.09
C VAL E 236 26.12 -62.49 -0.25
N VAL E 237 26.24 -63.09 -1.39
CA VAL E 237 27.11 -64.23 -1.68
C VAL E 237 27.60 -64.52 -3.10
N PHE E 238 28.99 -64.62 -2.83
CA PHE E 238 29.92 -64.71 -3.95
C PHE E 238 30.66 -66.03 -3.82
N SER E 239 30.41 -66.82 -2.87
CA SER E 239 31.08 -68.12 -2.85
C SER E 239 30.27 -69.01 -3.75
N LEU E 240 28.96 -68.75 -3.94
CA LEU E 240 28.13 -69.66 -4.73
C LEU E 240 28.54 -71.08 -4.40
N ALA E 241 28.67 -71.35 -3.11
CA ALA E 241 29.11 -72.68 -2.69
C ALA E 241 28.30 -73.13 -1.49
N GLU E 242 28.52 -72.48 -0.36
CA GLU E 242 27.78 -72.85 0.85
C GLU E 242 27.54 -71.64 1.74
N ALA E 243 28.52 -71.31 2.59
CA ALA E 243 28.30 -70.22 3.54
C ALA E 243 26.91 -70.47 4.09
N LYS E 244 26.59 -71.73 4.34
CA LYS E 244 25.29 -72.07 4.89
C LYS E 244 25.34 -71.79 6.37
N GLU E 245 26.49 -71.42 6.89
CA GLU E 245 26.57 -70.99 8.26
C GLU E 245 25.60 -69.88 8.54
N VAL E 246 25.56 -68.90 7.64
CA VAL E 246 24.68 -67.77 7.82
C VAL E 246 23.22 -68.22 7.78
N ALA E 247 22.94 -69.28 7.05
CA ALA E 247 21.58 -69.73 6.96
C ALA E 247 21.20 -70.09 8.35
N ALA E 248 22.21 -70.41 9.16
CA ALA E 248 21.96 -70.72 10.56
C ALA E 248 22.38 -69.59 11.47
N GLU E 249 23.32 -68.75 11.02
CA GLU E 249 23.83 -67.68 11.89
C GLU E 249 22.54 -67.01 12.16
N ILE E 250 21.72 -66.94 11.13
CA ILE E 250 20.39 -66.39 11.24
C ILE E 250 19.32 -67.43 11.48
N GLY E 251 18.98 -67.70 12.71
CA GLY E 251 17.78 -68.45 13.01
C GLY E 251 17.98 -69.70 12.16
N TYR E 252 16.98 -70.11 11.40
CA TYR E 252 17.20 -71.22 10.50
C TYR E 252 16.81 -70.85 9.09
N PRO E 253 17.21 -71.76 8.14
CA PRO E 253 16.72 -71.48 6.81
C PRO E 253 15.35 -72.09 6.79
N VAL E 254 14.37 -71.33 7.35
CA VAL E 254 13.01 -71.82 7.30
C VAL E 254 12.73 -71.90 5.82
N ALA E 255 13.11 -70.87 5.09
CA ALA E 255 12.90 -70.86 3.66
C ALA E 255 13.83 -69.84 3.04
N VAL E 256 14.94 -69.74 3.73
CA VAL E 256 15.88 -68.78 3.20
C VAL E 256 15.88 -68.80 1.68
N LYS E 257 15.37 -67.62 0.72
CA LYS E 257 15.29 -67.57 -0.73
C LYS E 257 16.49 -66.93 -1.40
N PRO E 258 16.61 -67.37 -2.82
CA PRO E 258 17.72 -66.68 -3.46
C PRO E 258 17.38 -65.99 -4.78
N VAL E 259 18.56 -65.03 -4.97
CA VAL E 259 18.35 -64.41 -6.28
C VAL E 259 19.49 -63.45 -6.53
N ALA E 260 19.61 -62.92 -7.82
CA ALA E 260 20.67 -61.94 -8.01
C ALA E 260 20.22 -60.81 -8.89
N GLY E 261 21.14 -59.89 -9.21
CA GLY E 261 20.79 -58.76 -10.05
C GLY E 261 21.23 -57.49 -9.35
N LEU E 277 16.05 -78.81 3.32
CA LEU E 277 17.01 -78.23 4.30
C LEU E 277 18.29 -77.85 3.56
N GLU E 278 19.45 -78.11 4.17
CA GLU E 278 20.74 -77.81 3.52
C GLU E 278 20.85 -78.54 2.18
N ALA E 279 20.02 -79.57 1.90
CA ALA E 279 19.67 -80.03 0.53
C ALA E 279 19.02 -79.64 -0.80
N ALA E 280 17.87 -78.97 -0.75
CA ALA E 280 17.17 -78.56 -1.97
C ALA E 280 17.68 -77.18 -1.64
N TYR E 281 18.74 -76.95 -0.77
CA TYR E 281 19.34 -75.67 -0.45
C TYR E 281 20.22 -75.49 -1.66
N ASP E 282 19.98 -74.37 -2.56
CA ASP E 282 20.73 -74.08 -3.80
C ASP E 282 20.92 -75.32 -4.66
N ARG E 283 20.13 -76.35 -4.40
CA ARG E 283 20.17 -77.49 -5.30
C ARG E 283 18.98 -77.16 -6.16
N ALA E 284 18.15 -76.24 -5.71
CA ALA E 284 17.04 -75.81 -6.52
C ALA E 284 17.53 -74.92 -7.63
N VAL E 285 18.23 -75.50 -8.60
CA VAL E 285 18.82 -74.73 -9.73
C VAL E 285 19.98 -73.85 -9.22
N ALA E 286 20.24 -73.86 -7.91
CA ALA E 286 21.29 -73.02 -7.35
C ALA E 286 21.12 -71.57 -7.74
N GLY E 287 19.92 -71.14 -8.01
CA GLY E 287 19.67 -69.89 -8.69
C GLY E 287 20.30 -69.70 -10.04
N ILE E 288 20.81 -70.78 -10.63
CA ILE E 288 21.40 -70.71 -11.97
C ILE E 288 22.24 -69.46 -12.03
N PRO E 289 23.30 -69.39 -11.21
CA PRO E 289 24.14 -68.20 -11.15
C PRO E 289 24.34 -67.70 -12.56
N LEU E 290 23.85 -66.52 -12.88
CA LEU E 290 23.84 -66.07 -14.25
C LEU E 290 25.08 -65.25 -14.54
N GLU E 291 25.83 -64.46 -13.51
CA GLU E 291 26.94 -63.61 -13.89
C GLU E 291 27.60 -63.53 -12.52
N GLU E 292 28.63 -62.85 -12.41
CA GLU E 292 29.55 -63.06 -11.30
C GLU E 292 28.88 -62.91 -9.95
N LYS E 293 29.01 -64.07 -9.50
CA LYS E 293 28.49 -64.04 -8.08
C LYS E 293 27.46 -63.53 -7.01
N ILE E 294 26.14 -63.36 -7.30
CA ILE E 294 25.35 -62.95 -6.09
C ILE E 294 24.14 -63.82 -5.69
N CYS E 295 23.90 -64.35 -4.58
CA CYS E 295 22.59 -64.78 -3.99
C CYS E 295 21.50 -64.58 -2.87
N ILE E 296 21.65 -65.21 -1.70
CA ILE E 296 20.56 -65.37 -0.66
C ILE E 296 20.38 -64.29 0.42
N ILE E 297 19.22 -64.43 1.17
CA ILE E 297 18.89 -63.50 2.30
C ILE E 297 17.84 -64.35 3.04
N VAL E 298 17.27 -63.87 4.16
CA VAL E 298 16.33 -64.71 4.97
C VAL E 298 14.94 -65.36 4.76
N GLU E 299 13.94 -64.69 4.18
CA GLU E 299 12.63 -65.30 4.08
C GLU E 299 11.83 -65.51 5.35
N ASN E 300 12.16 -64.84 6.46
CA ASN E 300 11.39 -64.93 7.69
C ASN E 300 10.09 -64.19 7.38
N SER E 301 10.23 -63.18 6.51
CA SER E 301 9.05 -62.39 6.16
C SER E 301 8.49 -63.27 5.07
N ILE E 302 7.83 -64.34 5.48
CA ILE E 302 7.25 -65.22 4.51
C ILE E 302 5.76 -65.06 4.68
N ALA E 303 5.37 -63.92 5.25
CA ALA E 303 3.96 -63.65 5.45
C ALA E 303 3.46 -63.63 4.03
N GLY E 304 2.19 -63.93 3.81
CA GLY E 304 1.71 -63.97 2.46
C GLY E 304 1.50 -63.10 1.26
N HIS E 305 0.93 -61.92 1.44
CA HIS E 305 0.80 -61.01 0.31
C HIS E 305 1.75 -59.99 -0.26
N ASP E 306 1.40 -59.43 -1.41
CA ASP E 306 2.28 -58.47 -2.08
C ASP E 306 1.47 -57.18 -2.22
N TYR E 307 1.99 -56.11 -1.63
CA TYR E 307 1.34 -54.81 -1.65
C TYR E 307 2.29 -53.76 -2.21
N ARG E 308 1.70 -52.79 -2.91
CA ARG E 308 2.43 -51.67 -3.51
C ARG E 308 1.87 -50.38 -2.93
N LEU E 309 2.77 -49.53 -2.44
CA LEU E 309 2.41 -48.21 -1.91
C LEU E 309 3.06 -47.14 -2.76
N LEU E 310 2.32 -46.04 -2.98
CA LEU E 310 2.77 -44.94 -3.81
C LEU E 310 2.81 -43.66 -2.99
N CYS E 311 3.89 -42.91 -3.11
CA CYS E 311 4.04 -41.62 -2.44
C CYS E 311 4.34 -40.55 -3.48
N VAL E 312 3.62 -39.44 -3.42
CA VAL E 312 3.83 -38.30 -4.30
C VAL E 312 4.09 -37.09 -3.42
N ASN E 313 5.23 -36.44 -3.62
CA ASN E 313 5.64 -35.26 -2.86
C ASN E 313 5.71 -35.55 -1.37
N GLY E 314 6.06 -36.79 -1.01
CA GLY E 314 6.20 -37.16 0.38
C GLY E 314 4.92 -37.47 1.12
N ARG E 315 3.81 -37.65 0.42
CA ARG E 315 2.52 -37.90 1.03
C ARG E 315 1.95 -39.20 0.49
N PHE E 316 1.23 -39.92 1.35
CA PHE E 316 0.68 -41.22 0.98
C PHE E 316 -0.51 -41.06 0.04
N VAL E 317 -0.48 -41.76 -1.08
CA VAL E 317 -1.53 -41.72 -2.09
C VAL E 317 -1.67 -43.13 -2.67
N ALA E 318 -2.81 -43.76 -2.44
CA ALA E 318 -3.15 -45.04 -3.07
C ALA E 318 -2.32 -46.23 -2.61
N ALA E 319 -2.91 -47.42 -2.64
CA ALA E 319 -2.23 -48.67 -2.32
C ALA E 319 -2.93 -49.79 -3.09
N THR E 320 -2.20 -50.87 -3.36
CA THR E 320 -2.75 -51.91 -4.24
C THR E 320 -2.21 -53.29 -3.88
N GLU E 321 -3.06 -54.31 -3.93
CA GLU E 321 -2.67 -55.68 -3.65
C GLU E 321 -2.62 -56.48 -4.95
N ARG E 322 -1.54 -57.24 -5.13
CA ARG E 322 -1.32 -58.03 -6.34
C ARG E 322 -1.79 -59.47 -6.11
N LYS E 323 -2.57 -60.01 -7.05
CA LYS E 323 -3.06 -61.38 -6.94
C LYS E 323 -2.87 -62.09 -8.28
N PRO E 324 -2.32 -63.31 -8.28
CA PRO E 324 -2.11 -64.03 -9.54
C PRO E 324 -3.37 -64.75 -10.00
N ALA E 325 -3.25 -65.56 -11.05
CA ALA E 325 -4.42 -66.26 -11.62
C ALA E 325 -4.88 -67.55 -10.89
N TYR E 326 -6.04 -68.10 -11.29
CA TYR E 326 -6.56 -69.32 -10.65
C TYR E 326 -7.54 -70.12 -11.53
N VAL E 327 -7.89 -71.15 -11.36
CA VAL E 327 -8.76 -71.96 -12.23
C VAL E 327 -9.68 -72.83 -11.38
N VAL E 328 -10.58 -72.70 -11.92
CA VAL E 328 -11.53 -73.53 -11.18
C VAL E 328 -12.35 -74.33 -12.19
N GLY E 329 -12.22 -75.91 -11.93
CA GLY E 329 -12.97 -76.76 -12.83
C GLY E 329 -13.17 -78.14 -12.23
N ASP E 330 -13.36 -79.16 -13.07
CA ASP E 330 -13.50 -80.51 -12.57
C ASP E 330 -13.13 -81.61 -13.56
N GLY E 331 -13.24 -82.86 -13.11
CA GLY E 331 -12.88 -83.98 -13.95
C GLY E 331 -13.26 -83.87 -15.40
N TYR E 332 -14.50 -83.46 -15.66
CA TYR E 332 -14.98 -83.33 -17.02
C TYR E 332 -14.05 -82.49 -17.89
N SER E 333 -13.15 -81.74 -17.27
CA SER E 333 -12.29 -80.84 -18.04
C SER E 333 -10.81 -81.07 -17.86
N THR E 334 -10.02 -80.50 -18.74
CA THR E 334 -8.56 -80.61 -18.67
C THR E 334 -7.94 -79.23 -18.51
N ILE E 335 -6.71 -79.18 -18.00
CA ILE E 335 -6.09 -77.90 -17.74
C ILE E 335 -6.13 -77.01 -18.98
N ALA E 336 -5.67 -77.53 -20.12
CA ALA E 336 -5.55 -76.71 -21.32
C ALA E 336 -6.92 -76.31 -21.84
N GLU E 337 -7.87 -77.25 -21.88
CA GLU E 337 -9.20 -76.94 -22.37
C GLU E 337 -9.89 -75.91 -21.48
N LEU E 338 -9.77 -76.05 -20.16
CA LEU E 338 -10.39 -75.08 -19.26
C LEU E 338 -9.74 -73.71 -19.39
N ILE E 339 -8.42 -73.67 -19.55
CA ILE E 339 -7.72 -72.40 -19.73
C ILE E 339 -8.20 -71.72 -21.02
N GLU E 340 -8.33 -72.49 -22.10
CA GLU E 340 -8.82 -71.93 -23.34
C GLU E 340 -10.27 -71.45 -23.22
N LYS E 341 -11.10 -72.20 -22.49
CA LYS E 341 -12.49 -71.79 -22.30
C LYS E 341 -12.58 -70.48 -21.51
N GLU E 342 -11.77 -70.34 -20.47
CA GLU E 342 -11.79 -69.12 -19.68
C GLU E 342 -11.17 -67.96 -20.43
N ASN E 343 -10.23 -68.26 -21.34
CA ASN E 343 -9.58 -67.20 -22.11
C ASN E 343 -10.57 -66.53 -23.07
N PHE E 344 -11.68 -67.19 -23.37
CA PHE E 344 -12.68 -66.60 -24.27
C PHE E 344 -13.74 -65.84 -23.49
N SER E 345 -13.59 -65.72 -22.18
CA SER E 345 -14.57 -65.02 -21.38
C SER E 345 -14.64 -63.55 -21.79
N PRO E 346 -15.83 -62.95 -21.82
CA PRO E 346 -15.95 -61.56 -22.30
C PRO E 346 -15.20 -60.54 -21.46
N ASN E 347 -15.14 -60.75 -20.13
CA ASN E 347 -14.45 -59.79 -19.29
C ASN E 347 -12.94 -59.82 -19.52
N ARG E 348 -12.41 -60.98 -19.90
CA ARG E 348 -11.00 -61.15 -20.14
C ARG E 348 -10.62 -60.95 -21.61
N SER E 349 -11.57 -60.56 -22.45
CA SER E 349 -11.27 -60.33 -23.86
C SER E 349 -10.27 -59.19 -24.00
N ASP E 350 -9.29 -59.37 -24.87
CA ASP E 350 -8.20 -58.41 -25.01
C ASP E 350 -8.46 -57.17 -25.84
N THR E 351 -8.63 -56.01 -25.16
CA THR E 351 -8.89 -54.71 -25.75
C THR E 351 -8.25 -53.66 -24.84
N PRO E 352 -7.96 -52.45 -25.33
CA PRO E 352 -7.45 -51.40 -24.41
C PRO E 352 -8.44 -51.15 -23.29
N THR E 353 -9.75 -51.25 -23.58
CA THR E 353 -10.75 -51.01 -22.55
C THR E 353 -10.71 -52.00 -21.38
N SER E 354 -10.54 -53.28 -21.68
CA SER E 354 -10.58 -54.31 -20.65
C SER E 354 -9.36 -54.21 -19.75
N PRO E 355 -9.52 -54.34 -18.43
CA PRO E 355 -8.35 -54.25 -17.54
C PRO E 355 -7.48 -55.49 -17.57
N MET E 356 -8.09 -56.68 -17.62
CA MET E 356 -7.35 -57.93 -17.61
C MET E 356 -6.84 -58.23 -19.02
N GLY E 357 -6.30 -59.42 -19.22
CA GLY E 357 -5.75 -59.76 -20.52
C GLY E 357 -5.70 -61.26 -20.74
N LYS E 358 -5.23 -61.64 -21.92
CA LYS E 358 -5.17 -63.04 -22.31
C LYS E 358 -4.26 -63.83 -21.37
N ILE E 359 -4.71 -65.03 -20.99
CA ILE E 359 -3.89 -65.88 -20.14
C ILE E 359 -2.83 -66.59 -20.98
N ARG E 360 -1.58 -66.45 -20.58
CA ARG E 360 -0.45 -67.05 -21.27
C ARG E 360 0.27 -68.00 -20.33
N THR E 361 1.13 -68.83 -20.91
CA THR E 361 1.88 -69.82 -20.16
C THR E 361 3.37 -69.65 -20.44
N ASP E 362 4.18 -70.12 -19.51
CA ASP E 362 5.64 -69.99 -19.61
C ASP E 362 6.26 -71.07 -18.74
N GLU E 363 7.60 -71.07 -18.70
CA GLU E 363 8.35 -72.07 -17.92
C GLU E 363 8.04 -71.99 -16.43
N ALA E 364 7.73 -70.81 -15.91
CA ALA E 364 7.42 -70.68 -14.49
C ALA E 364 6.20 -71.49 -14.10
N MET E 365 5.18 -71.52 -14.98
CA MET E 365 4.00 -72.33 -14.73
C MET E 365 4.36 -73.80 -14.62
N HIS E 366 5.16 -74.31 -15.55
CA HIS E 366 5.60 -75.70 -15.49
C HIS E 366 6.45 -75.94 -14.25
N LEU E 367 7.31 -74.98 -13.90
CA LEU E 367 8.16 -75.12 -12.72
C LEU E 367 7.32 -75.22 -11.45
N TYR E 368 6.25 -74.44 -11.35
CA TYR E 368 5.40 -74.49 -10.17
C TYR E 368 4.44 -75.67 -10.16
N LEU E 369 4.10 -76.22 -11.32
CA LEU E 369 3.12 -77.30 -11.38
C LEU E 369 3.71 -78.67 -11.08
N GLU E 370 4.89 -78.74 -10.46
CA GLU E 370 5.48 -80.05 -10.16
C GLU E 370 5.05 -80.57 -8.80
N GLU E 371 4.56 -79.68 -7.92
CA GLU E 371 4.24 -80.10 -6.56
C GLU E 371 3.14 -81.15 -6.53
N GLN E 372 1.94 -80.77 -6.98
CA GLN E 372 0.80 -81.68 -6.98
C GLN E 372 0.09 -81.80 -8.32
N GLY E 373 0.05 -80.74 -9.12
CA GLY E 373 -0.62 -80.80 -10.41
C GLY E 373 0.19 -81.50 -11.47
N LEU E 374 -0.42 -81.71 -12.63
CA LEU E 374 0.26 -82.30 -13.79
C LEU E 374 0.09 -81.39 -14.98
N ASP E 375 1.26 -81.54 -15.85
CA ASP E 375 1.29 -80.66 -17.01
C ASP E 375 0.20 -81.04 -17.99
N LEU E 376 -0.95 -80.36 -17.89
CA LEU E 376 -2.04 -80.51 -18.86
C LEU E 376 -2.62 -81.92 -18.86
N ASP E 377 -2.51 -82.64 -17.86
CA ASP E 377 -3.01 -84.01 -17.79
C ASP E 377 -3.77 -84.28 -16.51
N SER E 378 -3.59 -83.44 -15.49
CA SER E 378 -4.26 -83.65 -14.22
C SER E 378 -5.76 -83.48 -14.37
N VAL E 379 -6.09 -84.29 -13.30
CA VAL E 379 -7.55 -84.19 -13.28
C VAL E 379 -7.93 -83.51 -11.97
N ILE E 380 -8.57 -82.34 -12.07
CA ILE E 380 -8.98 -81.57 -10.91
C ILE E 380 -10.18 -82.27 -10.28
N ASP E 381 -10.00 -82.78 -9.06
CA ASP E 381 -11.03 -83.56 -8.38
C ASP E 381 -12.21 -82.69 -7.97
N ARG E 382 -12.46 -81.59 -7.45
CA ARG E 382 -13.58 -80.81 -6.92
C ARG E 382 -13.20 -79.33 -6.96
N ASP E 383 -13.88 -78.42 -6.28
CA ASP E 383 -13.69 -76.98 -6.30
C ASP E 383 -12.30 -76.51 -5.85
N ARG E 384 -11.47 -77.40 -5.31
CA ARG E 384 -10.11 -77.03 -4.96
C ARG E 384 -9.53 -76.30 -6.17
N THR E 385 -9.10 -75.15 -5.87
CA THR E 385 -8.53 -73.99 -6.56
C THR E 385 -7.04 -74.07 -6.73
N ILE E 386 -6.54 -73.61 -7.94
CA ILE E 386 -5.09 -73.58 -8.12
C ILE E 386 -4.66 -72.14 -8.37
N TYR E 387 -3.40 -71.85 -8.10
CA TYR E 387 -2.90 -70.51 -8.29
C TYR E 387 -1.96 -70.49 -9.46
N LEU E 388 -1.51 -71.42 -9.97
CA LEU E 388 -0.67 -71.39 -11.17
C LEU E 388 0.65 -70.72 -10.77
N ARG E 389 1.06 -69.69 -11.49
CA ARG E 389 2.30 -69.02 -11.15
C ARG E 389 2.28 -68.57 -9.68
N LYS E 390 3.45 -68.49 -9.05
CA LYS E 390 3.51 -67.98 -7.69
C LYS E 390 3.56 -66.46 -7.67
N VAL E 391 4.59 -65.87 -8.27
CA VAL E 391 4.73 -64.42 -8.33
C VAL E 391 3.82 -63.93 -9.45
N ALA E 392 2.89 -63.02 -9.10
CA ALA E 392 1.89 -62.57 -10.06
C ALA E 392 2.55 -61.79 -11.20
N ASN E 393 2.07 -62.02 -12.42
CA ASN E 393 2.49 -61.28 -13.60
C ASN E 393 1.25 -60.64 -14.22
N LEU E 394 1.19 -59.30 -14.17
CA LEU E 394 0.02 -58.58 -14.64
C LEU E 394 -0.24 -58.76 -16.13
N SER E 395 0.80 -59.06 -16.92
CA SER E 395 0.59 -59.31 -18.34
C SER E 395 -0.04 -60.68 -18.57
N SER E 396 0.38 -61.68 -17.79
CA SER E 396 -0.06 -63.06 -17.98
C SER E 396 -1.23 -63.33 -17.03
N GLY E 397 -2.36 -62.70 -17.31
CA GLY E 397 -3.61 -63.01 -16.64
C GLY E 397 -3.66 -62.79 -15.14
N GLY E 398 -2.72 -62.02 -14.59
CA GLY E 398 -2.76 -61.62 -13.20
C GLY E 398 -3.59 -60.36 -13.05
N PHE E 399 -3.88 -60.01 -11.80
CA PHE E 399 -4.70 -58.82 -11.59
C PHE E 399 -4.37 -58.20 -10.23
N SER E 400 -5.03 -57.07 -9.97
CA SER E 400 -4.75 -56.24 -8.81
C SER E 400 -6.07 -55.74 -8.23
N ILE E 401 -6.04 -55.42 -6.93
CA ILE E 401 -7.24 -54.98 -6.23
C ILE E 401 -6.90 -53.79 -5.35
N ASP E 402 -7.82 -52.84 -5.30
CA ASP E 402 -7.65 -51.61 -4.53
C ASP E 402 -7.67 -51.92 -3.04
N ALA E 403 -6.77 -51.28 -2.28
CA ALA E 403 -6.69 -51.48 -0.84
C ALA E 403 -6.39 -50.18 -0.11
N THR E 404 -6.83 -49.04 -0.65
CA THR E 404 -6.43 -47.76 -0.09
C THR E 404 -7.08 -47.48 1.25
N ASN E 405 -8.31 -47.93 1.45
CA ASN E 405 -9.08 -47.57 2.64
C ASN E 405 -8.89 -48.52 3.80
N ARG E 406 -8.01 -49.52 3.68
CA ARG E 406 -7.83 -50.49 4.76
C ARG E 406 -6.39 -50.53 5.23
N VAL E 407 -5.78 -49.38 5.45
CA VAL E 407 -4.38 -49.29 5.86
C VAL E 407 -4.30 -48.62 7.21
N HIS E 408 -3.56 -49.23 8.13
CA HIS E 408 -3.43 -48.70 9.47
C HIS E 408 -2.61 -47.40 9.46
N PRO E 409 -2.89 -46.47 10.38
CA PRO E 409 -2.10 -45.23 10.42
C PRO E 409 -0.61 -45.43 10.63
N ASP E 410 -0.19 -46.46 11.38
CA ASP E 410 1.22 -46.66 11.63
C ASP E 410 1.98 -46.92 10.33
N ASN E 411 1.40 -47.73 9.44
CA ASN E 411 2.06 -48.00 8.17
C ASN E 411 2.16 -46.74 7.31
N ILE E 412 1.14 -45.88 7.37
CA ILE E 412 1.18 -44.62 6.65
C ILE E 412 2.33 -43.75 7.15
N ILE E 413 2.48 -43.66 8.47
CA ILE E 413 3.55 -42.85 9.02
C ILE E 413 4.91 -43.43 8.65
N LEU E 414 5.02 -44.75 8.65
CA LEU E 414 6.27 -45.39 8.23
C LEU E 414 6.60 -45.05 6.79
N ALA E 415 5.61 -45.09 5.90
CA ALA E 415 5.86 -44.76 4.50
C ALA E 415 6.31 -43.32 4.34
N GLN E 416 5.66 -42.39 5.06
CA GLN E 416 6.10 -41.00 5.00
C GLN E 416 7.54 -40.84 5.46
N ASP E 417 7.89 -41.53 6.56
CA ASP E 417 9.25 -41.42 7.08
C ASP E 417 10.27 -41.94 6.07
N ILE E 418 9.97 -43.06 5.41
CA ILE E 418 10.88 -43.56 4.39
C ILE E 418 11.01 -42.57 3.25
N ALA E 419 9.89 -42.03 2.78
CA ALA E 419 9.89 -41.23 1.57
C ALA E 419 10.45 -39.82 1.76
N GLN E 420 10.55 -39.33 2.98
CA GLN E 420 11.06 -37.97 3.16
C GLN E 420 12.56 -37.84 2.99
N HIS E 421 13.29 -38.94 2.82
CA HIS E 421 14.76 -38.91 2.78
C HIS E 421 15.34 -38.78 1.39
N PHE E 422 14.53 -38.75 0.34
CA PHE E 422 15.03 -38.76 -1.03
C PHE E 422 14.54 -37.53 -1.78
N ARG E 423 15.32 -37.10 -2.77
CA ARG E 423 14.96 -35.96 -3.62
C ARG E 423 14.33 -36.46 -4.92
N LEU E 424 13.14 -37.04 -4.77
CA LEU E 424 12.36 -37.55 -5.88
C LEU E 424 10.91 -37.10 -5.73
N THR E 425 10.19 -37.09 -6.83
CA THR E 425 8.80 -36.67 -6.78
C THR E 425 7.84 -37.83 -6.52
N CYS E 426 8.01 -38.94 -7.21
CA CYS E 426 7.18 -40.12 -7.02
C CYS E 426 8.05 -41.29 -6.56
N LEU E 427 7.58 -42.01 -5.54
CA LEU E 427 8.31 -43.13 -4.98
C LEU E 427 7.37 -44.30 -4.77
N GLY E 428 7.85 -45.50 -5.08
CA GLY E 428 7.06 -46.72 -4.93
C GLY E 428 7.73 -47.70 -3.98
N ILE E 429 6.93 -48.31 -3.12
CA ILE E 429 7.43 -49.18 -2.06
C ILE E 429 6.73 -50.53 -2.15
N ASP E 430 7.51 -51.61 -2.08
CA ASP E 430 7.00 -52.98 -2.15
C ASP E 430 7.04 -53.62 -0.76
N ILE E 431 5.88 -54.12 -0.33
CA ILE E 431 5.70 -54.62 1.03
C ILE E 431 5.16 -56.04 0.96
N ILE E 432 5.64 -56.90 1.86
CA ILE E 432 5.08 -58.23 2.06
C ILE E 432 4.71 -58.38 3.53
N THR E 433 3.45 -58.76 3.76
CA THR E 433 2.92 -58.78 5.12
C THR E 433 1.73 -59.73 5.17
N ASN E 434 1.36 -60.08 6.41
CA ASN E 434 0.23 -60.97 6.64
C ASN E 434 -1.11 -60.24 6.62
N ASP E 435 -1.21 -59.14 7.35
CA ASP E 435 -2.44 -58.36 7.43
C ASP E 435 -2.11 -56.88 7.35
N ILE E 436 -2.69 -56.20 6.36
CA ILE E 436 -2.42 -54.78 6.16
C ILE E 436 -3.18 -53.91 7.13
N GLY E 437 -4.11 -54.47 7.91
CA GLY E 437 -4.90 -53.72 8.85
C GLY E 437 -4.35 -53.58 10.24
N ARG E 438 -3.20 -54.17 10.54
CA ARG E 438 -2.60 -54.10 11.87
C ARG E 438 -1.20 -53.53 11.79
N SER E 439 -0.73 -53.01 12.92
CA SER E 439 0.55 -52.30 12.95
C SER E 439 1.70 -53.24 12.61
N TRP E 440 2.75 -52.67 12.00
CA TRP E 440 3.94 -53.43 11.69
C TRP E 440 4.70 -53.85 12.92
N LYS E 441 4.37 -53.30 14.09
CA LYS E 441 5.01 -53.69 15.33
C LYS E 441 4.28 -54.85 16.02
N GLU E 442 3.27 -55.43 15.37
CA GLU E 442 2.52 -56.53 15.95
C GLU E 442 2.47 -57.79 15.09
N THR E 443 2.80 -57.71 13.81
CA THR E 443 2.70 -58.86 12.91
C THR E 443 3.98 -59.01 12.10
N SER E 444 3.93 -59.88 11.10
CA SER E 444 5.06 -60.09 10.19
C SER E 444 5.02 -59.04 9.09
N PHE E 445 6.11 -58.29 8.96
CA PHE E 445 6.17 -57.17 8.03
C PHE E 445 7.53 -57.17 7.35
N GLY E 446 7.55 -56.83 6.06
CA GLY E 446 8.81 -56.78 5.34
C GLY E 446 8.84 -55.83 4.17
N ILE E 447 9.90 -55.04 4.08
CA ILE E 447 10.14 -54.12 2.98
C ILE E 447 11.07 -54.80 1.99
N ILE E 448 10.67 -54.89 0.73
CA ILE E 448 11.45 -55.63 -0.27
C ILE E 448 12.38 -54.71 -1.05
N GLU E 449 11.85 -53.63 -1.62
CA GLU E 449 12.66 -52.74 -2.44
C GLU E 449 11.94 -51.41 -2.61
N ILE E 450 12.68 -50.42 -3.11
CA ILE E 450 12.13 -49.11 -3.44
C ILE E 450 12.47 -48.79 -4.88
N ASN E 451 11.53 -48.17 -5.59
CA ASN E 451 11.68 -47.90 -7.02
C ASN E 451 11.57 -46.41 -7.27
N ALA E 452 12.28 -45.93 -8.29
CA ALA E 452 12.40 -44.50 -8.54
C ALA E 452 11.43 -43.95 -9.56
N ALA E 453 11.05 -44.73 -10.58
CA ALA E 453 10.13 -44.29 -11.61
C ALA E 453 8.99 -45.29 -11.75
N PRO E 454 8.06 -45.27 -10.81
CA PRO E 454 7.01 -46.30 -10.78
C PRO E 454 6.00 -46.12 -11.90
N GLY E 455 5.36 -47.23 -12.26
CA GLY E 455 4.23 -47.19 -13.16
C GLY E 455 2.95 -47.04 -12.37
N VAL E 456 2.12 -46.10 -12.79
CA VAL E 456 0.94 -45.73 -12.03
C VAL E 456 -0.35 -46.10 -12.75
N TYR E 457 -0.28 -46.98 -13.75
CA TYR E 457 -1.48 -47.35 -14.48
C TYR E 457 -2.35 -48.30 -13.67
N MET E 458 -1.72 -49.15 -12.85
CA MET E 458 -2.48 -50.11 -12.06
C MET E 458 -3.37 -49.43 -11.02
N HIS E 459 -3.03 -48.21 -10.62
CA HIS E 459 -3.85 -47.48 -9.66
C HIS E 459 -5.00 -46.72 -10.32
N LEU E 460 -4.94 -46.51 -11.64
CA LEU E 460 -5.98 -45.76 -12.33
C LEU E 460 -7.12 -46.63 -12.83
N LYS E 461 -6.83 -47.85 -13.25
CA LYS E 461 -7.84 -48.76 -13.81
C LYS E 461 -7.70 -50.12 -13.14
N PRO E 462 -8.16 -50.24 -11.89
CA PRO E 462 -8.04 -51.53 -11.19
C PRO E 462 -9.07 -52.53 -11.68
N ALA E 463 -8.76 -53.81 -11.43
CA ALA E 463 -9.68 -54.88 -11.80
C ALA E 463 -10.98 -54.80 -11.01
N ILE E 464 -10.87 -54.67 -9.69
CA ILE E 464 -12.03 -54.53 -8.81
C ILE E 464 -11.71 -53.48 -7.76
N GLY E 465 -12.60 -52.51 -7.61
CA GLY E 465 -12.43 -51.41 -6.68
C GLY E 465 -12.73 -50.08 -7.34
N GLU E 466 -12.39 -49.03 -6.62
CA GLU E 466 -12.58 -47.67 -7.13
C GLU E 466 -11.29 -47.11 -7.66
N PRO E 467 -11.35 -46.28 -8.70
CA PRO E 467 -10.15 -45.62 -9.19
C PRO E 467 -9.73 -44.45 -8.31
N VAL E 468 -8.45 -44.09 -8.44
CA VAL E 468 -7.87 -42.95 -7.76
C VAL E 468 -7.16 -42.08 -8.78
N ASP E 469 -7.41 -40.78 -8.74
CA ASP E 469 -6.83 -39.84 -9.69
C ASP E 469 -5.48 -39.36 -9.14
N VAL E 470 -4.40 -40.00 -9.60
CA VAL E 470 -3.08 -39.64 -9.11
C VAL E 470 -2.42 -38.58 -9.98
N THR E 471 -2.78 -38.52 -11.26
CA THR E 471 -2.20 -37.52 -12.15
C THR E 471 -2.59 -36.11 -11.73
N ALA E 472 -3.77 -35.93 -11.15
CA ALA E 472 -4.15 -34.63 -10.62
C ALA E 472 -3.21 -34.21 -9.50
N ARG E 473 -2.84 -35.14 -8.62
CA ARG E 473 -1.89 -34.83 -7.55
C ARG E 473 -0.52 -34.49 -8.13
N ILE E 474 -0.08 -35.26 -9.11
CA ILE E 474 1.22 -35.01 -9.72
C ILE E 474 1.26 -33.61 -10.32
N LEU E 475 0.20 -33.22 -11.03
CA LEU E 475 0.20 -31.90 -11.66
C LEU E 475 0.02 -30.78 -10.64
N GLU E 476 -0.79 -30.98 -9.61
CA GLU E 476 -0.97 -29.96 -8.58
C GLU E 476 0.29 -29.76 -7.76
N THR E 477 1.22 -30.70 -7.78
CA THR E 477 2.51 -30.47 -7.12
C THR E 477 3.19 -29.22 -7.67
N PHE E 478 3.07 -28.99 -8.98
CA PHE E 478 3.82 -27.91 -9.63
C PHE E 478 2.98 -26.65 -9.85
N PHE E 479 1.82 -26.76 -10.48
CA PHE E 479 1.01 -25.60 -10.84
C PHE E 479 -0.24 -25.57 -9.97
N GLU E 480 -0.39 -24.50 -9.19
CA GLU E 480 -1.60 -24.35 -8.38
C GLU E 480 -2.80 -23.97 -9.24
N THR E 481 -2.61 -23.02 -10.17
CA THR E 481 -3.64 -22.59 -11.09
C THR E 481 -3.04 -22.47 -12.48
N GLU E 482 -3.86 -22.06 -13.44
CA GLU E 482 -3.35 -21.87 -14.81
C GLU E 482 -2.47 -20.64 -14.92
N LYS E 483 -2.76 -19.60 -14.13
CA LYS E 483 -1.95 -18.40 -14.18
C LYS E 483 -0.50 -18.67 -13.80
N ASN E 484 -0.23 -19.75 -13.08
CA ASN E 484 1.12 -20.13 -12.71
C ASN E 484 1.86 -20.85 -13.82
N ALA E 485 1.34 -20.84 -15.04
CA ALA E 485 2.00 -21.55 -16.12
C ALA E 485 2.16 -20.71 -17.38
N ARG E 486 2.06 -19.39 -17.29
CA ARG E 486 2.05 -18.54 -18.47
C ARG E 486 2.87 -17.28 -18.22
N ILE E 487 3.28 -16.64 -19.30
CA ILE E 487 3.97 -15.35 -19.26
C ILE E 487 3.28 -14.41 -20.24
N PRO E 488 3.45 -13.11 -20.05
CA PRO E 488 2.81 -12.15 -20.97
C PRO E 488 3.37 -12.19 -22.39
N ILE E 489 2.47 -12.03 -23.34
CA ILE E 489 2.74 -12.16 -24.77
C ILE E 489 2.14 -10.97 -25.51
N ILE E 490 2.90 -10.41 -26.45
CA ILE E 490 2.46 -9.33 -27.32
C ILE E 490 2.65 -9.77 -28.76
N THR E 491 1.65 -9.55 -29.61
CA THR E 491 1.67 -9.99 -30.99
C THR E 491 1.32 -8.85 -31.93
N PHE E 492 2.09 -8.74 -33.01
CA PHE E 492 1.89 -7.77 -34.08
C PHE E 492 1.51 -8.49 -35.37
N ASN E 493 1.35 -7.72 -36.44
CA ASN E 493 1.27 -8.28 -37.78
C ASN E 493 2.21 -7.61 -38.76
N ARG E 494 2.83 -6.49 -38.39
CA ARG E 494 3.84 -5.84 -39.21
C ARG E 494 4.62 -4.90 -38.31
N VAL E 495 5.93 -5.13 -38.16
CA VAL E 495 6.76 -4.34 -37.26
C VAL E 495 8.19 -4.37 -37.76
N SER E 496 9.00 -3.42 -37.29
CA SER E 496 10.39 -3.29 -37.68
C SER E 496 11.29 -3.38 -36.44
N ILE E 497 12.58 -3.63 -36.70
CA ILE E 497 13.51 -3.93 -35.62
C ILE E 497 13.76 -2.70 -34.75
N ARG E 498 13.80 -1.51 -35.35
CA ARG E 498 14.03 -0.29 -34.58
C ARG E 498 12.89 -0.07 -33.59
N GLN E 499 11.66 -0.30 -34.01
CA GLN E 499 10.52 -0.18 -33.10
C GLN E 499 10.62 -1.19 -31.97
N LEU E 500 11.07 -2.41 -32.28
CA LEU E 500 11.25 -3.43 -31.24
C LEU E 500 12.26 -2.97 -30.21
N GLN E 501 13.38 -2.40 -30.66
CA GLN E 501 14.39 -1.92 -29.72
C GLN E 501 13.84 -0.79 -28.86
N LYS E 502 13.09 0.13 -29.46
CA LYS E 502 12.49 1.20 -28.67
C LYS E 502 11.55 0.66 -27.61
N LEU E 503 10.70 -0.30 -27.98
CA LEU E 503 9.75 -0.87 -27.03
C LEU E 503 10.45 -1.60 -25.90
N SER E 504 11.47 -2.40 -26.22
CA SER E 504 12.20 -3.13 -25.19
C SER E 504 12.88 -2.17 -24.23
N ASP E 505 13.51 -1.12 -24.77
CA ASP E 505 14.16 -0.14 -23.91
C ASP E 505 13.17 0.59 -23.02
N ARG E 506 11.98 0.92 -23.53
CA ARG E 506 10.99 1.56 -22.66
C ARG E 506 10.54 0.62 -21.55
N ILE E 507 10.34 -0.65 -21.87
CA ILE E 507 9.90 -1.59 -20.84
C ILE E 507 10.97 -1.78 -19.78
N LEU E 508 12.23 -1.85 -20.19
CA LEU E 508 13.31 -2.12 -19.24
C LEU E 508 13.50 -1.01 -18.21
N MET E 509 12.97 0.19 -18.45
CA MET E 509 13.14 1.27 -17.48
C MET E 509 12.38 1.01 -16.18
N SER E 510 11.29 0.24 -16.24
CA SER E 510 10.49 -0.02 -15.04
C SER E 510 10.80 -1.37 -14.41
N HIS E 511 11.30 -2.34 -15.19
CA HIS E 511 11.66 -3.66 -14.69
C HIS E 511 13.08 -3.94 -15.14
N PRO E 512 14.07 -3.34 -14.49
CA PRO E 512 15.45 -3.43 -15.01
C PRO E 512 16.05 -4.81 -14.99
N ASP E 513 15.46 -5.76 -14.26
CA ASP E 513 16.04 -7.08 -14.07
C ASP E 513 15.29 -8.18 -14.82
N TRP E 514 14.55 -7.82 -15.87
CA TRP E 514 13.77 -8.79 -16.63
C TRP E 514 14.60 -9.33 -17.80
N THR E 515 13.98 -10.25 -18.55
CA THR E 515 14.57 -10.79 -19.76
C THR E 515 13.47 -10.84 -20.82
N ILE E 516 13.67 -10.13 -21.92
CA ILE E 516 12.64 -9.92 -22.93
C ILE E 516 13.09 -10.54 -24.24
N GLY E 517 12.18 -11.23 -24.92
CA GLY E 517 12.54 -11.80 -26.21
C GLY E 517 11.67 -11.33 -27.34
N ALA E 518 12.27 -10.83 -28.43
CA ALA E 518 11.51 -10.28 -29.54
C ALA E 518 11.93 -10.93 -30.85
N VAL E 519 10.96 -11.24 -31.71
CA VAL E 519 11.24 -11.89 -32.98
C VAL E 519 10.32 -11.30 -34.06
N CYS E 520 10.86 -11.15 -35.26
CA CYS E 520 10.09 -10.68 -36.42
C CYS E 520 10.71 -11.30 -37.68
N ARG E 521 10.39 -10.75 -38.84
CA ARG E 521 10.91 -11.26 -40.11
C ARG E 521 12.32 -10.76 -40.42
N GLU E 522 12.81 -9.76 -39.71
CA GLU E 522 14.12 -9.20 -39.98
C GLU E 522 15.21 -9.68 -39.03
N GLY E 523 14.86 -9.97 -37.78
CA GLY E 523 15.86 -10.41 -36.83
C GLY E 523 15.20 -10.78 -35.52
N ILE E 524 15.83 -11.30 -34.66
CA ILE E 524 15.60 -11.74 -33.30
C ILE E 524 16.70 -11.19 -32.41
N LEU E 525 16.00 -10.63 -31.19
CA LEU E 525 16.84 -9.99 -30.18
C LEU E 525 16.44 -10.44 -28.78
N ILE E 526 17.44 -10.54 -27.91
CA ILE E 526 17.26 -10.92 -26.51
C ILE E 526 17.98 -9.86 -25.68
N ASN E 527 17.24 -8.83 -25.26
CA ASN E 527 17.74 -7.81 -24.34
C ASN E 527 18.98 -7.09 -24.91
N ARG E 528 18.75 -6.36 -26.00
CA ARG E 528 19.77 -5.52 -26.62
C ARG E 528 20.94 -6.35 -27.15
N SER E 529 20.62 -7.36 -27.95
CA SER E 529 21.64 -8.16 -28.62
C SER E 529 21.02 -8.79 -29.85
N GLU E 530 21.86 -9.20 -30.79
CA GLU E 530 21.39 -9.78 -32.03
C GLU E 530 21.86 -11.22 -32.15
N LYS E 531 20.94 -12.11 -32.50
CA LYS E 531 21.23 -13.53 -32.65
C LYS E 531 21.01 -13.93 -34.11
N ILE E 532 21.26 -15.19 -34.39
CA ILE E 532 21.12 -15.72 -35.74
C ILE E 532 19.69 -16.20 -35.95
N LEU E 533 19.14 -15.87 -37.11
CA LEU E 533 17.75 -16.18 -37.45
C LEU E 533 17.70 -17.48 -38.24
N ASN E 534 16.86 -18.41 -37.80
CA ASN E 534 16.76 -19.70 -38.44
C ASN E 534 16.10 -19.57 -39.82
N ARG E 535 16.42 -20.49 -40.72
CA ARG E 535 15.87 -20.47 -42.06
C ARG E 535 14.37 -20.77 -42.05
N HIS E 536 13.91 -21.61 -41.13
CA HIS E 536 12.53 -22.01 -41.05
C HIS E 536 11.84 -21.22 -39.94
N TYR E 537 10.85 -20.41 -40.32
CA TYR E 537 10.07 -19.68 -39.33
C TYR E 537 9.29 -20.67 -38.48
N ASN E 538 8.67 -20.17 -37.42
CA ASN E 538 7.92 -20.94 -36.44
C ASN E 538 8.83 -21.81 -35.57
N THR E 539 10.14 -21.80 -35.79
CA THR E 539 11.10 -22.47 -34.94
C THR E 539 11.81 -21.52 -34.00
N ASN E 540 12.00 -20.27 -34.41
CA ASN E 540 12.56 -19.26 -33.52
C ASN E 540 11.66 -19.02 -32.32
N VAL E 541 10.34 -19.02 -32.53
CA VAL E 541 9.41 -18.85 -31.42
C VAL E 541 9.50 -20.04 -30.46
N LEU E 542 9.69 -21.24 -31.02
CA LEU E 542 9.89 -22.41 -30.16
C LEU E 542 11.18 -22.28 -29.35
N ASN E 543 12.25 -21.79 -29.97
CA ASN E 543 13.49 -21.59 -29.22
C ASN E 543 13.34 -20.54 -28.14
N LEU E 544 12.48 -19.54 -28.34
CA LEU E 544 12.28 -18.54 -27.31
C LEU E 544 11.41 -19.03 -26.16
N LEU E 545 10.50 -19.97 -26.40
CA LEU E 545 9.69 -20.54 -25.34
C LEU E 545 10.38 -21.66 -24.59
N ARG E 546 11.59 -22.01 -24.99
CA ARG E 546 12.39 -23.01 -24.28
C ARG E 546 13.44 -22.39 -23.36
N ASN E 547 13.80 -21.13 -23.59
CA ASN E 547 14.75 -20.44 -22.72
C ASN E 547 14.18 -20.38 -21.31
N PRO E 548 14.90 -20.89 -20.30
CA PRO E 548 14.32 -20.98 -18.96
C PRO E 548 14.42 -19.71 -18.14
N LYS E 549 14.64 -18.57 -18.78
CA LYS E 549 14.72 -17.29 -18.06
C LYS E 549 13.81 -16.21 -18.62
N LEU E 550 12.98 -16.53 -19.62
CA LEU E 550 12.19 -15.51 -20.29
C LEU E 550 11.09 -14.98 -19.40
N ASP E 551 10.81 -13.68 -19.51
CA ASP E 551 9.73 -13.04 -18.78
C ASP E 551 8.66 -12.41 -19.66
N LEU E 552 8.91 -12.23 -20.96
CA LEU E 552 7.99 -11.53 -21.83
C LEU E 552 8.31 -11.86 -23.27
N LEU E 553 7.29 -12.12 -24.07
CA LEU E 553 7.48 -12.49 -25.47
C LEU E 553 6.84 -11.45 -26.39
N ILE E 554 7.54 -11.11 -27.48
CA ILE E 554 7.01 -10.23 -28.51
C ILE E 554 7.21 -10.91 -29.87
N ALA E 555 6.11 -11.12 -30.59
CA ALA E 555 6.15 -11.90 -31.82
C ALA E 555 5.31 -11.22 -32.90
N GLU E 556 5.57 -11.61 -34.14
CA GLU E 556 4.86 -11.11 -35.31
C GLU E 556 4.38 -12.27 -36.16
N TYR E 557 3.14 -12.21 -36.62
CA TYR E 557 2.55 -13.23 -37.47
C TYR E 557 1.81 -12.54 -38.61
N ASP E 558 2.39 -12.58 -39.81
CA ASP E 558 1.73 -12.00 -40.97
C ASP E 558 0.89 -13.07 -41.66
N GLU E 559 0.42 -12.78 -42.88
CA GLU E 559 -0.51 -13.68 -43.55
C GLU E 559 0.18 -14.95 -44.03
N ASP E 560 1.42 -14.83 -44.51
CA ASP E 560 2.12 -16.00 -45.02
C ASP E 560 2.36 -17.01 -43.90
N ALA E 561 2.76 -16.54 -42.73
CA ALA E 561 2.97 -17.44 -41.60
C ALA E 561 1.68 -18.13 -41.20
N LEU E 562 0.57 -17.39 -41.15
CA LEU E 562 -0.70 -17.99 -40.78
C LEU E 562 -1.17 -19.01 -41.81
N GLU E 563 -0.86 -18.77 -43.09
CA GLU E 563 -1.25 -19.72 -44.12
C GLU E 563 -0.30 -20.90 -44.25
N ALA E 564 0.90 -20.81 -43.68
CA ALA E 564 1.85 -21.92 -43.78
C ALA E 564 1.55 -23.02 -42.77
N GLU E 565 1.63 -22.69 -41.48
CA GLU E 565 1.45 -23.71 -40.45
C GLU E 565 0.47 -23.27 -39.36
N GLY E 566 0.41 -21.98 -39.06
CA GLY E 566 -0.44 -21.47 -38.01
C GLY E 566 0.39 -21.01 -36.82
N MET E 567 -0.32 -20.53 -35.81
CA MET E 567 0.34 -20.03 -34.61
C MET E 567 0.86 -21.18 -33.77
N PHE E 568 1.75 -20.86 -32.84
CA PHE E 568 2.38 -21.86 -31.99
C PHE E 568 1.88 -21.83 -30.55
N TYR E 569 1.57 -20.65 -30.01
CA TYR E 569 1.02 -20.53 -28.68
C TYR E 569 -0.49 -20.33 -28.76
N HIS E 570 -1.11 -20.02 -27.64
CA HIS E 570 -2.57 -19.89 -27.57
C HIS E 570 -2.93 -18.70 -26.70
N GLY E 571 -3.50 -17.68 -27.30
CA GLY E 571 -3.96 -16.50 -26.54
C GLY E 571 -2.85 -15.48 -26.36
N SER E 572 -3.26 -14.22 -26.21
CA SER E 572 -2.31 -13.14 -26.04
C SER E 572 -2.96 -12.01 -25.25
N ASN E 573 -2.11 -11.16 -24.65
CA ASN E 573 -2.58 -10.09 -23.79
C ASN E 573 -2.66 -8.74 -24.47
N LEU E 574 -2.08 -8.59 -25.67
CA LEU E 574 -2.13 -7.33 -26.40
C LEU E 574 -2.00 -7.65 -27.88
N VAL E 575 -2.91 -7.11 -28.68
CA VAL E 575 -2.90 -7.31 -30.12
C VAL E 575 -2.88 -5.93 -30.79
N VAL E 576 -1.97 -5.75 -31.74
CA VAL E 576 -1.85 -4.51 -32.49
C VAL E 576 -1.93 -4.83 -33.98
N LEU E 577 -2.91 -4.25 -34.66
CA LEU E 577 -3.14 -4.47 -36.08
C LEU E 577 -3.06 -3.15 -36.82
N GLU E 578 -2.41 -3.17 -37.99
CA GLU E 578 -2.23 -1.97 -38.80
C GLU E 578 -2.57 -2.31 -40.25
N ASP E 579 -3.69 -1.79 -40.73
CA ASP E 579 -4.21 -2.10 -42.05
C ASP E 579 -4.29 -3.60 -42.30
N PRO E 580 -5.05 -4.34 -41.49
CA PRO E 580 -5.11 -5.79 -41.66
C PRO E 580 -5.90 -6.19 -42.88
N SER E 581 -5.62 -7.39 -43.36
CA SER E 581 -6.32 -8.00 -44.47
C SER E 581 -7.45 -8.87 -43.94
N GLU E 582 -8.08 -9.64 -44.83
CA GLU E 582 -9.20 -10.49 -44.43
C GLU E 582 -8.75 -11.61 -43.50
N ILE E 583 -7.63 -12.25 -43.81
CA ILE E 583 -7.18 -13.40 -43.03
C ILE E 583 -6.69 -12.95 -41.66
N GLU E 584 -5.93 -11.86 -41.59
CA GLU E 584 -5.26 -11.49 -40.36
C GLU E 584 -6.22 -11.11 -39.25
N MET E 585 -7.47 -10.75 -39.57
CA MET E 585 -8.45 -10.43 -38.55
C MET E 585 -8.67 -11.59 -37.57
N ILE E 586 -8.43 -12.83 -38.01
CA ILE E 586 -8.54 -13.98 -37.15
C ILE E 586 -7.65 -13.90 -35.92
N LEU E 587 -6.69 -12.97 -35.90
CA LEU E 587 -5.86 -12.78 -34.72
C LEU E 587 -6.62 -12.19 -33.55
N THR E 588 -7.83 -11.67 -33.75
CA THR E 588 -8.63 -11.15 -32.65
C THR E 588 -9.54 -12.20 -32.05
N ARG E 589 -9.51 -13.43 -32.55
CA ARG E 589 -10.47 -14.44 -32.11
C ARG E 589 -10.12 -14.98 -30.73
N ASP E 590 -8.84 -15.22 -30.46
CA ASP E 590 -8.40 -15.88 -29.23
C ASP E 590 -7.77 -14.85 -28.31
N VAL E 591 -8.60 -14.28 -27.43
CA VAL E 591 -8.16 -13.34 -26.41
C VAL E 591 -8.90 -13.64 -25.13
N PHE E 592 -8.38 -13.11 -24.02
CA PHE E 592 -9.03 -13.27 -22.73
C PHE E 592 -10.03 -12.15 -22.51
N SER E 593 -10.59 -12.08 -21.30
CA SER E 593 -11.58 -11.07 -20.97
C SER E 593 -10.97 -9.75 -20.52
N ASP E 594 -9.66 -9.69 -20.36
CA ASP E 594 -8.99 -8.50 -19.83
C ASP E 594 -7.96 -7.93 -20.80
N SER E 595 -7.86 -8.47 -22.01
CA SER E 595 -6.86 -8.04 -22.95
C SER E 595 -7.29 -6.78 -23.69
N THR E 596 -6.35 -6.17 -24.40
CA THR E 596 -6.55 -4.93 -25.13
C THR E 596 -6.34 -5.18 -26.62
N VAL E 597 -7.18 -4.57 -27.46
CA VAL E 597 -7.07 -4.72 -28.91
C VAL E 597 -7.05 -3.34 -29.55
N ILE E 598 -6.13 -3.14 -30.49
CA ILE E 598 -5.95 -1.87 -31.20
C ILE E 598 -6.02 -2.15 -32.70
N ILE E 599 -6.83 -1.38 -33.42
CA ILE E 599 -6.95 -1.51 -34.87
C ILE E 599 -6.84 -0.13 -35.51
N LYS E 600 -6.09 -0.04 -36.59
CA LYS E 600 -5.90 1.20 -37.33
C LYS E 600 -6.23 0.98 -38.80
N GLN E 601 -7.10 1.83 -39.33
CA GLN E 601 -7.48 1.73 -40.74
C GLN E 601 -7.51 3.12 -41.34
N GLY E 602 -6.60 3.39 -42.29
CA GLY E 602 -6.47 4.71 -42.84
C GLY E 602 -6.03 5.70 -41.78
N ARG E 603 -6.94 6.56 -41.35
CA ARG E 603 -6.68 7.52 -40.29
C ARG E 603 -7.55 7.26 -39.06
N GLU E 604 -8.26 6.14 -39.02
CA GLU E 604 -9.19 5.83 -37.95
C GLU E 604 -8.58 4.84 -36.97
N ILE E 605 -8.78 5.09 -35.68
CA ILE E 605 -8.27 4.26 -34.60
C ILE E 605 -9.44 3.71 -33.81
N THR E 606 -9.47 2.40 -33.61
CA THR E 606 -10.46 1.71 -32.80
C THR E 606 -9.74 0.95 -31.68
N ILE E 607 -10.19 1.16 -30.44
CA ILE E 607 -9.56 0.55 -29.28
C ILE E 607 -10.62 -0.17 -28.46
N LYS E 608 -10.34 -1.41 -28.07
CA LYS E 608 -11.19 -2.15 -27.15
C LYS E 608 -10.38 -2.50 -25.92
N ARG E 609 -10.92 -2.16 -24.75
CA ARG E 609 -10.20 -2.30 -23.48
C ARG E 609 -11.19 -2.68 -22.40
N LYS E 610 -11.00 -3.86 -21.80
CA LYS E 610 -11.86 -4.35 -20.72
C LYS E 610 -13.32 -4.37 -21.13
N GLY E 611 -13.59 -4.70 -22.38
CA GLY E 611 -14.94 -4.76 -22.87
C GLY E 611 -15.56 -3.45 -23.27
N LEU E 612 -14.83 -2.34 -23.19
CA LEU E 612 -15.34 -1.04 -23.58
C LEU E 612 -14.65 -0.57 -24.86
N LEU E 613 -15.41 0.10 -25.71
CA LEU E 613 -15.00 0.42 -27.07
C LEU E 613 -14.84 1.93 -27.25
N GLU E 614 -13.82 2.32 -28.03
CA GLU E 614 -13.55 3.72 -28.30
C GLU E 614 -13.11 3.87 -29.76
N GLN E 615 -13.35 5.04 -30.34
CA GLN E 615 -13.06 5.28 -31.75
C GLN E 615 -12.76 6.76 -31.97
N TYR E 616 -11.66 7.06 -32.66
CA TYR E 616 -11.36 8.44 -33.00
C TYR E 616 -10.46 8.49 -34.23
N GLU E 617 -9.93 9.68 -34.52
CA GLU E 617 -9.16 9.93 -35.74
C GLU E 617 -7.82 10.55 -35.41
N LEU E 618 -6.79 10.16 -36.14
CA LEU E 618 -5.46 10.74 -36.00
C LEU E 618 -5.33 11.97 -36.89
N GLU E 619 -4.35 12.80 -36.56
CA GLU E 619 -4.01 13.95 -37.39
C GLU E 619 -2.97 13.51 -38.43
N ALA E 620 -2.52 14.44 -39.26
CA ALA E 620 -1.47 14.12 -40.21
C ALA E 620 -0.16 13.90 -39.47
N GLU E 621 0.82 13.34 -40.19
CA GLU E 621 2.17 13.06 -39.71
C GLU E 621 2.21 12.38 -38.34
N GLU E 622 1.20 11.57 -38.02
CA GLU E 622 1.14 10.85 -36.76
C GLU E 622 1.56 9.40 -36.96
N LEU E 623 2.16 8.83 -35.92
CA LEU E 623 2.63 7.45 -35.95
C LEU E 623 1.87 6.63 -34.93
N ILE E 624 1.75 5.33 -35.21
CA ILE E 624 0.99 4.44 -34.35
C ILE E 624 1.70 4.14 -33.05
N GLU E 625 2.99 4.47 -32.96
CA GLU E 625 3.75 4.17 -31.75
C GLU E 625 3.20 4.92 -30.54
N GLN E 626 2.79 6.16 -30.74
CA GLN E 626 2.29 6.97 -29.62
C GLN E 626 0.99 6.40 -29.07
N VAL E 627 0.28 5.60 -29.87
CA VAL E 627 -0.98 5.02 -29.39
C VAL E 627 -0.72 3.95 -28.35
N TYR E 628 0.23 3.04 -28.62
CA TYR E 628 0.42 1.91 -27.72
C TYR E 628 1.53 2.11 -26.70
N LEU E 629 2.36 3.15 -26.84
CA LEU E 629 3.39 3.38 -25.84
C LEU E 629 2.79 3.68 -24.46
N LYS E 630 1.73 4.44 -24.40
CA LYS E 630 0.93 4.54 -23.17
C LYS E 630 0.13 3.33 -22.71
N GLU E 631 -0.35 2.52 -23.65
CA GLU E 631 -1.07 1.30 -23.30
C GLU E 631 -0.15 0.20 -22.78
N ILE E 632 1.15 0.31 -23.01
CA ILE E 632 2.07 -0.76 -22.63
C ILE E 632 2.09 -0.96 -21.11
N GLY E 633 1.53 -0.02 -20.36
CA GLY E 633 1.64 -0.09 -18.91
C GLY E 633 0.80 -1.18 -18.27
N THR E 634 -0.17 -1.72 -19.00
CA THR E 634 -1.13 -2.64 -18.40
C THR E 634 -0.57 -4.04 -18.16
N ILE E 635 0.47 -4.45 -18.89
CA ILE E 635 0.96 -5.83 -18.75
C ILE E 635 1.67 -6.02 -17.42
N SER E 636 2.03 -4.92 -16.77
CA SER E 636 2.73 -4.99 -15.48
C SER E 636 1.85 -5.60 -14.39
N VAL F 10 53.54 -55.74 15.74
CA VAL F 10 54.38 -54.87 16.56
C VAL F 10 55.37 -54.11 15.73
N ARG F 11 56.20 -53.35 16.28
CA ARG F 11 57.25 -52.69 15.53
C ARG F 11 57.90 -54.00 15.19
N ILE F 12 58.16 -54.30 13.97
CA ILE F 12 58.76 -55.56 13.55
C ILE F 12 60.17 -55.44 14.11
N ASN F 13 60.80 -54.29 13.87
CA ASN F 13 62.18 -54.09 14.31
C ASN F 13 62.50 -53.93 15.78
N ALA F 14 61.58 -53.57 16.64
CA ALA F 14 61.81 -53.34 18.06
C ALA F 14 62.41 -54.65 18.51
N ARG F 15 63.49 -54.59 19.28
CA ARG F 15 64.13 -55.80 19.79
C ARG F 15 65.17 -55.35 20.78
N THR F 16 65.62 -56.24 21.53
CA THR F 16 66.60 -55.89 22.57
C THR F 16 66.20 -54.72 23.46
N THR F 17 66.61 -53.50 23.10
CA THR F 17 66.35 -52.37 23.98
C THR F 17 65.85 -51.09 23.35
N ASP F 18 65.13 -50.29 24.10
CA ASP F 18 64.66 -49.00 23.62
C ASP F 18 64.22 -48.22 24.84
N VAL F 19 64.79 -47.29 25.07
CA VAL F 19 64.47 -46.54 26.28
C VAL F 19 63.00 -46.23 26.45
N PHE F 20 62.42 -45.69 25.49
CA PHE F 20 61.03 -45.27 25.64
C PHE F 20 59.95 -46.29 25.32
N ASP F 21 58.69 -45.96 25.66
CA ASP F 21 57.57 -46.84 25.37
C ASP F 21 56.29 -46.04 25.20
N ILE F 22 55.42 -46.52 24.30
CA ILE F 22 54.16 -45.86 23.97
C ILE F 22 53.07 -46.92 23.93
N PHE F 23 51.90 -46.60 24.50
CA PHE F 23 50.82 -47.57 24.53
C PHE F 23 49.47 -46.85 24.57
N ASN F 24 48.41 -47.66 24.53
CA ASN F 24 47.03 -47.20 24.70
C ASN F 24 46.62 -46.14 23.68
N VAL F 25 46.51 -46.52 22.41
CA VAL F 25 46.09 -45.62 21.34
C VAL F 25 44.57 -45.58 21.31
N LYS F 26 44.01 -44.38 21.14
CA LYS F 26 42.57 -44.17 21.07
C LYS F 26 42.27 -43.11 20.02
N GLN F 27 41.08 -43.19 19.43
CA GLN F 27 40.64 -42.24 18.41
C GLN F 27 39.44 -41.47 18.94
N TYR F 28 39.48 -40.14 18.81
CA TYR F 28 38.39 -39.29 19.26
C TYR F 28 37.89 -38.47 18.08
N VAL F 29 36.59 -38.52 17.85
CA VAL F 29 35.94 -37.74 16.81
C VAL F 29 35.33 -36.50 17.43
N GLY F 30 35.58 -35.35 16.83
CA GLY F 30 35.03 -34.13 17.36
C GLY F 30 35.68 -33.73 18.68
N ALA F 31 35.02 -32.79 19.37
CA ALA F 31 35.58 -32.24 20.60
C ALA F 31 35.68 -33.32 21.68
N ASN F 32 36.81 -33.32 22.36
CA ASN F 32 37.15 -34.34 23.35
C ASN F 32 37.75 -33.64 24.56
N PRO F 33 37.90 -34.35 25.69
CA PRO F 33 38.45 -33.70 26.89
C PRO F 33 39.82 -33.08 26.68
N TYR F 34 40.62 -33.60 25.75
CA TYR F 34 41.99 -33.12 25.63
C TYR F 34 42.13 -32.04 24.57
N LEU F 35 41.48 -32.22 23.42
CA LEU F 35 41.67 -31.32 22.29
C LEU F 35 40.33 -30.89 21.74
N ASN F 36 40.34 -29.77 21.02
CA ASN F 36 39.11 -29.18 20.48
C ASN F 36 38.62 -29.95 19.26
N GLN F 37 39.52 -30.48 18.45
CA GLN F 37 39.15 -31.20 17.24
C GLN F 37 39.31 -32.71 17.43
N ALA F 38 39.07 -33.46 16.36
CA ALA F 38 39.31 -34.89 16.37
C ALA F 38 40.80 -35.16 16.54
N ALA F 39 41.13 -36.26 17.22
CA ALA F 39 42.51 -36.48 17.63
C ALA F 39 42.79 -37.96 17.82
N LEU F 40 44.09 -38.25 17.91
CA LEU F 40 44.61 -39.55 18.29
C LEU F 40 45.38 -39.39 19.60
N VAL F 41 45.16 -40.32 20.54
CA VAL F 41 45.65 -40.20 21.90
C VAL F 41 46.49 -41.42 22.24
N PHE F 42 47.58 -41.21 22.97
CA PHE F 42 48.47 -42.29 23.39
C PHE F 42 49.13 -41.90 24.70
N ASP F 43 49.84 -42.85 25.29
CA ASP F 43 50.51 -42.67 26.58
C ASP F 43 51.98 -43.00 26.45
N PHE F 44 52.83 -42.11 26.96
CA PHE F 44 54.28 -42.17 26.82
C PHE F 44 54.94 -42.44 28.17
N ALA F 45 56.02 -43.22 28.16
CA ALA F 45 56.69 -43.58 29.40
C ALA F 45 58.11 -44.03 29.10
N PHE F 46 58.90 -44.16 30.18
CA PHE F 46 60.27 -44.66 30.11
C PHE F 46 60.29 -46.12 30.54
N THR F 47 61.18 -46.91 29.93
CA THR F 47 61.41 -48.27 30.42
C THR F 47 62.27 -48.27 31.67
N GLU F 48 63.15 -47.27 31.81
CA GLU F 48 64.06 -47.01 32.92
C GLU F 48 65.19 -48.04 33.00
N SER F 49 65.27 -49.00 32.09
CA SER F 49 66.38 -49.95 32.10
C SER F 49 67.68 -49.27 31.70
N TYR F 50 67.61 -48.34 30.75
CA TYR F 50 68.79 -47.64 30.27
C TYR F 50 68.52 -46.14 30.31
N GLN F 51 69.60 -45.37 30.35
CA GLN F 51 69.50 -43.91 30.44
C GLN F 51 69.53 -43.31 29.05
N PRO F 52 68.50 -42.58 28.64
CA PRO F 52 68.52 -41.96 27.31
C PRO F 52 69.56 -40.85 27.24
N LEU F 53 69.94 -40.50 26.01
CA LEU F 53 70.92 -39.45 25.79
C LEU F 53 70.36 -38.09 26.22
N PRO F 54 71.23 -37.14 26.53
CA PRO F 54 70.75 -35.79 26.88
C PRO F 54 70.05 -35.13 25.71
N ILE F 55 69.17 -34.18 26.02
CA ILE F 55 68.35 -33.53 25.00
C ILE F 55 69.20 -32.77 23.99
N GLU F 56 70.46 -32.48 24.35
CA GLU F 56 71.32 -31.72 23.46
C GLU F 56 71.51 -32.44 22.13
N ASN F 57 71.75 -33.75 22.17
CA ASN F 57 71.92 -34.52 20.95
C ASN F 57 70.63 -34.62 20.14
N TYR F 58 69.51 -34.82 20.80
CA TYR F 58 68.26 -35.00 20.07
C TYR F 58 67.93 -33.75 19.30
N LEU F 59 67.88 -32.63 20.01
CA LEU F 59 67.52 -31.38 19.38
C LEU F 59 68.23 -31.14 18.06
N ALA F 60 69.54 -30.93 18.05
CA ALA F 60 70.19 -30.58 16.80
C ALA F 60 69.76 -31.52 15.67
N VAL F 61 69.70 -32.82 15.95
CA VAL F 61 69.34 -33.79 14.92
C VAL F 61 67.92 -33.54 14.43
N VAL F 62 67.00 -33.25 15.33
CA VAL F 62 65.65 -32.94 14.89
C VAL F 62 65.54 -31.48 14.47
N GLY F 63 66.54 -30.68 14.82
CA GLY F 63 66.49 -29.26 14.51
C GLY F 63 66.97 -28.96 13.11
N ASP F 64 67.46 -29.98 12.42
CA ASP F 64 67.91 -29.79 11.05
C ASP F 64 66.75 -29.80 10.09
N ARG F 65 66.25 -31.02 9.77
CA ARG F 65 65.22 -31.18 8.76
C ARG F 65 64.20 -30.07 8.83
N TYR F 66 63.95 -29.46 9.97
CA TYR F 66 62.95 -28.40 10.05
C TYR F 66 63.47 -27.29 10.96
N PRO F 67 63.84 -26.13 10.56
CA PRO F 67 64.32 -25.03 11.41
C PRO F 67 63.24 -24.45 12.31
N ARG F 68 61.97 -24.71 12.02
CA ARG F 68 60.89 -24.16 12.84
C ARG F 68 60.91 -24.75 14.25
N LEU F 69 61.58 -25.89 14.43
CA LEU F 69 61.59 -26.54 15.74
C LEU F 69 62.38 -25.74 16.78
N LYS F 70 63.44 -25.04 16.35
CA LYS F 70 64.29 -24.32 17.30
C LYS F 70 63.61 -23.06 17.81
N GLU F 71 62.43 -22.72 17.26
CA GLU F 71 61.78 -21.47 17.63
C GLU F 71 61.39 -21.44 19.10
N ILE F 72 60.81 -22.54 19.61
CA ILE F 72 60.24 -22.56 20.95
C ILE F 72 60.95 -23.59 21.81
N GLU F 73 61.05 -23.30 23.11
CA GLU F 73 61.66 -24.24 24.05
C GLU F 73 60.80 -25.49 24.19
N TYR F 74 61.45 -26.61 24.51
CA TYR F 74 60.75 -27.89 24.55
C TYR F 74 60.66 -28.50 25.94
N GLN F 75 61.55 -28.11 26.85
CA GLN F 75 61.50 -28.57 28.25
C GLN F 75 61.61 -30.10 28.25
N SER F 76 60.62 -30.84 28.74
CA SER F 76 60.74 -32.29 28.87
C SER F 76 60.70 -32.96 27.50
N TYR F 77 60.93 -34.28 27.52
CA TYR F 77 61.00 -35.05 26.29
C TYR F 77 59.64 -35.17 25.61
N ALA F 78 58.56 -35.20 26.40
CA ALA F 78 57.24 -35.40 25.84
C ALA F 78 56.86 -34.29 24.87
N GLU F 79 57.15 -33.04 25.24
CA GLU F 79 56.83 -31.92 24.35
C GLU F 79 57.64 -31.99 23.07
N LEU F 80 58.92 -32.36 23.17
CA LEU F 80 59.73 -32.52 21.97
C LEU F 80 59.16 -33.58 21.04
N PHE F 81 58.77 -34.73 21.60
CA PHE F 81 58.21 -35.80 20.79
C PHE F 81 56.90 -35.37 20.13
N ALA F 82 56.04 -34.68 20.90
CA ALA F 82 54.77 -34.21 20.36
C ALA F 82 54.98 -33.22 19.23
N SER F 83 55.90 -32.27 19.41
CA SER F 83 56.16 -31.29 18.36
C SER F 83 56.74 -31.96 17.12
N THR F 84 57.62 -32.94 17.31
CA THR F 84 58.17 -33.66 16.16
C THR F 84 57.08 -34.38 15.39
N VAL F 85 56.18 -35.06 16.09
CA VAL F 85 55.08 -35.75 15.41
C VAL F 85 54.19 -34.75 14.69
N ALA F 86 53.90 -33.62 15.33
CA ALA F 86 53.04 -32.62 14.72
C ALA F 86 53.66 -32.07 13.44
N GLU F 87 54.97 -31.80 13.46
CA GLU F 87 55.62 -31.26 12.28
C GLU F 87 55.72 -32.29 11.16
N VAL F 88 55.99 -33.55 11.50
CA VAL F 88 56.08 -34.57 10.46
C VAL F 88 54.71 -34.90 9.89
N ASN F 89 53.64 -34.65 10.65
CA ASN F 89 52.31 -35.07 10.22
C ASN F 89 51.85 -34.35 8.97
N LYS F 90 52.39 -33.16 8.70
CA LYS F 90 51.98 -32.38 7.55
C LYS F 90 52.40 -33.03 6.23
N LEU F 91 53.30 -34.01 6.31
CA LEU F 91 53.81 -34.73 5.16
C LEU F 91 54.41 -33.79 4.12
N GLU F 92 54.92 -32.65 4.58
CA GLU F 92 55.56 -31.66 3.71
C GLU F 92 54.64 -31.23 2.58
N MET F 93 53.36 -31.03 2.89
CA MET F 93 52.37 -30.57 1.93
C MET F 93 51.53 -29.41 2.44
N ASP F 94 51.90 -28.83 3.58
CA ASP F 94 51.20 -27.68 4.16
C ASP F 94 49.71 -27.97 4.38
N LEU F 95 49.41 -29.13 4.95
CA LEU F 95 48.05 -29.42 5.37
C LEU F 95 47.67 -28.51 6.53
N HIS F 96 46.37 -28.31 6.71
CA HIS F 96 45.87 -27.42 7.75
C HIS F 96 45.83 -28.07 9.13
N LEU F 97 46.51 -29.20 9.31
CA LEU F 97 46.52 -29.92 10.58
C LEU F 97 47.65 -29.40 11.46
N LYS F 98 47.30 -28.70 12.54
CA LYS F 98 48.31 -28.21 13.47
C LYS F 98 47.69 -28.19 14.87
N GLY F 99 47.97 -29.23 15.65
CA GLY F 99 47.46 -29.30 17.00
C GLY F 99 48.02 -30.47 17.79
N TRP F 100 48.42 -30.21 19.03
CA TRP F 100 48.95 -31.24 19.90
C TRP F 100 48.81 -30.76 21.34
N ASN F 101 48.76 -31.74 22.26
CA ASN F 101 48.63 -31.41 23.67
C ASN F 101 49.16 -32.57 24.50
N VAL F 102 49.71 -32.23 25.66
CA VAL F 102 50.28 -33.19 26.59
C VAL F 102 49.77 -32.89 27.98
N LYS F 103 49.41 -33.94 28.73
CA LYS F 103 49.00 -33.80 30.12
C LYS F 103 49.67 -34.86 30.98
N PRO F 104 50.35 -34.47 32.06
CA PRO F 104 50.97 -35.46 32.96
C PRO F 104 49.96 -36.01 33.95
N ILE F 105 49.70 -37.31 33.85
CA ILE F 105 48.79 -37.99 34.75
C ILE F 105 49.55 -39.13 35.42
N GLU F 106 49.63 -39.08 36.75
CA GLU F 106 50.41 -40.04 37.55
C GLU F 106 51.85 -39.96 37.05
N GLU F 107 52.53 -41.08 36.84
CA GLU F 107 53.87 -41.06 36.28
C GLU F 107 53.86 -41.03 34.75
N ILE F 108 52.69 -41.13 34.14
CA ILE F 108 52.60 -41.22 32.69
C ILE F 108 52.29 -39.85 32.10
N ASN F 109 52.51 -39.72 30.80
CA ASN F 109 52.15 -38.53 30.04
C ASN F 109 51.21 -38.93 28.91
N ARG F 110 50.02 -38.34 28.90
CA ARG F 110 49.05 -38.62 27.86
C ARG F 110 49.12 -37.52 26.80
N ILE F 111 49.35 -37.92 25.55
CA ILE F 111 49.56 -36.98 24.46
C ILE F 111 48.49 -37.21 23.39
N ALA F 112 47.90 -36.13 22.91
CA ALA F 112 46.92 -36.17 21.85
C ALA F 112 47.36 -35.26 20.72
N ILE F 113 47.21 -35.74 19.48
CA ILE F 113 47.57 -34.96 18.30
C ILE F 113 46.40 -34.95 17.33
N GLU F 114 46.22 -33.82 16.65
CA GLU F 114 45.10 -33.66 15.73
C GLU F 114 45.26 -34.55 14.51
N SER F 115 44.15 -35.14 14.06
CA SER F 115 44.17 -36.10 12.96
C SER F 115 42.95 -35.88 12.06
N LEU F 116 43.10 -36.22 10.78
CA LEU F 116 41.98 -36.36 9.86
C LEU F 116 41.79 -37.79 9.39
N HIS F 117 42.87 -38.45 8.97
CA HIS F 117 42.88 -39.88 8.70
C HIS F 117 43.69 -40.54 9.82
N HIS F 118 43.04 -41.41 10.58
CA HIS F 118 43.66 -41.94 11.79
C HIS F 118 44.82 -42.87 11.49
N ARG F 119 44.70 -43.70 10.46
CA ARG F 119 45.75 -44.65 10.13
C ARG F 119 47.04 -43.94 9.75
N THR F 120 46.93 -42.85 9.01
CA THR F 120 48.11 -42.09 8.61
C THR F 120 48.84 -41.53 9.83
N THR F 121 48.10 -40.98 10.78
CA THR F 121 48.73 -40.47 12.00
C THR F 121 49.35 -41.58 12.82
N LYS F 122 48.71 -42.75 12.88
CA LYS F 122 49.31 -43.88 13.59
C LYS F 122 50.64 -44.27 12.97
N GLU F 123 50.69 -44.35 11.64
CA GLU F 123 51.93 -44.67 10.96
C GLU F 123 52.99 -43.60 11.19
N VAL F 124 52.58 -42.33 11.22
CA VAL F 124 53.51 -41.24 11.50
C VAL F 124 54.12 -41.41 12.88
N VAL F 125 53.29 -41.74 13.86
CA VAL F 125 53.78 -41.95 15.22
C VAL F 125 54.78 -43.09 15.26
N TYR F 126 54.46 -44.20 14.60
CA TYR F 126 55.37 -45.35 14.58
C TYR F 126 56.71 -44.96 13.95
N CYS F 127 56.67 -44.25 12.83
CA CYS F 127 57.90 -43.87 12.15
C CYS F 127 58.75 -42.94 12.99
N VAL F 128 58.12 -41.96 13.66
CA VAL F 128 58.87 -41.04 14.49
C VAL F 128 59.49 -41.78 15.68
N TRP F 129 58.75 -42.73 16.25
CA TRP F 129 59.29 -43.53 17.34
C TRP F 129 60.52 -44.32 16.88
N ASP F 130 60.43 -44.93 15.70
CA ASP F 130 61.57 -45.68 15.17
C ASP F 130 62.75 -44.76 14.88
N TRP F 131 62.50 -43.54 14.40
CA TRP F 131 63.59 -42.61 14.16
C TRP F 131 64.27 -42.20 15.46
N PHE F 132 63.36 -42.03 16.41
CA PHE F 132 63.92 -41.64 17.70
C PHE F 132 64.81 -42.79 18.17
N GLU F 133 64.47 -43.95 18.18
CA GLU F 133 65.12 -45.05 18.87
C GLU F 133 66.44 -45.32 18.17
N PHE F 134 66.48 -45.03 16.66
CA PHE F 134 67.80 -45.17 16.05
C PHE F 134 68.74 -44.04 16.41
N ILE F 135 68.60 -42.88 17.23
CA ILE F 135 69.54 -41.80 17.53
C ILE F 135 70.65 -42.20 18.50
N THR F 136 70.58 -43.48 18.91
CA THR F 136 71.63 -43.93 19.81
C THR F 136 72.23 -45.21 19.30
N GLN F 137 71.50 -46.30 19.41
CA GLN F 137 71.97 -47.57 18.90
C GLN F 137 71.84 -47.57 17.39
N GLY F 138 72.94 -47.81 16.69
CA GLY F 138 72.93 -47.84 15.23
C GLY F 138 73.29 -46.51 14.64
N GLU F 139 72.48 -45.48 14.89
CA GLU F 139 72.76 -44.13 14.40
C GLU F 139 72.64 -44.00 12.88
N GLU F 140 71.45 -44.23 12.34
CA GLU F 140 71.21 -44.08 10.91
C GLU F 140 69.70 -44.05 10.71
N PHE F 141 69.23 -43.43 9.64
CA PHE F 141 67.85 -43.57 9.18
C PHE F 141 67.54 -42.98 7.82
N ASP F 142 66.52 -43.50 7.16
CA ASP F 142 66.11 -42.97 5.86
C ASP F 142 64.62 -42.61 5.90
N LEU F 143 64.35 -41.38 6.35
CA LEU F 143 62.97 -40.90 6.43
C LEU F 143 62.36 -40.71 5.06
N SER F 144 63.17 -40.37 4.06
CA SER F 144 62.65 -40.03 2.75
C SER F 144 61.99 -41.23 2.08
N LYS F 145 62.48 -42.44 2.36
CA LYS F 145 61.85 -43.63 1.79
C LYS F 145 60.48 -43.91 2.41
N GLN F 146 60.26 -43.50 3.66
CA GLN F 146 58.99 -43.76 4.34
C GLN F 146 57.98 -42.66 4.07
N ILE F 147 58.43 -41.43 3.91
CA ILE F 147 57.54 -40.28 3.73
C ILE F 147 56.76 -40.45 2.42
N ALA F 148 57.42 -40.98 1.39
CA ALA F 148 56.76 -41.23 0.11
C ALA F 148 55.62 -42.24 0.27
N ILE F 149 55.88 -43.31 1.01
CA ILE F 149 54.89 -44.36 1.27
C ILE F 149 53.71 -43.75 2.02
N LEU F 150 54.01 -42.93 3.02
CA LEU F 150 52.95 -42.31 3.81
C LEU F 150 52.09 -41.39 2.95
N GLN F 151 52.74 -40.61 2.08
CA GLN F 151 52.02 -39.70 1.21
C GLN F 151 51.11 -40.46 0.25
N GLN F 152 51.61 -41.56 -0.32
CA GLN F 152 50.77 -42.35 -1.22
C GLN F 152 49.60 -42.97 -0.46
N LEU F 153 49.85 -43.45 0.76
CA LEU F 153 48.78 -44.04 1.56
C LEU F 153 47.69 -43.00 1.86
N PHE F 154 48.10 -41.79 2.21
CA PHE F 154 47.14 -40.72 2.44
C PHE F 154 46.35 -40.39 1.17
N ARG F 155 47.04 -40.30 0.03
CA ARG F 155 46.35 -39.96 -1.21
C ARG F 155 45.41 -41.06 -1.68
N ASN F 156 45.60 -42.30 -1.24
CA ASN F 156 44.75 -43.40 -1.66
C ASN F 156 43.55 -43.57 -0.74
N SER F 157 43.27 -42.61 0.13
CA SER F 157 42.20 -42.73 1.12
C SER F 157 40.92 -42.09 0.63
N VAL F 158 39.89 -42.19 1.46
CA VAL F 158 38.62 -41.52 1.19
C VAL F 158 38.79 -40.01 1.21
N TYR F 159 39.52 -39.48 2.18
CA TYR F 159 39.78 -38.04 2.26
C TYR F 159 40.86 -37.58 1.29
N GLY F 160 41.55 -38.51 0.63
CA GLY F 160 42.63 -38.15 -0.26
C GLY F 160 42.19 -37.93 -1.69
N GLY F 161 42.34 -36.70 -2.17
CA GLY F 161 41.97 -36.35 -3.51
C GLY F 161 42.17 -34.86 -3.72
N PRO F 162 42.64 -34.47 -4.91
CA PRO F 162 42.95 -33.06 -5.15
C PRO F 162 41.74 -32.16 -5.01
N THR F 163 40.68 -32.47 -5.76
CA THR F 163 39.45 -31.71 -5.67
C THR F 163 38.83 -31.85 -4.28
N VAL F 164 38.82 -33.07 -3.74
CA VAL F 164 38.20 -33.32 -2.44
C VAL F 164 38.93 -32.53 -1.36
N TYR F 165 40.26 -32.59 -1.36
CA TYR F 165 41.00 -31.89 -0.32
C TYR F 165 40.94 -30.39 -0.51
N ALA F 166 40.88 -29.92 -1.75
CA ALA F 166 40.72 -28.48 -1.98
C ALA F 166 39.40 -27.98 -1.40
N LEU F 167 38.33 -28.73 -1.62
CA LEU F 167 37.04 -28.37 -1.04
C LEU F 167 37.08 -28.43 0.49
N LEU F 168 37.75 -29.44 1.04
CA LEU F 168 37.89 -29.53 2.50
C LEU F 168 38.62 -28.32 3.06
N ARG F 169 39.70 -27.92 2.41
CA ARG F 169 40.49 -26.79 2.88
C ARG F 169 39.68 -25.49 2.81
N THR F 170 38.95 -25.31 1.71
CA THR F 170 38.13 -24.11 1.58
C THR F 170 37.04 -24.07 2.64
N ALA F 171 36.44 -25.23 2.92
CA ALA F 171 35.42 -25.28 3.96
C ALA F 171 36.01 -24.96 5.33
N ASN F 172 37.19 -25.50 5.63
CA ASN F 172 37.83 -25.21 6.91
C ASN F 172 38.14 -23.72 7.03
N GLU F 173 38.61 -23.11 5.94
CA GLU F 173 38.85 -21.67 5.94
C GLU F 173 37.57 -20.86 6.15
N LYS F 174 36.47 -21.29 5.55
CA LYS F 174 35.20 -20.57 5.63
C LYS F 174 34.42 -20.90 6.90
N HIS F 175 34.89 -21.85 7.71
CA HIS F 175 34.19 -22.30 8.91
C HIS F 175 32.82 -22.85 8.58
N ILE F 176 32.82 -23.95 7.82
CA ILE F 176 31.60 -24.63 7.41
C ILE F 176 31.74 -26.10 7.81
N PRO F 177 30.81 -26.65 8.59
CA PRO F 177 30.93 -28.06 8.99
C PRO F 177 30.83 -28.98 7.79
N ALA F 178 31.52 -30.12 7.88
CA ALA F 178 31.51 -31.11 6.81
C ALA F 178 31.92 -32.45 7.38
N PHE F 179 31.22 -33.51 6.97
CA PHE F 179 31.57 -34.84 7.46
C PHE F 179 31.18 -35.89 6.42
N TYR F 180 31.81 -37.04 6.53
CA TYR F 180 31.66 -38.10 5.54
C TYR F 180 30.54 -39.06 5.94
N LEU F 181 29.69 -39.40 4.98
CA LEU F 181 28.59 -40.33 5.18
C LEU F 181 28.97 -41.66 4.55
N TRP F 182 29.17 -42.68 5.38
CA TRP F 182 29.39 -44.03 4.89
C TRP F 182 28.08 -44.61 4.39
N ASP F 183 28.09 -45.91 4.08
CA ASP F 183 26.94 -46.58 3.49
C ASP F 183 26.60 -45.97 2.14
N GLU F 184 26.13 -44.72 2.15
CA GLU F 184 25.92 -44.00 0.90
C GLU F 184 27.25 -43.71 0.21
N GLY F 185 28.21 -43.19 0.96
CA GLY F 185 29.49 -42.81 0.39
C GLY F 185 29.48 -41.42 -0.17
N LEU F 186 29.15 -40.43 0.65
CA LEU F 186 29.08 -39.05 0.19
C LEU F 186 29.71 -38.15 1.23
N MET F 187 29.64 -36.84 1.00
CA MET F 187 30.15 -35.85 1.93
C MET F 187 29.07 -34.79 2.14
N GLN F 188 28.83 -34.40 3.39
CA GLN F 188 27.78 -33.46 3.72
C GLN F 188 28.40 -32.18 4.28
N TYR F 189 27.84 -31.03 3.86
CA TYR F 189 28.34 -29.72 4.21
C TYR F 189 27.34 -28.87 4.98
N GLY F 190 26.47 -29.47 5.78
CA GLY F 190 25.54 -28.65 6.54
C GLY F 190 24.74 -29.45 7.55
N TYR F 191 23.93 -28.72 8.31
CA TYR F 191 23.11 -29.29 9.36
C TYR F 191 21.63 -29.10 9.04
N GLY F 192 20.88 -30.19 9.08
CA GLY F 192 19.43 -30.09 8.99
C GLY F 192 18.96 -29.60 7.64
N LYS F 193 18.06 -28.60 7.67
CA LYS F 193 17.42 -28.14 6.44
C LYS F 193 18.41 -27.53 5.46
N GLN F 194 19.37 -26.78 5.95
CA GLN F 194 20.39 -26.17 5.08
C GLN F 194 21.54 -27.16 4.93
N GLN F 195 21.42 -28.07 3.98
CA GLN F 195 22.42 -29.10 3.78
C GLN F 195 22.63 -29.30 2.30
N VAL F 196 23.80 -29.83 1.93
CA VAL F 196 24.08 -30.20 0.55
C VAL F 196 25.03 -31.38 0.57
N ARG F 197 24.76 -32.37 -0.28
CA ARG F 197 25.54 -33.60 -0.34
C ARG F 197 26.06 -33.79 -1.76
N GLY F 198 27.31 -34.26 -1.87
CA GLY F 198 27.85 -34.52 -3.18
C GLY F 198 29.21 -35.19 -3.09
N ILE F 199 29.65 -35.70 -4.24
CA ILE F 199 30.95 -36.35 -4.36
C ILE F 199 31.74 -35.64 -5.45
N ALA F 200 32.93 -35.15 -5.11
CA ALA F 200 33.79 -34.39 -6.03
C ALA F 200 33.01 -33.17 -6.49
N THR F 201 32.77 -32.99 -7.80
CA THR F 201 32.06 -31.83 -8.30
C THR F 201 30.58 -32.08 -8.56
N THR F 202 30.11 -33.31 -8.41
CA THR F 202 28.70 -33.59 -8.56
C THR F 202 27.97 -33.29 -7.25
N PHE F 203 26.75 -32.79 -7.37
CA PHE F 203 25.95 -32.43 -6.20
C PHE F 203 24.55 -33.00 -6.35
N ASP F 204 23.77 -32.91 -5.28
CA ASP F 204 22.44 -33.50 -5.25
C ASP F 204 21.38 -32.64 -5.90
N VAL F 205 21.71 -31.42 -6.32
CA VAL F 205 20.76 -30.54 -6.99
C VAL F 205 20.92 -30.61 -8.51
N ASP F 206 21.65 -31.59 -9.03
CA ASP F 206 21.86 -31.73 -10.46
C ASP F 206 20.85 -32.70 -11.05
N SER F 207 20.31 -32.34 -12.20
CA SER F 207 19.22 -33.10 -12.81
C SER F 207 19.71 -34.44 -13.35
N HIS F 208 18.83 -35.44 -13.28
CA HIS F 208 19.10 -36.75 -13.83
C HIS F 208 18.98 -36.79 -15.34
N ILE F 209 18.20 -35.89 -15.93
CA ILE F 209 17.95 -35.94 -17.37
C ILE F 209 19.06 -35.24 -18.14
N ASP F 210 19.51 -34.09 -17.65
CA ASP F 210 20.55 -33.35 -18.34
C ASP F 210 21.85 -34.14 -18.41
N SER F 211 22.21 -34.82 -17.33
CA SER F 211 23.45 -35.59 -17.32
C SER F 211 23.41 -36.71 -18.35
N ASP F 212 22.26 -37.39 -18.46
CA ASP F 212 22.14 -38.44 -19.46
C ASP F 212 22.16 -37.86 -20.87
N PHE F 213 21.55 -36.69 -21.06
CA PHE F 213 21.53 -36.09 -22.39
C PHE F 213 22.93 -35.66 -22.82
N THR F 214 23.74 -35.20 -21.88
CA THR F 214 25.04 -34.65 -22.24
C THR F 214 25.99 -35.70 -22.80
N THR F 215 25.66 -36.98 -22.63
CA THR F 215 26.51 -38.06 -23.13
C THR F 215 26.03 -38.65 -24.46
N GLN F 216 25.10 -37.98 -25.14
CA GLN F 216 24.60 -38.52 -26.41
C GLN F 216 25.44 -38.10 -27.62
N LYS F 217 26.32 -37.11 -27.46
CA LYS F 217 27.27 -36.68 -28.50
C LYS F 217 26.58 -36.06 -29.70
N ASP F 218 25.97 -36.88 -30.56
CA ASP F 218 25.41 -36.37 -31.81
C ASP F 218 24.15 -35.55 -31.56
N ASP F 219 23.30 -35.98 -30.63
CA ASP F 219 22.09 -35.22 -30.34
C ASP F 219 22.42 -33.86 -29.74
N CYS F 220 23.45 -33.76 -28.92
CA CYS F 220 23.89 -32.45 -28.46
C CYS F 220 24.35 -31.60 -29.62
N LYS F 221 25.01 -32.21 -30.61
CA LYS F 221 25.43 -31.46 -31.79
C LYS F 221 24.24 -30.90 -32.54
N LYS F 222 23.22 -31.72 -32.76
CA LYS F 222 22.01 -31.25 -33.44
C LYS F 222 21.32 -30.15 -32.64
N PHE F 223 21.21 -30.34 -31.32
CA PHE F 223 20.56 -29.34 -30.48
C PHE F 223 21.29 -28.02 -30.53
N LEU F 224 22.63 -28.05 -30.48
CA LEU F 224 23.39 -26.80 -30.53
C LEU F 224 23.33 -26.17 -31.91
N GLN F 225 23.27 -26.99 -32.96
CA GLN F 225 23.21 -26.45 -34.31
C GLN F 225 21.90 -25.74 -34.58
N GLU F 226 20.78 -26.29 -34.08
CA GLU F 226 19.49 -25.69 -34.37
C GLU F 226 19.30 -24.33 -33.70
N LEU F 227 20.18 -23.94 -32.78
CA LEU F 227 20.14 -22.61 -32.18
C LEU F 227 21.13 -21.65 -32.81
N GLY F 228 21.76 -22.02 -33.92
CA GLY F 228 22.73 -21.15 -34.56
C GLY F 228 24.03 -21.02 -33.80
N PHE F 229 24.80 -22.11 -33.73
CA PHE F 229 26.09 -22.14 -33.07
C PHE F 229 27.10 -22.79 -34.01
N PRO F 230 28.37 -22.40 -33.92
CA PRO F 230 29.37 -22.96 -34.84
C PRO F 230 29.77 -24.37 -34.45
N VAL F 231 29.31 -25.34 -35.22
CA VAL F 231 29.66 -26.75 -35.00
C VAL F 231 30.03 -27.38 -36.33
N PRO F 232 30.80 -28.46 -36.34
CA PRO F 232 31.10 -29.16 -37.60
C PRO F 232 29.83 -29.65 -38.28
N GLN F 233 29.91 -29.74 -39.60
CA GLN F 233 28.74 -30.00 -40.44
C GLN F 233 28.65 -31.43 -40.94
N GLY F 234 29.35 -32.27 -40.48
CA GLY F 234 29.30 -33.65 -40.95
C GLY F 234 28.07 -34.39 -40.46
N ASP F 235 27.93 -35.58 -41.08
CA ASP F 235 26.79 -36.43 -40.78
C ASP F 235 27.28 -37.79 -40.30
N VAL F 236 26.41 -38.35 -39.48
CA VAL F 236 26.81 -39.66 -38.97
C VAL F 236 25.98 -40.77 -39.60
N LEU F 240 29.46 -47.82 -44.96
CA LEU F 240 30.56 -47.35 -45.81
C LEU F 240 30.16 -47.38 -47.27
N ALA F 241 29.18 -47.89 -47.40
CA ALA F 241 28.62 -48.03 -48.73
C ALA F 241 28.33 -46.65 -49.20
N GLU F 242 29.01 -46.17 -50.23
CA GLU F 242 28.86 -44.79 -50.62
C GLU F 242 29.17 -44.17 -49.28
N ALA F 243 28.60 -43.20 -48.76
CA ALA F 243 28.77 -42.88 -47.35
C ALA F 243 30.17 -42.37 -47.03
N LYS F 244 30.96 -42.10 -48.06
CA LYS F 244 32.37 -41.79 -47.87
C LYS F 244 32.30 -40.65 -48.86
N GLU F 245 31.77 -39.52 -48.42
CA GLU F 245 31.77 -38.30 -49.23
C GLU F 245 31.09 -38.87 -50.47
N VAL F 246 29.81 -39.78 -50.42
CA VAL F 246 28.95 -39.84 -51.58
C VAL F 246 28.55 -38.41 -51.81
N ALA F 247 28.12 -37.63 -50.88
CA ALA F 247 27.38 -36.40 -51.09
C ALA F 247 27.67 -36.05 -49.67
N ALA F 248 28.85 -36.26 -49.18
CA ALA F 248 29.26 -35.88 -47.82
C ALA F 248 30.44 -35.00 -48.20
N GLU F 249 30.52 -34.49 -49.53
CA GLU F 249 31.67 -33.73 -50.01
C GLU F 249 31.86 -32.25 -49.86
N ILE F 250 32.31 -31.88 -48.72
CA ILE F 250 32.61 -30.44 -48.70
C ILE F 250 33.99 -30.17 -48.14
N TYR F 252 34.76 -29.53 -48.83
CA TYR F 252 36.15 -29.31 -48.47
C TYR F 252 36.81 -30.65 -48.06
N PRO F 253 36.74 -31.70 -48.92
CA PRO F 253 37.30 -33.01 -48.54
C PRO F 253 38.66 -33.01 -47.91
N VAL F 254 38.81 -33.55 -46.69
CA VAL F 254 40.10 -33.37 -46.05
C VAL F 254 40.90 -34.64 -45.79
N GLU F 278 41.13 -44.08 -50.56
CA GLU F 278 40.14 -44.89 -49.85
C GLU F 278 40.80 -46.06 -49.14
N ALA F 279 41.82 -46.66 -49.75
CA ALA F 279 42.55 -47.76 -49.12
C ALA F 279 43.24 -47.30 -47.84
N ALA F 280 43.87 -46.12 -47.89
CA ALA F 280 44.53 -45.56 -46.72
C ALA F 280 43.51 -45.25 -45.64
N TYR F 281 42.37 -44.68 -46.02
CA TYR F 281 41.31 -44.39 -45.07
C TYR F 281 40.82 -45.67 -44.39
N ASP F 282 40.59 -46.71 -45.18
CA ASP F 282 40.10 -47.97 -44.63
C ASP F 282 41.12 -48.64 -43.73
N ARG F 283 42.41 -48.62 -44.08
CA ARG F 283 43.42 -49.22 -43.22
C ARG F 283 43.59 -48.41 -41.94
N ALA F 284 43.43 -47.09 -42.02
CA ALA F 284 43.44 -46.27 -40.81
C ALA F 284 42.26 -46.61 -39.91
N VAL F 285 41.07 -46.82 -40.49
CA VAL F 285 39.91 -47.21 -39.70
C VAL F 285 40.14 -48.58 -39.06
N GLU F 292 34.23 -44.86 -31.27
CA GLU F 292 33.98 -43.47 -31.66
C GLU F 292 32.92 -44.28 -32.39
N LYS F 293 31.95 -43.61 -33.01
CA LYS F 293 30.84 -44.34 -33.62
C LYS F 293 30.53 -43.82 -35.02
N ILE F 294 31.41 -44.11 -35.98
CA ILE F 294 31.17 -43.71 -37.37
C ILE F 294 30.88 -42.24 -37.66
N CYS F 295 31.55 -41.34 -36.96
CA CYS F 295 31.18 -39.94 -36.99
C CYS F 295 32.05 -39.65 -38.21
N ILE F 296 31.62 -39.57 -39.34
CA ILE F 296 32.38 -39.27 -40.55
C ILE F 296 32.91 -37.86 -40.54
N ILE F 297 32.02 -36.89 -40.34
CA ILE F 297 32.37 -35.45 -40.13
C ILE F 297 32.80 -33.98 -40.23
N VAL F 298 34.01 -33.73 -40.70
CA VAL F 298 34.71 -32.45 -40.63
C VAL F 298 34.77 -31.91 -42.06
N GLU F 299 33.67 -31.49 -42.60
CA GLU F 299 33.54 -30.52 -43.68
C GLU F 299 33.92 -29.07 -43.64
N ASN F 300 33.46 -28.36 -42.62
CA ASN F 300 33.77 -26.96 -42.46
C ASN F 300 35.05 -26.19 -42.17
N SER F 301 35.83 -26.65 -41.19
CA SER F 301 37.06 -25.94 -40.82
C SER F 301 37.78 -26.92 -39.87
N ILE F 302 38.98 -26.54 -39.47
CA ILE F 302 39.77 -27.31 -38.49
C ILE F 302 40.76 -26.23 -38.09
N ALA F 303 41.48 -26.49 -37.00
CA ALA F 303 42.50 -25.56 -36.51
C ALA F 303 43.41 -26.41 -35.63
N GLY F 304 44.36 -25.75 -34.96
CA GLY F 304 45.30 -26.48 -34.14
C GLY F 304 44.99 -26.42 -32.66
N HIS F 305 44.87 -25.22 -32.12
CA HIS F 305 44.87 -25.06 -30.67
C HIS F 305 43.54 -25.48 -30.05
N ASP F 306 43.65 -26.25 -28.96
CA ASP F 306 42.49 -26.74 -28.21
C ASP F 306 42.42 -26.02 -26.88
N TYR F 307 41.21 -25.56 -26.53
CA TYR F 307 40.99 -24.81 -25.30
C TYR F 307 39.83 -25.42 -24.55
N ARG F 308 39.83 -25.22 -23.23
CA ARG F 308 38.75 -25.66 -22.37
C ARG F 308 38.25 -24.49 -21.54
N LEU F 309 36.93 -24.31 -21.53
CA LEU F 309 36.28 -23.28 -20.74
C LEU F 309 35.41 -23.91 -19.67
N LEU F 310 35.38 -23.26 -18.51
CA LEU F 310 34.69 -23.76 -17.32
C LEU F 310 33.65 -22.75 -16.88
N CYS F 311 32.41 -23.19 -16.69
CA CYS F 311 31.32 -22.32 -16.28
C CYS F 311 30.72 -22.84 -14.99
N VAL F 312 30.49 -21.93 -14.04
CA VAL F 312 29.92 -22.26 -12.74
C VAL F 312 28.72 -21.36 -12.49
N ASN F 313 27.55 -21.97 -12.29
CA ASN F 313 26.32 -21.26 -11.98
C ASN F 313 25.97 -20.26 -13.08
N GLY F 314 26.16 -20.67 -14.33
CA GLY F 314 25.86 -19.83 -15.47
C GLY F 314 26.70 -18.57 -15.56
N ARG F 315 27.96 -18.67 -15.18
CA ARG F 315 28.91 -17.58 -15.29
C ARG F 315 30.21 -18.12 -15.86
N PHE F 316 31.09 -17.21 -16.27
CA PHE F 316 32.38 -17.57 -16.82
C PHE F 316 33.47 -17.37 -15.78
N VAL F 317 34.20 -18.44 -15.48
CA VAL F 317 35.39 -18.37 -14.64
C VAL F 317 36.44 -19.33 -15.20
N ALA F 318 37.63 -18.79 -15.49
CA ALA F 318 38.81 -19.57 -15.85
C ALA F 318 38.73 -20.23 -17.22
N ALA F 319 39.86 -20.30 -17.92
CA ALA F 319 39.99 -20.99 -19.19
C ALA F 319 41.42 -21.51 -19.30
N THR F 320 41.61 -22.55 -20.11
CA THR F 320 42.90 -23.23 -20.12
C THR F 320 43.26 -23.71 -21.51
N GLU F 321 44.54 -23.57 -21.87
CA GLU F 321 45.07 -24.06 -23.13
C GLU F 321 45.94 -25.29 -22.86
N ARG F 322 45.71 -26.34 -23.64
CA ARG F 322 46.43 -27.61 -23.51
C ARG F 322 47.52 -27.67 -24.57
N LYS F 323 48.76 -27.88 -24.13
CA LYS F 323 49.91 -27.91 -25.02
C LYS F 323 50.62 -29.25 -24.89
N PRO F 324 50.86 -29.95 -26.00
CA PRO F 324 51.48 -31.28 -25.93
C PRO F 324 52.97 -31.20 -25.60
N ALA F 325 53.57 -32.37 -25.45
CA ALA F 325 54.99 -32.48 -25.12
C ALA F 325 55.86 -32.20 -26.34
N TYR F 326 56.97 -31.50 -26.11
CA TYR F 326 57.93 -31.21 -27.17
C TYR F 326 59.33 -31.41 -26.64
N VAL F 327 60.27 -31.71 -27.54
CA VAL F 327 61.65 -31.96 -27.12
C VAL F 327 62.74 -31.28 -27.94
N VAL F 328 63.54 -30.42 -27.32
CA VAL F 328 64.56 -29.66 -28.10
C VAL F 328 65.78 -29.37 -27.23
N GLY F 329 66.79 -28.71 -27.81
CA GLY F 329 68.03 -28.40 -27.08
C GLY F 329 69.08 -28.93 -28.05
N ASP F 330 70.30 -28.41 -27.95
CA ASP F 330 71.42 -28.90 -28.83
C ASP F 330 72.06 -30.28 -28.78
N GLY F 331 72.21 -30.86 -27.58
CA GLY F 331 72.75 -32.20 -27.49
C GLY F 331 71.98 -32.94 -28.55
N TYR F 332 72.66 -33.76 -29.38
CA TYR F 332 71.94 -34.45 -30.47
C TYR F 332 70.81 -35.49 -30.68
N SER F 333 70.71 -36.57 -29.91
CA SER F 333 69.78 -37.63 -30.27
C SER F 333 69.05 -37.50 -28.96
N THR F 334 67.86 -36.92 -29.01
CA THR F 334 67.03 -36.78 -27.78
C THR F 334 66.76 -38.18 -27.23
N ILE F 335 66.47 -39.16 -28.10
CA ILE F 335 66.11 -40.52 -27.63
C ILE F 335 65.39 -40.33 -26.28
N ALA F 336 65.80 -41.07 -25.25
CA ALA F 336 65.21 -40.87 -23.90
C ALA F 336 66.13 -39.92 -23.13
N GLU F 337 67.19 -39.43 -23.78
CA GLU F 337 68.04 -38.45 -23.12
C GLU F 337 67.88 -37.02 -22.71
N LEU F 338 67.44 -36.14 -23.59
CA LEU F 338 67.40 -34.74 -23.24
C LEU F 338 66.09 -34.95 -22.53
N ILE F 339 65.35 -36.09 -22.93
CA ILE F 339 64.12 -36.22 -22.20
C ILE F 339 64.41 -36.76 -20.82
N GLU F 340 65.48 -37.66 -20.54
CA GLU F 340 65.40 -37.89 -19.11
C GLU F 340 66.29 -36.82 -18.50
N LYS F 341 67.01 -35.79 -19.23
CA LYS F 341 67.55 -34.60 -18.59
C LYS F 341 66.47 -33.58 -18.37
N GLU F 342 65.53 -33.49 -19.27
CA GLU F 342 64.41 -32.61 -19.04
C GLU F 342 63.82 -33.15 -17.77
N ASN F 343 63.79 -34.47 -17.65
CA ASN F 343 63.26 -35.10 -16.46
C ASN F 343 64.01 -34.74 -15.20
N PHE F 344 65.19 -34.16 -15.35
CA PHE F 344 65.89 -33.60 -14.20
C PHE F 344 65.59 -32.40 -13.33
N SER F 345 65.30 -31.05 -13.84
CA SER F 345 65.21 -30.01 -12.78
C SER F 345 63.78 -30.01 -12.13
N PRO F 346 62.38 -30.02 -12.90
CA PRO F 346 61.21 -30.04 -12.02
C PRO F 346 60.24 -31.16 -12.32
N ASN F 347 60.53 -31.98 -13.32
CA ASN F 347 59.63 -33.08 -13.64
C ASN F 347 60.17 -33.86 -12.45
N ARG F 348 59.40 -33.87 -11.36
CA ARG F 348 59.82 -34.58 -10.15
C ARG F 348 58.44 -35.18 -10.09
N SER F 349 58.22 -36.23 -10.88
CA SER F 349 56.93 -36.89 -10.91
C SER F 349 56.63 -37.36 -9.51
N ASP F 350 57.63 -37.84 -8.81
CA ASP F 350 57.40 -38.40 -7.49
C ASP F 350 56.74 -37.45 -6.51
N THR F 351 57.19 -36.21 -6.47
CA THR F 351 56.64 -35.24 -5.52
C THR F 351 55.21 -35.03 -5.94
N PRO F 352 54.26 -35.18 -5.00
CA PRO F 352 52.90 -34.95 -5.48
C PRO F 352 52.72 -33.48 -5.80
N THR F 353 53.74 -32.28 -5.62
CA THR F 353 53.68 -30.86 -5.93
C THR F 353 54.77 -30.51 -6.93
N SER F 354 54.37 -30.51 -8.19
CA SER F 354 55.33 -30.30 -9.23
C SER F 354 54.58 -29.76 -10.41
N PRO F 355 55.29 -29.06 -11.28
CA PRO F 355 54.69 -28.48 -12.49
C PRO F 355 53.94 -29.54 -13.24
N MET F 356 54.91 -30.49 -13.81
CA MET F 356 54.27 -31.58 -14.52
C MET F 356 54.97 -32.87 -14.18
N GLY F 357 54.36 -34.00 -14.48
CA GLY F 357 54.95 -35.30 -14.21
C GLY F 357 56.17 -35.59 -15.06
N LYS F 358 56.21 -36.76 -15.66
CA LYS F 358 57.32 -37.17 -16.50
C LYS F 358 56.79 -37.49 -17.89
N ILE F 359 57.66 -37.93 -18.78
CA ILE F 359 57.32 -38.22 -20.17
C ILE F 359 57.44 -39.71 -20.40
N ARG F 360 56.32 -40.37 -20.67
CA ARG F 360 56.33 -41.78 -21.04
C ARG F 360 55.81 -42.00 -22.45
N THR F 361 56.14 -43.12 -23.08
CA THR F 361 55.76 -43.29 -24.49
C THR F 361 54.54 -44.05 -24.98
N ASP F 362 54.60 -45.39 -24.99
CA ASP F 362 53.51 -46.16 -25.58
C ASP F 362 53.29 -45.46 -26.90
N GLU F 363 54.25 -45.23 -27.65
CA GLU F 363 54.27 -44.59 -28.97
C GLU F 363 53.29 -45.28 -29.90
N ALA F 364 52.16 -44.62 -30.20
CA ALA F 364 51.10 -45.28 -30.97
C ALA F 364 51.14 -44.09 -31.93
N MET F 365 51.72 -42.97 -31.50
CA MET F 365 51.87 -41.81 -32.36
C MET F 365 53.24 -41.93 -32.98
N HIS F 366 53.85 -43.11 -32.89
CA HIS F 366 55.12 -43.28 -33.56
C HIS F 366 54.77 -43.06 -35.00
N LEU F 367 53.65 -43.62 -35.42
CA LEU F 367 53.18 -43.41 -36.78
C LEU F 367 53.15 -41.93 -37.04
N TYR F 368 52.54 -41.19 -36.12
CA TYR F 368 52.47 -39.74 -36.27
C TYR F 368 53.86 -39.19 -36.60
N LEU F 369 54.82 -39.41 -35.71
CA LEU F 369 56.16 -38.91 -35.95
C LEU F 369 56.69 -39.47 -37.25
N GLU F 370 56.35 -40.73 -37.53
CA GLU F 370 56.79 -41.34 -38.75
C GLU F 370 56.24 -40.56 -39.93
N GLU F 371 55.08 -39.94 -39.73
CA GLU F 371 54.55 -39.10 -40.79
C GLU F 371 55.49 -37.94 -40.98
N GLN F 372 56.01 -37.40 -39.89
CA GLN F 372 57.00 -36.34 -40.01
C GLN F 372 58.33 -36.93 -40.46
N GLY F 373 58.41 -38.24 -40.53
CA GLY F 373 59.69 -38.89 -40.78
C GLY F 373 61.01 -39.22 -40.15
N LEU F 374 61.08 -39.17 -38.82
CA LEU F 374 62.32 -39.50 -38.11
C LEU F 374 62.43 -40.79 -37.31
N ASP F 375 63.66 -41.30 -37.16
CA ASP F 375 63.88 -42.52 -36.39
C ASP F 375 63.56 -42.22 -34.95
N LEU F 376 63.33 -43.25 -34.15
CA LEU F 376 63.03 -43.07 -32.74
C LEU F 376 64.27 -42.47 -32.10
N ASP F 377 65.48 -42.86 -32.44
CA ASP F 377 66.91 -42.85 -32.15
C ASP F 377 67.55 -41.87 -33.12
N SER F 378 67.44 -41.22 -34.25
CA SER F 378 68.35 -40.25 -34.80
C SER F 378 68.47 -38.79 -34.41
N VAL F 379 69.55 -38.11 -34.78
CA VAL F 379 69.63 -36.68 -34.45
C VAL F 379 69.56 -35.37 -35.22
N ILE F 380 69.16 -34.31 -34.54
CA ILE F 380 69.10 -32.99 -35.16
C ILE F 380 69.46 -31.79 -34.29
N ASP F 381 69.83 -30.65 -34.88
CA ASP F 381 70.10 -29.44 -34.10
C ASP F 381 69.40 -28.07 -34.24
N ARG F 382 68.58 -27.71 -33.26
CA ARG F 382 67.91 -26.40 -33.26
C ARG F 382 66.91 -26.28 -34.39
N ASP F 383 66.65 -27.38 -35.06
CA ASP F 383 65.69 -27.39 -36.16
C ASP F 383 64.42 -27.61 -35.42
N ARG F 384 63.55 -26.63 -35.49
CA ARG F 384 62.27 -26.73 -34.80
C ARG F 384 61.93 -27.03 -33.36
N THR F 385 61.02 -27.96 -33.14
CA THR F 385 60.58 -28.23 -31.79
C THR F 385 60.15 -29.45 -32.56
N ILE F 386 59.64 -30.46 -31.87
CA ILE F 386 59.23 -31.71 -32.51
C ILE F 386 58.14 -31.90 -31.45
N TYR F 387 57.17 -32.76 -31.72
CA TYR F 387 56.19 -33.02 -30.69
C TYR F 387 55.92 -34.50 -30.55
N LEU F 388 56.20 -35.03 -29.38
CA LEU F 388 56.06 -36.46 -29.17
C LEU F 388 54.65 -37.04 -29.28
N ARG F 389 53.66 -36.32 -28.76
CA ARG F 389 52.28 -36.78 -28.77
C ARG F 389 51.40 -35.73 -29.42
N LYS F 390 50.60 -36.13 -30.40
CA LYS F 390 49.71 -35.19 -31.07
C LYS F 390 48.59 -34.74 -30.15
N VAL F 391 47.96 -35.68 -29.45
CA VAL F 391 46.90 -35.38 -28.50
C VAL F 391 47.53 -35.02 -27.16
N ALA F 392 47.23 -33.81 -26.67
CA ALA F 392 47.81 -33.34 -25.42
C ALA F 392 47.25 -34.13 -24.25
N ASN F 393 48.04 -35.08 -23.75
CA ASN F 393 47.61 -35.88 -22.62
C ASN F 393 48.36 -35.39 -21.42
N LEU F 394 47.67 -34.76 -20.49
CA LEU F 394 48.35 -34.19 -19.34
C LEU F 394 48.99 -35.27 -18.50
N SER F 395 48.64 -36.53 -18.76
CA SER F 395 49.27 -37.61 -18.05
C SER F 395 50.73 -37.73 -18.50
N SER F 396 50.93 -37.97 -19.79
CA SER F 396 52.29 -38.16 -20.29
C SER F 396 52.85 -36.89 -20.93
N GLY F 397 53.41 -36.01 -20.12
CA GLY F 397 54.05 -34.83 -20.67
C GLY F 397 53.35 -33.58 -21.17
N GLY F 398 52.02 -33.60 -21.28
CA GLY F 398 51.30 -32.46 -21.83
C GLY F 398 51.18 -31.48 -20.67
N PHE F 399 51.05 -30.21 -20.98
CA PHE F 399 50.97 -29.20 -19.94
C PHE F 399 49.86 -28.16 -20.11
N SER F 400 49.56 -27.40 -19.06
CA SER F 400 48.48 -26.43 -19.08
C SER F 400 48.90 -24.97 -18.94
N ILE F 401 48.28 -24.11 -19.75
CA ILE F 401 48.63 -22.70 -19.76
C ILE F 401 47.39 -21.86 -19.50
N ASP F 402 47.50 -20.92 -18.58
CA ASP F 402 46.40 -20.03 -18.26
C ASP F 402 46.08 -19.13 -19.45
N ALA F 403 44.79 -18.95 -19.71
CA ALA F 403 44.33 -18.07 -20.78
C ALA F 403 43.12 -17.26 -20.36
N THR F 404 43.00 -16.95 -19.08
CA THR F 404 41.76 -16.37 -18.57
C THR F 404 41.59 -14.92 -18.98
N ASN F 405 42.65 -14.11 -18.91
CA ASN F 405 42.54 -12.67 -19.08
C ASN F 405 42.81 -12.20 -20.50
N ARG F 406 42.80 -13.11 -21.47
CA ARG F 406 43.00 -12.74 -22.87
C ARG F 406 41.97 -13.44 -23.76
N VAL F 407 40.70 -13.34 -23.40
CA VAL F 407 39.60 -13.88 -24.21
C VAL F 407 38.69 -12.73 -24.62
N HIS F 408 38.23 -12.77 -25.86
CA HIS F 408 37.31 -11.75 -26.36
C HIS F 408 35.98 -11.83 -25.61
N PRO F 409 35.39 -10.67 -25.27
CA PRO F 409 34.10 -10.71 -24.55
C PRO F 409 33.01 -11.43 -25.32
N ASP F 410 33.09 -11.46 -26.66
CA ASP F 410 32.10 -12.16 -27.44
C ASP F 410 32.07 -13.65 -27.12
N ASN F 411 33.24 -14.26 -26.97
CA ASN F 411 33.30 -15.66 -26.60
C ASN F 411 32.75 -15.90 -25.20
N ILE F 412 32.98 -14.96 -24.29
CA ILE F 412 32.40 -15.06 -22.95
C ILE F 412 30.89 -15.08 -23.03
N ILE F 413 30.31 -14.19 -23.85
CA ILE F 413 28.86 -14.15 -24.00
C ILE F 413 28.35 -15.46 -24.60
N LEU F 414 29.06 -15.98 -25.61
CA LEU F 414 28.64 -17.24 -26.22
C LEU F 414 28.63 -18.38 -25.21
N ALA F 415 29.70 -18.49 -24.41
CA ALA F 415 29.77 -19.56 -23.42
C ALA F 415 28.66 -19.42 -22.38
N GLN F 416 28.43 -18.19 -21.90
CA GLN F 416 27.37 -17.98 -20.91
C GLN F 416 26.01 -18.35 -21.48
N ASP F 417 25.78 -18.03 -22.76
CA ASP F 417 24.51 -18.40 -23.37
C ASP F 417 24.35 -19.90 -23.48
N ILE F 418 25.42 -20.62 -23.83
CA ILE F 418 25.31 -22.07 -23.89
C ILE F 418 25.04 -22.66 -22.50
N ALA F 419 25.64 -22.06 -21.46
CA ALA F 419 25.54 -22.63 -20.13
C ALA F 419 24.11 -22.64 -19.60
N GLN F 420 23.37 -21.55 -19.80
CA GLN F 420 22.09 -21.40 -19.13
C GLN F 420 20.95 -22.13 -19.84
N HIS F 421 21.20 -23.38 -20.23
CA HIS F 421 20.16 -24.22 -20.80
C HIS F 421 20.06 -25.58 -20.11
N PHE F 422 20.90 -25.84 -19.11
CA PHE F 422 20.88 -27.09 -18.36
C PHE F 422 20.84 -26.77 -16.88
N ARG F 423 20.33 -27.73 -16.09
CA ARG F 423 20.19 -27.55 -14.65
C ARG F 423 21.40 -28.06 -13.87
N LEU F 424 22.58 -28.04 -14.47
CA LEU F 424 23.81 -28.42 -13.80
C LEU F 424 24.44 -27.20 -13.13
N THR F 425 25.47 -27.45 -12.32
CA THR F 425 26.17 -26.39 -11.62
C THR F 425 27.56 -26.10 -12.19
N CYS F 426 28.21 -27.09 -12.80
CA CYS F 426 29.51 -26.91 -13.40
C CYS F 426 29.50 -27.52 -14.79
N LEU F 427 29.93 -26.75 -15.78
CA LEU F 427 29.89 -27.20 -17.17
C LEU F 427 31.24 -26.94 -17.82
N GLY F 428 31.68 -27.89 -18.64
CA GLY F 428 32.94 -27.73 -19.34
C GLY F 428 32.80 -27.82 -20.85
N ILE F 429 33.38 -26.88 -21.57
CA ILE F 429 33.23 -26.77 -23.02
C ILE F 429 34.60 -26.88 -23.67
N ASP F 430 34.70 -27.72 -24.70
CA ASP F 430 35.94 -27.89 -25.45
C ASP F 430 35.82 -27.22 -26.80
N ILE F 431 36.80 -26.38 -27.15
CA ILE F 431 36.77 -25.64 -28.40
C ILE F 431 38.12 -25.79 -29.11
N ILE F 432 38.08 -25.60 -30.44
CA ILE F 432 39.27 -25.60 -31.28
C ILE F 432 39.31 -24.26 -32.00
N THR F 433 40.38 -23.50 -31.81
CA THR F 433 40.45 -22.14 -32.31
C THR F 433 41.81 -21.87 -32.94
N ASN F 434 41.80 -21.03 -33.98
CA ASN F 434 43.04 -20.52 -34.54
C ASN F 434 43.64 -19.42 -33.67
N ASP F 435 42.81 -18.61 -33.04
CA ASP F 435 43.28 -17.56 -32.13
C ASP F 435 42.14 -17.17 -31.20
N ILE F 436 42.38 -17.28 -29.89
CA ILE F 436 41.34 -17.02 -28.91
C ILE F 436 41.14 -15.55 -28.60
N GLY F 437 42.00 -14.67 -29.12
CA GLY F 437 41.94 -13.28 -28.77
C GLY F 437 40.96 -12.42 -29.52
N ARG F 438 40.31 -12.96 -30.56
CA ARG F 438 39.39 -12.18 -31.38
C ARG F 438 38.01 -12.82 -31.33
N SER F 439 37.06 -12.23 -32.05
CA SER F 439 35.70 -12.74 -32.07
C SER F 439 35.62 -14.02 -32.91
N TRP F 440 34.60 -14.82 -32.61
CA TRP F 440 34.41 -16.10 -33.29
C TRP F 440 33.75 -15.95 -34.66
N LYS F 441 33.17 -14.79 -34.95
CA LYS F 441 32.50 -14.60 -36.24
C LYS F 441 33.51 -14.39 -37.36
N GLU F 442 34.63 -13.72 -37.06
CA GLU F 442 35.64 -13.40 -38.05
C GLU F 442 36.80 -14.38 -38.06
N THR F 443 36.74 -15.44 -37.27
CA THR F 443 37.81 -16.43 -37.18
C THR F 443 37.21 -17.83 -37.25
N SER F 444 38.04 -18.79 -37.64
CA SER F 444 37.63 -20.18 -37.61
C SER F 444 37.38 -20.62 -36.17
N PHE F 445 36.28 -21.33 -35.95
CA PHE F 445 35.84 -21.66 -34.61
C PHE F 445 35.08 -22.98 -34.65
N GLY F 446 34.95 -23.60 -33.49
CA GLY F 446 34.23 -24.86 -33.40
C GLY F 446 33.95 -25.33 -31.99
N ILE F 447 32.89 -26.12 -31.84
CA ILE F 447 32.53 -26.72 -30.56
C ILE F 447 32.46 -28.23 -30.76
N ILE F 448 33.18 -28.98 -29.94
CA ILE F 448 33.37 -30.41 -30.13
C ILE F 448 32.73 -31.23 -29.01
N GLU F 449 32.87 -30.78 -27.77
CA GLU F 449 32.44 -31.57 -26.63
C GLU F 449 31.95 -30.68 -25.51
N ILE F 450 30.93 -31.18 -24.80
CA ILE F 450 30.41 -30.57 -23.58
C ILE F 450 30.35 -31.64 -22.50
N ASN F 451 30.86 -31.32 -21.33
CA ASN F 451 31.01 -32.27 -20.24
C ASN F 451 30.34 -31.74 -18.97
N ALA F 452 29.74 -32.66 -18.21
CA ALA F 452 28.91 -32.31 -17.08
C ALA F 452 29.63 -32.37 -15.74
N ALA F 453 30.66 -33.21 -15.61
CA ALA F 453 31.40 -33.38 -14.36
C ALA F 453 32.88 -33.12 -14.65
N PRO F 454 33.28 -31.85 -14.74
CA PRO F 454 34.66 -31.54 -15.15
C PRO F 454 35.61 -31.58 -13.96
N GLY F 455 36.83 -32.02 -14.23
CA GLY F 455 37.89 -31.91 -13.23
C GLY F 455 38.46 -30.50 -13.23
N VAL F 456 38.60 -29.92 -12.05
CA VAL F 456 39.01 -28.53 -11.94
C VAL F 456 40.41 -28.42 -11.35
N TYR F 457 41.22 -29.47 -11.51
CA TYR F 457 42.57 -29.43 -10.99
C TYR F 457 43.50 -28.55 -11.83
N MET F 458 43.26 -28.49 -13.14
CA MET F 458 44.10 -27.71 -14.04
C MET F 458 44.07 -26.22 -13.66
N HIS F 459 42.90 -25.71 -13.35
CA HIS F 459 42.76 -24.29 -13.04
C HIS F 459 43.33 -23.92 -11.67
N LEU F 460 43.67 -24.90 -10.84
CA LEU F 460 44.22 -24.66 -9.51
C LEU F 460 45.74 -24.69 -9.50
N LYS F 461 46.34 -25.59 -10.27
CA LYS F 461 47.79 -25.79 -10.28
C LYS F 461 48.28 -25.74 -11.72
N PRO F 462 48.33 -24.56 -12.31
CA PRO F 462 48.82 -24.45 -13.70
C PRO F 462 50.33 -24.51 -13.76
N ALA F 463 50.83 -25.08 -14.86
CA ALA F 463 52.28 -25.15 -15.07
C ALA F 463 52.87 -23.76 -15.25
N ILE F 464 52.26 -22.95 -16.12
CA ILE F 464 52.71 -21.60 -16.41
C ILE F 464 51.53 -20.66 -16.25
N GLY F 465 51.69 -19.62 -15.44
CA GLY F 465 50.66 -18.63 -15.22
C GLY F 465 50.39 -18.44 -13.76
N GLU F 466 49.22 -17.87 -13.45
CA GLU F 466 48.81 -17.61 -12.09
C GLU F 466 47.66 -18.53 -11.69
N PRO F 467 47.61 -18.96 -10.43
CA PRO F 467 46.49 -19.79 -9.98
C PRO F 467 45.18 -19.01 -9.94
N VAL F 468 44.09 -19.72 -10.18
CA VAL F 468 42.74 -19.18 -10.08
C VAL F 468 41.94 -20.09 -9.15
N ASP F 469 41.27 -19.49 -8.18
CA ASP F 469 40.49 -20.25 -7.21
C ASP F 469 39.09 -20.52 -7.74
N VAL F 470 38.76 -21.79 -7.88
CA VAL F 470 37.44 -22.20 -8.35
C VAL F 470 36.56 -22.77 -7.26
N THR F 471 37.13 -23.31 -6.17
CA THR F 471 36.33 -23.88 -5.10
C THR F 471 35.62 -22.80 -4.32
N ALA F 472 36.22 -21.61 -4.21
CA ALA F 472 35.56 -20.52 -3.51
C ALA F 472 34.24 -20.15 -4.18
N ARG F 473 34.22 -20.09 -5.51
CA ARG F 473 32.99 -19.82 -6.23
C ARG F 473 31.95 -20.90 -5.98
N ILE F 474 32.38 -22.16 -6.00
CA ILE F 474 31.48 -23.29 -5.81
C ILE F 474 30.82 -23.22 -4.45
N LEU F 475 31.61 -22.94 -3.41
CA LEU F 475 31.04 -22.87 -2.08
C LEU F 475 30.20 -21.61 -1.86
N GLU F 476 30.55 -20.51 -2.54
CA GLU F 476 29.73 -19.31 -2.40
C GLU F 476 28.43 -19.42 -3.18
N THR F 477 28.35 -20.36 -4.12
CA THR F 477 27.09 -20.59 -4.81
C THR F 477 25.99 -20.99 -3.84
N PHE F 478 26.29 -21.90 -2.92
CA PHE F 478 25.28 -22.40 -1.99
C PHE F 478 25.18 -21.54 -0.74
N PHE F 479 26.29 -21.39 -0.02
CA PHE F 479 26.28 -20.61 1.20
C PHE F 479 26.82 -19.21 0.94
N GLU F 480 26.35 -18.26 1.75
CA GLU F 480 26.83 -16.88 1.68
C GLU F 480 27.73 -16.54 2.86
N THR F 481 27.25 -16.74 4.09
CA THR F 481 28.08 -16.60 5.26
C THR F 481 28.16 -17.95 5.98
N GLU F 482 28.81 -17.97 7.14
CA GLU F 482 28.75 -19.15 8.00
C GLU F 482 27.50 -19.19 8.86
N LYS F 483 26.75 -18.10 8.94
CA LYS F 483 25.55 -18.09 9.75
C LYS F 483 24.48 -19.00 9.17
N ASN F 484 24.28 -18.96 7.86
CA ASN F 484 23.24 -19.77 7.25
C ASN F 484 23.78 -21.12 6.78
N ALA F 485 24.41 -21.85 7.69
CA ALA F 485 24.79 -23.24 7.42
C ALA F 485 24.57 -24.08 8.67
N ARG F 486 24.02 -23.47 9.71
CA ARG F 486 23.88 -24.10 11.02
C ARG F 486 22.46 -23.92 11.54
N ILE F 487 22.12 -24.73 12.55
CA ILE F 487 20.80 -24.66 13.18
C ILE F 487 20.99 -24.57 14.69
N PRO F 488 20.01 -24.03 15.40
CA PRO F 488 20.12 -23.95 16.87
C PRO F 488 20.29 -25.32 17.52
N ILE F 489 21.21 -25.39 18.46
CA ILE F 489 21.56 -26.60 19.18
C ILE F 489 21.54 -26.32 20.67
N ILE F 490 20.93 -27.21 21.45
CA ILE F 490 20.87 -27.12 22.89
C ILE F 490 21.52 -28.36 23.49
N THR F 491 22.43 -28.15 24.44
CA THR F 491 23.19 -29.22 25.07
C THR F 491 22.81 -29.29 26.54
N PHE F 492 22.51 -30.49 27.02
CA PHE F 492 22.20 -30.74 28.42
C PHE F 492 23.28 -31.62 29.03
N ASN F 493 23.15 -31.84 30.33
CA ASN F 493 24.04 -32.73 31.07
C ASN F 493 23.35 -33.98 31.56
N ARG F 494 22.12 -33.86 32.07
CA ARG F 494 21.32 -35.00 32.49
C ARG F 494 19.85 -34.57 32.45
N VAL F 495 19.02 -35.35 31.77
CA VAL F 495 17.62 -34.98 31.58
C VAL F 495 16.84 -36.24 31.22
N SER F 496 15.52 -36.19 31.41
CA SER F 496 14.63 -37.31 31.15
C SER F 496 13.64 -36.95 30.04
N ILE F 497 12.82 -37.94 29.67
CA ILE F 497 11.91 -37.78 28.54
C ILE F 497 10.86 -36.71 28.82
N ARG F 498 10.26 -36.73 30.01
CA ARG F 498 9.13 -35.85 30.30
C ARG F 498 9.55 -34.38 30.23
N GLN F 499 10.73 -34.06 30.74
CA GLN F 499 11.23 -32.69 30.65
C GLN F 499 11.43 -32.30 29.19
N LEU F 500 11.93 -33.22 28.36
CA LEU F 500 12.11 -32.94 26.95
C LEU F 500 10.77 -32.65 26.27
N GLN F 501 9.74 -33.45 26.58
CA GLN F 501 8.43 -33.22 25.98
C GLN F 501 7.88 -31.87 26.41
N LYS F 502 8.04 -31.52 27.69
CA LYS F 502 7.56 -30.23 28.16
C LYS F 502 8.27 -29.08 27.45
N LEU F 503 9.60 -29.18 27.30
CA LEU F 503 10.36 -28.12 26.64
C LEU F 503 9.99 -27.99 25.17
N SER F 504 9.85 -29.12 24.48
CA SER F 504 9.49 -29.07 23.06
C SER F 504 8.11 -28.50 22.85
N ASP F 505 7.15 -28.86 23.72
CA ASP F 505 5.83 -28.27 23.62
C ASP F 505 5.87 -26.77 23.87
N ARG F 506 6.65 -26.34 24.87
CA ARG F 506 6.77 -24.92 25.15
C ARG F 506 7.32 -24.18 23.94
N ILE F 507 8.33 -24.75 23.27
CA ILE F 507 8.89 -24.11 22.08
C ILE F 507 7.87 -24.07 20.96
N LEU F 508 7.16 -25.19 20.74
CA LEU F 508 6.16 -25.25 19.67
C LEU F 508 5.00 -24.29 19.88
N MET F 509 4.75 -23.87 21.12
CA MET F 509 3.70 -22.86 21.33
C MET F 509 4.01 -21.56 20.62
N SER F 510 5.29 -21.31 20.30
CA SER F 510 5.68 -20.09 19.60
C SER F 510 5.73 -20.28 18.09
N HIS F 511 6.50 -21.28 17.63
CA HIS F 511 6.60 -21.58 16.20
C HIS F 511 5.85 -22.88 15.94
N PRO F 512 4.61 -22.83 15.42
CA PRO F 512 3.84 -24.07 15.30
C PRO F 512 4.28 -24.97 14.16
N ASP F 513 5.02 -24.44 13.19
CA ASP F 513 5.36 -25.24 12.01
C ASP F 513 6.76 -25.82 12.03
N TRP F 514 7.52 -25.65 13.11
CA TRP F 514 8.89 -26.14 13.15
C TRP F 514 8.93 -27.65 13.34
N THR F 515 10.11 -28.22 13.09
CA THR F 515 10.41 -29.61 13.40
C THR F 515 11.57 -29.65 14.37
N ILE F 516 11.38 -30.32 15.50
CA ILE F 516 12.33 -30.30 16.61
C ILE F 516 12.76 -31.72 16.92
N GLY F 517 14.06 -31.94 17.04
CA GLY F 517 14.59 -33.27 17.34
C GLY F 517 15.25 -33.28 18.71
N ALA F 518 14.99 -34.34 19.48
CA ALA F 518 15.52 -34.46 20.83
C ALA F 518 16.01 -35.87 21.07
N VAL F 519 17.18 -35.99 21.70
CA VAL F 519 17.77 -37.30 21.97
C VAL F 519 18.39 -37.29 23.37
N CYS F 520 18.21 -38.39 24.10
CA CYS F 520 18.80 -38.55 25.41
C CYS F 520 19.21 -40.01 25.58
N ARG F 521 19.43 -40.44 26.81
CA ARG F 521 20.02 -41.74 27.08
C ARG F 521 19.03 -42.89 27.00
N GLU F 522 17.72 -42.62 26.97
CA GLU F 522 16.74 -43.69 26.91
C GLU F 522 15.60 -43.46 25.94
N GLY F 523 15.67 -42.44 25.09
CA GLY F 523 14.62 -42.21 24.11
C GLY F 523 15.04 -41.17 23.10
N ILE F 524 14.29 -41.15 22.00
CA ILE F 524 14.51 -40.20 20.91
C ILE F 524 13.15 -39.73 20.40
N LEU F 525 12.99 -38.42 20.19
CA LEU F 525 11.71 -37.84 19.86
C LEU F 525 11.83 -36.88 18.69
N ILE F 526 10.81 -36.90 17.82
CA ILE F 526 10.53 -35.83 16.88
C ILE F 526 9.23 -35.18 17.31
N ASN F 527 9.31 -33.91 17.70
CA ASN F 527 8.18 -33.18 18.28
C ASN F 527 7.64 -33.92 19.50
N ARG F 528 6.59 -34.72 19.32
CA ARG F 528 5.97 -35.44 20.43
C ARG F 528 5.96 -36.94 20.26
N SER F 529 6.39 -37.46 19.11
CA SER F 529 6.29 -38.88 18.81
C SER F 529 7.59 -39.59 19.18
N GLU F 530 7.49 -40.91 19.33
CA GLU F 530 8.61 -41.74 19.75
C GLU F 530 9.10 -42.61 18.62
N LYS F 531 10.42 -42.79 18.55
CA LYS F 531 11.05 -43.59 17.53
C LYS F 531 11.95 -44.66 18.15
N ILE F 532 12.71 -45.37 17.33
CA ILE F 532 13.55 -46.47 17.81
C ILE F 532 14.95 -45.94 18.10
N LEU F 533 15.57 -46.49 19.15
CA LEU F 533 16.89 -46.07 19.60
C LEU F 533 17.94 -47.08 19.18
N ASN F 534 19.07 -46.57 18.68
CA ASN F 534 20.14 -47.41 18.19
C ASN F 534 21.12 -47.73 19.32
N ARG F 535 21.71 -48.93 19.25
CA ARG F 535 22.60 -49.37 20.32
C ARG F 535 23.85 -48.50 20.43
N HIS F 536 24.43 -48.11 19.29
CA HIS F 536 25.59 -47.22 19.28
C HIS F 536 25.12 -45.79 19.45
N TYR F 537 25.52 -45.14 20.55
CA TYR F 537 24.90 -43.88 20.93
C TYR F 537 25.16 -42.78 19.91
N ASN F 538 26.38 -42.72 19.36
CA ASN F 538 26.75 -41.58 18.54
C ASN F 538 26.05 -41.57 17.18
N THR F 539 25.54 -42.70 16.71
CA THR F 539 24.88 -42.72 15.41
C THR F 539 23.51 -42.06 15.45
N ASN F 540 22.90 -41.93 16.62
CA ASN F 540 21.61 -41.25 16.71
C ASN F 540 21.73 -39.77 16.36
N VAL F 541 22.81 -39.13 16.80
CA VAL F 541 23.03 -37.73 16.45
C VAL F 541 23.26 -37.59 14.95
N LEU F 542 23.97 -38.55 14.35
CA LEU F 542 24.16 -38.54 12.90
C LEU F 542 22.83 -38.67 12.18
N ASN F 543 21.98 -39.60 12.63
CA ASN F 543 20.68 -39.78 11.99
C ASN F 543 19.83 -38.52 12.12
N LEU F 544 19.89 -37.85 13.27
CA LEU F 544 19.16 -36.60 13.41
C LEU F 544 19.72 -35.49 12.54
N LEU F 545 21.02 -35.43 12.33
CA LEU F 545 21.60 -34.40 11.47
C LEU F 545 21.43 -34.69 9.99
N ARG F 546 21.14 -35.93 9.61
CA ARG F 546 20.89 -36.23 8.20
C ARG F 546 19.46 -35.87 7.79
N ASN F 547 18.59 -35.59 8.74
CA ASN F 547 17.19 -35.33 8.42
C ASN F 547 17.06 -34.00 7.68
N PRO F 548 16.48 -33.98 6.48
CA PRO F 548 16.42 -32.74 5.68
C PRO F 548 15.30 -31.77 6.07
N LYS F 549 14.71 -31.91 7.25
CA LYS F 549 13.66 -30.98 7.67
C LYS F 549 13.86 -30.44 9.08
N LEU F 550 14.98 -30.72 9.73
CA LEU F 550 15.19 -30.38 11.14
C LEU F 550 15.36 -28.88 11.27
N ASP F 551 14.82 -28.31 12.35
CA ASP F 551 14.99 -26.88 12.62
C ASP F 551 15.78 -26.64 13.90
N LEU F 552 15.68 -27.55 14.87
CA LEU F 552 16.35 -27.36 16.16
C LEU F 552 16.72 -28.71 16.74
N LEU F 553 17.88 -28.76 17.41
CA LEU F 553 18.41 -30.00 17.98
C LEU F 553 18.57 -29.86 19.49
N ILE F 554 18.23 -30.93 20.21
CA ILE F 554 18.41 -31.01 21.66
C ILE F 554 19.11 -32.32 21.97
N ALA F 555 20.28 -32.23 22.61
CA ALA F 555 21.09 -33.41 22.86
C ALA F 555 21.64 -33.37 24.28
N GLU F 556 21.99 -34.56 24.78
CA GLU F 556 22.51 -34.73 26.13
C GLU F 556 23.75 -35.61 26.09
N TYR F 557 24.83 -35.16 26.72
CA TYR F 557 26.07 -35.89 26.80
C TYR F 557 26.48 -36.05 28.27
N ASP F 558 26.69 -37.30 28.69
CA ASP F 558 27.14 -37.59 30.03
C ASP F 558 28.63 -37.91 30.01
N GLU F 559 29.16 -38.34 31.16
CA GLU F 559 30.61 -38.56 31.27
C GLU F 559 31.06 -39.78 30.48
N ASP F 560 30.32 -40.88 30.57
CA ASP F 560 30.74 -42.11 29.92
C ASP F 560 30.78 -41.94 28.41
N ALA F 561 29.73 -41.36 27.83
CA ALA F 561 29.71 -41.13 26.39
C ALA F 561 30.79 -40.15 25.98
N LEU F 562 30.97 -39.08 26.75
CA LEU F 562 31.96 -38.07 26.40
C LEU F 562 33.37 -38.65 26.42
N GLU F 563 33.64 -39.57 27.35
CA GLU F 563 34.96 -40.19 27.42
C GLU F 563 35.14 -41.25 26.34
N ALA F 564 34.07 -41.97 25.98
CA ALA F 564 34.19 -43.02 24.99
C ALA F 564 34.46 -42.45 23.61
N GLU F 565 33.55 -41.62 23.11
CA GLU F 565 33.75 -40.89 21.86
C GLU F 565 33.35 -39.45 22.09
N GLY F 566 34.18 -38.52 21.60
CA GLY F 566 34.06 -37.15 22.06
C GLY F 566 32.72 -36.52 21.75
N MET F 567 32.44 -36.28 20.47
CA MET F 567 31.24 -35.56 20.07
C MET F 567 31.01 -35.81 18.60
N PHE F 568 30.00 -35.12 18.05
CA PHE F 568 29.76 -35.12 16.62
C PHE F 568 29.59 -33.73 16.04
N TYR F 569 29.16 -32.75 16.84
CA TYR F 569 28.97 -31.39 16.37
C TYR F 569 29.92 -30.45 17.08
N HIS F 570 29.99 -29.22 16.60
CA HIS F 570 30.90 -28.21 17.10
C HIS F 570 30.11 -26.95 17.44
N GLY F 571 30.17 -26.53 18.70
CA GLY F 571 29.52 -25.31 19.13
C GLY F 571 28.16 -25.57 19.77
N SER F 572 27.64 -24.53 20.43
CA SER F 572 26.33 -24.61 21.06
C SER F 572 25.78 -23.19 21.22
N ASN F 573 24.48 -23.11 21.47
CA ASN F 573 23.80 -21.84 21.67
C ASN F 573 23.23 -21.68 23.07
N LEU F 574 23.22 -22.76 23.87
CA LEU F 574 22.68 -22.71 25.22
C LEU F 574 23.16 -23.92 26.00
N VAL F 575 23.83 -23.71 27.12
CA VAL F 575 24.39 -24.82 27.90
C VAL F 575 23.81 -24.81 29.30
N VAL F 576 23.44 -25.99 29.79
CA VAL F 576 22.85 -26.16 31.10
C VAL F 576 23.57 -27.27 31.86
N LEU F 577 24.09 -26.95 33.04
CA LEU F 577 24.76 -27.92 33.89
C LEU F 577 24.08 -28.01 35.25
N GLU F 578 23.85 -29.24 35.68
CA GLU F 578 23.29 -29.52 37.00
C GLU F 578 24.22 -30.47 37.74
N ASP F 579 24.83 -29.99 38.82
CA ASP F 579 25.85 -30.72 39.55
C ASP F 579 26.95 -31.25 38.64
N PRO F 580 27.66 -30.37 37.93
CA PRO F 580 28.67 -30.84 36.97
C PRO F 580 29.84 -31.50 37.68
N SER F 581 30.46 -32.46 36.99
CA SER F 581 31.70 -33.04 37.46
C SER F 581 32.89 -32.29 36.87
N GLU F 582 34.09 -32.78 37.15
CA GLU F 582 35.30 -32.15 36.64
C GLU F 582 35.36 -32.21 35.12
N ILE F 583 35.08 -33.38 34.54
CA ILE F 583 35.07 -33.50 33.08
C ILE F 583 33.91 -32.71 32.49
N GLU F 584 32.72 -32.90 33.06
CA GLU F 584 31.52 -32.32 32.47
C GLU F 584 31.42 -30.83 32.73
N MET F 585 32.51 -30.12 32.46
CA MET F 585 32.54 -28.68 32.36
C MET F 585 33.29 -28.22 31.13
N ILE F 586 34.01 -29.12 30.46
CA ILE F 586 34.70 -28.81 29.21
C ILE F 586 33.67 -28.43 28.15
N LEU F 587 32.40 -28.67 28.44
CA LEU F 587 31.32 -28.31 27.54
C LEU F 587 31.15 -26.80 27.45
N THR F 588 31.85 -26.06 28.32
CA THR F 588 31.84 -24.61 28.28
C THR F 588 32.93 -24.01 27.42
N ARG F 589 33.86 -24.82 26.90
CA ARG F 589 34.96 -24.28 26.11
C ARG F 589 34.52 -23.89 24.71
N ASP F 590 33.46 -24.51 24.19
CA ASP F 590 33.01 -24.29 22.82
C ASP F 590 31.69 -23.52 22.85
N VAL F 591 31.79 -22.19 22.84
CA VAL F 591 30.64 -21.31 22.80
C VAL F 591 30.96 -20.15 21.86
N PHE F 592 29.93 -19.38 21.53
CA PHE F 592 30.06 -18.20 20.71
C PHE F 592 29.98 -16.95 21.57
N SER F 593 30.13 -15.79 20.95
CA SER F 593 30.06 -14.54 21.68
C SER F 593 28.69 -14.34 22.31
N ASP F 594 27.63 -14.65 21.56
CA ASP F 594 26.27 -14.55 22.05
C ASP F 594 25.79 -15.94 22.46
N SER F 595 25.97 -16.27 23.73
CA SER F 595 25.61 -17.58 24.24
C SER F 595 25.16 -17.44 25.69
N THR F 596 24.49 -18.47 26.19
CA THR F 596 23.97 -18.47 27.54
C THR F 596 24.41 -19.75 28.26
N VAL F 597 25.00 -19.59 29.44
CA VAL F 597 25.45 -20.71 30.24
C VAL F 597 24.77 -20.64 31.60
N ILE F 598 24.17 -21.75 32.02
CA ILE F 598 23.52 -21.85 33.32
C ILE F 598 24.15 -23.00 34.08
N ILE F 599 24.55 -22.75 35.33
CA ILE F 599 25.15 -23.77 36.18
C ILE F 599 24.41 -23.80 37.51
N LYS F 600 24.10 -24.99 38.01
CA LYS F 600 23.52 -25.13 39.33
C LYS F 600 24.44 -26.02 40.17
N GLN F 601 25.07 -25.45 41.18
CA GLN F 601 25.93 -26.16 42.12
C GLN F 601 25.28 -26.07 43.49
N GLY F 602 24.75 -27.20 43.96
CA GLY F 602 24.00 -27.18 45.21
C GLY F 602 22.81 -26.26 45.11
N ARG F 603 22.64 -25.41 46.12
CA ARG F 603 21.57 -24.41 46.07
C ARG F 603 21.97 -23.23 45.20
N GLU F 604 23.27 -23.05 44.98
CA GLU F 604 23.75 -21.89 44.23
C GLU F 604 23.47 -22.06 42.74
N ILE F 605 23.06 -20.96 42.11
CA ILE F 605 22.82 -20.91 40.67
C ILE F 605 23.60 -19.75 40.08
N THR F 606 24.22 -20.00 38.92
CA THR F 606 25.01 -18.99 38.22
C THR F 606 24.54 -18.91 36.78
N ILE F 607 24.37 -17.69 36.29
CA ILE F 607 23.92 -17.45 34.92
C ILE F 607 24.92 -16.51 34.26
N LYS F 608 25.37 -16.88 33.06
CA LYS F 608 26.33 -16.09 32.29
C LYS F 608 25.72 -15.81 30.92
N ARG F 609 25.48 -14.53 30.64
CA ARG F 609 25.00 -14.06 29.36
C ARG F 609 26.00 -13.04 28.81
N LYS F 610 26.61 -13.36 27.67
CA LYS F 610 27.61 -12.50 27.04
C LYS F 610 28.73 -12.13 28.02
N GLY F 611 29.12 -13.10 28.83
CA GLY F 611 30.14 -12.87 29.84
C GLY F 611 29.72 -11.94 30.96
N LEU F 612 28.45 -12.01 31.36
CA LEU F 612 27.95 -11.28 32.52
C LEU F 612 27.43 -12.28 33.54
N LEU F 613 28.01 -12.28 34.73
CA LEU F 613 27.77 -13.32 35.72
C LEU F 613 26.80 -12.80 36.77
N GLU F 614 25.71 -13.54 36.97
CA GLU F 614 24.75 -13.26 38.04
C GLU F 614 24.52 -14.53 38.83
N GLN F 615 24.70 -14.46 40.14
CA GLN F 615 24.58 -15.62 41.01
C GLN F 615 23.49 -15.39 42.05
N TYR F 616 22.81 -16.48 42.40
CA TYR F 616 21.71 -16.46 43.37
C TYR F 616 21.73 -17.78 44.13
N GLU F 617 20.86 -17.86 45.13
CA GLU F 617 20.62 -19.10 45.86
C GLU F 617 19.15 -19.48 45.78
N LEU F 618 18.88 -20.78 45.90
CA LEU F 618 17.52 -21.25 45.83
C LEU F 618 16.69 -20.71 46.99
N GLU F 619 15.50 -20.20 46.67
CA GLU F 619 14.59 -19.73 47.70
C GLU F 619 14.16 -20.87 48.61
N ALA F 620 13.87 -22.03 48.02
CA ALA F 620 13.45 -23.21 48.77
C ALA F 620 13.78 -24.42 47.91
N GLU F 621 13.21 -25.57 48.28
CA GLU F 621 13.36 -26.76 47.44
C GLU F 621 12.61 -26.58 46.13
N GLU F 622 13.36 -26.36 45.06
CA GLU F 622 12.77 -26.07 43.75
C GLU F 622 13.54 -26.83 42.69
N LEU F 623 12.86 -27.13 41.58
CA LEU F 623 13.47 -27.82 40.47
C LEU F 623 14.17 -26.81 39.54
N ILE F 624 15.13 -27.32 38.77
CA ILE F 624 15.90 -26.46 37.86
C ILE F 624 15.13 -26.10 36.60
N GLU F 625 13.99 -26.77 36.33
CA GLU F 625 13.25 -26.48 35.11
C GLU F 625 12.72 -25.06 35.10
N GLN F 626 12.33 -24.55 36.27
CA GLN F 626 11.83 -23.17 36.34
C GLN F 626 12.91 -22.18 35.95
N VAL F 627 14.19 -22.57 36.09
CA VAL F 627 15.29 -21.66 35.77
C VAL F 627 15.35 -21.38 34.28
N TYR F 628 15.28 -22.44 33.46
CA TYR F 628 15.47 -22.29 32.03
C TYR F 628 14.18 -22.23 31.24
N LEU F 629 13.03 -22.55 31.84
CA LEU F 629 11.78 -22.50 31.09
C LEU F 629 11.44 -21.07 30.67
N LYS F 630 11.91 -20.08 31.43
CA LYS F 630 11.67 -18.68 31.10
C LYS F 630 12.81 -18.05 30.32
N GLU F 631 13.90 -18.78 30.09
CA GLU F 631 15.09 -18.24 29.44
C GLU F 631 15.16 -18.62 27.96
N ILE F 632 14.02 -18.91 27.35
CA ILE F 632 13.99 -19.26 25.93
C ILE F 632 14.08 -17.98 25.11
N GLY F 633 15.28 -17.67 24.63
CA GLY F 633 15.49 -16.47 23.83
C GLY F 633 16.14 -16.76 22.49
N THR F 634 15.81 -17.90 21.89
CA THR F 634 16.35 -18.28 20.58
C THR F 634 15.53 -17.73 19.43
N ILE F 635 14.57 -16.84 19.71
CA ILE F 635 13.76 -16.25 18.65
C ILE F 635 14.64 -15.40 17.73
N SER F 636 15.57 -14.65 18.32
CA SER F 636 16.46 -13.75 17.59
C SER F 636 15.69 -12.74 16.75
#